data_6VL6
#
_entry.id   6VL6
#
loop_
_entity.id
_entity.type
_entity.pdbx_description
1 polymer T33_dn2A
2 polymer T33_dn2B
#
loop_
_entity_poly.entity_id
_entity_poly.type
_entity_poly.pdbx_seq_one_letter_code
_entity_poly.pdbx_strand_id
1 'polypeptide(L)'
;GSMGNLAEKMYKAGNAMYRKGQYTIAIIAYTLALLKDPNNAEAWYNLGNAAYKKGEYDEAIEAYQKALELDPNNAEAWYN
LGNAYYKQGDYDEAIEYYKKALRLDPRNVDAIENLIEAEEKQGAS
;
A,C,D,E,F,G,H,I,J,K,L,M
2 'polypeptide(L)'
;MEEAELAYLLGELAYKLGEYRIAIRAYRIALKRDPNNAEAWYNLGNAYYKQGDYREAIRYYLRALKLDPENAEAWYNLGN
ALYKQGKYDLAIIAYQAALEEDPNNAEAKQNLGNAKQKQGLEHHHHHH
;
B,N,O,P,Q,R,S,T,U,V,W,X
#
# COMPACT_ATOMS: atom_id res chain seq x y z
N GLY A 1 5.33 73.90 -1.79
CA GLY A 1 5.29 75.10 -2.62
C GLY A 1 4.52 74.83 -3.90
N SER A 2 4.23 73.56 -4.13
CA SER A 2 3.48 73.12 -5.29
C SER A 2 2.62 71.93 -4.89
N MET A 3 2.98 70.73 -5.35
CA MET A 3 2.26 69.53 -4.98
C MET A 3 0.74 69.73 -5.10
N GLY A 4 0.29 70.19 -6.27
CA GLY A 4 -1.11 70.54 -6.49
C GLY A 4 -2.09 69.40 -6.23
N ASN A 5 -1.66 68.18 -6.49
CA ASN A 5 -2.48 67.01 -6.29
C ASN A 5 -2.08 66.21 -5.06
N LEU A 6 -1.41 66.86 -4.10
CA LEU A 6 -0.96 66.13 -2.92
C LEU A 6 -2.05 65.43 -2.19
N ALA A 7 -3.14 66.15 -1.93
CA ALA A 7 -4.21 65.56 -1.16
C ALA A 7 -4.81 64.41 -1.91
N GLU A 8 -4.87 64.53 -3.23
CA GLU A 8 -5.49 63.49 -4.02
C GLU A 8 -4.65 62.23 -3.98
N LYS A 9 -3.33 62.39 -4.07
CA LYS A 9 -2.46 61.22 -4.06
C LYS A 9 -2.53 60.51 -2.73
N MET A 10 -2.52 61.29 -1.66
CA MET A 10 -2.57 60.70 -0.33
C MET A 10 -3.92 60.06 -0.08
N TYR A 11 -4.99 60.70 -0.54
CA TYR A 11 -6.33 60.19 -0.38
C TYR A 11 -6.49 58.86 -1.09
N LYS A 12 -6.05 58.80 -2.34
CA LYS A 12 -6.17 57.58 -3.10
C LYS A 12 -5.37 56.47 -2.45
N ALA A 13 -4.16 56.78 -1.96
CA ALA A 13 -3.37 55.76 -1.31
C ALA A 13 -4.10 55.28 -0.07
N GLY A 14 -4.75 56.21 0.64
CA GLY A 14 -5.47 55.89 1.83
C GLY A 14 -6.60 54.94 1.50
N ASN A 15 -7.26 55.17 0.39
CA ASN A 15 -8.36 54.31 0.02
C ASN A 15 -7.86 52.93 -0.31
N ALA A 16 -6.72 52.83 -0.98
CA ALA A 16 -6.19 51.51 -1.30
C ALA A 16 -5.85 50.74 -0.06
N MET A 17 -5.27 51.43 0.90
CA MET A 17 -4.87 50.79 2.13
C MET A 17 -6.07 50.43 2.96
N TYR A 18 -7.11 51.24 2.92
CA TYR A 18 -8.29 50.90 3.66
C TYR A 18 -8.87 49.63 3.07
N ARG A 19 -8.98 49.57 1.74
CA ARG A 19 -9.54 48.41 1.08
C ARG A 19 -8.77 47.14 1.38
N LYS A 20 -7.46 47.26 1.52
CA LYS A 20 -6.61 46.12 1.82
C LYS A 20 -6.50 45.81 3.31
N GLY A 21 -7.20 46.58 4.16
CA GLY A 21 -7.20 46.38 5.60
C GLY A 21 -6.01 46.98 6.29
N GLN A 22 -5.22 47.74 5.55
CA GLN A 22 -4.03 48.32 6.09
C GLN A 22 -4.42 49.63 6.69
N TYR A 23 -5.13 49.55 7.79
CA TYR A 23 -5.66 50.75 8.37
C TYR A 23 -4.59 51.65 8.94
N THR A 24 -3.44 51.14 9.35
CA THR A 24 -2.50 52.09 9.92
C THR A 24 -1.92 52.96 8.86
N ILE A 25 -1.69 52.36 7.70
CA ILE A 25 -1.12 53.09 6.61
C ILE A 25 -2.19 54.03 6.13
N ALA A 26 -3.42 53.54 6.03
CA ALA A 26 -4.50 54.35 5.54
C ALA A 26 -4.70 55.57 6.41
N ILE A 27 -4.56 55.42 7.73
CA ILE A 27 -4.71 56.55 8.61
C ILE A 27 -3.64 57.55 8.31
N ILE A 28 -2.41 57.09 8.13
CA ILE A 28 -1.37 58.03 7.84
C ILE A 28 -1.67 58.76 6.56
N ALA A 29 -2.04 58.03 5.53
CA ALA A 29 -2.30 58.64 4.25
C ALA A 29 -3.48 59.61 4.29
N TYR A 30 -4.53 59.28 5.01
CA TYR A 30 -5.66 60.17 5.04
C TYR A 30 -5.31 61.38 5.85
N THR A 31 -4.54 61.17 6.90
CA THR A 31 -4.19 62.26 7.75
C THR A 31 -3.38 63.24 6.96
N LEU A 32 -2.45 62.75 6.16
CA LEU A 32 -1.62 63.63 5.37
C LEU A 32 -2.44 64.37 4.32
N ALA A 33 -3.41 63.68 3.72
CA ALA A 33 -4.22 64.33 2.71
C ALA A 33 -4.95 65.50 3.31
N LEU A 34 -5.44 65.30 4.53
CA LEU A 34 -6.12 66.34 5.25
C LEU A 34 -5.18 67.32 5.91
N LEU A 35 -4.01 66.90 6.29
CA LEU A 35 -3.12 67.78 7.02
C LEU A 35 -2.82 69.03 6.23
N LYS A 36 -2.63 68.89 4.93
CA LYS A 36 -2.36 70.08 4.12
C LYS A 36 -3.62 70.71 3.52
N ASP A 37 -4.78 70.09 3.76
CA ASP A 37 -6.08 70.54 3.26
C ASP A 37 -7.21 69.85 4.01
N PRO A 38 -7.51 70.22 5.26
CA PRO A 38 -8.45 69.51 6.13
C PRO A 38 -9.91 69.82 5.84
N ASN A 39 -10.28 69.78 4.57
CA ASN A 39 -11.63 70.17 4.18
C ASN A 39 -12.39 69.13 3.40
N ASN A 40 -11.91 67.90 3.37
CA ASN A 40 -12.62 66.90 2.62
C ASN A 40 -13.41 66.00 3.52
N ALA A 41 -14.72 66.15 3.53
CA ALA A 41 -15.55 65.36 4.41
C ALA A 41 -15.33 63.87 4.14
N GLU A 42 -15.05 63.52 2.89
CA GLU A 42 -14.86 62.13 2.52
C GLU A 42 -13.64 61.58 3.19
N ALA A 43 -12.60 62.40 3.32
CA ALA A 43 -11.38 61.94 3.90
C ALA A 43 -11.55 61.92 5.38
N TRP A 44 -12.32 62.85 5.91
CA TRP A 44 -12.53 62.83 7.34
C TRP A 44 -13.29 61.58 7.69
N TYR A 45 -14.27 61.26 6.86
CA TYR A 45 -15.08 60.09 6.99
C TYR A 45 -14.26 58.84 6.86
N ASN A 46 -13.43 58.76 5.82
CA ASN A 46 -12.61 57.59 5.66
C ASN A 46 -11.54 57.48 6.71
N LEU A 47 -11.10 58.60 7.26
CA LEU A 47 -10.16 58.59 8.34
C LEU A 47 -10.87 57.94 9.50
N GLY A 48 -12.12 58.33 9.71
CA GLY A 48 -12.93 57.77 10.76
C GLY A 48 -13.14 56.30 10.51
N ASN A 49 -13.30 55.90 9.25
CA ASN A 49 -13.50 54.50 8.96
C ASN A 49 -12.26 53.71 9.25
N ALA A 50 -11.10 54.26 8.95
CA ALA A 50 -9.88 53.56 9.22
C ALA A 50 -9.68 53.44 10.73
N ALA A 51 -10.03 54.49 11.47
CA ALA A 51 -9.92 54.48 12.92
C ALA A 51 -10.90 53.48 13.50
N TYR A 52 -12.06 53.39 12.88
CA TYR A 52 -13.09 52.49 13.33
C TYR A 52 -12.57 51.08 13.12
N LYS A 53 -11.93 50.84 11.98
CA LYS A 53 -11.35 49.54 11.69
C LYS A 53 -10.28 49.20 12.73
N LYS A 54 -9.48 50.19 13.12
CA LYS A 54 -8.45 50.02 14.12
C LYS A 54 -9.03 49.60 15.47
N GLY A 55 -10.17 50.20 15.82
CA GLY A 55 -10.86 49.91 17.08
C GLY A 55 -10.87 51.08 18.06
N GLU A 56 -10.06 52.09 17.81
CA GLU A 56 -10.05 53.24 18.69
C GLU A 56 -11.17 54.15 18.28
N TYR A 57 -12.34 53.76 18.71
CA TYR A 57 -13.55 54.39 18.28
C TYR A 57 -13.60 55.83 18.70
N ASP A 58 -12.95 56.20 19.78
CA ASP A 58 -13.05 57.60 20.16
C ASP A 58 -12.36 58.47 19.08
N GLU A 59 -11.31 57.94 18.45
CA GLU A 59 -10.62 58.72 17.44
C GLU A 59 -11.52 58.75 16.23
N ALA A 60 -12.20 57.63 16.01
CA ALA A 60 -13.12 57.54 14.89
C ALA A 60 -14.21 58.56 15.06
N ILE A 61 -14.65 58.80 16.30
CA ILE A 61 -15.69 59.77 16.53
C ILE A 61 -15.23 61.13 16.17
N GLU A 62 -14.04 61.52 16.59
CA GLU A 62 -13.65 62.85 16.21
C GLU A 62 -13.60 63.01 14.71
N ALA A 63 -13.04 62.02 14.02
CA ALA A 63 -12.93 62.14 12.57
C ALA A 63 -14.30 62.14 11.89
N TYR A 64 -15.23 61.33 12.37
CA TYR A 64 -16.52 61.29 11.74
C TYR A 64 -17.26 62.58 12.05
N GLN A 65 -17.08 63.10 13.25
CA GLN A 65 -17.75 64.32 13.58
C GLN A 65 -17.28 65.41 12.67
N LYS A 66 -15.99 65.45 12.40
CA LYS A 66 -15.52 66.48 11.51
C LYS A 66 -16.12 66.29 10.14
N ALA A 67 -16.26 65.05 9.68
CA ALA A 67 -16.86 64.85 8.39
C ALA A 67 -18.27 65.45 8.36
N LEU A 68 -19.01 65.29 9.46
CA LEU A 68 -20.34 65.85 9.56
C LEU A 68 -20.32 67.36 9.64
N GLU A 69 -19.29 67.91 10.26
CA GLU A 69 -19.19 69.35 10.35
C GLU A 69 -19.02 69.90 8.94
N LEU A 70 -18.26 69.18 8.10
CA LEU A 70 -18.09 69.58 6.72
C LEU A 70 -19.36 69.26 5.92
N ASP A 71 -20.01 68.15 6.24
CA ASP A 71 -21.22 67.72 5.55
C ASP A 71 -22.16 66.89 6.46
N PRO A 72 -23.20 67.49 7.05
CA PRO A 72 -24.09 66.90 8.03
C PRO A 72 -25.04 65.89 7.42
N ASN A 73 -24.98 65.70 6.09
CA ASN A 73 -25.89 64.79 5.44
C ASN A 73 -25.25 63.43 5.28
N ASN A 74 -24.08 63.25 5.87
CA ASN A 74 -23.45 61.96 5.76
C ASN A 74 -24.05 60.99 6.77
N ALA A 75 -25.10 60.31 6.33
CA ALA A 75 -25.87 59.41 7.16
C ALA A 75 -24.99 58.28 7.67
N GLU A 76 -24.05 57.86 6.86
CA GLU A 76 -23.18 56.79 7.27
C GLU A 76 -22.30 57.22 8.42
N ALA A 77 -21.84 58.47 8.39
CA ALA A 77 -21.03 58.95 9.49
C ALA A 77 -21.91 59.01 10.71
N TRP A 78 -23.15 59.43 10.54
CA TRP A 78 -24.04 59.50 11.68
C TRP A 78 -24.20 58.11 12.27
N TYR A 79 -24.36 57.12 11.40
CA TYR A 79 -24.50 55.74 11.81
C TYR A 79 -23.28 55.24 12.57
N ASN A 80 -22.10 55.44 12.01
CA ASN A 80 -20.92 54.94 12.70
C ASN A 80 -20.64 55.69 13.97
N LEU A 81 -21.02 56.95 14.03
CA LEU A 81 -20.88 57.67 15.26
C LEU A 81 -21.78 57.04 16.27
N GLY A 82 -23.00 56.71 15.86
CA GLY A 82 -23.90 56.08 16.78
C GLY A 82 -23.31 54.76 17.25
N ASN A 83 -22.65 54.05 16.34
CA ASN A 83 -22.05 52.79 16.70
C ASN A 83 -20.90 52.98 17.65
N ALA A 84 -20.12 54.02 17.45
CA ALA A 84 -19.03 54.30 18.33
C ALA A 84 -19.54 54.65 19.73
N TYR A 85 -20.61 55.43 19.78
CA TYR A 85 -21.13 55.82 21.07
C TYR A 85 -21.72 54.63 21.77
N TYR A 86 -22.38 53.76 21.00
CA TYR A 86 -23.01 52.55 21.48
C TYR A 86 -21.94 51.67 22.11
N LYS A 87 -20.82 51.50 21.41
CA LYS A 87 -19.73 50.66 21.88
C LYS A 87 -19.18 51.16 23.20
N GLN A 88 -19.18 52.48 23.38
CA GLN A 88 -18.68 53.10 24.59
C GLN A 88 -19.68 53.06 25.73
N GLY A 89 -20.90 52.57 25.48
CA GLY A 89 -21.95 52.51 26.48
C GLY A 89 -22.79 53.77 26.50
N ASP A 90 -22.53 54.67 25.58
CA ASP A 90 -23.28 55.90 25.57
C ASP A 90 -24.48 55.67 24.70
N TYR A 91 -25.50 55.12 25.32
CA TYR A 91 -26.66 54.73 24.58
C TYR A 91 -27.51 55.93 24.27
N ASP A 92 -27.31 57.01 25.01
CA ASP A 92 -28.16 58.15 24.77
C ASP A 92 -27.68 58.83 23.51
N GLU A 93 -26.37 58.91 23.33
CA GLU A 93 -25.88 59.50 22.10
C GLU A 93 -26.07 58.50 20.99
N ALA A 94 -25.94 57.21 21.27
CA ALA A 94 -26.10 56.27 20.18
C ALA A 94 -27.48 56.47 19.57
N ILE A 95 -28.47 56.71 20.41
CA ILE A 95 -29.81 56.95 19.93
C ILE A 95 -29.89 58.21 19.10
N GLU A 96 -29.32 59.30 19.58
CA GLU A 96 -29.43 60.52 18.82
C GLU A 96 -28.74 60.42 17.47
N TYR A 97 -27.59 59.78 17.44
CA TYR A 97 -26.87 59.68 16.19
C TYR A 97 -27.55 58.73 15.22
N TYR A 98 -28.14 57.64 15.71
CA TYR A 98 -28.82 56.75 14.81
C TYR A 98 -30.08 57.42 14.27
N LYS A 99 -30.78 58.18 15.12
CA LYS A 99 -31.97 58.84 14.62
C LYS A 99 -31.63 59.84 13.54
N LYS A 100 -30.52 60.56 13.69
CA LYS A 100 -30.18 61.51 12.65
C LYS A 100 -29.90 60.77 11.35
N ALA A 101 -29.23 59.62 11.43
CA ALA A 101 -28.94 58.86 10.23
C ALA A 101 -30.22 58.43 9.53
N LEU A 102 -31.21 58.07 10.32
CA LEU A 102 -32.49 57.64 9.81
C LEU A 102 -33.34 58.76 9.30
N ARG A 103 -33.17 59.97 9.81
CA ARG A 103 -33.96 61.03 9.23
C ARG A 103 -33.46 61.23 7.81
N LEU A 104 -32.14 61.12 7.63
CA LEU A 104 -31.54 61.24 6.31
C LEU A 104 -31.92 60.06 5.43
N ASP A 105 -31.97 58.86 6.02
CA ASP A 105 -32.35 57.66 5.28
C ASP A 105 -33.12 56.67 6.16
N PRO A 106 -34.45 56.75 6.18
CA PRO A 106 -35.37 55.92 6.96
C PRO A 106 -35.26 54.43 6.65
N ARG A 107 -34.68 54.08 5.51
CA ARG A 107 -34.59 52.69 5.13
C ARG A 107 -33.28 52.06 5.56
N ASN A 108 -32.48 52.79 6.31
CA ASN A 108 -31.25 52.19 6.75
C ASN A 108 -31.59 51.22 7.86
N VAL A 109 -31.76 49.97 7.44
CA VAL A 109 -32.21 48.94 8.33
C VAL A 109 -31.21 48.67 9.42
N ASP A 110 -29.93 48.85 9.14
CA ASP A 110 -28.96 48.59 10.17
C ASP A 110 -29.03 49.67 11.21
N ALA A 111 -29.22 50.92 10.79
CA ALA A 111 -29.36 51.97 11.77
C ALA A 111 -30.58 51.70 12.63
N ILE A 112 -31.63 51.16 12.03
CA ILE A 112 -32.80 50.84 12.81
C ILE A 112 -32.49 49.73 13.79
N GLU A 113 -31.85 48.67 13.34
CA GLU A 113 -31.56 47.60 14.28
C GLU A 113 -30.71 48.07 15.42
N ASN A 114 -29.75 48.93 15.13
CA ASN A 114 -28.88 49.38 16.18
C ASN A 114 -29.60 50.38 17.08
N LEU A 115 -30.50 51.17 16.52
CA LEU A 115 -31.28 52.11 17.30
C LEU A 115 -32.19 51.37 18.25
N ILE A 116 -32.78 50.28 17.78
CA ILE A 116 -33.64 49.49 18.62
C ILE A 116 -32.84 48.96 19.76
N GLU A 117 -31.64 48.44 19.49
CA GLU A 117 -30.89 47.93 20.60
C GLU A 117 -30.49 49.07 21.52
N ALA A 118 -30.13 50.24 20.99
CA ALA A 118 -29.72 51.31 21.88
C ALA A 118 -30.83 51.70 22.83
N GLU A 119 -32.08 51.72 22.35
CA GLU A 119 -33.20 52.05 23.24
C GLU A 119 -33.40 50.98 24.30
N GLU A 120 -33.15 49.72 23.95
CA GLU A 120 -33.30 48.63 24.91
C GLU A 120 -32.15 48.64 25.93
N LYS A 121 -30.95 49.02 25.50
CA LYS A 121 -29.80 49.05 26.38
C LYS A 121 -29.84 50.29 27.27
N GLN A 122 -30.37 51.38 26.76
CA GLN A 122 -30.49 52.62 27.49
C GLN A 122 -31.09 52.35 28.85
N GLU B 3 -33.96 19.53 2.00
CA GLU B 3 -35.35 19.25 2.38
C GLU B 3 -36.01 20.50 2.90
N ALA B 4 -35.23 21.58 2.90
CA ALA B 4 -35.66 22.87 3.40
C ALA B 4 -36.87 23.36 2.65
N GLU B 5 -36.95 23.03 1.38
CA GLU B 5 -38.07 23.43 0.56
C GLU B 5 -39.36 22.81 1.03
N LEU B 6 -39.31 21.64 1.67
CA LEU B 6 -40.55 21.05 2.09
C LEU B 6 -40.91 21.68 3.41
N ALA B 7 -39.89 21.93 4.23
CA ALA B 7 -40.16 22.55 5.51
C ALA B 7 -40.77 23.91 5.29
N TYR B 8 -40.28 24.60 4.27
CA TYR B 8 -40.80 25.90 3.94
C TYR B 8 -42.25 25.82 3.59
N LEU B 9 -42.63 24.87 2.73
CA LEU B 9 -44.01 24.75 2.35
C LEU B 9 -44.89 24.42 3.53
N LEU B 10 -44.40 23.59 4.46
CA LEU B 10 -45.23 23.28 5.60
C LEU B 10 -45.47 24.56 6.38
N GLY B 11 -44.43 25.37 6.49
CA GLY B 11 -44.51 26.63 7.19
C GLY B 11 -45.59 27.49 6.59
N GLU B 12 -45.60 27.64 5.27
CA GLU B 12 -46.64 28.47 4.68
C GLU B 12 -48.01 27.91 4.91
N LEU B 13 -48.15 26.60 4.83
CA LEU B 13 -49.47 26.06 4.98
C LEU B 13 -49.96 26.27 6.40
N ALA B 14 -49.11 26.00 7.37
CA ALA B 14 -49.52 26.14 8.75
C ALA B 14 -49.83 27.58 9.06
N TYR B 15 -49.06 28.50 8.47
CA TYR B 15 -49.27 29.90 8.70
C TYR B 15 -50.64 30.32 8.24
N LYS B 16 -50.98 29.95 7.01
CA LYS B 16 -52.25 30.33 6.42
C LYS B 16 -53.43 29.80 7.20
N LEU B 17 -53.25 28.62 7.77
CA LEU B 17 -54.28 27.97 8.54
C LEU B 17 -54.40 28.46 9.98
N GLY B 18 -53.52 29.37 10.40
CA GLY B 18 -53.55 29.90 11.77
C GLY B 18 -52.74 29.10 12.77
N GLU B 19 -52.05 28.08 12.30
CA GLU B 19 -51.28 27.24 13.20
C GLU B 19 -49.91 27.83 13.27
N TYR B 20 -49.84 28.91 13.98
CA TYR B 20 -48.64 29.68 14.01
C TYR B 20 -47.55 28.96 14.74
N ARG B 21 -47.89 28.16 15.73
CA ARG B 21 -46.82 27.48 16.44
C ARG B 21 -46.14 26.46 15.52
N ILE B 22 -46.93 25.83 14.66
CA ILE B 22 -46.39 24.88 13.75
C ILE B 22 -45.59 25.62 12.73
N ALA B 23 -46.16 26.74 12.23
CA ALA B 23 -45.49 27.51 11.22
C ALA B 23 -44.14 27.99 11.70
N ILE B 24 -44.05 28.39 12.96
CA ILE B 24 -42.79 28.85 13.47
C ILE B 24 -41.79 27.75 13.47
N ARG B 25 -42.15 26.57 13.95
CA ARG B 25 -41.13 25.56 13.93
C ARG B 25 -40.74 25.20 12.51
N ALA B 26 -41.72 25.12 11.61
CA ALA B 26 -41.40 24.75 10.24
C ALA B 26 -40.53 25.79 9.54
N TYR B 27 -40.76 27.08 9.81
CA TYR B 27 -39.95 28.08 9.16
C TYR B 27 -38.57 28.02 9.73
N ARG B 28 -38.45 27.78 11.02
CA ARG B 28 -37.14 27.71 11.59
C ARG B 28 -36.38 26.54 11.02
N ILE B 29 -37.05 25.44 10.74
CA ILE B 29 -36.35 24.32 10.14
C ILE B 29 -35.85 24.72 8.76
N ALA B 30 -36.71 25.33 7.95
CA ALA B 30 -36.29 25.69 6.61
C ALA B 30 -35.13 26.67 6.63
N LEU B 31 -35.18 27.62 7.55
CA LEU B 31 -34.18 28.65 7.72
C LEU B 31 -32.89 28.13 8.27
N LYS B 32 -32.95 27.15 9.16
CA LYS B 32 -31.74 26.57 9.69
C LYS B 32 -30.96 25.99 8.52
N ARG B 33 -31.66 25.34 7.61
CA ARG B 33 -31.03 24.78 6.44
C ARG B 33 -30.66 25.89 5.42
N ASP B 34 -31.50 26.92 5.29
CA ASP B 34 -31.24 28.02 4.36
C ASP B 34 -31.57 29.40 4.95
N PRO B 35 -30.60 30.05 5.62
CA PRO B 35 -30.68 31.32 6.30
C PRO B 35 -30.96 32.52 5.40
N ASN B 36 -30.88 32.35 4.07
CA ASN B 36 -31.09 33.52 3.23
C ASN B 36 -32.51 33.65 2.70
N ASN B 37 -33.41 32.83 3.22
CA ASN B 37 -34.77 32.94 2.73
C ASN B 37 -35.49 34.08 3.43
N ALA B 38 -35.42 35.25 2.79
CA ALA B 38 -35.97 36.49 3.35
C ALA B 38 -37.46 36.38 3.57
N GLU B 39 -38.14 35.70 2.67
CA GLU B 39 -39.57 35.57 2.79
C GLU B 39 -39.93 34.73 3.99
N ALA B 40 -39.18 33.66 4.20
CA ALA B 40 -39.42 32.84 5.36
C ALA B 40 -39.14 33.64 6.61
N TRP B 41 -38.10 34.48 6.61
CA TRP B 41 -37.82 35.27 7.81
C TRP B 41 -38.98 36.20 8.08
N TYR B 42 -39.50 36.80 7.02
CA TYR B 42 -40.62 37.69 7.14
C TYR B 42 -41.83 36.99 7.72
N ASN B 43 -42.14 35.83 7.17
CA ASN B 43 -43.28 35.09 7.63
C ASN B 43 -43.07 34.55 9.03
N LEU B 44 -41.83 34.28 9.38
CA LEU B 44 -41.54 33.83 10.72
C LEU B 44 -41.88 34.97 11.64
N GLY B 45 -41.45 36.17 11.27
CA GLY B 45 -41.72 37.34 12.06
C GLY B 45 -43.21 37.55 12.19
N ASN B 46 -43.94 37.29 11.10
CA ASN B 46 -45.38 37.45 11.17
C ASN B 46 -45.99 36.45 12.12
N ALA B 47 -45.49 35.22 12.12
CA ALA B 47 -46.06 34.26 13.03
C ALA B 47 -45.79 34.66 14.48
N TYR B 48 -44.61 35.20 14.76
CA TYR B 48 -44.35 35.62 16.12
C TYR B 48 -45.23 36.77 16.49
N TYR B 49 -45.46 37.68 15.55
CA TYR B 49 -46.31 38.85 15.73
C TYR B 49 -47.69 38.37 16.13
N LYS B 50 -48.21 37.37 15.41
CA LYS B 50 -49.54 36.83 15.66
C LYS B 50 -49.65 36.22 17.05
N GLN B 51 -48.55 35.70 17.56
CA GLN B 51 -48.51 35.10 18.89
C GLN B 51 -48.23 36.12 19.99
N GLY B 52 -48.05 37.39 19.62
CA GLY B 52 -47.80 38.46 20.57
C GLY B 52 -46.33 38.70 20.87
N ASP B 53 -45.43 37.97 20.24
CA ASP B 53 -44.04 38.20 20.58
C ASP B 53 -43.52 39.21 19.62
N TYR B 54 -43.59 40.45 20.05
CA TYR B 54 -43.25 41.49 19.14
C TYR B 54 -41.78 41.76 19.14
N ARG B 55 -41.04 41.14 20.06
CA ARG B 55 -39.62 41.40 20.02
C ARG B 55 -39.06 40.49 18.98
N GLU B 56 -39.54 39.26 18.97
CA GLU B 56 -39.06 38.33 17.98
C GLU B 56 -39.51 38.77 16.60
N ALA B 57 -40.74 39.29 16.50
CA ALA B 57 -41.21 39.75 15.22
C ALA B 57 -40.28 40.83 14.68
N ILE B 58 -39.82 41.74 15.55
CA ILE B 58 -38.89 42.77 15.14
C ILE B 58 -37.59 42.18 14.68
N ARG B 59 -37.06 41.24 15.44
CA ARG B 59 -35.77 40.69 15.05
C ARG B 59 -35.83 40.05 13.69
N TYR B 60 -36.92 39.36 13.40
CA TYR B 60 -36.99 38.69 12.15
C TYR B 60 -37.35 39.63 11.02
N TYR B 61 -38.13 40.69 11.28
CA TYR B 61 -38.43 41.59 10.20
C TYR B 61 -37.15 42.30 9.80
N LEU B 62 -36.32 42.64 10.77
CA LEU B 62 -35.10 43.31 10.45
C LEU B 62 -34.21 42.41 9.65
N ARG B 63 -34.16 41.13 10.01
CA ARG B 63 -33.33 40.24 9.27
C ARG B 63 -33.84 40.08 7.85
N ALA B 64 -35.15 39.98 7.70
CA ALA B 64 -35.73 39.83 6.39
C ALA B 64 -35.41 41.03 5.52
N LEU B 65 -35.45 42.22 6.13
CA LEU B 65 -35.14 43.46 5.47
C LEU B 65 -33.68 43.60 5.14
N LYS B 66 -32.82 43.04 5.95
CA LYS B 66 -31.43 43.12 5.61
C LYS B 66 -31.21 42.33 4.33
N LEU B 67 -31.87 41.17 4.24
CA LEU B 67 -31.80 40.36 3.03
C LEU B 67 -32.55 41.03 1.88
N ASP B 68 -33.66 41.70 2.17
CA ASP B 68 -34.45 42.39 1.16
C ASP B 68 -35.07 43.71 1.66
N PRO B 69 -34.34 44.83 1.52
CA PRO B 69 -34.71 46.17 1.93
C PRO B 69 -35.93 46.72 1.22
N GLU B 70 -36.37 46.05 0.14
CA GLU B 70 -37.52 46.53 -0.62
C GLU B 70 -38.82 46.00 -0.09
N ASN B 71 -38.79 45.14 0.93
CA ASN B 71 -40.07 44.60 1.32
C ASN B 71 -40.81 45.57 2.19
N ALA B 72 -41.66 46.36 1.55
CA ALA B 72 -42.43 47.39 2.21
C ALA B 72 -43.30 46.79 3.28
N GLU B 73 -43.73 45.54 3.09
CA GLU B 73 -44.61 44.94 4.06
C GLU B 73 -43.83 44.59 5.30
N ALA B 74 -42.54 44.26 5.16
CA ALA B 74 -41.74 43.94 6.31
C ALA B 74 -41.48 45.22 7.03
N TRP B 75 -41.30 46.31 6.27
CA TRP B 75 -41.06 47.59 6.90
C TRP B 75 -42.28 48.00 7.68
N TYR B 76 -43.44 47.78 7.09
CA TYR B 76 -44.68 48.12 7.73
C TYR B 76 -44.90 47.27 8.96
N ASN B 77 -44.69 45.95 8.84
CA ASN B 77 -44.93 45.07 9.95
C ASN B 77 -43.88 45.31 11.03
N LEU B 78 -42.69 45.77 10.64
CA LEU B 78 -41.68 46.13 11.61
C LEU B 78 -42.22 47.26 12.40
N GLY B 79 -42.79 48.25 11.69
CA GLY B 79 -43.37 49.39 12.37
C GLY B 79 -44.48 48.95 13.30
N ASN B 80 -45.26 47.97 12.90
CA ASN B 80 -46.33 47.53 13.76
C ASN B 80 -45.80 46.89 15.03
N ALA B 81 -44.79 46.03 14.90
CA ALA B 81 -44.24 45.37 16.07
C ALA B 81 -43.60 46.39 17.01
N LEU B 82 -42.96 47.40 16.43
CA LEU B 82 -42.35 48.42 17.22
C LEU B 82 -43.39 49.21 17.95
N TYR B 83 -44.49 49.50 17.27
CA TYR B 83 -45.58 50.24 17.85
C TYR B 83 -46.10 49.49 19.05
N LYS B 84 -46.28 48.17 18.90
CA LYS B 84 -46.79 47.34 19.98
C LYS B 84 -45.89 47.39 21.20
N GLN B 85 -44.60 47.53 20.99
CA GLN B 85 -43.63 47.59 22.07
C GLN B 85 -43.45 49.00 22.66
N GLY B 86 -44.16 49.99 22.12
CA GLY B 86 -44.08 51.37 22.56
C GLY B 86 -42.95 52.14 21.89
N LYS B 87 -42.29 51.50 20.95
CA LYS B 87 -41.18 52.11 20.27
C LYS B 87 -41.67 52.94 19.13
N TYR B 88 -42.24 54.07 19.49
CA TYR B 88 -42.95 54.92 18.55
C TYR B 88 -42.07 55.66 17.59
N ASP B 89 -40.90 56.13 18.00
CA ASP B 89 -40.14 56.89 17.00
C ASP B 89 -39.72 55.93 15.92
N LEU B 90 -39.33 54.76 16.37
CA LEU B 90 -38.92 53.69 15.52
C LEU B 90 -40.05 53.18 14.66
N ALA B 91 -41.25 53.06 15.24
CA ALA B 91 -42.35 52.59 14.44
C ALA B 91 -42.61 53.55 13.31
N ILE B 92 -42.51 54.84 13.60
CA ILE B 92 -42.74 55.87 12.61
C ILE B 92 -41.71 55.81 11.53
N ILE B 93 -40.45 55.62 11.90
CA ILE B 93 -39.41 55.54 10.91
C ILE B 93 -39.65 54.33 10.03
N ALA B 94 -39.96 53.18 10.61
CA ALA B 94 -40.22 51.98 9.83
C ALA B 94 -41.42 52.17 8.92
N TYR B 95 -42.44 52.87 9.40
CA TYR B 95 -43.60 53.10 8.58
C TYR B 95 -43.20 53.98 7.41
N GLN B 96 -42.38 54.98 7.67
CA GLN B 96 -41.96 55.81 6.57
C GLN B 96 -41.10 55.02 5.63
N ALA B 97 -40.28 54.13 6.15
CA ALA B 97 -39.40 53.33 5.32
C ALA B 97 -40.22 52.49 4.35
N ALA B 98 -41.39 52.02 4.81
CA ALA B 98 -42.28 51.25 3.96
C ALA B 98 -42.80 52.10 2.82
N LEU B 99 -43.04 53.39 3.09
CA LEU B 99 -43.56 54.30 2.09
C LEU B 99 -42.47 54.70 1.12
N GLU B 100 -41.26 54.79 1.62
CA GLU B 100 -40.11 55.16 0.80
C GLU B 100 -39.82 54.04 -0.19
N GLY C 1 -42.22 -24.73 -55.66
CA GLY C 1 -43.15 -25.77 -56.13
C GLY C 1 -43.79 -26.46 -54.94
N SER C 2 -43.25 -26.18 -53.77
CA SER C 2 -43.76 -26.73 -52.51
C SER C 2 -43.60 -25.69 -51.42
N MET C 3 -42.66 -25.90 -50.51
CA MET C 3 -42.40 -24.94 -49.46
C MET C 3 -43.72 -24.45 -48.80
N GLY C 4 -44.54 -25.39 -48.36
CA GLY C 4 -45.86 -25.08 -47.82
C GLY C 4 -45.86 -24.13 -46.64
N ASN C 5 -44.80 -24.18 -45.84
CA ASN C 5 -44.67 -23.33 -44.68
C ASN C 5 -43.66 -22.23 -44.89
N LEU C 6 -43.39 -21.86 -46.13
CA LEU C 6 -42.39 -20.83 -46.39
C LEU C 6 -42.67 -19.53 -45.70
N ALA C 7 -43.90 -19.06 -45.83
CA ALA C 7 -44.22 -17.79 -45.24
C ALA C 7 -44.09 -17.85 -43.75
N GLU C 8 -44.43 -18.98 -43.17
CA GLU C 8 -44.39 -19.10 -41.74
C GLU C 8 -42.96 -19.07 -41.25
N LYS C 9 -42.07 -19.75 -41.95
CA LYS C 9 -40.68 -19.78 -41.54
C LYS C 9 -40.06 -18.41 -41.62
N MET C 10 -40.36 -17.71 -42.71
CA MET C 10 -39.81 -16.39 -42.90
C MET C 10 -40.39 -15.41 -41.89
N TYR C 11 -41.69 -15.53 -41.62
CA TYR C 11 -42.36 -14.68 -40.67
C TYR C 11 -41.77 -14.84 -39.29
N LYS C 12 -41.61 -16.09 -38.85
CA LYS C 12 -41.07 -16.35 -37.54
C LYS C 12 -39.66 -15.82 -37.43
N ALA C 13 -38.86 -16.00 -38.48
CA ALA C 13 -37.50 -15.48 -38.44
C ALA C 13 -37.54 -13.97 -38.32
N GLY C 14 -38.50 -13.35 -39.03
CA GLY C 14 -38.64 -11.92 -39.01
C GLY C 14 -38.97 -11.46 -37.62
N ASN C 15 -39.81 -12.21 -36.92
CA ASN C 15 -40.18 -11.81 -35.58
C ASN C 15 -39.00 -11.91 -34.66
N ALA C 16 -38.18 -12.95 -34.83
CA ALA C 16 -37.02 -13.07 -33.96
C ALA C 16 -36.05 -11.93 -34.17
N MET C 17 -35.88 -11.54 -35.42
CA MET C 17 -34.97 -10.47 -35.73
C MET C 17 -35.51 -9.15 -35.28
N TYR C 18 -36.81 -8.97 -35.36
CA TYR C 18 -37.37 -7.74 -34.89
C TYR C 18 -37.13 -7.64 -33.39
N ARG C 19 -37.41 -8.72 -32.66
CA ARG C 19 -37.23 -8.73 -31.21
C ARG C 19 -35.79 -8.43 -30.82
N LYS C 20 -34.85 -8.90 -31.60
CA LYS C 20 -33.44 -8.69 -31.32
C LYS C 20 -32.91 -7.36 -31.86
N GLY C 21 -33.77 -6.56 -32.50
CA GLY C 21 -33.41 -5.25 -33.04
C GLY C 21 -32.74 -5.35 -34.40
N GLN C 22 -32.75 -6.53 -34.98
CA GLN C 22 -32.10 -6.72 -36.23
C GLN C 22 -33.11 -6.42 -37.30
N TYR C 23 -33.42 -5.15 -37.42
CA TYR C 23 -34.48 -4.77 -38.32
C TYR C 23 -34.12 -4.99 -39.77
N THR C 24 -32.85 -4.98 -40.16
CA THR C 24 -32.62 -5.15 -41.57
C THR C 24 -32.91 -6.56 -41.98
N ILE C 25 -32.56 -7.48 -41.10
CA ILE C 25 -32.77 -8.87 -41.38
C ILE C 25 -34.25 -9.10 -41.32
N ALA C 26 -34.90 -8.52 -40.31
CA ALA C 26 -36.32 -8.71 -40.15
C ALA C 26 -37.08 -8.23 -41.35
N ILE C 27 -36.65 -7.11 -41.94
CA ILE C 27 -37.31 -6.61 -43.13
C ILE C 27 -37.16 -7.60 -44.23
N ILE C 28 -35.97 -8.15 -44.40
CA ILE C 28 -35.81 -9.12 -45.47
C ILE C 28 -36.71 -10.29 -45.24
N ALA C 29 -36.72 -10.81 -44.02
CA ALA C 29 -37.52 -11.97 -43.73
C ALA C 29 -39.01 -11.72 -43.88
N TYR C 30 -39.50 -10.56 -43.46
CA TYR C 30 -40.91 -10.30 -43.58
C TYR C 30 -41.25 -10.09 -45.03
N THR C 31 -40.35 -9.46 -45.76
CA THR C 31 -40.61 -9.18 -47.14
C THR C 31 -40.75 -10.48 -47.86
N LEU C 32 -39.86 -11.43 -47.58
CA LEU C 32 -39.92 -12.71 -48.23
C LEU C 32 -41.18 -13.47 -47.87
N ALA C 33 -41.59 -13.39 -46.60
CA ALA C 33 -42.80 -14.09 -46.19
C ALA C 33 -43.98 -13.60 -47.00
N LEU C 34 -44.02 -12.29 -47.20
CA LEU C 34 -45.05 -11.67 -47.96
C LEU C 34 -44.84 -11.78 -49.46
N LEU C 35 -43.61 -11.83 -49.90
CA LEU C 35 -43.36 -11.83 -51.32
C LEU C 35 -44.06 -12.99 -52.01
N LYS C 36 -44.03 -14.16 -51.38
CA LYS C 36 -44.71 -15.30 -51.98
C LYS C 36 -46.17 -15.45 -51.54
N ASP C 37 -46.63 -14.59 -50.65
CA ASP C 37 -47.99 -14.59 -50.10
C ASP C 37 -48.29 -13.27 -49.40
N PRO C 38 -48.54 -12.17 -50.12
CA PRO C 38 -48.66 -10.83 -49.56
C PRO C 38 -50.02 -10.55 -48.95
N ASN C 39 -50.51 -11.47 -48.13
CA ASN C 39 -51.84 -11.34 -47.57
C ASN C 39 -51.90 -11.39 -46.07
N ASN C 40 -50.78 -11.27 -45.39
CA ASN C 40 -50.82 -11.35 -43.94
C ASN C 40 -50.71 -9.97 -43.34
N ALA C 41 -51.81 -9.46 -42.82
CA ALA C 41 -51.79 -8.11 -42.25
C ALA C 41 -50.76 -8.02 -41.16
N GLU C 42 -50.53 -9.12 -40.42
CA GLU C 42 -49.59 -9.11 -39.33
C GLU C 42 -48.19 -8.90 -39.85
N ALA C 43 -47.89 -9.47 -41.00
CA ALA C 43 -46.57 -9.36 -41.55
C ALA C 43 -46.43 -8.00 -42.15
N TRP C 44 -47.51 -7.48 -42.72
CA TRP C 44 -47.41 -6.15 -43.29
C TRP C 44 -47.15 -5.18 -42.18
N TYR C 45 -47.84 -5.38 -41.08
CA TYR C 45 -47.72 -4.61 -39.88
C TYR C 45 -46.34 -4.72 -39.31
N ASN C 46 -45.82 -5.92 -39.15
CA ASN C 46 -44.50 -6.09 -38.62
C ASN C 46 -43.43 -5.60 -39.57
N LEU C 47 -43.71 -5.64 -40.86
CA LEU C 47 -42.79 -5.10 -41.83
C LEU C 47 -42.72 -3.64 -41.57
N GLY C 48 -43.89 -3.02 -41.36
CA GLY C 48 -43.99 -1.63 -41.04
C GLY C 48 -43.26 -1.32 -39.75
N ASN C 49 -43.36 -2.22 -38.78
CA ASN C 49 -42.69 -1.99 -37.51
C ASN C 49 -41.21 -2.04 -37.68
N ALA C 50 -40.72 -2.96 -38.51
CA ALA C 50 -39.29 -3.04 -38.72
C ALA C 50 -38.81 -1.79 -39.46
N ALA C 51 -39.61 -1.31 -40.42
CA ALA C 51 -39.26 -0.10 -41.14
C ALA C 51 -39.30 1.09 -40.23
N TYR C 52 -40.23 1.09 -39.29
CA TYR C 52 -40.38 2.16 -38.35
C TYR C 52 -39.14 2.16 -37.48
N LYS C 53 -38.69 0.97 -37.07
CA LYS C 53 -37.49 0.85 -36.26
C LYS C 53 -36.28 1.39 -37.03
N LYS C 54 -36.23 1.09 -38.33
CA LYS C 54 -35.16 1.58 -39.20
C LYS C 54 -35.11 3.10 -39.25
N GLY C 55 -36.29 3.71 -39.31
CA GLY C 55 -36.42 5.17 -39.36
C GLY C 55 -36.99 5.69 -40.68
N GLU C 56 -37.05 4.83 -41.69
CA GLU C 56 -37.60 5.26 -42.96
C GLU C 56 -39.08 5.14 -42.88
N TYR C 57 -39.66 6.11 -42.24
CA TYR C 57 -41.06 6.07 -41.90
C TYR C 57 -41.93 6.05 -43.12
N ASP C 58 -41.47 6.60 -44.24
CA ASP C 58 -42.36 6.56 -45.39
C ASP C 58 -42.56 5.10 -45.84
N GLU C 59 -41.53 4.26 -45.67
CA GLU C 59 -41.66 2.87 -46.07
C GLU C 59 -42.58 2.21 -45.09
N ALA C 60 -42.44 2.63 -43.82
CA ALA C 60 -43.27 2.09 -42.77
C ALA C 60 -44.71 2.40 -43.08
N ILE C 61 -44.98 3.59 -43.61
CA ILE C 61 -46.34 3.96 -43.94
C ILE C 61 -46.89 3.06 -44.98
N GLU C 62 -46.16 2.81 -46.05
CA GLU C 62 -46.76 1.94 -47.03
C GLU C 62 -47.08 0.58 -46.45
N ALA C 63 -46.15 0.02 -45.67
CA ALA C 63 -46.39 -1.30 -45.10
C ALA C 63 -47.56 -1.31 -44.11
N TYR C 64 -47.68 -0.26 -43.30
CA TYR C 64 -48.75 -0.25 -42.34
C TYR C 64 -50.06 -0.03 -43.07
N GLN C 65 -50.04 0.78 -44.12
CA GLN C 65 -51.26 1.00 -44.84
C GLN C 65 -51.73 -0.29 -45.42
N LYS C 66 -50.81 -1.08 -45.96
CA LYS C 66 -51.25 -2.35 -46.51
C LYS C 66 -51.83 -3.20 -45.42
N ALA C 67 -51.24 -3.19 -44.22
CA ALA C 67 -51.80 -3.99 -43.16
C ALA C 67 -53.24 -3.59 -42.90
N LEU C 68 -53.52 -2.28 -42.96
CA LEU C 68 -54.88 -1.80 -42.76
C LEU C 68 -55.79 -2.16 -43.91
N GLU C 69 -55.23 -2.23 -45.11
CA GLU C 69 -56.03 -2.60 -46.26
C GLU C 69 -56.50 -4.04 -46.06
N LEU C 70 -55.61 -4.88 -45.50
CA LEU C 70 -55.97 -6.25 -45.22
C LEU C 70 -56.87 -6.31 -43.97
N ASP C 71 -56.62 -5.44 -43.00
CA ASP C 71 -57.40 -5.39 -41.77
C ASP C 71 -57.44 -3.98 -41.14
N PRO C 72 -58.51 -3.21 -41.36
CA PRO C 72 -58.66 -1.82 -40.97
C PRO C 72 -58.86 -1.66 -39.48
N ASN C 73 -58.93 -2.77 -38.73
CA ASN C 73 -59.16 -2.68 -37.32
C ASN C 73 -57.85 -2.69 -36.55
N ASN C 74 -56.74 -2.63 -37.27
CA ASN C 74 -55.48 -2.64 -36.58
C ASN C 74 -55.16 -1.24 -36.08
N ALA C 75 -55.62 -0.98 -34.86
CA ALA C 75 -55.49 0.32 -34.22
C ALA C 75 -54.05 0.70 -34.07
N GLU C 76 -53.19 -0.27 -33.83
CA GLU C 76 -51.80 0.00 -33.67
C GLU C 76 -51.21 0.50 -34.97
N ALA C 77 -51.63 -0.08 -36.09
CA ALA C 77 -51.12 0.39 -37.36
C ALA C 77 -51.61 1.80 -37.57
N TRP C 78 -52.86 2.07 -37.18
CA TRP C 78 -53.39 3.40 -37.35
C TRP C 78 -52.54 4.37 -36.55
N TYR C 79 -52.20 3.97 -35.33
CA TYR C 79 -51.38 4.77 -34.45
C TYR C 79 -50.01 5.04 -35.03
N ASN C 80 -49.31 4.01 -35.49
CA ASN C 80 -47.99 4.25 -36.02
C ASN C 80 -48.02 5.00 -37.32
N LEU C 81 -49.09 4.86 -38.09
CA LEU C 81 -49.21 5.66 -39.27
C LEU C 81 -49.34 7.09 -38.86
N GLY C 82 -50.14 7.34 -37.84
CA GLY C 82 -50.28 8.70 -37.37
C GLY C 82 -48.93 9.22 -36.92
N ASN C 83 -48.14 8.36 -36.29
CA ASN C 83 -46.83 8.78 -35.83
C ASN C 83 -45.90 9.05 -36.99
N ALA C 84 -46.00 8.25 -38.04
CA ALA C 84 -45.18 8.47 -39.18
C ALA C 84 -45.55 9.78 -39.86
N TYR C 85 -46.84 10.07 -39.94
CA TYR C 85 -47.27 11.28 -40.59
C TYR C 85 -46.85 12.48 -39.77
N TYR C 86 -46.95 12.34 -38.45
CA TYR C 86 -46.59 13.36 -37.49
C TYR C 86 -45.12 13.70 -37.67
N LYS C 87 -44.28 12.67 -37.75
CA LYS C 87 -42.85 12.84 -37.90
C LYS C 87 -42.51 13.61 -39.16
N GLN C 88 -43.29 13.38 -40.21
CA GLN C 88 -43.09 14.04 -41.49
C GLN C 88 -43.64 15.47 -41.52
N GLY C 89 -44.30 15.91 -40.46
CA GLY C 89 -44.89 17.23 -40.38
C GLY C 89 -46.32 17.25 -40.90
N ASP C 90 -46.85 16.08 -41.24
CA ASP C 90 -48.18 16.04 -41.77
C ASP C 90 -49.10 15.87 -40.60
N TYR C 91 -49.43 16.99 -40.01
CA TYR C 91 -50.21 16.95 -38.80
C TYR C 91 -51.65 16.72 -39.11
N ASP C 92 -52.04 16.95 -40.35
CA ASP C 92 -53.44 16.79 -40.65
C ASP C 92 -53.72 15.31 -40.78
N GLU C 93 -52.79 14.57 -41.38
CA GLU C 93 -53.00 13.15 -41.46
C GLU C 93 -52.71 12.55 -40.11
N ALA C 94 -51.76 13.11 -39.36
CA ALA C 94 -51.49 12.51 -38.08
C ALA C 94 -52.77 12.50 -37.26
N ILE C 95 -53.53 13.58 -37.35
CA ILE C 95 -54.79 13.66 -36.65
C ILE C 95 -55.77 12.63 -37.12
N GLU C 96 -55.93 12.48 -38.43
CA GLU C 96 -56.91 11.53 -38.90
C GLU C 96 -56.55 10.11 -38.51
N TYR C 97 -55.29 9.77 -38.60
CA TYR C 97 -54.88 8.42 -38.27
C TYR C 97 -54.98 8.15 -36.78
N TYR C 98 -54.67 9.14 -35.94
CA TYR C 98 -54.78 8.90 -34.52
C TYR C 98 -56.25 8.78 -34.14
N LYS C 99 -57.12 9.59 -34.77
CA LYS C 99 -58.52 9.48 -34.43
C LYS C 99 -59.06 8.12 -34.80
N LYS C 100 -58.66 7.57 -35.94
CA LYS C 100 -59.16 6.28 -36.29
C LYS C 100 -58.71 5.25 -35.26
N ALA C 101 -57.46 5.36 -34.80
CA ALA C 101 -56.97 4.40 -33.80
C ALA C 101 -57.81 4.47 -32.54
N LEU C 102 -58.20 5.68 -32.17
CA LEU C 102 -59.01 5.90 -30.98
C LEU C 102 -60.44 5.51 -31.14
N ARG C 103 -60.97 5.54 -32.35
CA ARG C 103 -62.34 5.07 -32.46
C ARG C 103 -62.32 3.57 -32.16
N LEU C 104 -61.28 2.89 -32.64
CA LEU C 104 -61.12 1.47 -32.40
C LEU C 104 -60.82 1.21 -30.92
N ASP C 105 -60.02 2.08 -30.30
CA ASP C 105 -59.68 1.95 -28.89
C ASP C 105 -59.50 3.31 -28.21
N PRO C 106 -60.57 3.87 -27.63
CA PRO C 106 -60.62 5.16 -26.96
C PRO C 106 -59.67 5.27 -25.78
N ARG C 107 -59.19 4.14 -25.25
CA ARG C 107 -58.32 4.18 -24.10
C ARG C 107 -56.87 4.16 -24.48
N ASN C 108 -56.57 4.27 -25.77
CA ASN C 108 -55.19 4.29 -26.14
C ASN C 108 -54.65 5.66 -25.79
N VAL C 109 -54.08 5.73 -24.61
CA VAL C 109 -53.62 6.98 -24.07
C VAL C 109 -52.51 7.57 -24.88
N ASP C 110 -51.69 6.72 -25.49
CA ASP C 110 -50.61 7.28 -26.27
C ASP C 110 -51.17 7.91 -27.52
N ALA C 111 -52.16 7.27 -28.14
CA ALA C 111 -52.75 7.87 -29.32
C ALA C 111 -53.36 9.20 -28.94
N ILE C 112 -53.93 9.29 -27.74
CA ILE C 112 -54.50 10.55 -27.32
C ILE C 112 -53.41 11.57 -27.12
N GLU C 113 -52.32 11.22 -26.45
CA GLU C 113 -51.28 12.20 -26.26
C GLU C 113 -50.73 12.69 -27.57
N ASN C 114 -50.57 11.79 -28.52
CA ASN C 114 -50.02 12.19 -29.78
C ASN C 114 -51.02 12.98 -30.59
N LEU C 115 -52.31 12.66 -30.46
CA LEU C 115 -53.36 13.40 -31.14
C LEU C 115 -53.42 14.81 -30.61
N ILE C 116 -53.27 14.97 -29.30
CA ILE C 116 -53.29 16.27 -28.71
C ILE C 116 -52.15 17.08 -29.27
N GLU C 117 -50.96 16.48 -29.33
CA GLU C 117 -49.88 17.26 -29.87
C GLU C 117 -50.13 17.56 -31.34
N ALA C 118 -50.68 16.62 -32.10
CA ALA C 118 -50.87 16.90 -33.51
C ALA C 118 -51.81 18.09 -33.71
N GLU C 119 -52.85 18.20 -32.88
CA GLU C 119 -53.76 19.34 -33.01
C GLU C 119 -53.07 20.64 -32.64
N GLU C 120 -52.14 20.59 -31.69
CA GLU C 120 -51.42 21.78 -31.28
C GLU C 120 -50.38 22.18 -32.34
N LYS C 121 -49.77 21.19 -32.99
CA LYS C 121 -48.76 21.45 -33.99
C LYS C 121 -49.40 21.88 -35.30
N GLN C 122 -50.58 21.35 -35.59
CA GLN C 122 -51.31 21.67 -36.79
C GLN C 122 -51.38 23.19 -36.96
N GLU D 3 -37.75 10.63 1.29
CA GLU D 3 -38.56 11.61 1.99
C GLU D 3 -39.76 11.98 1.15
N ALA D 4 -39.84 11.35 -0.01
CA ALA D 4 -40.89 11.60 -1.00
C ALA D 4 -42.24 11.33 -0.39
N GLU D 5 -42.32 10.36 0.49
CA GLU D 5 -43.55 10.02 1.15
C GLU D 5 -44.08 11.15 1.99
N LEU D 6 -43.21 12.01 2.51
CA LEU D 6 -43.71 13.06 3.34
C LEU D 6 -44.16 14.17 2.43
N ALA D 7 -43.39 14.36 1.35
CA ALA D 7 -43.76 15.40 0.41
C ALA D 7 -45.12 15.10 -0.17
N TYR D 8 -45.35 13.82 -0.42
CA TYR D 8 -46.59 13.38 -0.96
C TYR D 8 -47.73 13.73 -0.03
N LEU D 9 -47.58 13.41 1.26
CA LEU D 9 -48.63 13.71 2.20
C LEU D 9 -48.87 15.19 2.31
N LEU D 10 -47.82 16.01 2.23
CA LEU D 10 -48.07 17.44 2.30
C LEU D 10 -48.92 17.84 1.12
N GLY D 11 -48.61 17.27 -0.04
CA GLY D 11 -49.34 17.54 -1.25
C GLY D 11 -50.80 17.25 -1.06
N GLU D 12 -51.13 16.07 -0.53
CA GLU D 12 -52.53 15.77 -0.35
C GLU D 12 -53.20 16.70 0.62
N LEU D 13 -52.50 17.07 1.68
CA LEU D 13 -53.14 17.91 2.65
C LEU D 13 -53.42 19.28 2.04
N ALA D 14 -52.42 19.84 1.37
CA ALA D 14 -52.58 21.15 0.79
C ALA D 14 -53.68 21.14 -0.26
N TYR D 15 -53.75 20.05 -1.02
CA TYR D 15 -54.75 19.94 -2.05
C TYR D 15 -56.13 20.00 -1.46
N LYS D 16 -56.37 19.19 -0.43
CA LYS D 16 -57.68 19.12 0.19
C LYS D 16 -58.12 20.44 0.77
N LEU D 17 -57.15 21.19 1.25
CA LEU D 17 -57.39 22.47 1.87
C LEU D 17 -57.55 23.62 0.88
N GLY D 18 -57.36 23.35 -0.42
CA GLY D 18 -57.49 24.38 -1.45
C GLY D 18 -56.20 25.13 -1.73
N GLU D 19 -55.11 24.73 -1.10
CA GLU D 19 -53.86 25.41 -1.29
C GLU D 19 -53.16 24.72 -2.42
N TYR D 20 -53.65 25.00 -3.59
CA TYR D 20 -53.22 24.29 -4.76
C TYR D 20 -51.80 24.67 -5.10
N ARG D 21 -51.39 25.90 -4.83
CA ARG D 21 -50.03 26.24 -5.20
C ARG D 21 -49.05 25.46 -4.34
N ILE D 22 -49.40 25.23 -3.09
CA ILE D 22 -48.55 24.48 -2.21
C ILE D 22 -48.58 23.05 -2.66
N ALA D 23 -49.79 22.55 -2.95
CA ALA D 23 -49.94 21.18 -3.36
C ALA D 23 -49.13 20.88 -4.58
N ILE D 24 -49.09 21.81 -5.53
CA ILE D 24 -48.32 21.59 -6.73
C ILE D 24 -46.87 21.48 -6.41
N ARG D 25 -46.34 22.38 -5.61
CA ARG D 25 -44.93 22.22 -5.36
C ARG D 25 -44.65 20.93 -4.61
N ALA D 26 -45.50 20.59 -3.63
CA ALA D 26 -45.27 19.39 -2.86
C ALA D 26 -45.37 18.12 -3.70
N TYR D 27 -46.31 18.08 -4.66
CA TYR D 27 -46.42 16.90 -5.47
C TYR D 27 -45.23 16.81 -6.37
N ARG D 28 -44.77 17.94 -6.88
CA ARG D 28 -43.62 17.91 -7.74
C ARG D 28 -42.41 17.42 -6.98
N ILE D 29 -42.29 17.77 -5.71
CA ILE D 29 -41.16 17.27 -4.95
C ILE D 29 -41.26 15.76 -4.83
N ALA D 30 -42.43 15.27 -4.46
CA ALA D 30 -42.57 13.83 -4.29
C ALA D 30 -42.29 13.07 -5.57
N LEU D 31 -42.76 13.62 -6.69
CA LEU D 31 -42.61 13.05 -8.00
C LEU D 31 -41.20 13.12 -8.52
N LYS D 32 -40.49 14.19 -8.20
CA LYS D 32 -39.12 14.29 -8.62
C LYS D 32 -38.36 13.12 -8.03
N ARG D 33 -38.64 12.82 -6.75
CA ARG D 33 -38.01 11.70 -6.09
C ARG D 33 -38.60 10.36 -6.59
N ASP D 34 -39.90 10.32 -6.88
CA ASP D 34 -40.54 9.09 -7.36
C ASP D 34 -41.57 9.35 -8.49
N PRO D 35 -41.11 9.32 -9.75
CA PRO D 35 -41.84 9.59 -10.97
C PRO D 35 -42.96 8.59 -11.27
N ASN D 36 -43.03 7.46 -10.56
CA ASN D 36 -44.05 6.49 -10.90
C ASN D 36 -45.30 6.61 -10.05
N ASN D 37 -45.39 7.67 -9.26
CA ASN D 37 -46.58 7.78 -8.45
C ASN D 37 -47.73 8.36 -9.26
N ALA D 38 -48.51 7.47 -9.86
CA ALA D 38 -49.60 7.83 -10.75
C ALA D 38 -50.63 8.68 -10.06
N GLU D 39 -50.88 8.39 -8.80
CA GLU D 39 -51.88 9.13 -8.07
C GLU D 39 -51.42 10.55 -7.85
N ALA D 40 -50.15 10.73 -7.53
CA ALA D 40 -49.63 12.06 -7.38
C ALA D 40 -49.69 12.79 -8.70
N TRP D 41 -49.42 12.10 -9.82
CA TRP D 41 -49.49 12.79 -11.10
C TRP D 41 -50.92 13.25 -11.35
N TYR D 42 -51.87 12.39 -11.03
CA TYR D 42 -53.26 12.72 -11.19
C TYR D 42 -53.65 13.92 -10.36
N ASN D 43 -53.26 13.92 -9.10
CA ASN D 43 -53.59 15.01 -8.22
C ASN D 43 -52.85 16.27 -8.61
N LEU D 44 -51.67 16.13 -9.19
CA LEU D 44 -50.94 17.28 -9.65
C LEU D 44 -51.74 17.90 -10.76
N GLY D 45 -52.24 17.05 -11.66
CA GLY D 45 -53.03 17.51 -12.77
C GLY D 45 -54.28 18.19 -12.25
N ASN D 46 -54.86 17.66 -11.18
CA ASN D 46 -56.05 18.27 -10.64
C ASN D 46 -55.73 19.63 -10.07
N ALA D 47 -54.58 19.77 -9.41
CA ALA D 47 -54.26 21.07 -8.87
C ALA D 47 -54.06 22.08 -9.99
N TYR D 48 -53.45 21.66 -11.10
CA TYR D 48 -53.28 22.60 -12.18
C TYR D 48 -54.60 22.99 -12.77
N TYR D 49 -55.50 22.00 -12.87
CA TYR D 49 -56.84 22.19 -13.39
C TYR D 49 -57.54 23.26 -12.56
N LYS D 50 -57.44 23.14 -11.25
CA LYS D 50 -58.07 24.06 -10.32
C LYS D 50 -57.54 25.49 -10.49
N GLN D 51 -56.28 25.61 -10.89
CA GLN D 51 -55.66 26.90 -11.11
C GLN D 51 -55.89 27.44 -12.51
N GLY D 52 -56.60 26.69 -13.35
CA GLY D 52 -56.91 27.09 -14.72
C GLY D 52 -55.89 26.66 -15.76
N ASP D 53 -54.85 25.95 -15.35
CA ASP D 53 -53.88 25.59 -16.36
C ASP D 53 -54.28 24.25 -16.90
N TYR D 54 -55.03 24.29 -17.96
CA TYR D 54 -55.57 23.08 -18.45
C TYR D 54 -54.61 22.38 -19.36
N ARG D 55 -53.50 23.03 -19.71
CA ARG D 55 -52.59 22.32 -20.58
C ARG D 55 -51.77 21.44 -19.69
N GLU D 56 -51.38 21.98 -18.54
CA GLU D 56 -50.60 21.19 -17.62
C GLU D 56 -51.45 20.08 -17.07
N ALA D 57 -52.74 20.36 -16.80
CA ALA D 57 -53.60 19.32 -16.29
C ALA D 57 -53.65 18.17 -17.28
N ILE D 58 -53.72 18.47 -18.57
CA ILE D 58 -53.72 17.42 -19.58
C ILE D 58 -52.45 16.65 -19.56
N ARG D 59 -51.31 17.33 -19.50
CA ARG D 59 -50.06 16.62 -19.54
C ARG D 59 -49.94 15.65 -18.39
N TYR D 60 -50.39 16.06 -17.22
CA TYR D 60 -50.25 15.19 -16.09
C TYR D 60 -51.29 14.11 -16.07
N TYR D 61 -52.50 14.37 -16.58
CA TYR D 61 -53.49 13.31 -16.57
C TYR D 61 -53.01 12.23 -17.51
N LEU D 62 -52.43 12.62 -18.64
CA LEU D 62 -51.97 11.63 -19.57
C LEU D 62 -50.86 10.82 -18.96
N ARG D 63 -49.96 11.47 -18.23
CA ARG D 63 -48.90 10.73 -17.62
C ARG D 63 -49.44 9.77 -16.58
N ALA D 64 -50.42 10.23 -15.79
CA ALA D 64 -50.98 9.38 -14.76
C ALA D 64 -51.63 8.16 -15.39
N LEU D 65 -52.30 8.36 -16.52
CA LEU D 65 -52.95 7.32 -17.26
C LEU D 65 -51.98 6.38 -17.92
N LYS D 66 -50.83 6.87 -18.32
CA LYS D 66 -49.87 5.96 -18.88
C LYS D 66 -49.44 4.99 -17.80
N LEU D 67 -49.24 5.51 -16.59
CA LEU D 67 -48.89 4.69 -15.46
C LEU D 67 -50.08 3.82 -15.02
N ASP D 68 -51.29 4.36 -15.11
CA ASP D 68 -52.49 3.62 -14.75
C ASP D 68 -53.70 3.93 -15.65
N PRO D 69 -53.86 3.19 -16.75
CA PRO D 69 -54.90 3.33 -17.75
C PRO D 69 -56.31 3.08 -17.21
N GLU D 70 -56.42 2.53 -16.00
CA GLU D 70 -57.72 2.22 -15.41
C GLU D 70 -58.29 3.38 -14.65
N ASN D 71 -57.56 4.48 -14.52
CA ASN D 71 -58.13 5.51 -13.70
C ASN D 71 -59.15 6.31 -14.47
N ALA D 72 -60.39 5.89 -14.32
CA ALA D 72 -61.51 6.50 -15.02
C ALA D 72 -61.63 7.96 -14.67
N GLU D 73 -61.21 8.33 -13.46
CA GLU D 73 -61.34 9.70 -13.06
C GLU D 73 -60.31 10.54 -13.78
N ALA D 74 -59.15 9.96 -14.09
CA ALA D 74 -58.15 10.71 -14.81
C ALA D 74 -58.61 10.85 -16.22
N TRP D 75 -59.29 9.82 -16.73
CA TRP D 75 -59.79 9.88 -18.08
C TRP D 75 -60.85 10.96 -18.16
N TYR D 76 -61.70 11.00 -17.15
CA TYR D 76 -62.74 11.99 -17.11
C TYR D 76 -62.16 13.38 -16.98
N ASN D 77 -61.21 13.56 -16.05
CA ASN D 77 -60.65 14.87 -15.84
C ASN D 77 -59.82 15.30 -17.03
N LEU D 78 -59.26 14.32 -17.75
CA LEU D 78 -58.54 14.62 -18.96
C LEU D 78 -59.54 15.20 -19.92
N GLY D 79 -60.70 14.56 -20.03
CA GLY D 79 -61.74 15.06 -20.90
C GLY D 79 -62.16 16.45 -20.49
N ASN D 80 -62.20 16.73 -19.20
CA ASN D 80 -62.61 18.05 -18.78
C ASN D 80 -61.58 19.09 -19.17
N ALA D 81 -60.29 18.79 -18.98
CA ALA D 81 -59.27 19.75 -19.32
C ALA D 81 -59.25 19.99 -20.82
N LEU D 82 -59.48 18.94 -21.60
CA LEU D 82 -59.52 19.07 -23.03
C LEU D 82 -60.68 19.93 -23.44
N TYR D 83 -61.81 19.72 -22.78
CA TYR D 83 -63.01 20.46 -23.07
C TYR D 83 -62.73 21.94 -22.86
N LYS D 84 -62.08 22.26 -21.75
CA LYS D 84 -61.77 23.63 -21.40
C LYS D 84 -60.90 24.30 -22.46
N GLN D 85 -60.04 23.52 -23.09
CA GLN D 85 -59.14 24.03 -24.13
C GLN D 85 -59.79 24.06 -25.51
N GLY D 86 -61.04 23.60 -25.63
CA GLY D 86 -61.77 23.57 -26.90
C GLY D 86 -61.50 22.30 -27.69
N LYS D 87 -60.76 21.38 -27.09
CA LYS D 87 -60.39 20.15 -27.75
C LYS D 87 -61.49 19.15 -27.56
N TYR D 88 -62.57 19.38 -28.30
CA TYR D 88 -63.79 18.63 -28.10
C TYR D 88 -63.75 17.22 -28.62
N ASP D 89 -63.08 16.94 -29.74
CA ASP D 89 -63.15 15.55 -30.17
C ASP D 89 -62.41 14.71 -29.16
N LEU D 90 -61.31 15.27 -28.71
CA LEU D 90 -60.48 14.66 -27.72
C LEU D 90 -61.16 14.55 -26.39
N ALA D 91 -61.91 15.59 -25.99
CA ALA D 91 -62.60 15.50 -24.73
C ALA D 91 -63.58 14.37 -24.76
N ILE D 92 -64.27 14.21 -25.89
CA ILE D 92 -65.25 13.16 -26.05
C ILE D 92 -64.60 11.81 -25.98
N ILE D 93 -63.47 11.65 -26.64
CA ILE D 93 -62.79 10.38 -26.62
C ILE D 93 -62.38 10.06 -25.20
N ALA D 94 -61.79 11.03 -24.48
CA ALA D 94 -61.37 10.80 -23.10
C ALA D 94 -62.57 10.49 -22.22
N TYR D 95 -63.71 11.14 -22.47
CA TYR D 95 -64.87 10.85 -21.68
C TYR D 95 -65.31 9.43 -21.95
N GLN D 96 -65.26 9.01 -23.21
CA GLN D 96 -65.66 7.65 -23.49
C GLN D 96 -64.66 6.70 -22.86
N ALA D 97 -63.39 7.06 -22.88
CA ALA D 97 -62.37 6.21 -22.31
C ALA D 97 -62.64 5.96 -20.85
N ALA D 98 -63.16 6.97 -20.16
CA ALA D 98 -63.50 6.84 -18.75
C ALA D 98 -64.63 5.83 -18.56
N LEU D 99 -65.57 5.81 -19.51
CA LEU D 99 -66.70 4.91 -19.45
C LEU D 99 -66.29 3.50 -19.80
N GLU D 100 -65.33 3.38 -20.71
CA GLU D 100 -64.83 2.09 -21.14
C GLU D 100 -64.08 1.44 -19.99
N GLY E 1 -39.37 -26.40 56.99
CA GLY E 1 -40.69 -26.76 57.49
C GLY E 1 -41.62 -27.06 56.33
N SER E 2 -41.17 -26.72 55.14
CA SER E 2 -41.91 -26.95 53.91
C SER E 2 -40.93 -27.27 52.79
N MET E 3 -40.74 -26.36 51.86
CA MET E 3 -39.77 -26.55 50.79
C MET E 3 -39.93 -27.96 50.16
N GLY E 4 -41.14 -28.29 49.76
CA GLY E 4 -41.46 -29.63 49.24
C GLY E 4 -40.61 -30.05 48.04
N ASN E 5 -40.23 -29.10 47.21
CA ASN E 5 -39.44 -29.38 46.04
C ASN E 5 -37.99 -28.94 46.21
N LEU E 6 -37.52 -28.83 47.45
CA LEU E 6 -36.15 -28.38 47.66
C LEU E 6 -35.12 -29.21 46.96
N ALA E 7 -35.22 -30.52 47.11
CA ALA E 7 -34.23 -31.37 46.51
C ALA E 7 -34.26 -31.24 45.02
N GLU E 8 -35.46 -31.07 44.46
CA GLU E 8 -35.57 -31.00 43.03
C GLU E 8 -34.94 -29.74 42.51
N LYS E 9 -35.15 -28.63 43.20
CA LYS E 9 -34.57 -27.37 42.75
C LYS E 9 -33.07 -27.40 42.81
N MET E 10 -32.53 -27.96 43.89
CA MET E 10 -31.11 -28.03 44.04
C MET E 10 -30.51 -29.00 43.04
N TYR E 11 -31.19 -30.12 42.80
CA TYR E 11 -30.74 -31.12 41.84
C TYR E 11 -30.66 -30.53 40.45
N LYS E 12 -31.72 -29.84 40.03
CA LYS E 12 -31.75 -29.28 38.71
C LYS E 12 -30.67 -28.24 38.56
N ALA E 13 -30.44 -27.42 39.60
CA ALA E 13 -29.39 -26.43 39.51
C ALA E 13 -28.06 -27.13 39.39
N GLY E 14 -27.90 -28.24 40.10
CA GLY E 14 -26.68 -29.00 40.07
C GLY E 14 -26.44 -29.51 38.66
N ASN E 15 -27.49 -29.96 38.01
CA ASN E 15 -27.33 -30.48 36.67
C ASN E 15 -26.92 -29.38 35.72
N ALA E 16 -27.49 -28.19 35.88
CA ALA E 16 -27.12 -27.10 35.00
C ALA E 16 -25.67 -26.73 35.16
N MET E 17 -25.21 -26.72 36.39
CA MET E 17 -23.85 -26.36 36.67
C MET E 17 -22.91 -27.44 36.22
N TYR E 18 -23.32 -28.70 36.32
CA TYR E 18 -22.46 -29.74 35.84
C TYR E 18 -22.30 -29.59 34.35
N ARG E 19 -23.41 -29.36 33.63
CA ARG E 19 -23.37 -29.23 32.19
C ARG E 19 -22.49 -28.08 31.75
N LYS E 20 -22.48 -27.00 32.52
CA LYS E 20 -21.68 -25.84 32.20
C LYS E 20 -20.24 -25.92 32.72
N GLY E 21 -19.88 -27.05 33.36
CA GLY E 21 -18.53 -27.28 33.88
C GLY E 21 -18.30 -26.62 35.21
N GLN E 22 -19.35 -26.11 35.81
CA GLN E 22 -19.22 -25.41 37.05
C GLN E 22 -19.36 -26.44 38.13
N TYR E 23 -18.35 -27.26 38.25
CA TYR E 23 -18.44 -28.38 39.16
C TYR E 23 -18.45 -27.94 40.61
N THR E 24 -17.88 -26.80 40.97
CA THR E 24 -17.90 -26.50 42.38
C THR E 24 -19.29 -26.13 42.82
N ILE E 25 -19.98 -25.42 41.94
CA ILE E 25 -21.31 -25.01 42.25
C ILE E 25 -22.16 -26.24 42.23
N ALA E 26 -21.96 -27.09 41.22
CA ALA E 26 -22.74 -28.29 41.10
C ALA E 26 -22.61 -29.16 42.31
N ILE E 27 -21.41 -29.26 42.88
CA ILE E 27 -21.21 -30.05 44.07
C ILE E 27 -22.02 -29.46 45.18
N ILE E 28 -21.99 -28.16 45.34
CA ILE E 28 -22.76 -27.58 46.41
C ILE E 28 -24.22 -27.88 46.22
N ALA E 29 -24.72 -27.67 45.01
CA ALA E 29 -26.12 -27.90 44.75
C ALA E 29 -26.54 -29.34 44.94
N TYR E 30 -25.71 -30.30 44.51
CA TYR E 30 -26.10 -31.68 44.66
C TYR E 30 -26.03 -32.06 46.11
N THR E 31 -25.04 -31.50 46.81
CA THR E 31 -24.88 -31.84 48.19
C THR E 31 -26.09 -31.39 48.93
N LEU E 32 -26.56 -30.19 48.65
CA LEU E 32 -27.72 -29.67 49.32
C LEU E 32 -28.96 -30.48 49.00
N ALA E 33 -29.10 -30.90 47.74
CA ALA E 33 -30.27 -31.68 47.37
C ALA E 33 -30.32 -32.96 48.19
N LEU E 34 -29.16 -33.55 48.38
CA LEU E 34 -29.03 -34.74 49.16
C LEU E 34 -29.00 -34.49 50.64
N LEU E 35 -28.50 -33.34 51.07
CA LEU E 35 -28.36 -33.10 52.48
C LEU E 35 -29.68 -33.21 53.20
N LYS E 36 -30.73 -32.69 52.58
CA LYS E 36 -32.05 -32.79 53.22
C LYS E 36 -32.84 -34.05 52.81
N ASP E 37 -32.28 -34.85 51.91
CA ASP E 37 -32.89 -36.07 51.40
C ASP E 37 -31.85 -36.94 50.70
N PRO E 38 -30.94 -37.63 51.41
CA PRO E 38 -29.80 -38.33 50.83
C PRO E 38 -30.16 -39.69 50.24
N ASN E 39 -31.21 -39.74 49.45
CA ASN E 39 -31.69 -41.00 48.92
C ASN E 39 -31.81 -41.06 47.41
N ASN E 40 -31.22 -40.11 46.71
CA ASN E 40 -31.34 -40.14 45.27
C ASN E 40 -30.07 -40.64 44.65
N ALA E 41 -30.09 -41.86 44.14
CA ALA E 41 -28.90 -42.44 43.55
C ALA E 41 -28.39 -41.56 42.43
N GLU E 42 -29.29 -40.90 41.71
CA GLU E 42 -28.90 -40.06 40.60
C GLU E 42 -28.10 -38.89 41.08
N ALA E 43 -28.45 -38.36 42.24
CA ALA E 43 -27.76 -37.22 42.74
C ALA E 43 -26.47 -37.67 43.32
N TRP E 44 -26.45 -38.86 43.91
CA TRP E 44 -25.21 -39.34 44.46
C TRP E 44 -24.23 -39.55 43.33
N TYR E 45 -24.75 -40.09 42.24
CA TYR E 45 -24.03 -40.34 41.03
C TYR E 45 -23.53 -39.05 40.42
N ASN E 46 -24.41 -38.06 40.29
CA ASN E 46 -23.98 -36.81 39.72
C ASN E 46 -23.07 -36.05 40.64
N LEU E 47 -23.18 -36.27 41.94
CA LEU E 47 -22.28 -35.65 42.87
C LEU E 47 -20.92 -36.24 42.59
N GLY E 48 -20.90 -37.56 42.39
CA GLY E 48 -19.68 -38.27 42.06
C GLY E 48 -19.13 -37.76 40.75
N ASN E 49 -20.00 -37.47 39.79
CA ASN E 49 -19.54 -36.99 38.51
C ASN E 49 -18.93 -35.62 38.65
N ALA E 50 -19.52 -34.78 39.47
CA ALA E 50 -18.97 -33.46 39.65
C ALA E 50 -17.62 -33.56 40.36
N ALA E 51 -17.51 -34.47 41.33
CA ALA E 51 -16.26 -34.68 42.04
C ALA E 51 -15.22 -35.24 41.09
N TYR E 52 -15.66 -36.09 40.18
CA TYR E 52 -14.78 -36.71 39.24
C TYR E 52 -14.25 -35.60 38.33
N LYS E 53 -15.14 -34.69 37.93
CA LYS E 53 -14.74 -33.57 37.09
C LYS E 53 -13.72 -32.70 37.83
N LYS E 54 -13.93 -32.51 39.13
CA LYS E 54 -13.00 -31.73 39.96
C LYS E 54 -11.62 -32.37 39.99
N GLY E 55 -11.57 -33.70 40.07
CA GLY E 55 -10.32 -34.44 40.10
C GLY E 55 -10.08 -35.16 41.42
N GLU E 56 -10.84 -34.83 42.45
CA GLU E 56 -10.67 -35.49 43.73
C GLU E 56 -11.43 -36.77 43.69
N TYR E 57 -10.81 -37.73 43.03
CA TYR E 57 -11.47 -38.97 42.74
C TYR E 57 -11.84 -39.72 43.98
N ASP E 58 -11.12 -39.54 45.07
CA ASP E 58 -11.51 -40.29 46.24
C ASP E 58 -12.90 -39.83 46.72
N GLU E 59 -13.21 -38.54 46.54
CA GLU E 59 -14.51 -38.06 46.97
C GLU E 59 -15.53 -38.61 46.01
N ALA E 60 -15.11 -38.68 44.74
CA ALA E 60 -15.99 -39.20 43.72
C ALA E 60 -16.34 -40.64 44.05
N ILE E 61 -15.37 -41.39 44.59
CA ILE E 61 -15.63 -42.77 44.93
C ILE E 61 -16.65 -42.87 46.00
N GLU E 62 -16.53 -42.08 47.05
CA GLU E 62 -17.53 -42.22 48.06
C GLU E 62 -18.92 -41.92 47.51
N ALA E 63 -19.03 -40.87 46.71
CA ALA E 63 -20.34 -40.52 46.17
C ALA E 63 -20.88 -41.57 45.21
N TYR E 64 -20.01 -42.14 44.38
CA TYR E 64 -20.50 -43.13 43.46
C TYR E 64 -20.85 -44.40 44.21
N GLN E 65 -20.08 -44.71 45.25
CA GLN E 65 -20.40 -45.89 46.00
C GLN E 65 -21.75 -45.75 46.60
N LYS E 66 -22.06 -44.58 47.13
CA LYS E 66 -23.36 -44.41 47.70
C LYS E 66 -24.42 -44.57 46.64
N ALA E 67 -24.18 -44.06 45.43
CA ALA E 67 -25.17 -44.23 44.40
C ALA E 67 -25.44 -45.71 44.17
N LEU E 68 -24.39 -46.53 44.21
CA LEU E 68 -24.54 -47.96 44.04
C LEU E 68 -25.24 -48.60 45.22
N GLU E 69 -25.03 -48.06 46.41
CA GLU E 69 -25.69 -48.60 47.58
C GLU E 69 -27.18 -48.39 47.40
N LEU E 70 -27.56 -47.24 46.84
CA LEU E 70 -28.97 -46.97 46.58
C LEU E 70 -29.45 -47.78 45.36
N ASP E 71 -28.57 -47.95 44.38
CA ASP E 71 -28.90 -48.68 43.16
C ASP E 71 -27.67 -49.35 42.51
N PRO E 72 -27.42 -50.64 42.75
CA PRO E 72 -26.25 -51.38 42.33
C PRO E 72 -26.22 -51.65 40.85
N ASN E 73 -27.27 -51.24 40.12
CA ASN E 73 -27.33 -51.51 38.71
C ASN E 73 -26.80 -50.33 37.92
N ASN E 74 -26.24 -49.37 38.61
CA ASN E 74 -25.71 -48.22 37.90
C ASN E 74 -24.33 -48.56 37.35
N ALA E 75 -24.32 -49.10 36.14
CA ALA E 75 -23.11 -49.57 35.48
C ALA E 75 -22.13 -48.43 35.30
N GLU E 76 -22.65 -47.25 35.05
CA GLU E 76 -21.79 -46.11 34.85
C GLU E 76 -21.07 -45.77 36.13
N ALA E 77 -21.74 -45.89 37.27
CA ALA E 77 -21.07 -45.61 38.53
C ALA E 77 -20.01 -46.67 38.72
N TRP E 78 -20.33 -47.91 38.35
CA TRP E 78 -19.34 -48.97 38.52
C TRP E 78 -18.13 -48.64 37.68
N TYR E 79 -18.36 -48.18 36.45
CA TYR E 79 -17.30 -47.80 35.56
C TYR E 79 -16.45 -46.68 36.09
N ASN E 80 -17.06 -45.59 36.55
CA ASN E 80 -16.27 -44.50 37.06
C ASN E 80 -15.57 -44.84 38.34
N LEU E 81 -16.14 -45.73 39.13
CA LEU E 81 -15.44 -46.17 40.31
C LEU E 81 -14.23 -46.90 39.87
N GLY E 82 -14.37 -47.76 38.87
CA GLY E 82 -13.22 -48.48 38.39
C GLY E 82 -12.18 -47.49 37.90
N ASN E 83 -12.62 -46.42 37.26
CA ASN E 83 -11.69 -45.42 36.76
C ASN E 83 -11.01 -44.70 37.90
N ALA E 84 -11.75 -44.42 38.96
CA ALA E 84 -11.16 -43.76 40.08
C ALA E 84 -10.13 -44.66 40.75
N TYR E 85 -10.44 -45.94 40.86
CA TYR E 85 -9.51 -46.84 41.49
C TYR E 85 -8.28 -47.00 40.65
N TYR E 86 -8.48 -47.05 39.33
CA TYR E 86 -7.42 -47.19 38.35
C TYR E 86 -6.47 -46.01 38.49
N LYS E 87 -7.03 -44.80 38.57
CA LYS E 87 -6.24 -43.60 38.68
C LYS E 87 -5.38 -43.60 39.92
N GLN E 88 -5.90 -44.19 40.98
CA GLN E 88 -5.19 -44.27 42.25
C GLN E 88 -4.15 -45.39 42.29
N GLY E 89 -4.06 -46.19 41.23
CA GLY E 89 -3.14 -47.31 41.14
C GLY E 89 -3.72 -48.59 41.69
N ASP E 90 -4.99 -48.55 42.07
CA ASP E 90 -5.59 -49.72 42.62
C ASP E 90 -6.18 -50.50 41.48
N TYR E 91 -5.34 -51.29 40.87
CA TYR E 91 -5.72 -51.99 39.69
C TYR E 91 -6.56 -53.18 40.03
N ASP E 92 -6.50 -53.62 41.28
CA ASP E 92 -7.25 -54.80 41.62
C ASP E 92 -8.70 -54.41 41.77
N GLU E 93 -8.94 -53.24 42.37
CA GLU E 93 -10.31 -52.80 42.47
C GLU E 93 -10.75 -52.31 41.13
N ALA E 94 -9.85 -51.70 40.34
CA ALA E 94 -10.31 -51.22 39.06
C ALA E 94 -10.89 -52.38 38.28
N ILE E 95 -10.25 -53.53 38.37
CA ILE E 95 -10.74 -54.71 37.70
C ILE E 95 -12.09 -55.14 38.21
N GLU E 96 -12.24 -55.20 39.52
CA GLU E 96 -13.52 -55.66 40.03
C GLU E 96 -14.65 -54.72 39.65
N TYR E 97 -14.41 -53.43 39.71
CA TYR E 97 -15.45 -52.48 39.40
C TYR E 97 -15.79 -52.48 37.91
N TYR E 98 -14.77 -52.64 37.05
CA TYR E 98 -15.08 -52.66 35.63
C TYR E 98 -15.82 -53.94 35.30
N LYS E 99 -15.46 -55.06 35.93
CA LYS E 99 -16.18 -56.29 35.63
C LYS E 99 -17.64 -56.17 36.03
N LYS E 100 -17.91 -55.54 37.17
CA LYS E 100 -19.30 -55.42 37.56
C LYS E 100 -20.05 -54.59 36.53
N ALA E 101 -19.42 -53.52 36.03
CA ALA E 101 -20.08 -52.68 35.05
C ALA E 101 -20.42 -53.48 33.79
N LEU E 102 -19.51 -54.37 33.41
CA LEU E 102 -19.69 -55.20 32.25
C LEU E 102 -20.67 -56.32 32.44
N ARG E 103 -20.84 -56.80 33.66
CA ARG E 103 -21.86 -57.82 33.81
C ARG E 103 -23.21 -57.16 33.54
N LEU E 104 -23.36 -55.91 34.01
CA LEU E 104 -24.57 -55.15 33.77
C LEU E 104 -24.70 -54.80 32.29
N ASP E 105 -23.59 -54.46 31.64
CA ASP E 105 -23.60 -54.13 30.24
C ASP E 105 -22.31 -54.56 29.52
N PRO E 106 -22.28 -55.77 28.96
CA PRO E 106 -21.15 -56.39 28.28
C PRO E 106 -20.68 -55.60 27.07
N ARG E 107 -21.50 -54.69 26.55
CA ARG E 107 -21.11 -53.94 25.38
C ARG E 107 -20.48 -52.61 25.73
N ASN E 108 -20.22 -52.38 27.00
CA ASN E 108 -19.60 -51.13 27.34
C ASN E 108 -18.13 -51.26 26.96
N VAL E 109 -17.85 -50.80 25.76
CA VAL E 109 -16.54 -50.93 25.19
C VAL E 109 -15.50 -50.18 25.97
N ASP E 110 -15.89 -49.06 26.57
CA ASP E 110 -14.91 -48.32 27.32
C ASP E 110 -14.56 -49.08 28.57
N ALA E 111 -15.55 -49.68 29.23
CA ALA E 111 -15.24 -50.45 30.40
C ALA E 111 -14.32 -51.59 30.02
N ILE E 112 -14.51 -52.16 28.84
CA ILE E 112 -13.63 -53.22 28.40
C ILE E 112 -12.25 -52.70 28.18
N GLU E 113 -12.11 -51.58 27.47
CA GLU E 113 -10.78 -51.06 27.25
C GLU E 113 -10.06 -50.77 28.54
N ASN E 114 -10.78 -50.22 29.51
CA ASN E 114 -10.14 -49.87 30.74
C ASN E 114 -9.85 -51.11 31.57
N LEU E 115 -10.70 -52.14 31.47
CA LEU E 115 -10.48 -53.39 32.16
C LEU E 115 -9.25 -54.07 31.61
N ILE E 116 -9.08 -54.02 30.30
CA ILE E 116 -7.92 -54.62 29.69
C ILE E 116 -6.70 -53.93 30.20
N GLU E 117 -6.71 -52.61 30.25
CA GLU E 117 -5.52 -51.96 30.75
C GLU E 117 -5.33 -52.28 32.21
N ALA E 118 -6.39 -52.36 33.01
CA ALA E 118 -6.20 -52.64 34.42
C ALA E 118 -5.53 -54.00 34.63
N GLU E 119 -5.90 -55.00 33.82
CA GLU E 119 -5.26 -56.31 33.96
C GLU E 119 -3.81 -56.25 33.55
N GLU E 120 -3.47 -55.42 32.57
CA GLU E 120 -2.09 -55.29 32.13
C GLU E 120 -1.25 -54.52 33.15
N LYS E 121 -1.87 -53.53 33.80
CA LYS E 121 -1.17 -52.71 34.79
C LYS E 121 -1.02 -53.46 36.10
N GLN E 122 -2.01 -54.29 36.42
CA GLN E 122 -2.01 -55.07 37.64
C GLN E 122 -0.67 -55.79 37.78
N GLU F 3 -6.96 -38.61 -0.58
CA GLU F 3 -6.43 -39.77 -1.27
C GLU F 3 -6.60 -41.01 -0.41
N ALA F 4 -7.18 -40.78 0.76
CA ALA F 4 -7.39 -41.81 1.76
C ALA F 4 -8.23 -42.93 1.21
N GLU F 5 -9.17 -42.59 0.32
CA GLU F 5 -10.02 -43.56 -0.29
C GLU F 5 -9.25 -44.54 -1.14
N LEU F 6 -8.11 -44.13 -1.69
CA LEU F 6 -7.40 -45.06 -2.53
C LEU F 6 -6.58 -45.93 -1.62
N ALA F 7 -6.04 -45.32 -0.57
CA ALA F 7 -5.24 -46.08 0.37
C ALA F 7 -6.10 -47.16 0.98
N TYR F 8 -7.35 -46.81 1.25
CA TYR F 8 -8.27 -47.73 1.83
C TYR F 8 -8.47 -48.92 0.92
N LEU F 9 -8.72 -48.65 -0.36
CA LEU F 9 -8.93 -49.75 -1.28
C LEU F 9 -7.71 -50.62 -1.41
N LEU F 10 -6.51 -50.03 -1.37
CA LEU F 10 -5.33 -50.88 -1.45
C LEU F 10 -5.31 -51.79 -0.26
N GLY F 11 -5.67 -51.25 0.91
CA GLY F 11 -5.71 -52.01 2.12
C GLY F 11 -6.62 -53.20 1.97
N GLU F 12 -7.83 -52.99 1.47
CA GLU F 12 -8.72 -54.12 1.33
C GLU F 12 -8.19 -55.15 0.35
N LEU F 13 -7.58 -54.69 -0.73
CA LEU F 13 -7.12 -55.65 -1.69
C LEU F 13 -6.00 -56.48 -1.10
N ALA F 14 -5.06 -55.82 -0.45
CA ALA F 14 -3.93 -56.53 0.11
C ALA F 14 -4.38 -57.50 1.19
N TYR F 15 -5.38 -57.08 1.96
CA TYR F 15 -5.89 -57.90 3.01
C TYR F 15 -6.46 -59.19 2.46
N LYS F 16 -7.31 -59.07 1.45
CA LYS F 16 -7.96 -60.23 0.87
C LYS F 16 -6.98 -61.19 0.27
N LEU F 17 -5.89 -60.67 -0.25
CA LEU F 17 -4.86 -61.45 -0.89
C LEU F 17 -3.87 -62.08 0.10
N GLY F 18 -4.00 -61.78 1.38
CA GLY F 18 -3.10 -62.32 2.40
C GLY F 18 -1.85 -61.48 2.65
N GLU F 19 -1.76 -60.35 1.99
CA GLU F 19 -0.60 -59.50 2.14
C GLU F 19 -0.88 -58.57 3.27
N TYR F 20 -0.82 -59.12 4.45
CA TYR F 20 -1.24 -58.38 5.61
C TYR F 20 -0.28 -57.28 5.93
N ARG F 21 0.99 -57.44 5.63
CA ARG F 21 1.91 -56.37 5.95
C ARG F 21 1.61 -55.16 5.09
N ILE F 22 1.23 -55.40 3.85
CA ILE F 22 0.90 -54.31 2.96
C ILE F 22 -0.39 -53.71 3.42
N ALA F 23 -1.36 -54.58 3.76
CA ALA F 23 -2.65 -54.10 4.19
C ALA F 23 -2.54 -53.24 5.41
N ILE F 24 -1.66 -53.59 6.33
CA ILE F 24 -1.50 -52.78 7.51
C ILE F 24 -0.98 -51.43 7.16
N ARG F 25 0.04 -51.35 6.34
CA ARG F 25 0.52 -50.02 6.05
C ARG F 25 -0.55 -49.22 5.32
N ALA F 26 -1.24 -49.85 4.37
CA ALA F 26 -2.24 -49.13 3.61
C ALA F 26 -3.40 -48.66 4.48
N TYR F 27 -3.82 -49.47 5.45
CA TYR F 27 -4.92 -49.04 6.29
C TYR F 27 -4.46 -47.92 7.16
N ARG F 28 -3.23 -47.99 7.63
CA ARG F 28 -2.74 -46.93 8.48
C ARG F 28 -2.67 -45.64 7.70
N ILE F 29 -2.32 -45.69 6.42
CA ILE F 29 -2.31 -44.48 5.64
C ILE F 29 -3.71 -43.91 5.54
N ALA F 30 -4.68 -44.76 5.20
CA ALA F 30 -6.03 -44.26 5.06
C ALA F 30 -6.56 -43.65 6.35
N LEU F 31 -6.25 -44.31 7.47
CA LEU F 31 -6.67 -43.89 8.79
C LEU F 31 -5.98 -42.65 9.27
N LYS F 32 -4.72 -42.49 8.91
CA LYS F 32 -4.02 -41.29 9.30
C LYS F 32 -4.75 -40.10 8.70
N ARG F 33 -5.17 -40.25 7.45
CA ARG F 33 -5.92 -39.20 6.79
C ARG F 33 -7.37 -39.13 7.32
N ASP F 34 -7.98 -40.29 7.64
CA ASP F 34 -9.35 -40.32 8.16
C ASP F 34 -9.53 -41.34 9.31
N PRO F 35 -9.32 -40.90 10.55
CA PRO F 35 -9.38 -41.66 11.79
C PRO F 35 -10.75 -42.22 12.13
N ASN F 36 -11.81 -41.81 11.43
CA ASN F 36 -13.13 -42.29 11.81
C ASN F 36 -13.59 -43.48 10.99
N ASN F 37 -12.70 -44.04 10.19
CA ASN F 37 -13.11 -45.17 9.40
C ASN F 37 -13.08 -46.45 10.24
N ALA F 38 -14.21 -46.75 10.85
CA ALA F 38 -14.34 -47.87 11.77
C ALA F 38 -14.05 -49.19 11.10
N GLU F 39 -14.44 -49.30 9.85
CA GLU F 39 -14.23 -50.53 9.12
C GLU F 39 -12.76 -50.74 8.88
N ALA F 40 -12.06 -49.67 8.53
CA ALA F 40 -10.63 -49.79 8.33
C ALA F 40 -9.97 -50.15 9.65
N TRP F 41 -10.45 -49.59 10.77
CA TRP F 41 -9.82 -49.94 12.05
C TRP F 41 -10.03 -51.41 12.32
N TYR F 42 -11.22 -51.90 12.05
CA TYR F 42 -11.53 -53.30 12.22
C TYR F 42 -10.63 -54.18 11.40
N ASN F 43 -10.50 -53.84 10.12
CA ASN F 43 -9.68 -54.63 9.24
C ASN F 43 -8.22 -54.51 9.58
N LEU F 44 -7.81 -53.37 10.14
CA LEU F 44 -6.45 -53.21 10.56
C LEU F 44 -6.21 -54.19 11.68
N GLY F 45 -7.17 -54.25 12.61
CA GLY F 45 -7.07 -55.15 13.73
C GLY F 45 -7.02 -56.58 13.23
N ASN F 46 -7.79 -56.89 12.19
CA ASN F 46 -7.76 -58.23 11.66
C ASN F 46 -6.41 -58.54 11.06
N ALA F 47 -5.80 -57.59 10.38
CA ALA F 47 -4.50 -57.86 9.80
C ALA F 47 -3.47 -58.11 10.90
N TYR F 48 -3.55 -57.36 12.00
CA TYR F 48 -2.60 -57.60 13.06
C TYR F 48 -2.83 -58.95 13.68
N TYR F 49 -4.10 -59.33 13.82
CA TYR F 49 -4.51 -60.61 14.36
C TYR F 49 -3.87 -61.72 13.54
N LYS F 50 -3.97 -61.59 12.22
CA LYS F 50 -3.42 -62.59 11.29
C LYS F 50 -1.91 -62.72 11.44
N GLN F 51 -1.25 -61.63 11.80
CA GLN F 51 0.20 -61.63 11.99
C GLN F 51 0.61 -62.05 13.40
N GLY F 52 -0.36 -62.36 14.25
CA GLY F 52 -0.09 -62.79 15.61
C GLY F 52 -0.01 -61.67 16.64
N ASP F 53 -0.22 -60.42 16.23
CA ASP F 53 -0.09 -59.39 17.21
C ASP F 53 -1.45 -59.14 17.78
N TYR F 54 -1.72 -59.82 18.86
CA TYR F 54 -3.04 -59.78 19.38
C TYR F 54 -3.22 -58.59 20.28
N ARG F 55 -2.16 -57.87 20.59
CA ARG F 55 -2.37 -56.73 21.45
C ARG F 55 -2.82 -55.63 20.55
N GLU F 56 -2.19 -55.53 19.39
CA GLU F 56 -2.59 -54.50 18.47
C GLU F 56 -3.97 -54.79 17.95
N ALA F 57 -4.28 -56.07 17.71
CA ALA F 57 -5.60 -56.40 17.23
C ALA F 57 -6.65 -55.94 18.23
N ILE F 58 -6.38 -56.11 19.53
CA ILE F 58 -7.30 -55.64 20.55
C ILE F 58 -7.44 -54.15 20.51
N ARG F 59 -6.33 -53.43 20.43
CA ARG F 59 -6.42 -52.00 20.44
C ARG F 59 -7.27 -51.48 19.30
N TYR F 60 -7.13 -52.08 18.14
CA TYR F 60 -7.87 -51.59 17.01
C TYR F 60 -9.30 -52.06 17.03
N TYR F 61 -9.58 -53.25 17.57
CA TYR F 61 -10.97 -53.67 17.61
C TYR F 61 -11.71 -52.77 18.55
N LEU F 62 -11.07 -52.39 19.65
CA LEU F 62 -11.75 -51.54 20.59
C LEU F 62 -12.01 -50.20 19.96
N ARG F 63 -11.05 -49.68 19.20
CA ARG F 63 -11.26 -48.41 18.58
C ARG F 63 -12.38 -48.49 17.57
N ALA F 64 -12.42 -49.58 16.79
CA ALA F 64 -13.45 -49.73 15.79
C ALA F 64 -14.81 -49.78 16.45
N LEU F 65 -14.89 -50.45 17.60
CA LEU F 65 -16.11 -50.57 18.37
C LEU F 65 -16.51 -49.28 19.01
N LYS F 66 -15.56 -48.46 19.38
CA LYS F 66 -15.95 -47.18 19.94
C LYS F 66 -16.66 -46.40 18.86
N LEU F 67 -16.12 -46.46 17.64
CA LEU F 67 -16.75 -45.80 16.52
C LEU F 67 -18.06 -46.49 16.12
N ASP F 68 -18.10 -47.82 16.22
CA ASP F 68 -19.29 -48.59 15.89
C ASP F 68 -19.51 -49.79 16.82
N PRO F 69 -20.22 -49.61 17.94
CA PRO F 69 -20.54 -50.58 18.97
C PRO F 69 -21.39 -51.74 18.46
N GLU F 70 -21.95 -51.62 17.26
CA GLU F 70 -22.82 -52.66 16.71
C GLU F 70 -22.04 -53.71 15.94
N ASN F 71 -20.73 -53.53 15.78
CA ASN F 71 -20.07 -54.50 14.95
C ASN F 71 -19.78 -55.75 15.74
N ALA F 72 -20.70 -56.69 15.62
CA ALA F 72 -20.63 -57.96 16.34
C ALA F 72 -19.37 -58.69 15.97
N GLU F 73 -18.89 -58.50 14.74
CA GLU F 73 -17.71 -59.22 14.32
C GLU F 73 -16.49 -58.65 15.01
N ALA F 74 -16.51 -57.35 15.30
CA ALA F 74 -15.38 -56.76 15.97
C ALA F 74 -15.42 -57.22 17.41
N TRP F 75 -16.63 -57.37 17.94
CA TRP F 75 -16.75 -57.83 19.31
C TRP F 75 -16.24 -59.26 19.40
N TYR F 76 -16.60 -60.05 18.40
CA TYR F 76 -16.17 -61.42 18.38
C TYR F 76 -14.66 -61.51 18.20
N ASN F 77 -14.11 -60.75 17.25
CA ASN F 77 -12.70 -60.82 17.01
C ASN F 77 -11.92 -60.24 18.18
N LEU F 78 -12.54 -59.30 18.91
CA LEU F 78 -11.93 -58.77 20.10
C LEU F 78 -11.81 -59.89 21.07
N GLY F 79 -12.90 -60.66 21.20
CA GLY F 79 -12.88 -61.80 22.09
C GLY F 79 -11.81 -62.79 21.68
N ASN F 80 -11.62 -62.97 20.38
CA ASN F 80 -10.61 -63.92 19.95
C ASN F 80 -9.22 -63.44 20.30
N ALA F 81 -8.94 -62.16 20.09
CA ALA F 81 -7.61 -61.65 20.39
C ALA F 81 -7.36 -61.72 21.89
N LEU F 82 -8.38 -61.45 22.68
CA LEU F 82 -8.25 -61.52 24.11
C LEU F 82 -7.98 -62.94 24.54
N TYR F 83 -8.67 -63.87 23.91
CA TYR F 83 -8.51 -65.27 24.22
C TYR F 83 -7.07 -65.67 23.97
N LYS F 84 -6.53 -65.23 22.83
CA LYS F 84 -5.16 -65.56 22.46
C LYS F 84 -4.16 -65.06 23.49
N GLN F 85 -4.47 -63.93 24.12
CA GLN F 85 -3.61 -63.33 25.12
C GLN F 85 -3.82 -63.90 26.52
N GLY F 86 -4.77 -64.83 26.68
CA GLY F 86 -5.09 -65.45 27.96
C GLY F 86 -6.10 -64.64 28.77
N LYS F 87 -6.62 -63.58 28.16
CA LYS F 87 -7.54 -62.71 28.83
C LYS F 87 -8.93 -63.26 28.69
N TYR F 88 -9.18 -64.32 29.44
CA TYR F 88 -10.39 -65.10 29.29
C TYR F 88 -11.64 -64.44 29.83
N ASP F 89 -11.56 -63.71 30.93
CA ASP F 89 -12.83 -63.15 31.39
C ASP F 89 -13.29 -62.13 30.37
N LEU F 90 -12.32 -61.40 29.89
CA LEU F 90 -12.52 -60.39 28.89
C LEU F 90 -12.96 -60.98 27.57
N ALA F 91 -12.36 -62.11 27.18
CA ALA F 91 -12.76 -62.71 25.94
C ALA F 91 -14.22 -63.11 26.00
N ILE F 92 -14.63 -63.63 27.16
CA ILE F 92 -15.99 -64.06 27.36
C ILE F 92 -16.94 -62.89 27.30
N ILE F 93 -16.56 -61.79 27.93
CA ILE F 93 -17.40 -60.63 27.90
C ILE F 93 -17.55 -60.13 26.47
N ALA F 94 -16.44 -60.05 25.73
CA ALA F 94 -16.50 -59.59 24.35
C ALA F 94 -17.34 -60.54 23.50
N TYR F 95 -17.24 -61.84 23.76
CA TYR F 95 -18.02 -62.78 23.01
C TYR F 95 -19.48 -62.55 23.31
N GLN F 96 -19.81 -62.30 24.57
CA GLN F 96 -21.19 -62.06 24.89
C GLN F 96 -21.63 -60.76 24.26
N ALA F 97 -20.75 -59.78 24.23
CA ALA F 97 -21.09 -58.48 23.66
C ALA F 97 -21.47 -58.64 22.19
N ALA F 98 -20.79 -59.56 21.51
CA ALA F 98 -21.10 -59.83 20.10
C ALA F 98 -22.49 -60.41 19.96
N LEU F 99 -22.90 -61.23 20.94
CA LEU F 99 -24.21 -61.87 20.92
C LEU F 99 -25.30 -60.87 21.27
N GLU F 100 -24.95 -59.95 22.15
CA GLU F 100 -25.88 -58.93 22.60
C GLU F 100 -26.17 -57.98 21.44
N GLY G 1 -27.65 -36.87 58.04
CA GLY G 1 -27.60 -38.10 58.83
C GLY G 1 -26.25 -38.78 58.66
N SER G 2 -25.49 -38.29 57.70
CA SER G 2 -24.16 -38.81 57.41
C SER G 2 -23.28 -37.66 56.95
N MET G 3 -22.95 -37.62 55.67
CA MET G 3 -22.16 -36.52 55.13
C MET G 3 -20.95 -36.22 56.02
N GLY G 4 -20.16 -37.25 56.32
CA GLY G 4 -19.04 -37.12 57.26
C GLY G 4 -18.00 -36.08 56.86
N ASN G 5 -17.82 -35.87 55.57
CA ASN G 5 -16.88 -34.91 55.06
C ASN G 5 -17.55 -33.66 54.52
N LEU G 6 -18.77 -33.37 54.97
CA LEU G 6 -19.48 -32.22 54.46
C LEU G 6 -18.74 -30.93 54.61
N ALA G 7 -18.24 -30.69 55.81
CA ALA G 7 -17.56 -29.44 56.05
C ALA G 7 -16.33 -29.34 55.21
N GLU G 8 -15.67 -30.46 54.99
CA GLU G 8 -14.44 -30.43 54.24
C GLU G 8 -14.72 -30.11 52.79
N LYS G 9 -15.78 -30.69 52.23
CA LYS G 9 -16.10 -30.43 50.85
C LYS G 9 -16.48 -28.98 50.63
N MET G 10 -17.27 -28.45 51.55
CA MET G 10 -17.70 -27.08 51.43
C MET G 10 -16.53 -26.13 51.64
N TYR G 11 -15.65 -26.46 52.59
CA TYR G 11 -14.48 -25.65 52.87
C TYR G 11 -13.58 -25.57 51.66
N LYS G 12 -13.28 -26.72 51.07
CA LYS G 12 -12.41 -26.76 49.92
C LYS G 12 -13.01 -25.98 48.77
N ALA G 13 -14.32 -26.11 48.56
CA ALA G 13 -14.95 -25.36 47.49
C ALA G 13 -14.82 -23.88 47.77
N GLY G 14 -14.96 -23.52 49.05
CA GLY G 14 -14.87 -22.14 49.45
C GLY G 14 -13.50 -21.61 49.14
N ASN G 15 -12.48 -22.42 49.38
CA ASN G 15 -11.12 -21.98 49.12
C ASN G 15 -10.91 -21.77 47.64
N ALA G 16 -11.47 -22.66 46.81
CA ALA G 16 -11.29 -22.50 45.39
C ALA G 16 -11.94 -21.23 44.89
N MET G 17 -13.10 -20.94 45.43
CA MET G 17 -13.82 -19.77 45.02
C MET G 17 -13.15 -18.52 45.52
N TYR G 18 -12.58 -18.58 46.71
CA TYR G 18 -11.88 -17.42 47.21
C TYR G 18 -10.71 -17.14 46.29
N ARG G 19 -9.94 -18.19 45.95
CA ARG G 19 -8.77 -18.02 45.10
C ARG G 19 -9.13 -17.44 43.75
N LYS G 20 -10.28 -17.81 43.23
CA LYS G 20 -10.73 -17.33 41.93
C LYS G 20 -11.47 -15.99 42.01
N GLY G 21 -11.59 -15.41 43.21
CA GLY G 21 -12.23 -14.12 43.42
C GLY G 21 -13.74 -14.22 43.50
N GLN G 22 -14.24 -15.43 43.55
CA GLN G 22 -15.66 -15.63 43.56
C GLN G 22 -16.08 -15.61 45.00
N TYR G 23 -16.02 -14.43 45.58
CA TYR G 23 -16.28 -14.32 46.99
C TYR G 23 -17.72 -14.61 47.35
N THR G 24 -18.68 -14.42 46.46
CA THR G 24 -20.03 -14.68 46.92
C THR G 24 -20.26 -16.16 47.07
N ILE G 25 -19.67 -16.91 46.17
CA ILE G 25 -19.82 -18.33 46.21
C ILE G 25 -19.03 -18.81 47.39
N ALA G 26 -17.83 -18.27 47.57
CA ALA G 26 -16.99 -18.69 48.66
C ALA G 26 -17.66 -18.45 49.99
N ILE G 27 -18.37 -17.34 50.14
CA ILE G 27 -19.08 -17.07 51.37
C ILE G 27 -20.12 -18.13 51.58
N ILE G 28 -20.85 -18.47 50.55
CA ILE G 28 -21.87 -19.49 50.73
C ILE G 28 -21.22 -20.79 51.15
N ALA G 29 -20.17 -21.17 50.46
CA ALA G 29 -19.52 -22.42 50.77
C ALA G 29 -18.92 -22.45 52.17
N TYR G 30 -18.31 -21.36 52.60
CA TYR G 30 -17.72 -21.38 53.93
C TYR G 30 -18.80 -21.37 54.96
N THR G 31 -19.88 -20.65 54.66
CA THR G 31 -20.94 -20.55 55.62
C THR G 31 -21.51 -21.92 55.82
N LEU G 32 -21.71 -22.67 54.74
CA LEU G 32 -22.26 -23.99 54.85
C LEU G 32 -21.33 -24.93 55.60
N ALA G 33 -20.02 -24.80 55.35
CA ALA G 33 -19.07 -25.67 56.04
C ALA G 33 -19.17 -25.46 57.54
N LEU G 34 -19.33 -24.22 57.92
CA LEU G 34 -19.48 -23.85 59.31
C LEU G 34 -20.88 -24.06 59.82
N LEU G 35 -21.88 -23.94 58.99
CA LEU G 35 -23.25 -24.03 59.45
C LEU G 35 -23.49 -25.35 60.15
N LYS G 36 -22.97 -26.43 59.59
CA LYS G 36 -23.16 -27.73 60.24
C LYS G 36 -22.06 -28.10 61.23
N ASP G 37 -21.05 -27.24 61.37
CA ASP G 37 -19.91 -27.43 62.24
C ASP G 37 -19.14 -26.13 62.44
N PRO G 38 -19.64 -25.16 63.21
CA PRO G 38 -19.08 -23.81 63.32
C PRO G 38 -17.88 -23.72 64.22
N ASN G 39 -16.93 -24.63 64.06
CA ASN G 39 -15.79 -24.69 64.95
C ASN G 39 -14.44 -24.60 64.26
N ASN G 40 -14.41 -24.23 63.00
CA ASN G 40 -13.14 -24.16 62.32
C ASN G 40 -12.66 -22.74 62.21
N ALA G 41 -11.66 -22.39 63.00
CA ALA G 41 -11.17 -21.02 62.97
C ALA G 41 -10.73 -20.64 61.57
N GLU G 42 -10.20 -21.60 60.81
CA GLU G 42 -9.72 -21.33 59.48
C GLU G 42 -10.86 -20.93 58.58
N ALA G 43 -12.02 -21.55 58.78
CA ALA G 43 -13.14 -21.26 57.94
C ALA G 43 -13.72 -19.96 58.38
N TRP G 44 -13.69 -19.69 59.68
CA TRP G 44 -14.22 -18.42 60.14
C TRP G 44 -13.38 -17.31 59.57
N TYR G 45 -12.08 -17.55 59.59
CA TYR G 45 -11.10 -16.64 59.06
C TYR G 45 -11.29 -16.44 57.58
N ASN G 46 -11.41 -17.53 56.82
CA ASN G 46 -11.60 -17.41 55.41
C ASN G 46 -12.95 -16.84 55.06
N LEU G 47 -13.94 -17.05 55.91
CA LEU G 47 -15.23 -16.45 55.70
C LEU G 47 -15.03 -14.97 55.82
N GLY G 48 -14.26 -14.56 56.83
CA GLY G 48 -13.94 -13.17 57.04
C GLY G 48 -13.17 -12.63 55.86
N ASN G 49 -12.29 -13.43 55.28
CA ASN G 49 -11.51 -12.97 54.15
C ASN G 49 -12.40 -12.77 52.95
N ALA G 50 -13.36 -13.67 52.76
CA ALA G 50 -14.25 -13.51 51.63
C ALA G 50 -15.12 -12.28 51.83
N ALA G 51 -15.56 -12.04 53.07
CA ALA G 51 -16.35 -10.87 53.36
C ALA G 51 -15.52 -9.61 53.18
N TYR G 52 -14.25 -9.70 53.53
CA TYR G 52 -13.36 -8.57 53.41
C TYR G 52 -13.21 -8.28 51.93
N LYS G 53 -13.08 -9.32 51.11
CA LYS G 53 -12.98 -9.16 49.67
C LYS G 53 -14.24 -8.50 49.13
N LYS G 54 -15.40 -8.89 49.65
CA LYS G 54 -16.68 -8.31 49.25
C LYS G 54 -16.74 -6.82 49.56
N GLY G 55 -16.20 -6.42 50.71
CA GLY G 55 -16.17 -5.03 51.13
C GLY G 55 -17.04 -4.75 52.36
N GLU G 56 -17.89 -5.67 52.72
CA GLU G 56 -18.72 -5.48 53.90
C GLU G 56 -17.92 -5.86 55.10
N TYR G 57 -17.06 -4.94 55.47
CA TYR G 57 -16.09 -5.20 56.49
C TYR G 57 -16.72 -5.49 57.82
N ASP G 58 -17.91 -4.98 58.09
CA ASP G 58 -18.47 -5.27 59.38
C ASP G 58 -18.77 -6.78 59.48
N GLU G 59 -19.14 -7.41 58.35
CA GLU G 59 -19.44 -8.83 58.39
C GLU G 59 -18.13 -9.54 58.56
N ALA G 60 -17.10 -8.99 57.91
CA ALA G 60 -15.77 -9.57 58.00
C ALA G 60 -15.32 -9.55 59.44
N ILE G 61 -15.66 -8.48 60.17
CA ILE G 61 -15.26 -8.39 61.56
C ILE G 61 -15.90 -9.46 62.35
N GLU G 62 -17.19 -9.68 62.20
CA GLU G 62 -17.75 -10.71 63.01
C GLU G 62 -17.10 -12.06 62.73
N ALA G 63 -16.87 -12.37 61.45
CA ALA G 63 -16.28 -13.65 61.12
C ALA G 63 -14.84 -13.77 61.63
N TYR G 64 -14.06 -12.70 61.54
CA TYR G 64 -12.71 -12.78 62.01
C TYR G 64 -12.69 -12.87 63.50
N GLN G 65 -13.61 -12.17 64.15
CA GLN G 65 -13.63 -12.23 65.59
C GLN G 65 -13.91 -13.64 66.01
N LYS G 66 -14.83 -14.30 65.34
CA LYS G 66 -15.10 -15.67 65.72
C LYS G 66 -13.87 -16.51 65.52
N ALA G 67 -13.13 -16.27 64.44
CA ALA G 67 -11.94 -17.06 64.25
C ALA G 67 -10.99 -16.90 65.43
N LEU G 68 -10.89 -15.67 65.96
CA LEU G 68 -10.05 -15.41 67.11
C LEU G 68 -10.61 -16.04 68.36
N GLU G 69 -11.92 -16.11 68.47
CA GLU G 69 -12.52 -16.74 69.63
C GLU G 69 -12.12 -18.21 69.64
N LEU G 70 -12.09 -18.82 68.45
CA LEU G 70 -11.67 -20.21 68.34
C LEU G 70 -10.15 -20.30 68.50
N ASP G 71 -9.41 -19.31 67.98
CA ASP G 71 -7.96 -19.29 68.06
C ASP G 71 -7.39 -17.86 68.07
N PRO G 72 -7.05 -17.30 69.24
CA PRO G 72 -6.63 -15.93 69.45
C PRO G 72 -5.23 -15.67 68.93
N ASN G 73 -4.55 -16.70 68.41
CA ASN G 73 -3.20 -16.52 67.93
C ASN G 73 -3.18 -16.24 66.45
N ASN G 74 -4.36 -16.05 65.87
CA ASN G 74 -4.39 -15.77 64.45
C ASN G 74 -4.10 -14.29 64.21
N ALA G 75 -2.80 -14.01 64.06
CA ALA G 75 -2.31 -12.64 63.90
C ALA G 75 -2.89 -12.01 62.68
N GLU G 76 -3.11 -12.79 61.65
CA GLU G 76 -3.65 -12.26 60.44
C GLU G 76 -5.07 -11.79 60.65
N ALA G 77 -5.85 -12.54 61.44
CA ALA G 77 -7.20 -12.10 61.73
C ALA G 77 -7.12 -10.83 62.52
N TRP G 78 -6.17 -10.76 63.45
CA TRP G 78 -6.05 -9.55 64.25
C TRP G 78 -5.77 -8.38 63.32
N TYR G 79 -4.88 -8.59 62.36
CA TYR G 79 -4.51 -7.58 61.41
C TYR G 79 -5.70 -7.13 60.57
N ASN G 80 -6.45 -8.06 60.00
CA ASN G 80 -7.57 -7.65 59.18
C ASN G 80 -8.67 -7.03 59.99
N LEU G 81 -8.81 -7.43 61.24
CA LEU G 81 -9.78 -6.78 62.07
C LEU G 81 -9.34 -5.37 62.26
N GLY G 82 -8.05 -5.16 62.50
CA GLY G 82 -7.59 -3.82 62.67
C GLY G 82 -7.85 -3.03 61.40
N ASN G 83 -7.70 -3.67 60.24
CA ASN G 83 -7.95 -2.99 58.99
C ASN G 83 -9.41 -2.66 58.82
N ALA G 84 -10.27 -3.57 59.25
CA ALA G 84 -11.67 -3.31 59.15
C ALA G 84 -12.08 -2.17 60.07
N TYR G 85 -11.50 -2.12 61.26
CA TYR G 85 -11.86 -1.06 62.18
C TYR G 85 -11.33 0.26 61.66
N TYR G 86 -10.14 0.24 61.08
CA TYR G 86 -9.48 1.39 60.51
C TYR G 86 -10.36 1.96 59.41
N LYS G 87 -10.85 1.09 58.53
CA LYS G 87 -11.69 1.50 57.42
C LYS G 87 -12.95 2.19 57.90
N GLN G 88 -13.47 1.74 59.03
CA GLN G 88 -14.68 2.29 59.60
C GLN G 88 -14.44 3.60 60.38
N GLY G 89 -13.18 4.00 60.51
CA GLY G 89 -12.80 5.20 61.24
C GLY G 89 -12.55 4.93 62.71
N ASP G 90 -12.60 3.66 63.08
CA ASP G 90 -12.40 3.34 64.46
C ASP G 90 -10.94 3.12 64.65
N TYR G 91 -10.24 4.21 64.87
CA TYR G 91 -8.81 4.15 64.93
C TYR G 91 -8.37 3.64 66.27
N ASP G 92 -9.25 3.68 67.25
CA ASP G 92 -8.82 3.25 68.56
C ASP G 92 -8.80 1.74 68.56
N GLU G 93 -9.79 1.12 67.92
CA GLU G 93 -9.77 -0.32 67.85
C GLU G 93 -8.73 -0.72 66.83
N ALA G 94 -8.55 0.06 65.77
CA ALA G 94 -7.56 -0.37 64.80
C ALA G 94 -6.23 -0.52 65.49
N ILE G 95 -5.92 0.39 66.40
CA ILE G 95 -4.70 0.32 67.14
C ILE G 95 -4.62 -0.90 68.01
N GLU G 96 -5.68 -1.20 68.75
CA GLU G 96 -5.62 -2.35 69.61
C GLU G 96 -5.47 -3.64 68.84
N TYR G 97 -6.16 -3.76 67.73
CA TYR G 97 -6.10 -4.98 66.97
C TYR G 97 -4.74 -5.13 66.27
N TYR G 98 -4.16 -4.03 65.80
CA TYR G 98 -2.87 -4.14 65.16
C TYR G 98 -1.81 -4.48 66.20
N LYS G 99 -1.92 -3.91 67.41
CA LYS G 99 -0.94 -4.22 68.41
C LYS G 99 -1.01 -5.69 68.78
N LYS G 100 -2.20 -6.25 68.87
CA LYS G 100 -2.27 -7.65 69.22
C LYS G 100 -1.60 -8.48 68.14
N ALA G 101 -1.81 -8.11 66.86
CA ALA G 101 -1.20 -8.86 65.78
C ALA G 101 0.32 -8.83 65.90
N LEU G 102 0.85 -7.68 66.29
CA LEU G 102 2.28 -7.49 66.44
C LEU G 102 2.84 -8.15 67.66
N ARG G 103 2.06 -8.32 68.70
CA ARG G 103 2.63 -9.03 69.82
C ARG G 103 2.87 -10.46 69.37
N LEU G 104 1.94 -11.00 68.58
CA LEU G 104 2.06 -12.34 68.05
C LEU G 104 3.20 -12.41 67.01
N ASP G 105 3.34 -11.36 66.21
CA ASP G 105 4.40 -11.28 65.22
C ASP G 105 4.92 -9.86 65.00
N PRO G 106 5.96 -9.44 65.73
CA PRO G 106 6.56 -8.12 65.71
C PRO G 106 7.13 -7.75 64.35
N ARG G 107 7.33 -8.72 63.47
CA ARG G 107 7.92 -8.42 62.17
C ARG G 107 6.86 -8.21 61.11
N ASN G 108 5.60 -8.18 61.52
CA ASN G 108 4.59 -7.95 60.52
C ASN G 108 4.64 -6.48 60.17
N VAL G 109 5.37 -6.20 59.12
CA VAL G 109 5.63 -4.84 58.71
C VAL G 109 4.38 -4.15 58.27
N ASP G 110 3.44 -4.89 57.71
CA ASP G 110 2.22 -4.23 57.28
C ASP G 110 1.42 -3.83 58.48
N ALA G 111 1.37 -4.69 59.50
CA ALA G 111 0.63 -4.31 60.69
C ALA G 111 1.28 -3.09 61.30
N ILE G 112 2.60 -2.98 61.21
CA ILE G 112 3.26 -1.80 61.75
C ILE G 112 2.89 -0.59 60.92
N GLU G 113 2.94 -0.69 59.61
CA GLU G 113 2.59 0.48 58.81
C GLU G 113 1.18 0.94 59.08
N ASN G 114 0.28 -0.01 59.24
CA ASN G 114 -1.09 0.37 59.45
C ASN G 114 -1.29 0.89 60.86
N LEU G 115 -0.54 0.36 61.83
CA LEU G 115 -0.62 0.84 63.19
C LEU G 115 -0.11 2.25 63.27
N ILE G 116 0.95 2.55 62.55
CA ILE G 116 1.49 3.89 62.54
C ILE G 116 0.43 4.82 61.99
N GLU G 117 -0.20 4.45 60.90
CA GLU G 117 -1.20 5.34 60.39
C GLU G 117 -2.36 5.46 61.37
N ALA G 118 -2.76 4.36 62.02
CA ALA G 118 -3.88 4.47 62.93
C ALA G 118 -3.59 5.45 64.06
N GLU G 119 -2.35 5.46 64.58
CA GLU G 119 -2.02 6.40 65.63
C GLU G 119 -2.03 7.84 65.12
N GLU G 120 -1.65 8.04 63.86
CA GLU G 120 -1.65 9.38 63.28
C GLU G 120 -3.07 9.85 62.99
N LYS G 121 -3.95 8.92 62.59
CA LYS G 121 -5.32 9.26 62.27
C LYS G 121 -6.14 9.45 63.53
N GLN G 122 -5.81 8.70 64.58
CA GLN G 122 -6.49 8.77 65.85
C GLN G 122 -6.59 10.23 66.29
N GLU H 3 19.85 3.90 33.62
CA GLU H 3 20.86 4.79 34.17
C GLU H 3 20.73 4.85 35.67
N ALA H 4 19.75 4.12 36.17
CA ALA H 4 19.42 4.08 37.59
C ALA H 4 20.60 3.64 38.41
N GLU H 5 21.42 2.75 37.84
CA GLU H 5 22.59 2.27 38.51
C GLU H 5 23.60 3.36 38.77
N LEU H 6 23.61 4.41 37.95
CA LEU H 6 24.59 5.43 38.18
C LEU H 6 24.02 6.34 39.23
N ALA H 7 22.71 6.58 39.14
CA ALA H 7 22.08 7.44 40.11
C ALA H 7 22.24 6.85 41.48
N TYR H 8 22.14 5.53 41.56
CA TYR H 8 22.28 4.83 42.79
C TYR H 8 23.65 5.06 43.37
N LEU H 9 24.69 4.90 42.55
CA LEU H 9 26.03 5.09 43.05
C LEU H 9 26.25 6.51 43.51
N LEU H 10 25.67 7.50 42.81
CA LEU H 10 25.86 8.85 43.27
C LEU H 10 25.25 8.99 44.64
N GLY H 11 24.09 8.37 44.82
CA GLY H 11 23.40 8.40 46.09
C GLY H 11 24.29 7.88 47.19
N GLU H 12 24.90 6.71 46.98
CA GLU H 12 25.76 6.17 48.03
C GLU H 12 26.94 7.07 48.31
N LEU H 13 27.52 7.66 47.27
CA LEU H 13 28.68 8.46 47.51
C LEU H 13 28.29 9.69 48.31
N ALA H 14 27.21 10.35 47.91
CA ALA H 14 26.80 11.55 48.59
C ALA H 14 26.44 11.26 50.02
N TYR H 15 25.80 10.10 50.23
CA TYR H 15 25.40 9.72 51.56
C TYR H 15 26.59 9.60 52.47
N LYS H 16 27.59 8.86 52.02
CA LYS H 16 28.79 8.61 52.82
C LYS H 16 29.52 9.88 53.16
N LEU H 17 29.46 10.83 52.26
CA LEU H 17 30.13 12.10 52.42
C LEU H 17 29.35 13.11 53.26
N GLY H 18 28.14 12.76 53.68
CA GLY H 18 27.31 13.65 54.48
C GLY H 18 26.42 14.59 53.68
N GLU H 19 26.44 14.45 52.37
CA GLU H 19 25.65 15.31 51.52
C GLU H 19 24.32 14.65 51.35
N TYR H 20 23.55 14.73 52.39
CA TYR H 20 22.31 14.01 52.43
C TYR H 20 21.31 14.59 51.48
N ARG H 21 21.35 15.89 51.24
CA ARG H 21 20.37 16.44 50.34
C ARG H 21 20.62 15.92 48.93
N ILE H 22 21.89 15.75 48.58
CA ILE H 22 22.22 15.24 47.27
C ILE H 22 21.85 13.79 47.23
N ALA H 23 22.18 13.07 48.31
CA ALA H 23 21.89 11.66 48.35
C ALA H 23 20.42 11.40 48.20
N ILE H 24 19.59 12.23 48.81
CA ILE H 24 18.17 12.03 48.70
C ILE H 24 17.72 12.21 47.28
N ARG H 25 18.16 13.26 46.62
CA ARG H 25 17.69 13.37 45.27
C ARG H 25 18.20 12.23 44.41
N ALA H 26 19.45 11.84 44.58
CA ALA H 26 20.01 10.77 43.77
C ALA H 26 19.31 9.44 44.02
N TYR H 27 18.95 9.15 45.27
CA TYR H 27 18.29 7.89 45.53
C TYR H 27 16.93 7.92 44.94
N ARG H 28 16.26 9.07 45.01
CA ARG H 28 14.94 9.14 44.45
C ARG H 28 14.99 8.95 42.96
N ILE H 29 16.04 9.45 42.31
CA ILE H 29 16.15 9.23 40.88
C ILE H 29 16.30 7.75 40.60
N ALA H 30 17.19 7.08 41.33
CA ALA H 30 17.40 5.66 41.06
C ALA H 30 16.13 4.85 41.30
N LEU H 31 15.41 5.20 42.36
CA LEU H 31 14.18 4.55 42.74
C LEU H 31 13.04 4.81 41.82
N LYS H 32 12.97 6.02 41.27
CA LYS H 32 11.93 6.31 40.32
C LYS H 32 12.06 5.36 39.16
N ARG H 33 13.31 5.13 38.72
CA ARG H 33 13.57 4.21 37.64
C ARG H 33 13.42 2.75 38.11
N ASP H 34 13.81 2.45 39.36
CA ASP H 34 13.70 1.09 39.90
C ASP H 34 13.22 1.06 41.36
N PRO H 35 11.90 1.00 41.58
CA PRO H 35 11.21 1.00 42.85
C PRO H 35 11.49 -0.19 43.74
N ASN H 36 12.13 -1.24 43.23
CA ASN H 36 12.35 -2.41 44.07
C ASN H 36 13.70 -2.43 44.75
N ASN H 37 14.44 -1.34 44.66
CA ASN H 37 15.74 -1.34 45.30
C ASN H 37 15.59 -1.06 46.79
N ALA H 38 15.46 -2.14 47.55
CA ALA H 38 15.22 -2.05 49.00
C ALA H 38 16.33 -1.34 49.71
N GLU H 39 17.55 -1.55 49.25
CA GLU H 39 18.69 -0.93 49.89
C GLU H 39 18.66 0.56 49.68
N ALA H 40 18.31 0.98 48.47
CA ALA H 40 18.19 2.39 48.22
C ALA H 40 17.08 2.98 49.06
N TRP H 41 15.97 2.25 49.24
CA TRP H 41 14.89 2.79 50.07
C TRP H 41 15.37 2.97 51.48
N TYR H 42 16.12 1.99 51.97
CA TYR H 42 16.68 2.05 53.30
C TYR H 42 17.59 3.24 53.46
N ASN H 43 18.49 3.42 52.52
CA ASN H 43 19.43 4.52 52.60
C ASN H 43 18.74 5.84 52.40
N LEU H 44 17.65 5.86 51.65
CA LEU H 44 16.89 7.08 51.48
C LEU H 44 16.33 7.44 52.82
N GLY H 45 15.78 6.43 53.51
CA GLY H 45 15.21 6.64 54.83
C GLY H 45 16.29 7.14 55.78
N ASN H 46 17.50 6.61 55.64
CA ASN H 46 18.56 7.05 56.51
C ASN H 46 18.91 8.49 56.23
N ALA H 47 18.92 8.89 54.97
CA ALA H 47 19.23 10.28 54.68
C ALA H 47 18.17 11.20 55.26
N TYR H 48 16.91 10.79 55.19
CA TYR H 48 15.88 11.65 55.76
C TYR H 48 16.02 11.73 57.25
N TYR H 49 16.37 10.60 57.87
CA TYR H 49 16.59 10.49 59.30
C TYR H 49 17.65 11.50 59.71
N LYS H 50 18.76 11.53 58.96
CA LYS H 50 19.88 12.41 59.23
C LYS H 50 19.47 13.87 59.14
N GLN H 51 18.50 14.18 58.29
CA GLN H 51 18.01 15.54 58.12
C GLN H 51 16.90 15.89 59.11
N GLY H 52 16.53 14.95 59.97
CA GLY H 52 15.49 15.16 60.98
C GLY H 52 14.08 14.82 60.52
N ASP H 53 13.91 14.34 59.30
CA ASP H 53 12.56 14.07 58.90
C ASP H 53 12.28 12.65 59.22
N TYR H 54 11.73 12.45 60.39
CA TYR H 54 11.57 11.11 60.85
C TYR H 54 10.30 10.51 60.33
N ARG H 55 9.45 11.31 59.69
CA ARG H 55 8.24 10.70 59.18
C ARG H 55 8.61 10.06 57.88
N GLU H 56 9.41 10.77 57.11
CA GLU H 56 9.81 10.21 55.84
C GLU H 56 10.71 9.03 56.08
N ALA H 57 11.58 9.12 57.09
CA ALA H 57 12.44 7.99 57.37
C ALA H 57 11.61 6.76 57.66
N ILE H 58 10.52 6.91 58.42
CA ILE H 58 9.64 5.79 58.70
C ILE H 58 9.02 5.26 57.45
N ARG H 59 8.52 6.13 56.59
CA ARG H 59 7.86 5.66 55.40
C ARG H 59 8.79 4.84 54.54
N TYR H 60 10.04 5.26 54.44
CA TYR H 60 10.94 4.55 53.61
C TYR H 60 11.48 3.30 54.27
N TYR H 61 11.63 3.30 55.59
CA TYR H 61 12.12 2.09 56.22
C TYR H 61 11.06 1.02 56.06
N LEU H 62 9.79 1.41 56.19
CA LEU H 62 8.75 0.42 56.05
C LEU H 62 8.73 -0.13 54.65
N ARG H 63 8.92 0.75 53.67
CA ARG H 63 8.92 0.26 52.31
C ARG H 63 10.09 -0.67 52.08
N ALA H 64 11.26 -0.31 52.61
CA ALA H 64 12.42 -1.15 52.42
C ALA H 64 12.20 -2.52 53.04
N LEU H 65 11.54 -2.55 54.20
CA LEU H 65 11.21 -3.75 54.91
C LEU H 65 10.16 -4.57 54.20
N LYS H 66 9.25 -3.92 53.52
CA LYS H 66 8.27 -4.71 52.80
C LYS H 66 9.00 -5.47 51.72
N LEU H 67 9.96 -4.81 51.06
CA LEU H 67 10.77 -5.45 50.05
C LEU H 67 11.72 -6.47 50.67
N ASP H 68 12.25 -6.16 51.86
CA ASP H 68 13.16 -7.06 52.56
C ASP H 68 12.96 -7.05 54.09
N PRO H 69 12.09 -7.90 54.62
CA PRO H 69 11.73 -8.06 56.01
C PRO H 69 12.90 -8.50 56.90
N GLU H 70 14.00 -8.94 56.29
CA GLU H 70 15.15 -9.42 57.05
C GLU H 70 16.10 -8.30 57.41
N ASN H 71 15.86 -7.09 56.94
CA ASN H 71 16.87 -6.10 57.22
C ASN H 71 16.70 -5.57 58.63
N ALA H 72 17.44 -6.18 59.54
CA ALA H 72 17.40 -5.85 60.95
C ALA H 72 17.76 -4.41 61.16
N GLU H 73 18.61 -3.86 60.30
CA GLU H 73 19.03 -2.50 60.48
C GLU H 73 17.90 -1.57 60.12
N ALA H 74 17.06 -1.96 59.18
CA ALA H 74 15.94 -1.12 58.81
C ALA H 74 14.95 -1.19 59.92
N TRP H 75 14.82 -2.37 60.54
CA TRP H 75 13.89 -2.52 61.64
C TRP H 75 14.35 -1.65 62.78
N TYR H 76 15.65 -1.66 63.04
CA TYR H 76 16.21 -0.89 64.10
C TYR H 76 16.05 0.59 63.82
N ASN H 77 16.39 1.02 62.60
CA ASN H 77 16.30 2.43 62.27
C ASN H 77 14.85 2.87 62.23
N LEU H 78 13.94 1.96 61.91
CA LEU H 78 12.54 2.25 61.95
C LEU H 78 12.20 2.56 63.38
N GLY H 79 12.68 1.72 64.29
CA GLY H 79 12.44 1.95 65.69
C GLY H 79 13.01 3.28 66.12
N ASN H 80 14.16 3.66 65.60
CA ASN H 80 14.73 4.92 66.00
C ASN H 80 13.89 6.08 65.52
N ALA H 81 13.42 6.03 64.28
CA ALA H 81 12.62 7.13 63.76
C ALA H 81 11.30 7.23 64.53
N LEU H 82 10.74 6.08 64.88
CA LEU H 82 9.51 6.07 65.63
C LEU H 82 9.74 6.66 67.00
N TYR H 83 10.87 6.32 67.60
CA TYR H 83 11.21 6.82 68.91
C TYR H 83 11.27 8.34 68.86
N LYS H 84 11.91 8.86 67.82
CA LYS H 84 12.06 10.30 67.67
C LYS H 84 10.72 11.00 67.58
N GLN H 85 9.74 10.34 66.99
CA GLN H 85 8.40 10.89 66.83
C GLN H 85 7.50 10.67 68.06
N GLY H 86 8.03 10.00 69.10
CA GLY H 86 7.28 9.72 70.32
C GLY H 86 6.46 8.44 70.22
N LYS H 87 6.62 7.73 69.12
CA LYS H 87 5.84 6.54 68.89
C LYS H 87 6.55 5.37 69.53
N TYR H 88 6.45 5.33 70.85
CA TYR H 88 7.21 4.41 71.65
C TYR H 88 6.73 2.99 71.59
N ASP H 89 5.44 2.72 71.50
CA ASP H 89 5.08 1.30 71.49
C ASP H 89 5.59 0.72 70.21
N LEU H 90 5.44 1.50 69.15
CA LEU H 90 5.88 1.14 67.84
C LEU H 90 7.39 1.04 67.77
N ALA H 91 8.10 1.96 68.42
CA ALA H 91 9.53 1.87 68.37
C ALA H 91 10.00 0.59 69.00
N ILE H 92 9.35 0.20 70.09
CA ILE H 92 9.68 -1.01 70.81
C ILE H 92 9.42 -2.22 69.96
N ILE H 93 8.29 -2.24 69.27
CA ILE H 93 7.97 -3.36 68.42
C ILE H 93 9.00 -3.46 67.32
N ALA H 94 9.33 -2.34 66.67
CA ALA H 94 10.32 -2.37 65.60
C ALA H 94 11.68 -2.81 66.13
N TYR H 95 12.02 -2.40 67.35
CA TYR H 95 13.29 -2.80 67.90
C TYR H 95 13.26 -4.30 68.12
N GLN H 96 12.14 -4.81 68.61
CA GLN H 96 12.09 -6.24 68.81
C GLN H 96 12.13 -6.94 67.48
N ALA H 97 11.49 -6.37 66.47
CA ALA H 97 11.46 -6.98 65.15
C ALA H 97 12.88 -7.13 64.62
N ALA H 98 13.74 -6.16 64.92
CA ALA H 98 15.14 -6.22 64.52
C ALA H 98 15.85 -7.38 65.19
N LEU H 99 15.48 -7.67 66.44
CA LEU H 99 16.10 -8.74 67.20
C LEU H 99 15.58 -10.08 66.73
N GLU H 100 14.32 -10.11 66.34
CA GLU H 100 13.69 -11.32 65.86
C GLU H 100 14.32 -11.73 64.53
N GLY I 1 -3.80 73.19 11.04
CA GLY I 1 -4.50 74.29 11.71
C GLY I 1 -5.23 73.76 12.94
N SER I 2 -5.29 72.45 13.03
CA SER I 2 -5.92 71.77 14.16
C SER I 2 -5.18 70.50 14.46
N MET I 3 -5.76 69.34 14.13
CA MET I 3 -5.08 68.07 14.33
C MET I 3 -4.43 67.99 15.73
N GLY I 4 -5.23 68.25 16.76
CA GLY I 4 -4.72 68.32 18.14
C GLY I 4 -4.03 67.06 18.61
N ASN I 5 -4.46 65.92 18.12
CA ASN I 5 -3.90 64.64 18.50
C ASN I 5 -3.03 64.05 17.40
N LEU I 6 -2.52 64.89 16.50
CA LEU I 6 -1.72 64.37 15.40
C LEU I 6 -0.55 63.56 15.84
N ALA I 7 0.23 64.10 16.77
CA ALA I 7 1.41 63.40 17.20
C ALA I 7 1.05 62.10 17.84
N GLU I 8 -0.06 62.08 18.56
CA GLU I 8 -0.45 60.87 19.26
C GLU I 8 -0.84 59.79 18.27
N LYS I 9 -1.57 60.17 17.23
CA LYS I 9 -1.99 59.19 16.26
C LYS I 9 -0.82 58.61 15.52
N MET I 10 0.13 59.47 15.15
CA MET I 10 1.29 59.02 14.44
C MET I 10 2.17 58.16 15.33
N TYR I 11 2.31 58.56 16.60
CA TYR I 11 3.11 57.84 17.56
C TYR I 11 2.57 56.44 17.76
N LYS I 12 1.26 56.34 17.98
CA LYS I 12 0.66 55.05 18.21
C LYS I 12 0.81 54.17 17.00
N ALA I 13 0.65 54.74 15.79
CA ALA I 13 0.83 53.93 14.60
C ALA I 13 2.25 53.45 14.53
N GLY I 14 3.19 54.32 14.91
CA GLY I 14 4.59 53.98 14.89
C GLY I 14 4.85 52.83 15.82
N ASN I 15 4.21 52.83 16.98
CA ASN I 15 4.43 51.76 17.92
C ASN I 15 3.89 50.46 17.37
N ALA I 16 2.75 50.50 16.70
CA ALA I 16 2.20 49.28 16.16
C ALA I 16 3.11 48.69 15.11
N MET I 17 3.66 49.56 14.29
CA MET I 17 4.52 49.12 13.23
C MET I 17 5.84 48.64 13.77
N TYR I 18 6.32 49.25 14.84
CA TYR I 18 7.54 48.77 15.41
C TYR I 18 7.31 47.37 15.94
N ARG I 19 6.21 47.17 16.66
CA ARG I 19 5.90 45.87 17.24
C ARG I 19 5.79 44.79 16.18
N LYS I 20 5.26 45.16 15.02
CA LYS I 20 5.08 44.21 13.93
C LYS I 20 6.32 44.06 13.04
N GLY I 21 7.41 44.78 13.38
CA GLY I 21 8.67 44.72 12.65
C GLY I 21 8.67 45.58 11.41
N GLN I 22 7.65 46.39 11.26
CA GLN I 22 7.54 47.22 10.09
C GLN I 22 8.25 48.49 10.39
N TYR I 23 9.57 48.40 10.45
CA TYR I 23 10.33 49.53 10.87
C TYR I 23 10.31 50.65 9.86
N THR I 24 10.10 50.39 8.58
CA THR I 24 10.14 51.54 7.68
C THR I 24 8.92 52.40 7.88
N ILE I 25 7.81 51.75 8.13
CA ILE I 25 6.58 52.46 8.32
C ILE I 25 6.69 53.15 9.65
N ALA I 26 7.20 52.43 10.65
CA ALA I 26 7.32 53.00 11.97
C ALA I 26 8.19 54.24 11.96
N ILE I 27 9.26 54.24 11.17
CA ILE I 27 10.11 55.41 11.08
C ILE I 27 9.32 56.54 10.51
N ILE I 28 8.56 56.29 9.47
CA ILE I 28 7.79 57.37 8.91
C ILE I 28 6.83 57.91 9.93
N ALA I 29 6.11 57.02 10.60
CA ALA I 29 5.14 57.46 11.56
C ALA I 29 5.75 58.22 12.73
N TYR I 30 6.90 57.76 13.23
CA TYR I 30 7.49 58.45 14.36
C TYR I 30 8.03 59.78 13.90
N THR I 31 8.56 59.80 12.69
CA THR I 31 9.14 61.01 12.19
C THR I 31 8.05 62.03 12.09
N LEU I 32 6.90 61.65 11.58
CA LEU I 32 5.81 62.57 11.44
C LEU I 32 5.30 63.05 12.79
N ALA I 33 5.25 62.15 13.78
CA ALA I 33 4.78 62.56 15.09
C ALA I 33 5.66 63.64 15.65
N LEU I 34 6.96 63.47 15.43
CA LEU I 34 7.94 64.43 15.86
C LEU I 34 8.05 65.62 14.94
N LEU I 35 7.80 65.45 13.67
CA LEU I 35 8.00 66.54 12.74
C LEU I 35 7.17 67.74 13.13
N LYS I 36 5.94 67.52 13.56
CA LYS I 36 5.11 68.65 13.96
C LYS I 36 5.23 68.99 15.46
N ASP I 37 6.00 68.21 16.20
CA ASP I 37 6.20 68.38 17.63
C ASP I 37 7.42 67.57 18.09
N PRO I 38 8.65 67.99 17.82
CA PRO I 38 9.87 67.22 18.05
C PRO I 38 10.34 67.24 19.50
N ASN I 39 9.42 67.01 20.43
CA ASN I 39 9.75 67.12 21.84
C ASN I 39 9.44 65.89 22.66
N ASN I 40 9.18 64.77 22.02
CA ASN I 40 8.86 63.59 22.79
C ASN I 40 10.04 62.66 22.84
N ALA I 41 10.68 62.58 23.99
CA ALA I 41 11.86 61.73 24.11
C ALA I 41 11.50 60.30 23.75
N GLU I 42 10.28 59.88 24.07
CA GLU I 42 9.86 58.52 23.79
C GLU I 42 9.83 58.26 22.32
N ALA I 43 9.43 59.25 21.54
CA ALA I 43 9.33 59.07 20.12
C ALA I 43 10.71 59.15 19.55
N TRP I 44 11.56 59.99 20.12
CA TRP I 44 12.91 60.06 19.61
C TRP I 44 13.58 58.73 19.84
N TYR I 45 13.34 58.18 21.01
CA TYR I 45 13.83 56.90 21.42
C TYR I 45 13.31 55.81 20.53
N ASN I 46 12.01 55.77 20.30
CA ASN I 46 11.45 54.75 19.45
C ASN I 46 11.83 54.94 18.01
N LEU I 47 12.10 56.17 17.60
CA LEU I 47 12.57 56.41 16.27
C LEU I 47 13.92 55.76 16.17
N GLY I 48 14.73 55.95 17.22
CA GLY I 48 16.04 55.35 17.29
C GLY I 48 15.93 53.86 17.29
N ASN I 49 14.91 53.32 17.96
CA ASN I 49 14.74 51.89 18.00
C ASN I 49 14.38 51.34 16.64
N ALA I 50 13.54 52.07 15.91
CA ALA I 50 13.19 51.62 14.59
C ALA I 50 14.40 51.68 13.67
N ALA I 51 15.21 52.73 13.82
CA ALA I 51 16.41 52.86 13.02
C ALA I 51 17.40 51.77 13.38
N TYR I 52 17.43 51.42 14.65
CA TYR I 52 18.33 50.40 15.13
C TYR I 52 17.88 49.08 14.50
N LYS I 53 16.57 48.85 14.46
CA LYS I 53 16.03 47.65 13.85
C LYS I 53 16.40 47.61 12.37
N LYS I 54 16.35 48.76 11.69
CA LYS I 54 16.71 48.86 10.29
C LYS I 54 18.17 48.48 10.06
N GLY I 55 19.04 48.90 10.97
CA GLY I 55 20.47 48.61 10.89
C GLY I 55 21.34 49.84 10.66
N GLU I 56 20.73 50.96 10.29
CA GLU I 56 21.49 52.17 10.08
C GLU I 56 21.70 52.81 11.41
N TYR I 57 22.65 52.27 12.12
CA TYR I 57 22.87 52.64 13.49
C TYR I 57 23.27 54.09 13.62
N ASP I 58 23.89 54.66 12.62
CA ASP I 58 24.27 56.05 12.80
C ASP I 58 23.00 56.93 12.91
N GLU I 59 21.93 56.54 12.21
CA GLU I 59 20.71 57.32 12.27
C GLU I 59 20.11 57.08 13.63
N ALA I 60 20.25 55.84 14.09
CA ALA I 60 19.73 55.49 15.39
C ALA I 60 20.41 56.32 16.45
N ILE I 61 21.71 56.57 16.26
CA ILE I 61 22.44 57.37 17.23
C ILE I 61 21.90 58.74 17.29
N GLU I 62 21.69 59.38 16.15
CA GLU I 62 21.18 60.73 16.26
C GLU I 62 19.84 60.75 16.99
N ALA I 63 18.95 59.81 16.65
CA ALA I 63 17.64 59.80 17.28
C ALA I 63 17.72 59.50 18.78
N TYR I 64 18.60 58.59 19.18
CA TYR I 64 18.69 58.27 20.58
C TYR I 64 19.33 59.43 21.30
N GLN I 65 20.29 60.09 20.67
CA GLN I 65 20.91 61.20 21.33
C GLN I 65 19.90 62.26 21.59
N LYS I 66 19.02 62.51 20.62
CA LYS I 66 18.01 63.51 20.86
C LYS I 66 17.13 63.09 22.00
N ALA I 67 16.80 61.80 22.09
CA ALA I 67 15.96 61.38 23.19
C ALA I 67 16.63 61.71 24.52
N LEU I 68 17.96 61.54 24.59
CA LEU I 68 18.70 61.86 25.79
C LEU I 68 18.77 63.35 26.03
N GLU I 69 18.80 64.13 24.96
CA GLU I 69 18.84 65.57 25.12
C GLU I 69 17.53 66.00 25.77
N LEU I 70 16.43 65.35 25.39
CA LEU I 70 15.14 65.65 26.00
C LEU I 70 15.07 65.03 27.40
N ASP I 71 15.67 63.86 27.58
CA ASP I 71 15.67 63.16 28.86
C ASP I 71 16.91 62.27 29.05
N PRO I 72 17.95 62.73 29.76
CA PRO I 72 19.24 62.09 29.94
C PRO I 72 19.16 60.87 30.84
N ASN I 73 17.99 60.58 31.40
CA ASN I 73 17.87 59.47 32.30
C ASN I 73 17.41 58.22 31.56
N ASN I 74 17.34 58.31 30.25
CA ASN I 74 16.91 57.14 29.50
C ASN I 74 18.09 56.19 29.33
N ALA I 75 18.21 55.29 30.31
CA ALA I 75 19.32 54.35 30.36
C ALA I 75 19.33 53.46 29.16
N GLU I 76 18.16 53.13 28.67
CA GLU I 76 18.07 52.27 27.51
C GLU I 76 18.64 52.96 26.30
N ALA I 77 18.39 54.26 26.16
CA ALA I 77 18.95 54.98 25.04
C ALA I 77 20.44 54.99 25.20
N TRP I 78 20.91 55.16 26.43
CA TRP I 78 22.35 55.19 26.65
C TRP I 78 22.92 53.86 26.21
N TYR I 79 22.25 52.77 26.58
CA TYR I 79 22.67 51.44 26.22
C TYR I 79 22.71 51.23 24.72
N ASN I 80 21.65 51.58 24.01
CA ASN I 80 21.67 51.36 22.59
C ASN I 80 22.63 52.27 21.89
N LEU I 81 22.89 53.44 22.43
CA LEU I 81 23.89 54.27 21.85
C LEU I 81 25.20 53.60 22.01
N GLY I 82 25.45 53.04 23.18
CA GLY I 82 26.70 52.35 23.37
C GLY I 82 26.80 51.20 22.38
N ASN I 83 25.68 50.52 22.12
CA ASN I 83 25.69 49.43 21.18
C ASN I 83 25.95 49.91 19.77
N ALA I 84 25.40 51.05 19.42
CA ALA I 84 25.63 51.58 18.11
C ALA I 84 27.08 51.97 17.95
N TYR I 85 27.67 52.56 18.99
CA TYR I 85 29.05 52.97 18.88
C TYR I 85 29.95 51.76 18.81
N TYR I 86 29.60 50.73 19.58
CA TYR I 86 30.32 49.47 19.63
C TYR I 86 30.33 48.86 18.24
N LYS I 87 29.16 48.82 17.59
CA LYS I 87 29.03 48.24 16.27
C LYS I 87 29.92 48.95 15.27
N GLN I 88 30.07 50.25 15.43
CA GLN I 88 30.87 51.07 14.55
C GLN I 88 32.38 50.95 14.83
N GLY I 89 32.76 50.24 15.90
CA GLY I 89 34.15 50.09 16.29
C GLY I 89 34.59 51.17 17.25
N ASP I 90 33.66 52.02 17.66
CA ASP I 90 34.02 53.09 18.54
C ASP I 90 33.86 52.58 19.94
N TYR I 91 34.90 51.92 20.40
CA TYR I 91 34.83 51.26 21.67
C TYR I 91 34.99 52.25 22.78
N ASP I 92 35.53 53.42 22.46
CA ASP I 92 35.75 54.36 23.53
C ASP I 92 34.43 55.00 23.87
N GLU I 93 33.61 55.28 22.85
CA GLU I 93 32.32 55.84 23.16
C GLU I 93 31.43 54.73 23.66
N ALA I 94 31.61 53.50 23.15
CA ALA I 94 30.74 52.46 23.63
C ALA I 94 30.88 52.35 25.14
N ILE I 95 32.11 52.49 25.63
CA ILE I 95 32.35 52.46 27.05
C ILE I 95 31.68 53.59 27.77
N GLU I 96 31.81 54.80 27.27
CA GLU I 96 31.21 55.91 27.98
C GLU I 96 29.70 55.80 28.02
N TYR I 97 29.09 55.38 26.93
CA TYR I 97 27.66 55.29 26.89
C TYR I 97 27.14 54.15 27.77
N TYR I 98 27.86 53.02 27.81
CA TYR I 98 27.41 51.94 28.65
C TYR I 98 27.57 52.33 30.11
N LYS I 99 28.65 53.04 30.45
CA LYS I 99 28.82 53.43 31.84
C LYS I 99 27.70 54.36 32.27
N LYS I 100 27.30 55.28 31.40
CA LYS I 100 26.23 56.17 31.80
C LYS I 100 24.96 55.37 32.05
N ALA I 101 24.70 54.37 31.21
CA ALA I 101 23.50 53.57 31.39
C ALA I 101 23.52 52.86 32.74
N LEU I 102 24.70 52.40 33.13
CA LEU I 102 24.88 51.71 34.38
C LEU I 102 24.86 52.61 35.57
N ARG I 103 25.23 53.86 35.42
CA ARG I 103 25.12 54.72 36.58
C ARG I 103 23.64 54.87 36.89
N LEU I 104 22.83 54.98 35.83
CA LEU I 104 21.40 55.08 35.99
C LEU I 104 20.80 53.77 36.50
N ASP I 105 21.34 52.64 36.02
CA ASP I 105 20.88 51.32 36.46
C ASP I 105 22.01 50.30 36.49
N PRO I 106 22.69 50.14 37.64
CA PRO I 106 23.82 49.25 37.87
C PRO I 106 23.49 47.79 37.64
N ARG I 107 22.20 47.43 37.62
CA ARG I 107 21.83 46.05 37.45
C ARG I 107 21.55 45.70 36.01
N ASN I 108 21.81 46.62 35.10
CA ASN I 108 21.58 46.29 33.72
C ASN I 108 22.70 45.39 33.28
N VAL I 109 22.42 44.11 33.38
CA VAL I 109 23.41 43.10 33.12
C VAL I 109 23.86 43.11 31.69
N ASP I 110 22.99 43.48 30.78
CA ASP I 110 23.40 43.49 29.40
C ASP I 110 24.35 44.64 29.18
N ALA I 111 24.08 45.78 29.78
CA ALA I 111 25.01 46.89 29.63
C ALA I 111 26.35 46.50 30.20
N ILE I 112 26.36 45.71 31.27
CA ILE I 112 27.62 45.27 31.83
C ILE I 112 28.30 44.33 30.88
N GLU I 113 27.59 43.36 30.33
CA GLU I 113 28.25 42.45 29.41
C GLU I 113 28.84 43.17 28.24
N ASN I 114 28.11 44.16 27.73
CA ASN I 114 28.59 44.84 26.56
C ASN I 114 29.73 45.79 26.94
N LEU I 115 29.70 46.35 28.14
CA LEU I 115 30.77 47.20 28.61
C LEU I 115 32.03 46.40 28.78
N ILE I 116 31.91 45.19 29.28
CA ILE I 116 33.06 44.34 29.46
C ILE I 116 33.66 44.07 28.11
N GLU I 117 32.83 43.74 27.13
CA GLU I 117 33.42 43.49 25.85
C GLU I 117 34.03 44.76 25.28
N ALA I 118 33.40 45.92 25.47
CA ALA I 118 33.97 47.13 24.90
C ALA I 118 35.35 47.40 25.47
N GLU I 119 35.55 47.15 26.77
CA GLU I 119 36.88 47.37 27.35
C GLU I 119 37.89 46.38 26.80
N GLU I 120 37.46 45.16 26.50
CA GLU I 120 38.36 44.16 25.94
C GLU I 120 38.68 44.46 24.48
N LYS I 121 37.72 45.00 23.75
CA LYS I 121 37.91 45.32 22.34
C LYS I 121 38.72 46.60 22.18
N GLN I 122 38.53 47.54 23.11
CA GLN I 122 39.24 48.80 23.10
C GLN I 122 40.71 48.55 22.90
N GLU J 3 18.63 13.37 31.84
CA GLU J 3 19.63 12.88 32.76
C GLU J 3 20.42 14.05 33.34
N ALA J 4 20.04 15.23 32.89
CA ALA J 4 20.69 16.47 33.27
C ALA J 4 20.65 16.67 34.76
N GLU J 5 19.56 16.21 35.39
CA GLU J 5 19.41 16.33 36.81
C GLU J 5 20.46 15.54 37.56
N LEU J 6 20.99 14.47 36.97
CA LEU J 6 21.97 13.71 37.70
C LEU J 6 23.28 14.39 37.50
N ALA J 7 23.50 14.90 36.28
CA ALA J 7 24.75 15.57 36.01
C ALA J 7 24.87 16.78 36.91
N TYR J 8 23.74 17.44 37.13
CA TYR J 8 23.71 18.58 37.98
C TYR J 8 24.14 18.23 39.38
N LEU J 9 23.57 17.15 39.93
CA LEU J 9 23.92 16.76 41.27
C LEU J 9 25.38 16.39 41.37
N LEU J 10 25.94 15.74 40.34
CA LEU J 10 27.34 15.41 40.43
C LEU J 10 28.14 16.68 40.50
N GLY J 11 27.73 17.68 39.73
CA GLY J 11 28.37 18.96 39.71
C GLY J 11 28.40 19.56 41.10
N GLU J 12 27.26 19.58 41.78
CA GLU J 12 27.26 20.15 43.11
C GLU J 12 28.13 19.39 44.06
N LEU J 13 28.12 18.07 43.95
CA LEU J 13 28.90 17.31 44.90
C LEU J 13 30.38 17.57 44.67
N ALA J 14 30.81 17.55 43.42
CA ALA J 14 32.21 17.75 43.11
C ALA J 14 32.64 19.14 43.53
N TYR J 15 31.75 20.11 43.34
CA TYR J 15 32.05 21.47 43.69
C TYR J 15 32.33 21.60 45.16
N LYS J 16 31.44 21.06 45.97
CA LYS J 16 31.56 21.16 47.41
C LYS J 16 32.81 20.50 47.93
N LEU J 17 33.22 19.44 47.27
CA LEU J 17 34.38 18.69 47.63
C LEU J 17 35.70 19.28 47.15
N GLY J 18 35.64 20.36 46.37
CA GLY J 18 36.83 21.01 45.85
C GLY J 18 37.31 20.46 44.51
N GLU J 19 36.56 19.53 43.94
CA GLU J 19 36.94 18.93 42.69
C GLU J 19 36.33 19.76 41.61
N TYR J 20 36.93 20.90 41.41
CA TYR J 20 36.35 21.87 40.52
C TYR J 20 36.46 21.42 39.09
N ARG J 21 37.48 20.66 38.75
CA ARG J 21 37.56 20.25 37.36
C ARG J 21 36.43 19.30 37.02
N ILE J 22 36.07 18.46 37.99
CA ILE J 22 35.00 17.53 37.78
C ILE J 22 33.72 18.31 37.75
N ALA J 23 33.58 19.24 38.69
CA ALA J 23 32.37 20.03 38.77
C ALA J 23 32.13 20.78 37.49
N ILE J 24 33.18 21.31 36.88
CA ILE J 24 33.00 22.02 35.64
C ILE J 24 32.50 21.12 34.57
N ARG J 25 33.09 19.95 34.42
CA ARG J 25 32.57 19.14 33.35
C ARG J 25 31.14 18.72 33.64
N ALA J 26 30.83 18.39 34.89
CA ALA J 26 29.49 17.95 35.22
C ALA J 26 28.46 19.05 35.01
N TYR J 27 28.82 20.30 35.35
CA TYR J 27 27.85 21.36 35.16
C TYR J 27 27.66 21.60 33.71
N ARG J 28 28.72 21.51 32.93
CA ARG J 28 28.58 21.73 31.51
C ARG J 28 27.69 20.67 30.91
N ILE J 29 27.77 19.44 31.41
CA ILE J 29 26.90 18.40 30.88
C ILE J 29 25.46 18.75 31.19
N ALA J 30 25.18 19.12 32.44
CA ALA J 30 23.81 19.43 32.80
C ALA J 30 23.26 20.60 32.00
N LEU J 31 24.09 21.60 31.80
CA LEU J 31 23.74 22.80 31.06
C LEU J 31 23.59 22.57 29.58
N LYS J 32 24.38 21.68 29.02
CA LYS J 32 24.24 21.38 27.62
C LYS J 32 22.83 20.85 27.39
N ARG J 33 22.39 19.98 28.31
CA ARG J 33 21.05 19.45 28.23
C ARG J 33 19.99 20.49 28.63
N ASP J 34 20.31 21.35 29.61
CA ASP J 34 19.38 22.39 30.06
C ASP J 34 20.05 23.74 30.33
N PRO J 35 20.16 24.60 29.32
CA PRO J 35 20.80 25.90 29.30
C PRO J 35 20.16 26.94 30.22
N ASN J 36 18.97 26.67 30.76
CA ASN J 36 18.33 27.69 31.58
C ASN J 36 18.59 27.52 33.07
N ASN J 37 19.47 26.61 33.42
CA ASN J 37 19.72 26.43 34.83
C ASN J 37 20.69 27.50 35.35
N ALA J 38 20.11 28.59 35.82
CA ALA J 38 20.88 29.75 36.27
C ALA J 38 21.80 29.42 37.40
N GLU J 39 21.35 28.54 38.28
CA GLU J 39 22.16 28.18 39.42
C GLU J 39 23.37 27.40 38.98
N ALA J 40 23.18 26.50 38.02
CA ALA J 40 24.31 25.77 37.51
C ALA J 40 25.27 26.72 36.82
N TRP J 41 24.75 27.73 36.10
CA TRP J 41 25.66 28.66 35.44
C TRP J 41 26.47 29.40 36.47
N TYR J 42 25.82 29.80 37.55
CA TYR J 42 26.47 30.49 38.63
C TYR J 42 27.57 29.64 39.23
N ASN J 43 27.25 28.39 39.54
CA ASN J 43 28.20 27.50 40.14
C ASN J 43 29.31 27.15 39.18
N LEU J 44 29.00 27.13 37.88
CA LEU J 44 30.01 26.87 36.90
C LEU J 44 30.99 28.01 36.96
N GLY J 45 30.46 29.23 37.03
CA GLY J 45 31.30 30.40 37.10
C GLY J 45 32.13 30.36 38.36
N ASN J 46 31.56 29.87 39.46
CA ASN J 46 32.33 29.79 40.67
C ASN J 46 33.45 28.79 40.53
N ALA J 47 33.20 27.67 39.87
CA ALA J 47 34.26 26.71 39.71
C ALA J 47 35.40 27.29 38.86
N TYR J 48 35.05 28.05 37.84
CA TYR J 48 36.11 28.63 37.04
C TYR J 48 36.88 29.65 37.84
N TYR J 49 36.17 30.41 38.67
CA TYR J 49 36.75 31.41 39.53
C TYR J 49 37.79 30.74 40.42
N LYS J 50 37.41 29.61 41.02
CA LYS J 50 38.28 28.87 41.92
C LYS J 50 39.54 28.39 41.22
N GLN J 51 39.44 28.11 39.92
CA GLN J 51 40.57 27.66 39.13
C GLN J 51 41.39 28.81 38.56
N GLY J 52 41.00 30.05 38.84
CA GLY J 52 41.70 31.23 38.37
C GLY J 52 41.24 31.76 37.02
N ASP J 53 40.24 31.13 36.42
CA ASP J 53 39.86 31.64 35.12
C ASP J 53 38.77 32.64 35.34
N TYR J 54 39.18 33.87 35.44
CA TYR J 54 38.23 34.87 35.80
C TYR J 54 37.50 35.39 34.60
N ARG J 55 37.93 35.00 33.40
CA ARG J 55 37.20 35.50 32.26
C ARG J 55 36.00 34.61 32.11
N GLU J 56 36.22 33.31 32.29
CA GLU J 56 35.12 32.39 32.17
C GLU J 56 34.16 32.63 33.30
N ALA J 57 34.69 32.90 34.51
CA ALA J 57 33.80 33.15 35.61
C ALA J 57 32.88 34.33 35.29
N ILE J 58 33.42 35.37 34.67
CA ILE J 58 32.60 36.51 34.28
C ILE J 58 31.55 36.12 33.29
N ARG J 59 31.94 35.36 32.27
CA ARG J 59 30.98 35.01 31.26
C ARG J 59 29.82 34.24 31.84
N TYR J 60 30.10 33.35 32.77
CA TYR J 60 29.04 32.57 33.31
C TYR J 60 28.23 33.32 34.34
N TYR J 61 28.85 34.23 35.09
CA TYR J 61 28.07 34.97 36.05
C TYR J 61 27.10 35.85 35.30
N LEU J 62 27.54 36.42 34.19
CA LEU J 62 26.66 37.27 33.43
C LEU J 62 25.51 36.47 32.89
N ARG J 63 25.80 35.26 32.42
CA ARG J 63 24.73 34.45 31.88
C ARG J 63 23.76 34.08 32.97
N ALA J 64 24.27 33.74 34.15
CA ALA J 64 23.41 33.36 35.25
C ALA J 64 22.50 34.52 35.64
N LEU J 65 23.06 35.73 35.62
CA LEU J 65 22.34 36.94 35.92
C LEU J 65 21.34 37.30 34.87
N LYS J 66 21.62 36.98 33.62
CA LYS J 66 20.63 37.26 32.62
C LYS J 66 19.42 36.41 32.90
N LEU J 67 19.64 35.16 33.28
CA LEU J 67 18.56 34.26 33.64
C LEU J 67 17.93 34.68 34.97
N ASP J 68 18.74 35.16 35.91
CA ASP J 68 18.25 35.60 37.21
C ASP J 68 18.99 36.84 37.75
N PRO J 69 18.53 38.05 37.42
CA PRO J 69 19.08 39.34 37.80
C PRO J 69 19.06 39.59 39.30
N GLU J 70 18.34 38.76 40.06
CA GLU J 70 18.24 38.95 41.51
C GLU J 70 19.35 38.25 42.25
N ASN J 71 20.21 37.52 41.57
CA ASN J 71 21.18 36.80 42.36
C ASN J 71 22.31 37.70 42.75
N ALA J 72 22.17 38.26 43.94
CA ALA J 72 23.13 39.20 44.49
C ALA J 72 24.50 38.57 44.59
N GLU J 73 24.53 37.25 44.80
CA GLU J 73 25.80 36.59 44.96
C GLU J 73 26.49 36.51 43.63
N ALA J 74 25.73 36.39 42.54
CA ALA J 74 26.34 36.32 41.23
C ALA J 74 26.84 37.70 40.90
N TRP J 75 26.10 38.72 41.34
CA TRP J 75 26.53 40.08 41.08
C TRP J 75 27.82 40.34 41.83
N TYR J 76 27.88 39.86 43.06
CA TYR J 76 29.05 40.05 43.87
C TYR J 76 30.22 39.28 43.28
N ASN J 77 30.00 38.02 42.91
CA ASN J 77 31.09 37.22 42.39
C ASN J 77 31.51 37.74 41.03
N LEU J 78 30.59 38.35 40.29
CA LEU J 78 30.93 38.97 39.04
C LEU J 78 31.89 40.08 39.34
N GLY J 79 31.57 40.87 40.36
CA GLY J 79 32.44 41.94 40.76
C GLY J 79 33.79 41.42 41.17
N ASN J 80 33.83 40.28 41.83
CA ASN J 80 35.11 39.74 42.23
C ASN J 80 35.94 39.32 41.04
N ALA J 81 35.32 38.65 40.07
CA ALA J 81 36.07 38.20 38.91
C ALA J 81 36.57 39.41 38.11
N LEU J 82 35.74 40.44 38.04
CA LEU J 82 36.14 41.64 37.34
C LEU J 82 37.30 42.29 38.03
N TYR J 83 37.25 42.31 39.35
CA TYR J 83 38.30 42.91 40.15
C TYR J 83 39.60 42.18 39.86
N LYS J 84 39.55 40.86 39.82
CA LYS J 84 40.73 40.05 39.57
C LYS J 84 41.36 40.38 38.21
N GLN J 85 40.52 40.73 37.24
CA GLN J 85 41.00 41.05 35.91
C GLN J 85 41.42 42.51 35.75
N GLY J 86 41.31 43.31 36.82
CA GLY J 86 41.66 44.72 36.81
C GLY J 86 40.52 45.62 36.33
N LYS J 87 39.38 45.02 36.10
CA LYS J 87 38.24 45.75 35.59
C LYS J 87 37.50 46.36 36.74
N TYR J 88 38.09 47.41 37.28
CA TYR J 88 37.63 48.02 38.50
C TYR J 88 36.37 48.82 38.37
N ASP J 89 36.14 49.52 37.27
CA ASP J 89 34.91 50.30 37.26
C ASP J 89 33.76 49.34 37.23
N LEU J 90 33.95 48.30 36.44
CA LEU J 90 33.00 47.25 36.30
C LEU J 90 32.82 46.46 37.56
N ALA J 91 33.90 46.19 38.29
CA ALA J 91 33.75 45.46 39.52
C ALA J 91 32.91 46.25 40.49
N ILE J 92 33.11 47.57 40.51
CA ILE J 92 32.38 48.44 41.39
C ILE J 92 30.92 48.45 41.03
N ILE J 93 30.62 48.53 39.74
CA ILE J 93 29.25 48.53 39.31
C ILE J 93 28.59 47.23 39.71
N ALA J 94 29.25 46.10 39.46
CA ALA J 94 28.68 44.80 39.82
C ALA J 94 28.50 44.69 41.32
N TYR J 95 29.43 45.25 42.09
CA TYR J 95 29.28 45.19 43.53
C TYR J 95 28.07 46.01 43.93
N GLN J 96 27.89 47.17 43.30
CA GLN J 96 26.74 47.96 43.65
C GLN J 96 25.49 47.24 43.22
N ALA J 97 25.54 46.56 42.09
CA ALA J 97 24.37 45.85 41.59
C ALA J 97 23.93 44.79 42.58
N ALA J 98 24.89 44.17 43.25
CA ALA J 98 24.60 43.18 44.28
C ALA J 98 23.86 43.81 45.44
N LEU J 99 24.24 45.05 45.77
CA LEU J 99 23.63 45.77 46.89
C LEU J 99 22.24 46.25 46.51
N GLU J 100 22.08 46.61 45.25
CA GLU J 100 20.81 47.09 44.75
C GLU J 100 19.80 45.95 44.76
N GLY K 1 69.74 -20.95 -13.80
CA GLY K 1 71.04 -20.55 -14.32
C GLY K 1 71.19 -19.04 -14.27
N SER K 2 70.08 -18.38 -14.00
CA SER K 2 70.05 -16.92 -13.88
C SER K 2 69.04 -16.54 -12.82
N MET K 3 67.90 -16.00 -13.22
CA MET K 3 66.84 -15.66 -12.27
C MET K 3 67.42 -14.91 -11.06
N GLY K 4 68.17 -13.84 -11.32
CA GLY K 4 68.86 -13.11 -10.25
C GLY K 4 67.95 -12.56 -9.17
N ASN K 5 66.73 -12.22 -9.53
CA ASN K 5 65.77 -11.69 -8.58
C ASN K 5 64.69 -12.70 -8.23
N LEU K 6 64.98 -13.99 -8.38
CA LEU K 6 63.97 -14.99 -8.10
C LEU K 6 63.42 -14.93 -6.71
N ALA K 7 64.31 -14.85 -5.74
CA ALA K 7 63.85 -14.84 -4.36
C ALA K 7 63.03 -13.61 -4.10
N GLU K 8 63.40 -12.50 -4.72
CA GLU K 8 62.68 -11.28 -4.47
C GLU K 8 61.29 -11.36 -5.02
N LYS K 9 61.14 -11.91 -6.22
CA LYS K 9 59.83 -12.01 -6.82
C LYS K 9 58.92 -12.92 -6.03
N MET K 10 59.48 -14.04 -5.58
CA MET K 10 58.69 -14.98 -4.82
C MET K 10 58.34 -14.40 -3.45
N TYR K 11 59.28 -13.69 -2.83
CA TYR K 11 59.08 -13.07 -1.55
C TYR K 11 57.96 -12.05 -1.62
N LYS K 12 58.03 -11.18 -2.62
CA LYS K 12 57.03 -10.14 -2.76
C LYS K 12 55.66 -10.75 -2.99
N ALA K 13 55.60 -11.81 -3.82
CA ALA K 13 54.32 -12.45 -4.05
C ALA K 13 53.81 -13.04 -2.75
N GLY K 14 54.72 -13.60 -1.95
CA GLY K 14 54.36 -14.18 -0.68
C GLY K 14 53.78 -13.12 0.22
N ASN K 15 54.36 -11.93 0.20
CA ASN K 15 53.85 -10.89 1.05
C ASN K 15 52.47 -10.47 0.62
N ALA K 16 52.23 -10.40 -0.69
CA ALA K 16 50.92 -10.01 -1.15
C ALA K 16 49.87 -11.01 -0.73
N MET K 17 50.22 -12.28 -0.82
CA MET K 17 49.30 -13.32 -0.48
C MET K 17 49.07 -13.38 1.01
N TYR K 18 50.10 -13.09 1.78
CA TYR K 18 49.91 -13.09 3.21
C TYR K 18 48.94 -11.98 3.55
N ARG K 19 49.14 -10.78 2.98
CA ARG K 19 48.29 -9.65 3.27
C ARG K 19 46.84 -9.92 2.90
N LYS K 20 46.63 -10.66 1.84
CA LYS K 20 45.29 -10.99 1.39
C LYS K 20 44.70 -12.23 2.07
N GLY K 21 45.45 -12.83 3.00
CA GLY K 21 44.99 -13.99 3.75
C GLY K 21 45.17 -15.29 3.00
N GLN K 22 45.85 -15.23 1.88
CA GLN K 22 46.02 -16.39 1.07
C GLN K 22 47.25 -17.07 1.56
N TYR K 23 47.15 -17.66 2.73
CA TYR K 23 48.32 -18.22 3.33
C TYR K 23 48.83 -19.44 2.60
N THR K 24 48.01 -20.19 1.87
CA THR K 24 48.58 -21.37 1.26
C THR K 24 49.47 -20.96 0.11
N ILE K 25 49.06 -19.93 -0.59
CA ILE K 25 49.82 -19.45 -1.70
C ILE K 25 51.06 -18.82 -1.14
N ALA K 26 50.89 -18.03 -0.08
CA ALA K 26 52.01 -17.34 0.51
C ALA K 26 53.06 -18.32 0.98
N ILE K 27 52.64 -19.46 1.54
CA ILE K 27 53.59 -20.45 1.98
C ILE K 27 54.35 -20.95 0.80
N ILE K 28 53.67 -21.24 -0.29
CA ILE K 28 54.38 -21.73 -1.44
C ILE K 28 55.37 -20.70 -1.92
N ALA K 29 54.95 -19.46 -2.02
CA ALA K 29 55.83 -18.42 -2.50
C ALA K 29 57.02 -18.18 -1.60
N TYR K 30 56.82 -18.20 -0.28
CA TYR K 30 57.93 -17.95 0.60
C TYR K 30 58.86 -19.13 0.57
N THR K 31 58.28 -20.32 0.45
CA THR K 31 59.09 -21.50 0.45
C THR K 31 59.99 -21.46 -0.74
N LEU K 32 59.45 -21.09 -1.89
CA LEU K 32 60.24 -21.03 -3.09
C LEU K 32 61.32 -19.97 -2.99
N ALA K 33 60.99 -18.82 -2.39
CA ALA K 33 61.98 -17.78 -2.27
C ALA K 33 63.17 -18.27 -1.48
N LEU K 34 62.87 -19.02 -0.44
CA LEU K 34 63.88 -19.60 0.40
C LEU K 34 64.49 -20.85 -0.18
N LEU K 35 63.75 -21.61 -0.95
CA LEU K 35 64.25 -22.86 -1.45
C LEU K 35 65.53 -22.67 -2.24
N LYS K 36 65.58 -21.62 -3.04
CA LYS K 36 66.80 -21.38 -3.81
C LYS K 36 67.80 -20.46 -3.10
N ASP K 37 67.44 -19.98 -1.91
CA ASP K 37 68.26 -19.08 -1.11
C ASP K 37 67.72 -19.01 0.32
N PRO K 38 67.92 -20.02 1.16
CA PRO K 38 67.30 -20.13 2.48
C PRO K 38 67.99 -19.30 3.55
N ASN K 39 68.27 -18.05 3.24
CA ASN K 39 69.02 -17.21 4.15
C ASN K 39 68.34 -15.91 4.53
N ASN K 40 67.06 -15.78 4.25
CA ASN K 40 66.40 -14.54 4.59
C ASN K 40 65.56 -14.70 5.82
N ALA K 41 66.01 -14.13 6.93
CA ALA K 41 65.28 -14.29 8.18
C ALA K 41 63.87 -13.76 8.01
N GLU K 42 63.69 -12.73 7.19
CA GLU K 42 62.38 -12.14 7.00
C GLU K 42 61.45 -13.11 6.35
N ALA K 43 61.97 -13.91 5.44
CA ALA K 43 61.15 -14.84 4.73
C ALA K 43 60.89 -16.01 5.63
N TRP K 44 61.86 -16.37 6.45
CA TRP K 44 61.64 -17.47 7.35
C TRP K 44 60.55 -17.08 8.31
N TYR K 45 60.63 -15.85 8.77
CA TYR K 45 59.68 -15.25 9.66
C TYR K 45 58.31 -15.19 9.03
N ASN K 46 58.23 -14.68 7.81
CA ASN K 46 56.95 -14.60 7.16
C ASN K 46 56.41 -15.95 6.78
N LEU K 47 57.29 -16.91 6.55
CA LEU K 47 56.85 -18.25 6.28
C LEU K 47 56.19 -18.74 7.54
N GLY K 48 56.83 -18.45 8.68
CA GLY K 48 56.28 -18.81 9.97
C GLY K 48 54.96 -18.11 10.19
N ASN K 49 54.85 -16.86 9.75
CA ASN K 49 53.61 -16.14 9.93
C ASN K 49 52.51 -16.74 9.11
N ALA K 50 52.83 -17.17 7.89
CA ALA K 50 51.82 -17.78 7.07
C ALA K 50 51.40 -19.11 7.66
N ALA K 51 52.36 -19.86 8.21
CA ALA K 51 52.05 -21.13 8.85
C ALA K 51 51.22 -20.90 10.09
N TYR K 52 51.51 -19.82 10.79
CA TYR K 52 50.81 -19.49 12.00
C TYR K 52 49.38 -19.17 11.60
N LYS K 53 49.20 -18.43 10.51
CA LYS K 53 47.87 -18.11 10.02
C LYS K 53 47.11 -19.37 9.66
N LYS K 54 47.81 -20.34 9.05
CA LYS K 54 47.22 -21.62 8.70
C LYS K 54 46.72 -22.38 9.92
N GLY K 55 47.49 -22.32 11.00
CA GLY K 55 47.15 -22.98 12.26
C GLY K 55 48.09 -24.13 12.63
N GLU K 56 48.91 -24.56 11.69
CA GLU K 56 49.85 -25.62 11.99
C GLU K 56 51.05 -25.01 12.65
N TYR K 57 50.87 -24.73 13.91
CA TYR K 57 51.84 -23.98 14.66
C TYR K 57 53.15 -24.70 14.75
N ASP K 58 53.17 -26.02 14.71
CA ASP K 58 54.45 -26.66 14.81
C ASP K 58 55.32 -26.31 13.59
N GLU K 59 54.69 -26.11 12.41
CA GLU K 59 55.45 -25.77 11.23
C GLU K 59 55.90 -24.35 11.40
N ALA K 60 55.03 -23.55 12.01
CA ALA K 60 55.35 -22.16 12.24
C ALA K 60 56.56 -22.08 13.14
N ILE K 61 56.65 -22.99 14.11
CA ILE K 61 57.79 -22.98 15.00
C ILE K 61 59.05 -23.24 14.27
N GLU K 62 59.07 -24.25 13.43
CA GLU K 62 60.32 -24.48 12.76
C GLU K 62 60.73 -23.27 11.94
N ALA K 63 59.79 -22.67 11.22
CA ALA K 63 60.13 -21.53 10.39
C ALA K 63 60.57 -20.32 11.22
N TYR K 64 59.92 -20.08 12.35
CA TYR K 64 60.31 -18.94 13.15
C TYR K 64 61.65 -19.22 13.80
N GLN K 65 61.89 -20.47 14.18
CA GLN K 65 63.15 -20.76 14.78
C GLN K 65 64.24 -20.49 13.80
N LYS K 66 64.04 -20.88 12.55
CA LYS K 66 65.07 -20.62 11.59
C LYS K 66 65.28 -19.13 11.44
N ALA K 67 64.20 -18.34 11.47
CA ALA K 67 64.39 -16.91 11.35
C ALA K 67 65.28 -16.41 12.47
N LEU K 68 65.11 -16.96 13.68
CA LEU K 68 65.94 -16.58 14.81
C LEU K 68 67.36 -17.07 14.66
N GLU K 69 67.54 -18.22 14.02
CA GLU K 69 68.87 -18.72 13.83
C GLU K 69 69.61 -17.75 12.91
N LEU K 70 68.90 -17.20 11.92
CA LEU K 70 69.50 -16.22 11.04
C LEU K 70 69.63 -14.87 11.76
N ASP K 71 68.65 -14.55 12.61
CA ASP K 71 68.65 -13.29 13.34
C ASP K 71 67.91 -13.40 14.71
N PRO K 72 68.61 -13.59 15.82
CA PRO K 72 68.09 -13.85 17.14
C PRO K 72 67.44 -12.62 17.76
N ASN K 73 67.50 -11.48 17.07
CA ASN K 73 66.96 -10.27 17.62
C ASN K 73 65.53 -10.06 17.15
N ASN K 74 64.98 -11.03 16.47
CA ASN K 74 63.62 -10.89 16.01
C ASN K 74 62.65 -11.20 17.15
N ALA K 75 62.32 -10.16 17.90
CA ALA K 75 61.47 -10.27 19.07
C ALA K 75 60.12 -10.80 18.71
N GLU K 76 59.64 -10.43 17.55
CA GLU K 76 58.34 -10.88 17.12
C GLU K 76 58.35 -12.38 16.90
N ALA K 77 59.43 -12.91 16.34
CA ALA K 77 59.52 -14.34 16.14
C ALA K 77 59.54 -14.99 17.51
N TRP K 78 60.27 -14.38 18.44
CA TRP K 78 60.34 -14.96 19.77
C TRP K 78 58.95 -15.01 20.36
N TYR K 79 58.19 -13.93 20.17
CA TYR K 79 56.83 -13.84 20.65
C TYR K 79 55.93 -14.90 20.04
N ASN K 80 55.95 -15.04 18.73
CA ASN K 80 55.07 -16.02 18.12
C ASN K 80 55.50 -17.42 18.43
N LEU K 81 56.78 -17.64 18.65
CA LEU K 81 57.21 -18.95 19.07
C LEU K 81 56.63 -19.21 20.42
N GLY K 82 56.69 -18.22 21.29
CA GLY K 82 56.12 -18.42 22.60
C GLY K 82 54.65 -18.72 22.47
N ASN K 83 53.97 -18.07 21.53
CA ASN K 83 52.55 -18.30 21.34
C ASN K 83 52.31 -19.69 20.81
N ALA K 84 53.16 -20.16 19.93
CA ALA K 84 53.00 -21.48 19.39
C ALA K 84 53.21 -22.52 20.49
N TYR K 85 54.19 -22.28 21.35
CA TYR K 85 54.46 -23.24 22.40
C TYR K 85 53.33 -23.24 23.40
N TYR K 86 52.79 -22.06 23.67
CA TYR K 86 51.69 -21.85 24.58
C TYR K 86 50.48 -22.63 24.09
N LYS K 87 50.19 -22.50 22.79
CA LYS K 87 49.05 -23.18 22.19
C LYS K 87 49.17 -24.68 22.33
N GLN K 88 50.39 -25.18 22.26
CA GLN K 88 50.65 -26.60 22.36
C GLN K 88 50.64 -27.11 23.82
N GLY K 89 50.50 -26.21 24.78
CA GLY K 89 50.50 -26.55 26.20
C GLY K 89 51.90 -26.52 26.79
N ASP K 90 52.87 -26.10 26.00
CA ASP K 90 54.21 -26.09 26.49
C ASP K 90 54.43 -24.74 27.10
N TYR K 91 54.03 -24.64 28.35
CA TYR K 91 54.06 -23.37 29.02
C TYR K 91 55.45 -23.06 29.47
N ASP K 92 56.31 -24.06 29.53
CA ASP K 92 57.64 -23.77 30.02
C ASP K 92 58.42 -23.11 28.90
N GLU K 93 58.21 -23.58 27.67
CA GLU K 93 58.88 -22.93 26.58
C GLU K 93 58.18 -21.64 26.30
N ALA K 94 56.86 -21.58 26.47
CA ALA K 94 56.20 -20.32 26.17
C ALA K 94 56.82 -19.23 27.01
N ILE K 95 57.12 -19.55 28.26
CA ILE K 95 57.75 -18.59 29.14
C ILE K 95 59.12 -18.20 28.66
N GLU K 96 59.95 -19.16 28.27
CA GLU K 96 61.28 -18.80 27.85
C GLU K 96 61.26 -17.94 26.60
N TYR K 97 60.39 -18.27 25.66
CA TYR K 97 60.35 -17.53 24.43
C TYR K 97 59.78 -16.13 24.64
N TYR K 98 58.79 -15.98 25.52
CA TYR K 98 58.25 -14.66 25.75
C TYR K 98 59.27 -13.82 26.48
N LYS K 99 60.03 -14.41 27.42
CA LYS K 99 61.02 -13.63 28.12
C LYS K 99 62.08 -13.14 27.17
N LYS K 100 62.49 -13.97 26.22
CA LYS K 100 63.51 -13.51 25.30
C LYS K 100 62.97 -12.33 24.49
N ALA K 101 61.69 -12.40 24.08
CA ALA K 101 61.12 -11.31 23.31
C ALA K 101 61.14 -10.01 24.10
N LEU K 102 60.88 -10.13 25.40
CA LEU K 102 60.86 -8.99 26.28
C LEU K 102 62.22 -8.47 26.64
N ARG K 103 63.23 -9.30 26.61
CA ARG K 103 64.54 -8.74 26.86
C ARG K 103 64.87 -7.82 25.70
N LEU K 104 64.50 -8.25 24.50
CA LEU K 104 64.71 -7.45 23.31
C LEU K 104 63.82 -6.20 23.33
N ASP K 105 62.58 -6.35 23.80
CA ASP K 105 61.66 -5.23 23.90
C ASP K 105 60.73 -5.35 25.10
N PRO K 106 61.10 -4.77 26.26
CA PRO K 106 60.38 -4.79 27.51
C PRO K 106 59.01 -4.17 27.44
N ARG K 107 58.73 -3.39 26.40
CA ARG K 107 57.45 -2.73 26.30
C ARG K 107 56.47 -3.52 25.46
N ASN K 108 56.84 -4.72 25.07
CA ASN K 108 55.91 -5.50 24.31
C ASN K 108 54.86 -6.01 25.25
N VAL K 109 53.79 -5.25 25.34
CA VAL K 109 52.74 -5.52 26.29
C VAL K 109 52.05 -6.83 26.01
N ASP K 110 51.98 -7.21 24.74
CA ASP K 110 51.32 -8.47 24.45
C ASP K 110 52.18 -9.61 24.93
N ALA K 111 53.50 -9.50 24.73
CA ALA K 111 54.36 -10.56 25.22
C ALA K 111 54.23 -10.65 26.73
N ILE K 112 54.05 -9.52 27.40
CA ILE K 112 53.89 -9.56 28.83
C ILE K 112 52.58 -10.21 29.18
N GLU K 113 51.49 -9.85 28.53
CA GLU K 113 50.23 -10.48 28.86
C GLU K 113 50.28 -11.97 28.66
N ASN K 114 50.93 -12.40 27.60
CA ASN K 114 50.97 -13.81 27.32
C ASN K 114 51.94 -14.51 28.27
N LEU K 115 53.00 -13.83 28.68
CA LEU K 115 53.94 -14.40 29.63
C LEU K 115 53.26 -14.57 30.97
N ILE K 116 52.44 -13.61 31.36
CA ILE K 116 51.74 -13.71 32.61
C ILE K 116 50.85 -14.91 32.55
N GLU K 117 50.11 -15.07 31.46
CA GLU K 117 49.26 -16.23 31.43
C GLU K 117 50.08 -17.49 31.41
N ALA K 118 51.21 -17.53 30.71
CA ALA K 118 51.99 -18.76 30.67
C ALA K 118 52.45 -19.16 32.08
N GLU K 119 52.84 -18.18 32.90
CA GLU K 119 53.25 -18.51 34.27
C GLU K 119 52.09 -19.03 35.09
N GLU K 120 50.89 -18.52 34.84
CA GLU K 120 49.71 -18.96 35.57
C GLU K 120 49.27 -20.36 35.11
N LYS K 121 49.43 -20.64 33.82
CA LYS K 121 49.04 -21.93 33.27
C LYS K 121 50.06 -23.00 33.60
N GLN K 122 51.33 -22.61 33.67
CA GLN K 122 52.41 -23.51 34.00
C GLN K 122 52.04 -24.32 35.24
N GLU L 3 26.18 8.61 27.95
CA GLU L 3 26.15 8.99 29.35
C GLU L 3 27.41 8.53 30.04
N ALA L 4 28.25 7.87 29.24
CA ALA L 4 29.51 7.30 29.72
C ALA L 4 30.38 8.35 30.33
N GLU L 5 30.32 9.56 29.79
CA GLU L 5 31.10 10.66 30.29
C GLU L 5 30.73 11.02 31.71
N LEU L 6 29.48 10.77 32.12
CA LEU L 6 29.13 11.15 33.45
C LEU L 6 29.59 10.03 34.36
N ALA L 7 29.45 8.80 33.87
CA ALA L 7 29.86 7.66 34.66
C ALA L 7 31.34 7.76 34.93
N TYR L 8 32.06 8.22 33.93
CA TYR L 8 33.49 8.39 34.05
C TYR L 8 33.82 9.37 35.15
N LEU L 9 33.15 10.53 35.13
CA LEU L 9 33.43 11.51 36.15
C LEU L 9 33.10 11.00 37.53
N LEU L 10 32.02 10.23 37.67
CA LEU L 10 31.71 9.72 38.99
C LEU L 10 32.85 8.83 39.43
N GLY L 11 33.36 8.03 38.50
CA GLY L 11 34.47 7.14 38.78
C GLY L 11 35.64 7.91 39.32
N GLU L 12 36.03 8.99 38.64
CA GLU L 12 37.16 9.75 39.14
C GLU L 12 36.90 10.35 40.50
N LEU L 13 35.70 10.82 40.73
CA LEU L 13 35.45 11.45 42.00
C LEU L 13 35.53 10.42 43.10
N ALA L 14 34.89 9.27 42.89
CA ALA L 14 34.88 8.25 43.92
C ALA L 14 36.28 7.75 44.18
N TYR L 15 37.07 7.65 43.13
CA TYR L 15 38.42 7.17 43.25
C TYR L 15 39.22 8.07 44.15
N LYS L 16 39.17 9.36 43.87
CA LYS L 16 39.93 10.34 44.62
C LYS L 16 39.55 10.37 46.08
N LEU L 17 38.29 10.11 46.34
CA LEU L 17 37.76 10.12 47.69
C LEU L 17 38.00 8.83 48.46
N GLY L 18 38.58 7.82 47.81
CA GLY L 18 38.86 6.53 48.46
C GLY L 18 37.72 5.53 48.36
N GLU L 19 36.67 5.89 47.66
CA GLU L 19 35.53 5.01 47.54
C GLU L 19 35.76 4.16 46.34
N TYR L 20 36.65 3.22 46.51
CA TYR L 20 37.10 2.44 45.40
C TYR L 20 36.03 1.51 44.92
N ARG L 21 35.16 1.05 45.80
CA ARG L 21 34.14 0.14 45.32
C ARG L 21 33.18 0.89 44.39
N ILE L 22 32.91 2.14 44.71
CA ILE L 22 32.04 2.93 43.88
C ILE L 22 32.76 3.23 42.61
N ALA L 23 34.03 3.60 42.72
CA ALA L 23 34.80 3.94 41.55
C ALA L 23 34.87 2.79 40.58
N ILE L 24 35.00 1.58 41.09
CA ILE L 24 35.05 0.44 40.21
C ILE L 24 33.77 0.27 39.48
N ARG L 25 32.64 0.36 40.16
CA ARG L 25 31.45 0.17 39.39
C ARG L 25 31.27 1.29 38.38
N ALA L 26 31.57 2.53 38.78
CA ALA L 26 31.39 3.64 37.87
C ALA L 26 32.31 3.55 36.66
N TYR L 27 33.55 3.09 36.85
CA TYR L 27 34.44 2.99 35.71
C TYR L 27 33.96 1.89 34.81
N ARG L 28 33.47 0.81 35.39
CA ARG L 28 33.00 -0.27 34.55
C ARG L 28 31.80 0.18 33.75
N ILE L 29 30.95 1.03 34.31
CA ILE L 29 29.83 1.53 33.53
C ILE L 29 30.35 2.35 32.36
N ALA L 30 31.28 3.26 32.63
CA ALA L 30 31.77 4.11 31.56
C ALA L 30 32.43 3.29 30.46
N LEU L 31 33.19 2.28 30.85
CA LEU L 31 33.90 1.40 29.96
C LEU L 31 33.00 0.48 29.19
N LYS L 32 31.93 0.02 29.81
CA LYS L 32 31.00 -0.82 29.10
C LYS L 32 30.48 -0.04 27.90
N ARG L 33 30.17 1.24 28.12
CA ARG L 33 29.71 2.09 27.05
C ARG L 33 30.85 2.48 26.11
N ASP L 34 32.07 2.69 26.64
CA ASP L 34 33.23 3.05 25.83
C ASP L 34 34.52 2.34 26.26
N PRO L 35 34.79 1.16 25.69
CA PRO L 35 35.90 0.27 25.95
C PRO L 35 37.27 0.84 25.60
N ASN L 36 37.34 1.97 24.89
CA ASN L 36 38.65 2.47 24.50
C ASN L 36 39.19 3.53 25.44
N ASN L 37 38.53 3.73 26.57
CA ASN L 37 39.03 4.73 27.48
C ASN L 37 40.17 4.18 28.32
N ALA L 38 41.39 4.35 27.81
CA ALA L 38 42.60 3.80 28.43
C ALA L 38 42.80 4.32 29.82
N GLU L 39 42.47 5.58 30.03
CA GLU L 39 42.66 6.17 31.33
C GLU L 39 41.72 5.55 32.32
N ALA L 40 40.48 5.32 31.92
CA ALA L 40 39.55 4.68 32.81
C ALA L 40 40.02 3.27 33.10
N TRP L 41 40.58 2.56 32.11
CA TRP L 41 41.06 1.20 32.39
C TRP L 41 42.17 1.26 33.40
N TYR L 42 43.05 2.22 33.26
CA TYR L 42 44.16 2.41 34.17
C TYR L 42 43.66 2.66 35.58
N ASN L 43 42.72 3.58 35.71
CA ASN L 43 42.19 3.91 37.01
C ASN L 43 41.38 2.78 37.59
N LEU L 44 40.76 1.98 36.73
CA LEU L 44 40.02 0.84 37.19
C LEU L 44 41.02 -0.10 37.82
N GLY L 45 42.14 -0.30 37.13
CA GLY L 45 43.18 -1.17 37.62
C GLY L 45 43.71 -0.64 38.94
N ASN L 46 43.81 0.68 39.07
CA ASN L 46 44.30 1.24 40.31
C ASN L 46 43.31 0.98 41.41
N ALA L 47 42.02 1.09 41.14
CA ALA L 47 41.06 0.84 42.18
C ALA L 47 41.12 -0.61 42.63
N TYR L 48 41.31 -1.54 41.70
CA TYR L 48 41.41 -2.91 42.11
C TYR L 48 42.65 -3.15 42.94
N TYR L 49 43.74 -2.49 42.54
CA TYR L 49 45.02 -2.56 43.23
C TYR L 49 44.81 -2.15 44.68
N LYS L 50 44.11 -1.03 44.87
CA LYS L 50 43.86 -0.47 46.20
C LYS L 50 43.05 -1.44 47.05
N GLN L 51 42.20 -2.24 46.43
CA GLN L 51 41.38 -3.21 47.13
C GLN L 51 42.09 -4.55 47.32
N GLY L 52 43.33 -4.66 46.84
CA GLY L 52 44.11 -5.87 46.98
C GLY L 52 43.96 -6.87 45.84
N ASP L 53 43.16 -6.55 44.84
CA ASP L 53 43.01 -7.54 43.80
C ASP L 53 44.02 -7.25 42.75
N TYR L 54 45.14 -7.90 42.88
CA TYR L 54 46.23 -7.57 42.03
C TYR L 54 46.14 -8.31 40.73
N ARG L 55 45.20 -9.27 40.62
CA ARG L 55 45.14 -9.97 39.36
C ARG L 55 44.33 -9.09 38.46
N GLU L 56 43.26 -8.52 39.01
CA GLU L 56 42.44 -7.66 38.20
C GLU L 56 43.22 -6.41 37.84
N ALA L 57 44.01 -5.90 38.80
CA ALA L 57 44.79 -4.72 38.50
C ALA L 57 45.71 -4.99 37.31
N ILE L 58 46.32 -6.17 37.26
CA ILE L 58 47.15 -6.53 36.14
C ILE L 58 46.38 -6.57 34.86
N ARG L 59 45.22 -7.22 34.88
CA ARG L 59 44.46 -7.33 33.65
C ARG L 59 44.11 -5.98 33.09
N TYR L 60 43.76 -5.05 33.96
CA TYR L 60 43.36 -3.77 33.46
C TYR L 60 44.54 -2.91 33.09
N TYR L 61 45.68 -3.06 33.77
CA TYR L 61 46.81 -2.25 33.38
C TYR L 61 47.27 -2.69 32.02
N LEU L 62 47.23 -3.98 31.76
CA LEU L 62 47.65 -4.46 30.46
C LEU L 62 46.72 -3.94 29.41
N ARG L 63 45.42 -3.92 29.69
CA ARG L 63 44.50 -3.44 28.70
C ARG L 63 44.74 -1.96 28.45
N ALA L 64 44.96 -1.20 29.51
CA ALA L 64 45.19 0.21 29.35
C ALA L 64 46.42 0.47 28.51
N LEU L 65 47.45 -0.34 28.72
CA LEU L 65 48.70 -0.26 27.98
C LEU L 65 48.55 -0.69 26.55
N LYS L 66 47.67 -1.63 26.28
CA LYS L 66 47.48 -2.00 24.91
C LYS L 66 46.91 -0.80 24.18
N LEU L 67 45.97 -0.11 24.82
CA LEU L 67 45.40 1.10 24.25
C LEU L 67 46.42 2.24 24.23
N ASP L 68 47.26 2.32 25.27
CA ASP L 68 48.29 3.36 25.35
C ASP L 68 49.60 2.86 25.98
N PRO L 69 50.52 2.34 25.16
CA PRO L 69 51.82 1.79 25.53
C PRO L 69 52.76 2.82 26.16
N GLU L 70 52.42 4.11 26.08
CA GLU L 70 53.27 5.15 26.61
C GLU L 70 52.98 5.44 28.07
N ASN L 71 51.97 4.81 28.65
CA ASN L 71 51.67 5.21 30.00
C ASN L 71 52.61 4.55 30.96
N ALA L 72 53.67 5.26 31.28
CA ALA L 72 54.72 4.78 32.16
C ALA L 72 54.16 4.44 33.51
N GLU L 73 53.10 5.13 33.93
CA GLU L 73 52.55 4.88 35.23
C GLU L 73 51.82 3.57 35.22
N ALA L 74 51.23 3.19 34.09
CA ALA L 74 50.53 1.93 34.02
C ALA L 74 51.57 0.85 34.00
N TRP L 75 52.70 1.11 33.34
CA TRP L 75 53.76 0.12 33.31
C TRP L 75 54.28 -0.08 34.71
N TYR L 76 54.45 1.01 35.42
CA TYR L 76 54.95 0.94 36.77
C TYR L 76 53.96 0.23 37.67
N ASN L 77 52.68 0.60 37.59
CA ASN L 77 51.69 0.00 38.44
C ASN L 77 51.48 -1.46 38.07
N LEU L 78 51.71 -1.79 36.80
CA LEU L 78 51.64 -3.18 36.37
C LEU L 78 52.73 -3.90 37.10
N GLY L 79 53.92 -3.32 37.13
CA GLY L 79 55.02 -3.92 37.83
C GLY L 79 54.70 -4.08 39.30
N ASN L 80 54.00 -3.12 39.89
CA ASN L 80 53.68 -3.24 41.29
C ASN L 80 52.71 -4.38 41.54
N ALA L 81 51.69 -4.50 40.69
CA ALA L 81 50.72 -5.57 40.89
C ALA L 81 51.38 -6.93 40.70
N LEU L 82 52.29 -7.00 39.74
CA LEU L 82 52.99 -8.24 39.50
C LEU L 82 53.84 -8.59 40.68
N TYR L 83 54.50 -7.58 41.24
CA TYR L 83 55.36 -7.77 42.38
C TYR L 83 54.54 -8.35 43.52
N LYS L 84 53.36 -7.79 43.74
CA LYS L 84 52.48 -8.24 44.81
C LYS L 84 52.10 -9.70 44.66
N GLN L 85 51.98 -10.16 43.41
CA GLN L 85 51.61 -11.53 43.12
C GLN L 85 52.80 -12.49 43.11
N GLY L 86 54.02 -11.97 43.34
CA GLY L 86 55.25 -12.76 43.34
C GLY L 86 55.84 -12.92 41.94
N LYS L 87 55.25 -12.25 40.98
CA LYS L 87 55.69 -12.36 39.61
C LYS L 87 56.80 -11.38 39.37
N TYR L 88 57.96 -11.73 39.91
CA TYR L 88 59.09 -10.84 39.94
C TYR L 88 59.78 -10.63 38.63
N ASP L 89 59.89 -11.66 37.78
CA ASP L 89 60.61 -11.36 36.54
C ASP L 89 59.79 -10.38 35.74
N LEU L 90 58.50 -10.62 35.77
CA LEU L 90 57.54 -9.80 35.11
C LEU L 90 57.46 -8.42 35.70
N ALA L 91 57.53 -8.33 37.03
CA ALA L 91 57.47 -7.01 37.63
C ALA L 91 58.66 -6.20 37.18
N ILE L 92 59.82 -6.83 37.10
CA ILE L 92 61.03 -6.17 36.68
C ILE L 92 60.92 -5.71 35.26
N ILE L 93 60.39 -6.56 34.39
CA ILE L 93 60.24 -6.17 33.01
C ILE L 93 59.30 -4.99 32.91
N ALA L 94 58.17 -5.04 33.60
CA ALA L 94 57.22 -3.93 33.56
C ALA L 94 57.84 -2.66 34.12
N TYR L 95 58.67 -2.79 35.16
CA TYR L 95 59.31 -1.62 35.71
C TYR L 95 60.26 -1.05 34.69
N GLN L 96 60.99 -1.92 33.98
CA GLN L 96 61.89 -1.41 32.98
C GLN L 96 61.09 -0.78 31.87
N ALA L 97 59.96 -1.37 31.53
CA ALA L 97 59.14 -0.86 30.45
C ALA L 97 58.70 0.57 30.76
N ALA L 98 58.44 0.85 32.04
CA ALA L 98 58.06 2.18 32.46
C ALA L 98 59.20 3.16 32.24
N LEU L 99 60.44 2.69 32.44
CA LEU L 99 61.62 3.53 32.28
C LEU L 99 61.92 3.75 30.81
N GLU L 100 61.63 2.74 30.01
CA GLU L 100 61.87 2.81 28.59
C GLU L 100 60.91 3.81 27.96
N GLY M 1 -33.67 -14.71 -64.34
CA GLY M 1 -33.50 -14.97 -65.77
C GLY M 1 -32.10 -15.49 -66.04
N SER M 2 -31.26 -15.40 -65.04
CA SER M 2 -29.88 -15.88 -65.10
C SER M 2 -29.47 -16.42 -63.75
N MET M 3 -28.62 -15.69 -63.04
CA MET M 3 -28.21 -16.10 -61.69
C MET M 3 -27.85 -17.60 -61.66
N GLY M 4 -26.95 -18.02 -62.56
CA GLY M 4 -26.60 -19.43 -62.71
C GLY M 4 -26.07 -20.08 -61.43
N ASN M 5 -25.39 -19.31 -60.60
CA ASN M 5 -24.83 -19.80 -59.37
C ASN M 5 -25.61 -19.34 -58.15
N LEU M 6 -26.88 -18.99 -58.33
CA LEU M 6 -27.66 -18.50 -57.21
C LEU M 6 -27.73 -19.44 -56.05
N ALA M 7 -28.03 -20.69 -56.33
CA ALA M 7 -28.16 -21.64 -55.26
C ALA M 7 -26.86 -21.82 -54.56
N GLU M 8 -25.76 -21.77 -55.30
CA GLU M 8 -24.47 -21.98 -54.71
C GLU M 8 -24.12 -20.85 -53.77
N LYS M 9 -24.42 -19.62 -54.19
CA LYS M 9 -24.09 -18.48 -53.36
C LYS M 9 -24.88 -18.50 -52.08
N MET M 10 -26.17 -18.82 -52.20
CA MET M 10 -27.02 -18.85 -51.03
C MET M 10 -26.62 -20.00 -50.12
N TYR M 11 -26.28 -21.15 -50.70
CA TYR M 11 -25.87 -22.31 -49.94
C TYR M 11 -24.63 -22.01 -49.14
N LYS M 12 -23.63 -21.44 -49.79
CA LYS M 12 -22.38 -21.14 -49.12
C LYS M 12 -22.61 -20.14 -48.01
N ALA M 13 -23.46 -19.13 -48.25
CA ALA M 13 -23.73 -18.18 -47.19
C ALA M 13 -24.40 -18.88 -46.03
N GLY M 14 -25.29 -19.83 -46.36
CA GLY M 14 -26.00 -20.57 -45.34
C GLY M 14 -25.02 -21.36 -44.50
N ASN M 15 -24.01 -21.93 -45.15
CA ASN M 15 -23.04 -22.70 -44.40
C ASN M 15 -22.25 -21.81 -43.48
N ALA M 16 -21.89 -20.62 -43.94
CA ALA M 16 -21.13 -19.73 -43.10
C ALA M 16 -21.93 -19.33 -41.87
N MET M 17 -23.20 -19.08 -42.08
CA MET M 17 -24.04 -18.66 -40.99
C MET M 17 -24.32 -19.80 -40.05
N TYR M 18 -24.42 -21.01 -40.58
CA TYR M 18 -24.62 -22.12 -39.70
C TYR M 18 -23.40 -22.27 -38.81
N ARG M 19 -22.20 -22.20 -39.41
CA ARG M 19 -20.97 -22.36 -38.66
C ARG M 19 -20.83 -21.31 -37.58
N LYS M 20 -21.30 -20.11 -37.85
CA LYS M 20 -21.22 -19.02 -36.88
C LYS M 20 -22.39 -19.00 -35.90
N GLY M 21 -23.31 -19.96 -36.00
CA GLY M 21 -24.46 -20.08 -35.10
C GLY M 21 -25.60 -19.17 -35.49
N GLN M 22 -25.49 -18.55 -36.63
CA GLN M 22 -26.50 -17.63 -37.06
C GLN M 22 -27.53 -18.42 -37.80
N TYR M 23 -28.27 -19.21 -37.06
CA TYR M 23 -29.19 -20.11 -37.69
C TYR M 23 -30.34 -19.39 -38.36
N THR M 24 -30.73 -18.19 -37.92
CA THR M 24 -31.87 -17.62 -38.61
C THR M 24 -31.49 -17.18 -39.99
N ILE M 25 -30.29 -16.67 -40.10
CA ILE M 25 -29.82 -16.20 -41.37
C ILE M 25 -29.58 -17.42 -42.22
N ALA M 26 -28.99 -18.45 -41.62
CA ALA M 26 -28.69 -19.65 -42.37
C ALA M 26 -29.96 -20.27 -42.92
N ILE M 27 -31.04 -20.24 -42.16
CA ILE M 27 -32.29 -20.78 -42.64
C ILE M 27 -32.75 -19.99 -43.83
N ILE M 28 -32.66 -18.67 -43.75
CA ILE M 28 -33.08 -17.90 -44.89
C ILE M 28 -32.25 -18.24 -46.09
N ALA M 29 -30.94 -18.28 -45.91
CA ALA M 29 -30.07 -18.55 -47.03
C ALA M 29 -30.27 -19.94 -47.63
N TYR M 30 -30.49 -20.95 -46.79
CA TYR M 30 -30.67 -22.28 -47.33
C TYR M 30 -32.01 -22.36 -48.00
N THR M 31 -32.98 -21.68 -47.44
CA THR M 31 -34.30 -21.73 -47.99
C THR M 31 -34.25 -21.14 -49.37
N LEU M 32 -33.57 -20.02 -49.53
CA LEU M 32 -33.48 -19.38 -50.81
C LEU M 32 -32.73 -20.25 -51.81
N ALA M 33 -31.66 -20.92 -51.36
CA ALA M 33 -30.91 -21.76 -52.28
C ALA M 33 -31.80 -22.84 -52.84
N LEU M 34 -32.64 -23.39 -51.97
CA LEU M 34 -33.58 -24.40 -52.35
C LEU M 34 -34.81 -23.84 -53.02
N LEU M 35 -35.22 -22.65 -52.68
CA LEU M 35 -36.45 -22.12 -53.23
C LEU M 35 -36.42 -22.09 -54.74
N LYS M 36 -35.29 -21.71 -55.30
CA LYS M 36 -35.20 -21.69 -56.77
C LYS M 36 -34.68 -23.00 -57.37
N ASP M 37 -34.34 -23.98 -56.52
CA ASP M 37 -33.82 -25.28 -56.92
C ASP M 37 -33.88 -26.26 -55.75
N PRO M 38 -35.05 -26.79 -55.38
CA PRO M 38 -35.25 -27.59 -54.18
C PRO M 38 -34.81 -29.03 -54.32
N ASN M 39 -33.63 -29.24 -54.86
CA ASN M 39 -33.16 -30.59 -55.14
C ASN M 39 -31.83 -30.94 -54.51
N ASN M 40 -31.36 -30.15 -53.58
CA ASN M 40 -30.08 -30.47 -52.97
C ASN M 40 -30.26 -31.08 -51.62
N ALA M 41 -30.03 -32.38 -51.51
CA ALA M 41 -30.22 -33.06 -50.25
C ALA M 41 -29.37 -32.42 -49.17
N GLU M 42 -28.19 -31.92 -49.55
CA GLU M 42 -27.29 -31.31 -48.59
C GLU M 42 -27.89 -30.07 -48.00
N ALA M 43 -28.61 -29.32 -48.82
CA ALA M 43 -29.18 -28.09 -48.36
C ALA M 43 -30.39 -28.41 -47.57
N TRP M 44 -31.11 -29.46 -47.95
CA TRP M 44 -32.28 -29.82 -47.19
C TRP M 44 -31.84 -30.24 -45.80
N TYR M 45 -30.75 -31.01 -45.78
CA TYR M 45 -30.13 -31.48 -44.59
C TYR M 45 -29.63 -30.33 -43.74
N ASN M 46 -28.90 -29.41 -44.33
CA ASN M 46 -28.41 -28.29 -43.58
C ASN M 46 -29.51 -27.35 -43.15
N LEU M 47 -30.59 -27.30 -43.91
CA LEU M 47 -31.73 -26.52 -43.52
C LEU M 47 -32.26 -27.14 -42.26
N GLY M 48 -32.34 -28.48 -42.27
CA GLY M 48 -32.79 -29.22 -41.12
C GLY M 48 -31.85 -28.99 -39.95
N ASN M 49 -30.56 -28.90 -40.21
CA ASN M 49 -29.62 -28.68 -39.14
C ASN M 49 -29.78 -27.31 -38.55
N ALA M 50 -30.05 -26.32 -39.39
CA ALA M 50 -30.25 -24.99 -38.87
C ALA M 50 -31.53 -24.94 -38.05
N ALA M 51 -32.57 -25.63 -38.52
CA ALA M 51 -33.83 -25.69 -37.79
C ALA M 51 -33.64 -26.42 -36.48
N TYR M 52 -32.80 -27.44 -36.50
CA TYR M 52 -32.54 -28.24 -35.33
C TYR M 52 -31.83 -27.33 -34.33
N LYS M 53 -30.89 -26.52 -34.82
CA LYS M 53 -30.18 -25.59 -33.97
C LYS M 53 -31.15 -24.59 -33.35
N LYS M 54 -32.12 -24.14 -34.15
CA LYS M 54 -33.15 -23.22 -33.67
C LYS M 54 -33.98 -23.82 -32.54
N GLY M 55 -34.30 -25.10 -32.66
CA GLY M 55 -35.08 -25.82 -31.66
C GLY M 55 -36.45 -26.26 -32.16
N GLU M 56 -36.88 -25.73 -33.29
CA GLU M 56 -38.17 -26.13 -33.83
C GLU M 56 -37.99 -27.39 -34.59
N TYR M 57 -37.91 -28.46 -33.83
CA TYR M 57 -37.55 -29.74 -34.37
C TYR M 57 -38.56 -30.24 -35.37
N ASP M 58 -39.81 -29.83 -35.26
CA ASP M 58 -40.75 -30.34 -36.23
C ASP M 58 -40.38 -29.80 -37.63
N GLU M 59 -39.84 -28.57 -37.70
CA GLU M 59 -39.48 -28.02 -38.98
C GLU M 59 -38.26 -28.75 -39.44
N ALA M 60 -37.40 -29.08 -38.48
CA ALA M 60 -36.19 -29.80 -38.80
C ALA M 60 -36.55 -31.14 -39.40
N ILE M 61 -37.62 -31.76 -38.89
CA ILE M 61 -38.03 -33.05 -39.41
C ILE M 61 -38.44 -32.93 -40.83
N GLU M 62 -39.26 -31.95 -41.16
CA GLU M 62 -39.64 -31.90 -42.55
C GLU M 62 -38.44 -31.72 -43.44
N ALA M 63 -37.52 -30.84 -43.06
CA ALA M 63 -36.35 -30.61 -43.90
C ALA M 63 -35.45 -31.84 -43.99
N TYR M 64 -35.27 -32.56 -42.90
CA TYR M 64 -34.42 -33.72 -42.96
C TYR M 64 -35.11 -34.80 -43.75
N GLN M 65 -36.42 -34.90 -43.62
CA GLN M 65 -37.11 -35.92 -44.37
C GLN M 65 -36.93 -35.66 -45.83
N LYS M 66 -37.03 -34.40 -46.24
CA LYS M 66 -36.84 -34.13 -47.65
C LYS M 66 -35.44 -34.51 -48.06
N ALA M 67 -34.45 -34.25 -47.21
CA ALA M 67 -33.11 -34.63 -47.59
C ALA M 67 -33.04 -36.12 -47.85
N LEU M 68 -33.74 -36.91 -47.03
CA LEU M 68 -33.76 -38.36 -47.22
C LEU M 68 -34.53 -38.75 -48.45
N GLU M 69 -35.56 -37.98 -48.79
CA GLU M 69 -36.32 -38.29 -50.00
C GLU M 69 -35.39 -38.12 -51.20
N LEU M 70 -34.53 -37.10 -51.13
CA LEU M 70 -33.56 -36.89 -52.21
C LEU M 70 -32.43 -37.93 -52.11
N ASP M 71 -32.05 -38.29 -50.88
CA ASP M 71 -30.98 -39.25 -50.64
C ASP M 71 -31.17 -40.03 -49.32
N PRO M 72 -31.71 -41.25 -49.34
CA PRO M 72 -32.07 -42.05 -48.20
C PRO M 72 -30.86 -42.62 -47.48
N ASN M 73 -29.65 -42.36 -48.00
CA ASN M 73 -28.47 -42.91 -47.39
C ASN M 73 -27.85 -41.92 -46.43
N ASN M 74 -28.55 -40.81 -46.19
CA ASN M 74 -28.00 -39.85 -45.27
C ASN M 74 -28.29 -40.27 -43.84
N ALA M 75 -27.35 -41.05 -43.29
CA ALA M 75 -27.47 -41.62 -41.97
C ALA M 75 -27.59 -40.54 -40.93
N GLU M 76 -26.93 -39.43 -41.14
CA GLU M 76 -26.97 -38.36 -40.20
C GLU M 76 -28.37 -37.77 -40.15
N ALA M 77 -29.03 -37.65 -41.29
CA ALA M 77 -30.38 -37.14 -41.29
C ALA M 77 -31.25 -38.13 -40.56
N TRP M 78 -31.00 -39.42 -40.78
CA TRP M 78 -31.81 -40.41 -40.12
C TRP M 78 -31.65 -40.25 -38.62
N TYR M 79 -30.40 -40.05 -38.18
CA TYR M 79 -30.09 -39.85 -36.79
C TYR M 79 -30.78 -38.64 -36.20
N ASN M 80 -30.68 -37.49 -36.86
CA ASN M 80 -31.32 -36.31 -36.31
C ASN M 80 -32.81 -36.39 -36.36
N LEU M 81 -33.35 -37.11 -37.33
CA LEU M 81 -34.77 -37.30 -37.33
C LEU M 81 -35.14 -38.11 -36.13
N GLY M 82 -34.36 -39.14 -35.86
CA GLY M 82 -34.65 -39.94 -34.69
C GLY M 82 -34.58 -39.06 -33.45
N ASN M 83 -33.62 -38.13 -33.42
CA ASN M 83 -33.49 -37.26 -32.27
C ASN M 83 -34.66 -36.31 -32.17
N ALA M 84 -35.15 -35.84 -33.29
CA ALA M 84 -36.28 -34.96 -33.26
C ALA M 84 -37.52 -35.70 -32.78
N TYR M 85 -37.68 -36.95 -33.22
CA TYR M 85 -38.84 -37.70 -32.81
C TYR M 85 -38.76 -38.01 -31.35
N TYR M 86 -37.55 -38.33 -30.88
CA TYR M 86 -37.26 -38.64 -29.50
C TYR M 86 -37.64 -37.46 -28.63
N LYS M 87 -37.22 -36.27 -29.04
CA LYS M 87 -37.49 -35.05 -28.29
C LYS M 87 -38.98 -34.81 -28.16
N GLN M 88 -39.74 -35.19 -29.18
CA GLN M 88 -41.17 -35.01 -29.19
C GLN M 88 -41.91 -36.09 -28.40
N GLY M 89 -41.19 -37.09 -27.89
CA GLY M 89 -41.77 -38.19 -27.14
C GLY M 89 -42.18 -39.34 -28.04
N ASP M 90 -41.86 -39.23 -29.33
CA ASP M 90 -42.25 -40.27 -30.23
C ASP M 90 -41.12 -41.26 -30.25
N TYR M 91 -41.16 -42.16 -29.30
CA TYR M 91 -40.07 -43.07 -29.14
C TYR M 91 -40.17 -44.17 -30.14
N ASP M 92 -41.34 -44.36 -30.74
CA ASP M 92 -41.46 -45.46 -31.66
C ASP M 92 -40.81 -45.04 -32.96
N GLU M 93 -40.99 -43.78 -33.35
CA GLU M 93 -40.33 -43.34 -34.55
C GLU M 93 -38.87 -43.13 -34.23
N ALA M 94 -38.54 -42.68 -33.01
CA ALA M 94 -37.14 -42.47 -32.74
C ALA M 94 -36.38 -43.76 -32.97
N ILE M 95 -36.99 -44.87 -32.57
CA ILE M 95 -36.38 -46.16 -32.79
C ILE M 95 -36.23 -46.49 -34.24
N GLU M 96 -37.28 -46.29 -35.03
CA GLU M 96 -37.16 -46.64 -36.43
C GLU M 96 -36.11 -45.80 -37.14
N TYR M 97 -36.05 -44.53 -36.83
CA TYR M 97 -35.11 -43.67 -37.49
C TYR M 97 -33.68 -43.96 -37.05
N TYR M 98 -33.47 -44.29 -35.78
CA TYR M 98 -32.12 -44.59 -35.36
C TYR M 98 -31.69 -45.91 -35.96
N LYS M 99 -32.60 -46.89 -36.07
CA LYS M 99 -32.20 -48.14 -36.66
C LYS M 99 -31.81 -47.96 -38.10
N LYS M 100 -32.53 -47.13 -38.84
CA LYS M 100 -32.15 -46.94 -40.23
C LYS M 100 -30.76 -46.33 -40.29
N ALA M 101 -30.46 -45.38 -39.40
CA ALA M 101 -29.14 -44.75 -39.42
C ALA M 101 -28.06 -45.79 -39.19
N LEU M 102 -28.34 -46.73 -38.30
CA LEU M 102 -27.40 -47.78 -37.96
C LEU M 102 -27.28 -48.83 -39.02
N ARG M 103 -28.31 -49.06 -39.80
CA ARG M 103 -28.12 -50.03 -40.85
C ARG M 103 -27.10 -49.45 -41.82
N LEU M 104 -27.21 -48.14 -42.06
CA LEU M 104 -26.28 -47.45 -42.93
C LEU M 104 -24.88 -47.39 -42.31
N ASP M 105 -24.83 -47.18 -41.00
CA ASP M 105 -23.57 -47.14 -40.27
C ASP M 105 -23.67 -47.71 -38.86
N PRO M 106 -23.42 -49.01 -38.66
CA PRO M 106 -23.50 -49.74 -37.42
C PRO M 106 -22.58 -49.20 -36.34
N ARG M 107 -21.57 -48.42 -36.72
CA ARG M 107 -20.62 -47.93 -35.74
C ARG M 107 -21.00 -46.55 -35.23
N ASN M 108 -22.17 -46.06 -35.61
CA ASN M 108 -22.55 -44.77 -35.10
C ASN M 108 -22.98 -44.96 -33.67
N VAL M 109 -22.02 -44.74 -32.79
CA VAL M 109 -22.20 -44.99 -31.39
C VAL M 109 -23.24 -44.08 -30.80
N ASP M 110 -23.37 -42.87 -31.33
CA ASP M 110 -24.37 -41.99 -30.76
C ASP M 110 -25.74 -42.48 -31.14
N ALA M 111 -25.91 -42.95 -32.37
CA ALA M 111 -27.20 -43.47 -32.75
C ALA M 111 -27.53 -44.66 -31.87
N ILE M 112 -26.52 -45.45 -31.51
CA ILE M 112 -26.79 -46.58 -30.64
C ILE M 112 -27.18 -46.09 -29.27
N GLU M 113 -26.45 -45.14 -28.71
CA GLU M 113 -26.83 -44.67 -27.38
C GLU M 113 -28.23 -44.13 -27.37
N ASN M 114 -28.60 -43.40 -28.41
CA ASN M 114 -29.91 -42.81 -28.43
C ASN M 114 -30.97 -43.86 -28.70
N LEU M 115 -30.64 -44.89 -29.49
CA LEU M 115 -31.56 -45.97 -29.73
C LEU M 115 -31.83 -46.74 -28.48
N ILE M 116 -30.78 -46.96 -27.69
CA ILE M 116 -30.94 -47.66 -26.44
C ILE M 116 -31.87 -46.88 -25.56
N GLU M 117 -31.67 -45.57 -25.46
CA GLU M 117 -32.56 -44.84 -24.62
C GLU M 117 -33.97 -44.86 -25.19
N ALA M 118 -34.13 -44.78 -26.51
CA ALA M 118 -35.48 -44.78 -27.06
C ALA M 118 -36.22 -46.06 -26.69
N GLU M 119 -35.52 -47.20 -26.72
CA GLU M 119 -36.19 -48.45 -26.36
C GLU M 119 -36.55 -48.47 -24.89
N GLU M 120 -35.73 -47.86 -24.05
CA GLU M 120 -36.03 -47.81 -22.62
C GLU M 120 -37.17 -46.84 -22.31
N LYS M 121 -37.25 -45.75 -23.07
CA LYS M 121 -38.29 -44.75 -22.86
C LYS M 121 -39.61 -45.22 -23.45
N GLN M 122 -39.54 -45.97 -24.54
CA GLN M 122 -40.72 -46.49 -25.21
C GLN M 122 -41.62 -47.16 -24.18
N GLU N 3 -2.84 -38.01 -9.37
CA GLU N 3 -2.72 -39.29 -8.69
C GLU N 3 -3.58 -40.32 -9.38
N ALA N 4 -4.27 -39.87 -10.42
CA ALA N 4 -5.19 -40.68 -11.20
C ALA N 4 -4.50 -41.89 -11.76
N GLU N 5 -3.22 -41.73 -12.11
CA GLU N 5 -2.45 -42.82 -12.66
C GLU N 5 -2.27 -43.94 -11.66
N LEU N 6 -2.30 -43.66 -10.36
CA LEU N 6 -2.11 -44.72 -9.44
C LEU N 6 -3.43 -45.39 -9.24
N ALA N 7 -4.49 -44.57 -9.23
CA ALA N 7 -5.82 -45.13 -9.06
C ALA N 7 -6.10 -46.06 -10.20
N TYR N 8 -5.65 -45.68 -11.39
CA TYR N 8 -5.85 -46.47 -12.56
C TYR N 8 -5.19 -47.81 -12.40
N LEU N 9 -3.93 -47.82 -11.97
CA LEU N 9 -3.22 -49.07 -11.81
C LEU N 9 -3.89 -49.95 -10.78
N LEU N 10 -4.40 -49.36 -9.70
CA LEU N 10 -5.06 -50.19 -8.71
C LEU N 10 -6.25 -50.85 -9.35
N GLY N 11 -6.97 -50.09 -10.18
CA GLY N 11 -8.12 -50.59 -10.88
C GLY N 11 -7.75 -51.80 -11.71
N GLU N 12 -6.69 -51.70 -12.50
CA GLU N 12 -6.32 -52.84 -13.31
C GLU N 12 -5.94 -54.03 -12.47
N LEU N 13 -5.24 -53.80 -11.38
CA LEU N 13 -4.82 -54.92 -10.60
C LEU N 13 -6.02 -55.62 -9.99
N ALA N 14 -6.92 -54.84 -9.42
CA ALA N 14 -8.09 -55.42 -8.78
C ALA N 14 -8.93 -56.15 -9.79
N TYR N 15 -9.03 -55.59 -10.99
CA TYR N 15 -9.83 -56.19 -12.03
C TYR N 15 -9.30 -57.56 -12.37
N LYS N 16 -8.00 -57.65 -12.61
CA LYS N 16 -7.38 -58.90 -13.00
C LYS N 16 -7.52 -59.97 -11.95
N LEU N 17 -7.52 -59.55 -10.70
CA LEU N 17 -7.64 -60.45 -9.58
C LEU N 17 -9.08 -60.85 -9.24
N GLY N 18 -10.05 -60.31 -9.96
CA GLY N 18 -11.46 -60.63 -9.72
C GLY N 18 -12.14 -59.76 -8.68
N GLU N 19 -11.43 -58.77 -8.17
CA GLU N 19 -11.99 -57.91 -7.16
C GLU N 19 -12.63 -56.77 -7.86
N TYR N 20 -13.77 -57.07 -8.44
CA TYR N 20 -14.42 -56.13 -9.30
C TYR N 20 -14.97 -54.97 -8.51
N ARG N 21 -15.37 -55.20 -7.27
CA ARG N 21 -15.91 -54.07 -6.54
C ARG N 21 -14.82 -53.04 -6.26
N ILE N 22 -13.61 -53.54 -6.02
CA ILE N 22 -12.50 -52.65 -5.76
C ILE N 22 -12.16 -51.98 -7.05
N ALA N 23 -12.11 -52.76 -8.14
CA ALA N 23 -11.75 -52.22 -9.42
C ALA N 23 -12.70 -51.12 -9.83
N ILE N 24 -13.98 -51.28 -9.56
CA ILE N 24 -14.93 -50.26 -9.91
C ILE N 24 -14.65 -49.00 -9.16
N ARG N 25 -14.44 -49.08 -7.86
CA ARG N 25 -14.19 -47.83 -7.20
C ARG N 25 -12.90 -47.20 -7.68
N ALA N 26 -11.87 -48.00 -7.89
CA ALA N 26 -10.59 -47.46 -8.31
C ALA N 26 -10.68 -46.83 -9.70
N TYR N 27 -11.44 -47.44 -10.61
CA TYR N 27 -11.53 -46.84 -11.93
C TYR N 27 -12.31 -45.58 -11.85
N ARG N 28 -13.34 -45.54 -11.02
CA ARG N 28 -14.11 -44.34 -10.91
C ARG N 28 -13.25 -43.22 -10.34
N ILE N 29 -12.34 -43.53 -9.42
CA ILE N 29 -11.47 -42.50 -8.92
C ILE N 29 -10.59 -41.97 -10.03
N ALA N 30 -9.98 -42.87 -10.79
CA ALA N 30 -9.09 -42.41 -11.85
C ALA N 30 -9.83 -41.57 -12.89
N LEU N 31 -11.05 -41.98 -13.21
CA LEU N 31 -11.89 -41.32 -14.17
C LEU N 31 -12.43 -40.01 -13.69
N LYS N 32 -12.72 -39.90 -12.41
CA LYS N 32 -13.18 -38.65 -11.88
C LYS N 32 -12.11 -37.61 -12.12
N ARG N 33 -10.85 -38.01 -11.88
CA ARG N 33 -9.73 -37.11 -12.12
C ARG N 33 -9.46 -36.95 -13.63
N ASP N 34 -9.63 -38.02 -14.42
CA ASP N 34 -9.40 -37.96 -15.86
C ASP N 34 -10.47 -38.72 -16.67
N PRO N 35 -11.56 -38.04 -17.06
CA PRO N 35 -12.71 -38.54 -17.78
C PRO N 35 -12.42 -39.03 -19.19
N ASN N 36 -11.23 -38.77 -19.74
CA ASN N 36 -10.99 -39.17 -21.11
C ASN N 36 -10.27 -40.51 -21.22
N ASN N 37 -10.13 -41.21 -20.11
CA ASN N 37 -9.45 -42.47 -20.20
C ASN N 37 -10.40 -43.56 -20.69
N ALA N 38 -10.42 -43.73 -22.01
CA ALA N 38 -11.33 -44.66 -22.67
C ALA N 38 -11.13 -46.07 -22.21
N GLU N 39 -9.89 -46.44 -21.96
CA GLU N 39 -9.60 -47.79 -21.54
C GLU N 39 -10.16 -48.03 -20.17
N ALA N 40 -10.02 -47.06 -19.28
CA ALA N 40 -10.58 -47.20 -17.96
C ALA N 40 -12.09 -47.29 -18.06
N TRP N 41 -12.71 -46.52 -18.96
CA TRP N 41 -14.16 -46.60 -19.08
C TRP N 41 -14.56 -47.99 -19.52
N TYR N 42 -13.82 -48.54 -20.47
CA TYR N 42 -14.07 -49.86 -20.96
C TYR N 42 -13.96 -50.89 -19.86
N ASN N 43 -12.88 -50.82 -19.10
CA ASN N 43 -12.67 -51.76 -18.03
C ASN N 43 -13.67 -51.57 -16.91
N LEU N 44 -14.14 -50.34 -16.73
CA LEU N 44 -15.15 -50.09 -15.74
C LEU N 44 -16.38 -50.83 -16.17
N GLY N 45 -16.72 -50.70 -17.45
CA GLY N 45 -17.87 -51.37 -17.99
C GLY N 45 -17.72 -52.87 -17.85
N ASN N 46 -16.51 -53.37 -18.03
CA ASN N 46 -16.31 -54.79 -17.88
C ASN N 46 -16.52 -55.21 -16.45
N ALA N 47 -16.08 -54.42 -15.50
CA ALA N 47 -16.28 -54.79 -14.12
C ALA N 47 -17.76 -54.81 -13.78
N TYR N 48 -18.52 -53.86 -14.31
CA TYR N 48 -19.95 -53.87 -14.02
C TYR N 48 -20.60 -55.08 -14.66
N TYR N 49 -20.15 -55.43 -15.86
CA TYR N 49 -20.64 -56.57 -16.59
C TYR N 49 -20.46 -57.82 -15.75
N LYS N 50 -19.26 -57.96 -15.18
CA LYS N 50 -18.91 -59.11 -14.35
C LYS N 50 -19.80 -59.21 -13.12
N GLN N 51 -20.25 -58.07 -12.61
CA GLN N 51 -21.12 -58.02 -11.45
C GLN N 51 -22.60 -58.16 -11.82
N GLY N 52 -22.91 -58.28 -13.10
CA GLY N 52 -24.27 -58.44 -13.58
C GLY N 52 -24.99 -57.14 -13.89
N ASP N 53 -24.32 -56.00 -13.75
CA ASP N 53 -25.04 -54.78 -14.03
C ASP N 53 -24.81 -54.45 -15.46
N TYR N 54 -25.71 -54.90 -16.28
CA TYR N 54 -25.49 -54.76 -17.67
C TYR N 54 -25.96 -53.42 -18.17
N ARG N 55 -26.63 -52.64 -17.31
CA ARG N 55 -27.05 -51.35 -17.81
C ARG N 55 -25.86 -50.45 -17.67
N GLU N 56 -25.17 -50.58 -16.55
CA GLU N 56 -24.00 -49.75 -16.34
C GLU N 56 -22.94 -50.15 -17.33
N ALA N 57 -22.80 -51.46 -17.59
CA ALA N 57 -21.80 -51.89 -18.54
C ALA N 57 -22.05 -51.23 -19.89
N ILE N 58 -23.32 -51.14 -20.30
CA ILE N 58 -23.65 -50.48 -21.55
C ILE N 58 -23.29 -49.03 -21.51
N ARG N 59 -23.63 -48.34 -20.45
CA ARG N 59 -23.35 -46.92 -20.39
C ARG N 59 -21.87 -46.65 -20.52
N TYR N 60 -21.06 -47.48 -19.90
CA TYR N 60 -19.65 -47.22 -19.95
C TYR N 60 -19.04 -47.69 -21.24
N TYR N 61 -19.57 -48.74 -21.86
CA TYR N 61 -18.98 -49.16 -23.11
C TYR N 61 -19.26 -48.09 -24.14
N LEU N 62 -20.45 -47.50 -24.10
CA LEU N 62 -20.77 -46.47 -25.05
C LEU N 62 -19.86 -45.29 -24.84
N ARG N 63 -19.60 -44.93 -23.59
CA ARG N 63 -18.74 -43.81 -23.36
C ARG N 63 -17.34 -44.10 -23.85
N ALA N 64 -16.86 -45.31 -23.60
CA ALA N 64 -15.52 -45.67 -24.03
C ALA N 64 -15.41 -45.59 -25.54
N LEU N 65 -16.47 -46.02 -26.22
CA LEU N 65 -16.56 -45.99 -27.67
C LEU N 65 -16.67 -44.60 -28.21
N LYS N 66 -17.31 -43.71 -27.48
CA LYS N 66 -17.37 -42.36 -27.97
C LYS N 66 -15.96 -41.80 -27.99
N LEU N 67 -15.20 -42.11 -26.93
CA LEU N 67 -13.81 -41.69 -26.87
C LEU N 67 -12.95 -42.46 -27.88
N ASP N 68 -13.26 -43.73 -28.10
CA ASP N 68 -12.52 -44.55 -29.04
C ASP N 68 -13.41 -45.55 -29.81
N PRO N 69 -13.98 -45.14 -30.95
CA PRO N 69 -14.87 -45.91 -31.81
C PRO N 69 -14.22 -47.15 -32.41
N GLU N 70 -12.89 -47.27 -32.32
CA GLU N 70 -12.19 -48.41 -32.89
C GLU N 70 -12.11 -49.58 -31.94
N ASN N 71 -12.58 -49.42 -30.71
CA ASN N 71 -12.37 -50.54 -29.83
C ASN N 71 -13.40 -51.61 -30.07
N ALA N 72 -13.01 -52.56 -30.91
CA ALA N 72 -13.88 -53.66 -31.31
C ALA N 72 -14.32 -54.45 -30.10
N GLU N 73 -13.48 -54.50 -29.07
CA GLU N 73 -13.83 -55.28 -27.92
C GLU N 73 -14.92 -54.58 -27.14
N ALA N 74 -14.93 -53.25 -27.17
CA ALA N 74 -15.96 -52.53 -26.46
C ALA N 74 -17.24 -52.70 -27.24
N TRP N 75 -17.13 -52.73 -28.56
CA TRP N 75 -18.31 -52.93 -29.38
C TRP N 75 -18.88 -54.30 -29.11
N TYR N 76 -18.01 -55.28 -29.01
CA TYR N 76 -18.43 -56.62 -28.75
C TYR N 76 -19.04 -56.74 -27.38
N ASN N 77 -18.37 -56.18 -26.36
CA ASN N 77 -18.88 -56.28 -25.01
C ASN N 77 -20.16 -55.47 -24.86
N LEU N 78 -20.31 -54.42 -25.65
CA LEU N 78 -21.52 -53.65 -25.66
C LEU N 78 -22.61 -54.57 -26.14
N GLY N 79 -22.32 -55.31 -27.21
CA GLY N 79 -23.29 -56.23 -27.73
C GLY N 79 -23.63 -57.29 -26.70
N ASN N 80 -22.66 -57.72 -25.92
CA ASN N 80 -22.95 -58.73 -24.93
C ASN N 80 -23.86 -58.19 -23.85
N ALA N 81 -23.59 -56.97 -23.37
CA ALA N 81 -24.42 -56.40 -22.32
C ALA N 81 -25.83 -56.17 -22.83
N LEU N 82 -25.94 -55.76 -24.09
CA LEU N 82 -27.24 -55.54 -24.67
C LEU N 82 -27.99 -56.84 -24.77
N TYR N 83 -27.28 -57.89 -25.16
CA TYR N 83 -27.86 -59.19 -25.30
C TYR N 83 -28.43 -59.63 -23.96
N LYS N 84 -27.67 -59.43 -22.91
CA LYS N 84 -28.08 -59.81 -21.56
C LYS N 84 -29.37 -59.10 -21.15
N GLN N 85 -29.54 -57.87 -21.62
CA GLN N 85 -30.72 -57.09 -21.29
C GLN N 85 -31.91 -57.37 -22.22
N GLY N 86 -31.73 -58.26 -23.21
CA GLY N 86 -32.78 -58.60 -24.17
C GLY N 86 -32.82 -57.66 -25.36
N LYS N 87 -31.87 -56.75 -25.41
CA LYS N 87 -31.83 -55.76 -26.46
C LYS N 87 -31.11 -56.34 -27.65
N TYR N 88 -31.81 -57.23 -28.33
CA TYR N 88 -31.22 -58.03 -29.39
C TYR N 88 -30.95 -57.27 -30.66
N ASP N 89 -31.79 -56.33 -31.06
CA ASP N 89 -31.46 -55.71 -32.34
C ASP N 89 -30.19 -54.92 -32.14
N LEU N 90 -30.13 -54.28 -31.00
CA LEU N 90 -28.99 -53.50 -30.60
C LEU N 90 -27.77 -54.34 -30.39
N ALA N 91 -27.93 -55.53 -29.79
CA ALA N 91 -26.77 -56.37 -29.59
C ALA N 91 -26.18 -56.74 -30.92
N ILE N 92 -27.05 -57.02 -31.89
CA ILE N 92 -26.63 -57.41 -33.21
C ILE N 92 -25.90 -56.29 -33.89
N ILE N 93 -26.43 -55.09 -33.77
CA ILE N 93 -25.78 -53.94 -34.38
C ILE N 93 -24.41 -53.75 -33.76
N ALA N 94 -24.31 -53.80 -32.43
CA ALA N 94 -23.03 -53.64 -31.77
C ALA N 94 -22.06 -54.73 -32.17
N TYR N 95 -22.57 -55.96 -32.34
CA TYR N 95 -21.69 -57.04 -32.74
C TYR N 95 -21.18 -56.76 -34.14
N GLN N 96 -22.06 -56.26 -35.00
CA GLN N 96 -21.60 -55.98 -36.34
C GLN N 96 -20.62 -54.83 -36.29
N ALA N 97 -20.85 -53.86 -35.42
CA ALA N 97 -19.98 -52.72 -35.32
C ALA N 97 -18.57 -53.16 -34.94
N ALA N 98 -18.47 -54.20 -34.12
CA ALA N 98 -17.19 -54.75 -33.73
C ALA N 98 -16.47 -55.35 -34.93
N LEU N 99 -17.24 -55.96 -35.83
CA LEU N 99 -16.69 -56.59 -37.02
C LEU N 99 -16.28 -55.55 -38.03
N GLU N 100 -17.04 -54.47 -38.08
CA GLU N 100 -16.77 -53.38 -39.01
C GLU N 100 -15.49 -52.69 -38.61
N GLY O 1 68.86 -27.42 0.57
CA GLY O 1 69.94 -27.97 1.38
C GLY O 1 69.39 -28.53 2.68
N SER O 2 68.13 -28.23 2.93
CA SER O 2 67.43 -28.70 4.12
C SER O 2 65.98 -28.95 3.77
N MET O 3 65.08 -28.10 4.23
CA MET O 3 63.67 -28.24 3.89
C MET O 3 63.19 -29.69 4.05
N GLY O 4 63.44 -30.27 5.22
CA GLY O 4 63.14 -31.69 5.47
C GLY O 4 61.68 -32.06 5.25
N ASN O 5 60.77 -31.14 5.52
CA ASN O 5 59.36 -31.37 5.36
C ASN O 5 58.80 -30.68 4.12
N LEU O 6 59.64 -30.38 3.14
CA LEU O 6 59.16 -29.68 1.96
C LEU O 6 58.03 -30.37 1.27
N ALA O 7 58.20 -31.66 1.02
CA ALA O 7 57.19 -32.38 0.29
C ALA O 7 55.91 -32.40 1.07
N GLU O 8 56.02 -32.49 2.39
CA GLU O 8 54.83 -32.57 3.21
C GLU O 8 54.06 -31.28 3.16
N LYS O 9 54.78 -30.16 3.23
CA LYS O 9 54.12 -28.87 3.21
C LYS O 9 53.41 -28.63 1.90
N MET O 10 54.09 -28.99 0.81
CA MET O 10 53.52 -28.79 -0.50
C MET O 10 52.34 -29.73 -0.71
N TYR O 11 52.46 -30.97 -0.24
CA TYR O 11 51.41 -31.95 -0.36
C TYR O 11 50.16 -31.50 0.36
N LYS O 12 50.33 -31.05 1.60
CA LYS O 12 49.20 -30.62 2.39
C LYS O 12 48.53 -29.42 1.74
N ALA O 13 49.32 -28.49 1.22
CA ALA O 13 48.74 -27.34 0.56
C ALA O 13 47.96 -27.80 -0.65
N GLY O 14 48.50 -28.80 -1.36
CA GLY O 14 47.85 -29.33 -2.53
C GLY O 14 46.53 -29.93 -2.16
N ASN O 15 46.47 -30.62 -1.03
CA ASN O 15 45.23 -31.22 -0.62
C ASN O 15 44.21 -30.16 -0.30
N ALA O 16 44.63 -29.07 0.36
CA ALA O 16 43.69 -28.03 0.68
C ALA O 16 43.11 -27.39 -0.56
N MET O 17 43.96 -27.19 -1.54
CA MET O 17 43.53 -26.58 -2.76
C MET O 17 42.67 -27.50 -3.57
N TYR O 18 42.95 -28.79 -3.51
CA TYR O 18 42.10 -29.71 -4.22
C TYR O 18 40.72 -29.67 -3.59
N ARG O 19 40.66 -29.72 -2.27
CA ARG O 19 39.38 -29.72 -1.57
C ARG O 19 38.56 -28.47 -1.87
N LYS O 20 39.24 -27.35 -2.04
CA LYS O 20 38.57 -26.09 -2.33
C LYS O 20 38.31 -25.88 -3.83
N GLY O 21 38.68 -26.85 -4.67
CA GLY O 21 38.47 -26.80 -6.12
C GLY O 21 39.52 -25.99 -6.84
N GLN O 22 40.55 -25.60 -6.13
CA GLN O 22 41.58 -24.79 -6.70
C GLN O 22 42.57 -25.72 -7.32
N TYR O 23 42.17 -26.34 -8.40
CA TYR O 23 43.00 -27.35 -8.98
C TYR O 23 44.27 -26.80 -9.59
N THR O 24 44.30 -25.54 -10.02
CA THR O 24 45.55 -25.12 -10.64
C THR O 24 46.61 -24.95 -9.59
N ILE O 25 46.20 -24.48 -8.44
CA ILE O 25 47.13 -24.27 -7.37
C ILE O 25 47.53 -25.63 -6.87
N ALA O 26 46.54 -26.52 -6.73
CA ALA O 26 46.82 -27.84 -6.23
C ALA O 26 47.80 -28.57 -7.12
N ILE O 27 47.70 -28.40 -8.44
CA ILE O 27 48.63 -29.02 -9.34
C ILE O 27 50.00 -28.50 -9.08
N ILE O 28 50.13 -27.19 -8.92
CA ILE O 28 51.44 -26.66 -8.66
C ILE O 28 52.00 -27.23 -7.39
N ALA O 29 51.19 -27.23 -6.33
CA ALA O 29 51.67 -27.71 -5.06
C ALA O 29 52.02 -29.19 -5.08
N TYR O 30 51.24 -30.01 -5.77
CA TYR O 30 51.57 -31.42 -5.79
C TYR O 30 52.78 -31.65 -6.64
N THR O 31 52.90 -30.87 -7.70
CA THR O 31 54.01 -31.04 -8.58
C THR O 31 55.26 -30.73 -7.81
N LEU O 32 55.26 -29.66 -7.04
CA LEU O 32 56.42 -29.30 -6.27
C LEU O 32 56.75 -30.34 -5.22
N ALA O 33 55.72 -30.91 -4.57
CA ALA O 33 55.98 -31.90 -3.56
C ALA O 33 56.71 -33.08 -4.16
N LEU O 34 56.29 -33.45 -5.36
CA LEU O 34 56.90 -34.52 -6.09
C LEU O 34 58.18 -34.12 -6.78
N LEU O 35 58.30 -32.88 -7.19
CA LEU O 35 59.47 -32.48 -7.95
C LEU O 35 60.73 -32.75 -7.18
N LYS O 36 60.73 -32.48 -5.89
CA LYS O 36 61.93 -32.76 -5.10
C LYS O 36 61.97 -34.16 -4.49
N ASP O 37 60.90 -34.94 -4.69
CA ASP O 37 60.76 -36.29 -4.16
C ASP O 37 59.62 -37.02 -4.88
N PRO O 38 59.78 -37.47 -6.12
CA PRO O 38 58.72 -38.02 -6.96
C PRO O 38 58.38 -39.45 -6.64
N ASN O 39 58.20 -39.77 -5.37
CA ASN O 39 57.98 -41.13 -4.95
C ASN O 39 56.72 -41.36 -4.13
N ASN O 40 55.82 -40.39 -4.10
CA ASN O 40 54.63 -40.57 -3.31
C ASN O 40 53.46 -40.90 -4.19
N ALA O 41 53.02 -42.15 -4.16
CA ALA O 41 51.92 -42.56 -5.01
C ALA O 41 50.70 -41.72 -4.73
N GLU O 42 50.52 -41.30 -3.47
CA GLU O 42 49.37 -40.51 -3.10
C GLU O 42 49.39 -39.18 -3.78
N ALA O 43 50.58 -38.61 -3.95
CA ALA O 43 50.69 -37.32 -4.55
C ALA O 43 50.54 -37.48 -6.02
N TRP O 44 51.04 -38.59 -6.56
CA TRP O 44 50.90 -38.79 -7.98
C TRP O 44 49.43 -38.93 -8.29
N TYR O 45 48.75 -39.67 -7.44
CA TYR O 45 47.33 -39.89 -7.51
C TYR O 45 46.57 -38.60 -7.39
N ASN O 46 46.88 -37.80 -6.38
CA ASN O 46 46.19 -36.55 -6.21
C ASN O 46 46.54 -35.56 -7.28
N LEU O 47 47.73 -35.67 -7.86
CA LEU O 47 48.09 -34.82 -8.96
C LEU O 47 47.18 -35.18 -10.09
N GLY O 48 46.98 -36.49 -10.28
CA GLY O 48 46.10 -37.00 -11.30
C GLY O 48 44.69 -36.53 -11.03
N ASN O 49 44.28 -36.49 -9.77
CA ASN O 49 42.94 -36.05 -9.45
C ASN O 49 42.76 -34.59 -9.76
N ALA O 50 43.78 -33.79 -9.49
CA ALA O 50 43.67 -32.39 -9.79
C ALA O 50 43.61 -32.18 -11.29
N ALA O 51 44.40 -32.97 -12.04
CA ALA O 51 44.39 -32.88 -13.48
C ALA O 51 43.06 -33.34 -14.03
N TYR O 52 42.48 -34.33 -13.38
CA TYR O 52 41.21 -34.88 -13.79
C TYR O 52 40.17 -33.79 -13.58
N LYS O 53 40.27 -33.09 -12.45
CA LYS O 53 39.35 -31.99 -12.15
C LYS O 53 39.49 -30.89 -13.21
N LYS O 54 40.73 -30.61 -13.63
CA LYS O 54 40.99 -29.62 -14.66
C LYS O 54 40.33 -29.99 -15.99
N GLY O 55 40.37 -31.27 -16.32
CA GLY O 55 39.77 -31.79 -17.56
C GLY O 55 40.80 -32.33 -18.55
N GLU O 56 42.06 -32.03 -18.33
CA GLU O 56 43.09 -32.54 -19.24
C GLU O 56 43.43 -33.93 -18.81
N TYR O 57 42.55 -34.82 -19.21
CA TYR O 57 42.61 -36.18 -18.76
C TYR O 57 43.87 -36.87 -19.20
N ASP O 58 44.46 -36.46 -20.30
CA ASP O 58 45.67 -37.16 -20.70
C ASP O 58 46.78 -36.91 -19.65
N GLU O 59 46.78 -35.71 -19.03
CA GLU O 59 47.80 -35.43 -18.05
C GLU O 59 47.46 -36.23 -16.82
N ALA O 60 46.16 -36.36 -16.58
CA ALA O 60 45.71 -37.12 -15.44
C ALA O 60 46.15 -38.55 -15.58
N ILE O 61 46.13 -39.06 -16.82
CA ILE O 61 46.55 -40.43 -17.05
C ILE O 61 47.99 -40.60 -16.71
N GLU O 62 48.84 -39.71 -17.17
CA GLU O 62 50.23 -39.94 -16.83
C GLU O 62 50.43 -39.94 -15.32
N ALA O 63 49.79 -38.99 -14.63
CA ALA O 63 49.98 -38.93 -13.19
C ALA O 63 49.40 -40.14 -12.46
N TYR O 64 48.24 -40.64 -12.92
CA TYR O 64 47.67 -41.78 -12.25
C TYR O 64 48.50 -43.01 -12.57
N GLN O 65 49.02 -43.09 -13.78
CA GLN O 65 49.81 -44.23 -14.12
C GLN O 65 51.02 -44.27 -13.23
N LYS O 66 51.63 -43.11 -12.99
CA LYS O 66 52.78 -43.13 -12.12
C LYS O 66 52.38 -43.57 -10.75
N ALA O 67 51.21 -43.15 -10.27
CA ALA O 67 50.81 -43.58 -8.95
C ALA O 67 50.73 -45.10 -8.91
N LEU O 68 50.24 -45.72 -9.98
CA LEU O 68 50.16 -47.18 -10.06
C LEU O 68 51.53 -47.80 -10.16
N GLU O 69 52.46 -47.13 -10.82
CA GLU O 69 53.79 -47.66 -10.92
C GLU O 69 54.39 -47.74 -9.52
N LEU O 70 54.10 -46.73 -8.70
CA LEU O 70 54.57 -46.73 -7.32
C LEU O 70 53.74 -47.72 -6.49
N ASP O 71 52.44 -47.83 -6.78
CA ASP O 71 51.55 -48.72 -6.06
C ASP O 71 50.37 -49.21 -6.93
N PRO O 72 50.45 -50.42 -7.51
CA PRO O 72 49.51 -50.97 -8.45
C PRO O 72 48.20 -51.38 -7.81
N ASN O 73 48.09 -51.23 -6.49
CA ASN O 73 46.89 -51.64 -5.80
C ASN O 73 45.94 -50.47 -5.63
N ASN O 74 46.27 -49.34 -6.25
CA ASN O 74 45.39 -48.21 -6.13
C ASN O 74 44.24 -48.34 -7.11
N ALA O 75 43.17 -48.98 -6.63
CA ALA O 75 42.01 -49.29 -7.43
C ALA O 75 41.38 -48.03 -7.94
N GLU O 76 41.42 -46.98 -7.15
CA GLU O 76 40.83 -45.73 -7.56
C GLU O 76 41.57 -45.16 -8.74
N ALA O 77 42.90 -45.28 -8.74
CA ALA O 77 43.66 -44.78 -9.87
C ALA O 77 43.29 -45.61 -11.07
N TRP O 78 43.13 -46.91 -10.87
CA TRP O 78 42.79 -47.76 -11.99
C TRP O 78 41.45 -47.30 -12.56
N TYR O 79 40.51 -47.00 -11.67
CA TYR O 79 39.20 -46.53 -12.06
C TYR O 79 39.26 -45.23 -12.83
N ASN O 80 39.97 -44.23 -12.32
CA ASN O 80 40.02 -42.97 -13.02
C ASN O 80 40.78 -43.07 -14.30
N LEU O 81 41.75 -43.97 -14.37
CA LEU O 81 42.43 -44.16 -15.63
C LEU O 81 41.45 -44.71 -16.60
N GLY O 82 40.63 -45.66 -16.16
CA GLY O 82 39.65 -46.21 -17.05
C GLY O 82 38.71 -45.12 -17.50
N ASN O 83 38.38 -44.19 -16.61
CA ASN O 83 37.49 -43.10 -16.96
C ASN O 83 38.15 -42.17 -17.94
N ALA O 84 39.44 -41.93 -17.77
CA ALA O 84 40.13 -41.07 -18.69
C ALA O 84 40.19 -41.71 -20.06
N TYR O 85 40.43 -43.01 -20.11
CA TYR O 85 40.52 -43.68 -21.39
C TYR O 85 39.17 -43.69 -22.06
N TYR O 86 38.12 -43.90 -21.26
CA TYR O 86 36.75 -43.94 -21.71
C TYR O 86 36.41 -42.60 -22.35
N LYS O 87 36.76 -41.51 -21.67
CA LYS O 87 36.47 -40.17 -22.16
C LYS O 87 37.13 -39.92 -23.49
N GLN O 88 38.31 -40.49 -23.69
CA GLN O 88 39.06 -40.33 -24.92
C GLN O 88 38.56 -41.23 -26.05
N GLY O 89 37.60 -42.10 -25.76
CA GLY O 89 37.05 -43.04 -26.74
C GLY O 89 37.82 -44.35 -26.76
N ASP O 90 38.77 -44.49 -25.85
CA ASP O 90 39.54 -45.70 -25.84
C ASP O 90 38.84 -46.66 -24.95
N TYR O 91 37.89 -47.35 -25.53
CA TYR O 91 37.05 -48.22 -24.75
C TYR O 91 37.75 -49.49 -24.46
N ASP O 92 38.81 -49.80 -25.20
CA ASP O 92 39.46 -51.06 -24.96
C ASP O 92 40.32 -50.91 -23.72
N GLU O 93 40.96 -49.75 -23.58
CA GLU O 93 41.73 -49.56 -22.37
C GLU O 93 40.78 -49.28 -21.24
N ALA O 94 39.66 -48.60 -21.50
CA ALA O 94 38.78 -48.33 -20.40
C ALA O 94 38.38 -49.64 -19.75
N ILE O 95 38.13 -50.65 -20.57
CA ILE O 95 37.78 -51.95 -20.06
C ILE O 95 38.89 -52.56 -19.26
N GLU O 96 40.11 -52.52 -19.76
CA GLU O 96 41.19 -53.15 -19.02
C GLU O 96 41.42 -52.47 -17.69
N TYR O 97 41.36 -51.15 -17.67
CA TYR O 97 41.61 -50.44 -16.44
C TYR O 97 40.47 -50.63 -15.43
N TYR O 98 39.23 -50.69 -15.91
CA TYR O 98 38.15 -50.90 -14.97
C TYR O 98 38.22 -52.31 -14.42
N LYS O 99 38.58 -53.29 -15.26
CA LYS O 99 38.67 -54.64 -14.74
C LYS O 99 39.74 -54.75 -13.68
N LYS O 100 40.86 -54.08 -13.87
CA LYS O 100 41.90 -54.17 -12.85
C LYS O 100 41.38 -53.58 -11.55
N ALA O 101 40.64 -52.47 -11.64
CA ALA O 101 40.11 -51.86 -10.42
C ALA O 101 39.19 -52.81 -9.69
N LEU O 102 38.41 -53.56 -10.45
CA LEU O 102 37.48 -54.52 -9.90
C LEU O 102 38.12 -55.77 -9.39
N ARG O 103 39.27 -56.15 -9.92
CA ARG O 103 39.89 -57.31 -9.34
C ARG O 103 40.33 -56.93 -7.92
N LEU O 104 40.82 -55.70 -7.78
CA LEU O 104 41.21 -55.19 -6.48
C LEU O 104 40.00 -54.99 -5.58
N ASP O 105 38.89 -54.54 -6.14
CA ASP O 105 37.66 -54.34 -5.38
C ASP O 105 36.41 -54.61 -6.21
N PRO O 106 35.90 -55.84 -6.21
CA PRO O 106 34.74 -56.32 -6.96
C PRO O 106 33.46 -55.56 -6.62
N ARG O 107 33.42 -54.87 -5.50
CA ARG O 107 32.21 -54.18 -5.10
C ARG O 107 32.21 -52.73 -5.55
N ASN O 108 33.20 -52.34 -6.33
CA ASN O 108 33.18 -50.98 -6.79
C ASN O 108 32.13 -50.88 -7.87
N VAL O 109 30.95 -50.48 -7.43
CA VAL O 109 29.81 -50.44 -8.30
C VAL O 109 29.98 -49.44 -9.41
N ASP O 110 30.69 -48.37 -9.15
CA ASP O 110 30.86 -47.40 -10.20
C ASP O 110 31.78 -47.96 -11.26
N ALA O 111 32.83 -48.66 -10.85
CA ALA O 111 33.69 -49.25 -11.85
C ALA O 111 32.90 -50.25 -12.67
N ILE O 112 31.97 -50.94 -12.05
CA ILE O 112 31.15 -51.88 -12.80
C ILE O 112 30.26 -51.13 -13.76
N GLU O 113 29.60 -50.08 -13.31
CA GLU O 113 28.74 -49.36 -14.24
C GLU O 113 29.51 -48.83 -15.41
N ASN O 114 30.71 -48.34 -15.16
CA ASN O 114 31.46 -47.76 -16.23
C ASN O 114 32.04 -48.84 -17.12
N LEU O 115 32.37 -50.01 -16.55
CA LEU O 115 32.85 -51.12 -17.34
C LEU O 115 31.76 -51.63 -18.25
N ILE O 116 30.54 -51.67 -17.75
CA ILE O 116 29.43 -52.12 -18.55
C ILE O 116 29.28 -51.19 -19.71
N GLU O 117 29.33 -49.88 -19.46
CA GLU O 117 29.18 -49.00 -20.58
C GLU O 117 30.36 -49.15 -21.53
N ALA O 118 31.58 -49.33 -21.02
CA ALA O 118 32.70 -49.43 -21.93
C ALA O 118 32.55 -50.63 -22.86
N GLU O 119 32.02 -51.75 -22.36
CA GLU O 119 31.82 -52.91 -23.22
C GLU O 119 30.74 -52.64 -24.26
N GLU O 120 29.73 -51.85 -23.91
CA GLU O 120 28.67 -51.52 -24.84
C GLU O 120 29.14 -50.53 -25.89
N LYS O 121 30.02 -49.60 -25.49
CA LYS O 121 30.54 -48.59 -26.39
C LYS O 121 31.60 -49.18 -27.31
N GLN O 122 32.36 -50.12 -26.79
CA GLN O 122 33.42 -50.79 -27.54
C GLN O 122 32.88 -51.23 -28.89
N GLU P 3 2.73 -39.11 -1.49
CA GLU P 3 1.86 -40.23 -1.83
C GLU P 3 2.69 -41.38 -2.35
N ALA P 4 3.99 -41.15 -2.39
CA ALA P 4 4.97 -42.11 -2.89
C ALA P 4 4.89 -43.39 -2.13
N GLU P 5 4.58 -43.31 -0.84
CA GLU P 5 4.47 -44.47 -0.01
C GLU P 5 3.35 -45.38 -0.44
N LEU P 6 2.30 -44.84 -1.06
CA LEU P 6 1.22 -45.69 -1.44
C LEU P 6 1.60 -46.32 -2.76
N ALA P 7 2.26 -45.52 -3.61
CA ALA P 7 2.67 -46.04 -4.89
C ALA P 7 3.62 -47.19 -4.69
N TYR P 8 4.48 -47.04 -3.68
CA TYR P 8 5.43 -48.05 -3.36
C TYR P 8 4.74 -49.34 -2.98
N LEU P 9 3.74 -49.24 -2.09
CA LEU P 9 3.04 -50.44 -1.68
C LEU P 9 2.33 -51.09 -2.84
N LEU P 10 1.77 -50.31 -3.76
CA LEU P 10 1.11 -50.93 -4.89
C LEU P 10 2.13 -51.71 -5.67
N GLY P 11 3.32 -51.13 -5.82
CA GLY P 11 4.40 -51.76 -6.53
C GLY P 11 4.71 -53.11 -5.93
N GLU P 12 4.88 -53.17 -4.61
CA GLU P 12 5.18 -54.44 -4.00
C GLU P 12 4.07 -55.44 -4.19
N LEU P 13 2.83 -54.99 -4.09
CA LEU P 13 1.76 -55.95 -4.20
C LEU P 13 1.72 -56.51 -5.60
N ALA P 14 1.82 -55.63 -6.60
CA ALA P 14 1.74 -56.07 -7.98
C ALA P 14 2.89 -57.00 -8.30
N TYR P 15 4.06 -56.69 -7.73
CA TYR P 15 5.23 -57.49 -7.98
C TYR P 15 5.02 -58.90 -7.50
N LYS P 16 4.56 -59.03 -6.25
CA LYS P 16 4.37 -60.34 -5.64
C LYS P 16 3.35 -61.17 -6.38
N LEU P 17 2.37 -60.51 -6.94
CA LEU P 17 1.31 -61.15 -7.68
C LEU P 17 1.67 -61.50 -9.12
N GLY P 18 2.86 -61.12 -9.58
CA GLY P 18 3.30 -61.39 -10.94
C GLY P 18 2.89 -60.33 -11.96
N GLU P 19 2.29 -59.26 -11.49
CA GLU P 19 1.85 -58.21 -12.39
C GLU P 19 2.97 -57.24 -12.50
N TYR P 20 3.97 -57.65 -13.24
CA TYR P 20 5.18 -56.91 -13.30
C TYR P 20 4.99 -55.62 -14.05
N ARG P 21 4.09 -55.59 -15.02
CA ARG P 21 3.93 -54.34 -15.74
C ARG P 21 3.34 -53.29 -14.83
N ILE P 22 2.44 -53.71 -13.94
CA ILE P 22 1.84 -52.79 -13.02
C ILE P 22 2.89 -52.38 -12.03
N ALA P 23 3.65 -53.36 -11.54
CA ALA P 23 4.66 -53.09 -10.55
C ALA P 23 5.67 -52.10 -11.07
N ILE P 24 6.04 -52.21 -12.34
CA ILE P 24 6.99 -51.28 -12.88
C ILE P 24 6.43 -49.90 -12.89
N ARG P 25 5.21 -49.71 -13.34
CA ARG P 25 4.74 -48.36 -13.34
C ARG P 25 4.63 -47.83 -11.92
N ALA P 26 4.15 -48.65 -11.00
CA ALA P 26 3.99 -48.20 -9.63
C ALA P 26 5.32 -47.85 -8.97
N TYR P 27 6.36 -48.63 -9.24
CA TYR P 27 7.63 -48.33 -8.63
C TYR P 27 8.18 -47.07 -9.23
N ARG P 28 7.98 -46.87 -10.53
CA ARG P 28 8.48 -45.67 -11.13
C ARG P 28 7.77 -44.46 -10.56
N ILE P 29 6.49 -44.58 -10.24
CA ILE P 29 5.81 -43.46 -9.64
C ILE P 29 6.42 -43.16 -8.29
N ALA P 30 6.60 -44.19 -7.46
CA ALA P 30 7.15 -43.95 -6.14
C ALA P 30 8.54 -43.33 -6.20
N LEU P 31 9.35 -43.81 -7.13
CA LEU P 31 10.70 -43.36 -7.34
C LEU P 31 10.78 -41.98 -7.91
N LYS P 32 9.86 -41.63 -8.78
CA LYS P 32 9.85 -40.29 -9.33
C LYS P 32 9.70 -39.32 -8.17
N ARG P 33 8.82 -39.64 -7.23
CA ARG P 33 8.63 -38.81 -6.07
C ARG P 33 9.80 -38.96 -5.08
N ASP P 34 10.37 -40.16 -4.95
CA ASP P 34 11.50 -40.39 -4.04
C ASP P 34 12.59 -41.31 -4.65
N PRO P 35 13.56 -40.72 -5.34
CA PRO P 35 14.66 -41.35 -6.04
C PRO P 35 15.64 -42.12 -5.15
N ASN P 36 15.56 -41.97 -3.83
CA ASN P 36 16.54 -42.63 -2.99
C ASN P 36 16.04 -43.96 -2.43
N ASN P 37 14.91 -44.42 -2.91
CA ASN P 37 14.42 -45.69 -2.40
C ASN P 37 15.12 -46.85 -3.09
N ALA P 38 16.22 -47.28 -2.49
CA ALA P 38 17.07 -48.32 -3.05
C ALA P 38 16.33 -49.62 -3.23
N GLU P 39 15.43 -49.92 -2.31
CA GLU P 39 14.70 -51.16 -2.39
C GLU P 39 13.76 -51.13 -3.56
N ALA P 40 13.11 -49.99 -3.78
CA ALA P 40 12.24 -49.88 -4.92
C ALA P 40 13.06 -49.99 -6.19
N TRP P 41 14.27 -49.42 -6.22
CA TRP P 41 15.06 -49.52 -7.44
C TRP P 41 15.40 -50.98 -7.70
N TYR P 42 15.74 -51.69 -6.64
CA TYR P 42 16.05 -53.10 -6.74
C TYR P 42 14.87 -53.88 -7.28
N ASN P 43 13.71 -53.65 -6.71
CA ASN P 43 12.52 -54.36 -7.13
C ASN P 43 12.10 -53.95 -8.52
N LEU P 44 12.39 -52.73 -8.91
CA LEU P 44 12.08 -52.28 -10.24
C LEU P 44 12.94 -53.10 -11.18
N GLY P 45 14.22 -53.23 -10.83
CA GLY P 45 15.13 -54.00 -11.63
C GLY P 45 14.67 -55.43 -11.73
N ASN P 46 14.14 -55.96 -10.63
CA ASN P 46 13.66 -57.32 -10.66
C ASN P 46 12.48 -57.45 -11.58
N ALA P 47 11.59 -56.47 -11.57
CA ALA P 47 10.44 -56.57 -12.45
C ALA P 47 10.89 -56.53 -13.92
N TYR P 48 11.88 -55.70 -14.23
CA TYR P 48 12.34 -55.67 -15.60
C TYR P 48 12.98 -56.98 -15.97
N TYR P 49 13.73 -57.56 -15.04
CA TYR P 49 14.39 -58.84 -15.21
C TYR P 49 13.36 -59.88 -15.58
N LYS P 50 12.26 -59.90 -14.83
CA LYS P 50 11.18 -60.86 -15.04
C LYS P 50 10.55 -60.72 -16.41
N GLN P 51 10.55 -59.50 -16.95
CA GLN P 51 10.00 -59.23 -18.26
C GLN P 51 11.02 -59.44 -19.39
N GLY P 52 12.24 -59.83 -19.04
CA GLY P 52 13.29 -60.08 -20.01
C GLY P 52 14.14 -58.86 -20.36
N ASP P 53 13.89 -57.73 -19.74
CA ASP P 53 14.69 -56.60 -20.11
C ASP P 53 15.85 -56.54 -19.18
N TYR P 54 16.92 -57.15 -19.62
CA TYR P 54 18.03 -57.30 -18.73
C TYR P 54 18.91 -56.08 -18.77
N ARG P 55 18.66 -55.16 -19.69
CA ARG P 55 19.51 -54.00 -19.70
C ARG P 55 18.97 -53.08 -18.65
N GLU P 56 17.65 -52.97 -18.61
CA GLU P 56 17.05 -52.11 -17.62
C GLU P 56 17.28 -52.70 -16.25
N ALA P 57 17.21 -54.03 -16.13
CA ALA P 57 17.45 -54.63 -14.84
C ALA P 57 18.84 -54.26 -14.34
N ILE P 58 19.83 -54.27 -15.24
CA ILE P 58 21.17 -53.87 -14.85
C ILE P 58 21.22 -52.44 -14.41
N ARG P 59 20.60 -51.55 -15.17
CA ARG P 59 20.67 -50.15 -14.82
C ARG P 59 20.09 -49.90 -13.44
N TYR P 60 19.01 -50.58 -13.12
CA TYR P 60 18.41 -50.34 -11.84
C TYR P 60 19.13 -51.04 -10.72
N TYR P 61 19.73 -52.21 -10.99
CA TYR P 61 20.44 -52.86 -9.91
C TYR P 61 21.63 -52.03 -9.55
N LEU P 62 22.28 -51.44 -10.56
CA LEU P 62 23.44 -50.62 -10.27
C LEU P 62 23.02 -49.42 -9.47
N ARG P 63 21.89 -48.82 -9.82
CA ARG P 63 21.46 -47.67 -9.08
C ARG P 63 21.14 -48.04 -7.65
N ALA P 64 20.48 -49.18 -7.47
CA ALA P 64 20.12 -49.61 -6.13
C ALA P 64 21.37 -49.83 -5.30
N LEU P 65 22.39 -50.40 -5.92
CA LEU P 65 23.67 -50.65 -5.28
C LEU P 65 24.43 -49.40 -4.99
N LYS P 66 24.29 -48.39 -5.82
CA LYS P 66 24.97 -47.16 -5.51
C LYS P 66 24.38 -46.61 -4.23
N LEU P 67 23.06 -46.70 -4.10
CA LEU P 67 22.39 -46.27 -2.88
C LEU P 67 22.70 -47.22 -1.72
N ASP P 68 22.80 -48.51 -2.00
CA ASP P 68 23.11 -49.50 -0.97
C ASP P 68 24.01 -50.63 -1.49
N PRO P 69 25.34 -50.47 -1.38
CA PRO P 69 26.37 -51.39 -1.81
C PRO P 69 26.35 -52.73 -1.07
N GLU P 70 25.59 -52.82 0.03
CA GLU P 70 25.53 -54.04 0.82
C GLU P 70 24.47 -55.00 0.31
N ASN P 71 23.69 -54.62 -0.68
CA ASN P 71 22.63 -55.52 -1.04
C ASN P 71 23.16 -56.63 -1.92
N ALA P 72 23.52 -57.72 -1.26
CA ALA P 72 24.09 -58.88 -1.92
C ALA P 72 23.15 -59.42 -2.96
N GLU P 73 21.85 -59.26 -2.74
CA GLU P 73 20.90 -59.79 -3.67
C GLU P 73 20.90 -58.96 -4.93
N ALA P 74 21.16 -57.65 -4.81
CA ALA P 74 21.19 -56.81 -5.98
C ALA P 74 22.46 -57.15 -6.72
N TRP P 75 23.52 -57.45 -5.99
CA TRP P 75 24.77 -57.80 -6.64
C TRP P 75 24.58 -59.09 -7.40
N TYR P 76 23.89 -60.04 -6.78
CA TYR P 76 23.65 -61.30 -7.39
C TYR P 76 22.76 -61.14 -8.61
N ASN P 77 21.66 -60.38 -8.47
CA ASN P 77 20.75 -60.23 -9.57
C ASN P 77 21.38 -59.41 -10.68
N LEU P 78 22.32 -58.53 -10.32
CA LEU P 78 23.06 -57.79 -11.31
C LEU P 78 23.83 -58.79 -12.11
N GLY P 79 24.49 -59.72 -11.40
CA GLY P 79 25.24 -60.74 -12.08
C GLY P 79 24.35 -61.56 -12.98
N ASN P 80 23.12 -61.83 -12.55
CA ASN P 80 22.25 -62.63 -13.38
C ASN P 80 21.87 -61.88 -14.65
N ALA P 81 21.55 -60.60 -14.52
CA ALA P 81 21.16 -59.83 -15.70
C ALA P 81 22.34 -59.71 -16.66
N LEU P 82 23.54 -59.56 -16.12
CA LEU P 82 24.71 -59.47 -16.94
C LEU P 82 24.94 -60.77 -17.67
N TYR P 83 24.74 -61.87 -16.95
CA TYR P 83 24.91 -63.18 -17.51
C TYR P 83 23.98 -63.34 -18.71
N LYS P 84 22.73 -62.92 -18.53
CA LYS P 84 21.73 -63.03 -19.58
C LYS P 84 22.13 -62.27 -20.83
N GLN P 85 22.84 -61.16 -20.65
CA GLN P 85 23.28 -60.33 -21.75
C GLN P 85 24.60 -60.79 -22.35
N GLY P 86 25.21 -61.86 -21.81
CA GLY P 86 26.48 -62.40 -22.29
C GLY P 86 27.68 -61.71 -21.65
N LYS P 87 27.41 -60.83 -20.71
CA LYS P 87 28.46 -60.07 -20.07
C LYS P 87 29.02 -60.86 -18.93
N TYR P 88 29.79 -61.87 -19.29
CA TYR P 88 30.26 -62.86 -18.35
C TYR P 88 31.34 -62.39 -17.42
N ASP P 89 32.26 -61.55 -17.87
CA ASP P 89 33.29 -61.18 -16.90
C ASP P 89 32.65 -60.37 -15.82
N LEU P 90 31.74 -59.52 -16.26
CA LEU P 90 30.99 -58.66 -15.40
C LEU P 90 30.05 -59.44 -14.52
N ALA P 91 29.41 -60.48 -15.05
CA ALA P 91 28.52 -61.26 -14.22
C ALA P 91 29.29 -61.89 -13.10
N ILE P 92 30.50 -62.37 -13.41
CA ILE P 92 31.35 -63.01 -12.43
C ILE P 92 31.76 -62.03 -11.37
N ILE P 93 32.14 -60.83 -11.78
CA ILE P 93 32.54 -59.85 -10.81
C ILE P 93 31.37 -59.51 -9.90
N ALA P 94 30.18 -59.31 -10.46
CA ALA P 94 29.01 -58.99 -9.66
C ALA P 94 28.68 -60.16 -8.72
N TYR P 95 28.85 -61.39 -9.20
CA TYR P 95 28.58 -62.52 -8.34
C TYR P 95 29.57 -62.52 -7.20
N GLN P 96 30.82 -62.22 -7.48
CA GLN P 96 31.78 -62.20 -6.42
C GLN P 96 31.46 -61.06 -5.47
N ALA P 97 31.01 -59.95 -6.02
CA ALA P 97 30.69 -58.79 -5.19
C ALA P 97 29.60 -59.15 -4.19
N ALA P 98 28.65 -60.00 -4.61
CA ALA P 98 27.59 -60.44 -3.73
C ALA P 98 28.16 -61.27 -2.59
N LEU P 99 29.20 -62.06 -2.87
CA LEU P 99 29.83 -62.91 -1.87
C LEU P 99 30.68 -62.09 -0.93
N GLU P 100 31.28 -61.04 -1.46
CA GLU P 100 32.13 -60.17 -0.68
C GLU P 100 31.28 -59.40 0.32
N GLY Q 1 63.90 -35.55 -12.00
CA GLY Q 1 64.56 -36.67 -12.67
C GLY Q 1 63.75 -37.11 -13.88
N SER Q 2 62.54 -36.60 -13.96
CA SER Q 2 61.62 -36.89 -15.05
C SER Q 2 60.79 -35.65 -15.35
N MET Q 3 59.51 -35.68 -15.00
CA MET Q 3 58.66 -34.51 -15.20
C MET Q 3 58.84 -33.91 -16.59
N GLY Q 4 58.72 -34.75 -17.62
CA GLY Q 4 58.96 -34.35 -19.01
C GLY Q 4 58.11 -33.18 -19.48
N ASN Q 5 56.90 -33.07 -18.97
CA ASN Q 5 56.00 -32.01 -19.33
C ASN Q 5 55.88 -30.94 -18.25
N LEU Q 6 56.87 -30.85 -17.37
CA LEU Q 6 56.78 -29.89 -16.29
C LEU Q 6 56.55 -28.48 -16.74
N ALA Q 7 57.35 -28.04 -17.70
CA ALA Q 7 57.24 -26.68 -18.14
C ALA Q 7 55.89 -26.44 -18.76
N GLU Q 8 55.36 -27.44 -19.45
CA GLU Q 8 54.11 -27.27 -20.12
C GLU Q 8 52.98 -27.13 -19.12
N LYS Q 9 53.03 -27.94 -18.06
CA LYS Q 9 51.98 -27.88 -17.06
C LYS Q 9 51.99 -26.55 -16.34
N MET Q 10 53.18 -26.08 -16.01
CA MET Q 10 53.30 -24.82 -15.30
C MET Q 10 52.90 -23.66 -16.21
N TYR Q 11 53.29 -23.73 -17.49
CA TYR Q 11 52.96 -22.72 -18.46
C TYR Q 11 51.47 -22.60 -18.64
N LYS Q 12 50.80 -23.73 -18.82
CA LYS Q 12 49.38 -23.71 -19.02
C LYS Q 12 48.67 -23.17 -17.79
N ALA Q 13 49.14 -23.54 -16.60
CA ALA Q 13 48.52 -23.02 -15.40
C ALA Q 13 48.71 -21.53 -15.34
N GLY Q 14 49.90 -21.07 -15.77
CA GLY Q 14 50.20 -19.66 -15.78
C GLY Q 14 49.26 -18.93 -16.68
N ASN Q 15 48.96 -19.53 -17.83
CA ASN Q 15 48.07 -18.88 -18.75
C ASN Q 15 46.68 -18.78 -18.18
N ALA Q 16 46.23 -19.82 -17.49
CA ALA Q 16 44.91 -19.78 -16.92
C ALA Q 16 44.80 -18.68 -15.88
N MET Q 17 45.84 -18.56 -15.08
CA MET Q 17 45.84 -17.57 -14.03
C MET Q 17 45.97 -16.18 -14.60
N TYR Q 18 46.70 -16.03 -15.68
CA TYR Q 18 46.80 -14.73 -16.28
C TYR Q 18 45.42 -14.33 -16.78
N ARG Q 19 44.75 -15.25 -17.48
CA ARG Q 19 43.43 -14.97 -18.03
C ARG Q 19 42.44 -14.59 -16.95
N LYS Q 20 42.55 -15.20 -15.78
CA LYS Q 20 41.65 -14.93 -14.69
C LYS Q 20 42.09 -13.74 -13.83
N GLY Q 21 43.19 -13.08 -14.19
CA GLY Q 21 43.71 -11.91 -13.49
C GLY Q 21 44.52 -12.26 -12.27
N GLN Q 22 44.80 -13.54 -12.10
CA GLN Q 22 45.52 -13.98 -10.94
C GLN Q 22 46.97 -13.90 -11.28
N TYR Q 23 47.45 -12.68 -11.37
CA TYR Q 23 48.80 -12.49 -11.81
C TYR Q 23 49.83 -12.99 -10.82
N THR Q 24 49.53 -13.06 -9.53
CA THR Q 24 50.60 -13.50 -8.66
C THR Q 24 50.84 -14.97 -8.83
N ILE Q 25 49.75 -15.69 -9.04
CA ILE Q 25 49.85 -17.11 -9.23
C ILE Q 25 50.50 -17.34 -10.56
N ALA Q 26 50.05 -16.57 -11.57
CA ALA Q 26 50.59 -16.74 -12.90
C ALA Q 26 52.08 -16.49 -12.92
N ILE Q 27 52.56 -15.52 -12.16
CA ILE Q 27 53.98 -15.27 -12.11
C ILE Q 27 54.67 -16.46 -11.55
N ILE Q 28 54.14 -17.03 -10.48
CA ILE Q 28 54.79 -18.18 -9.91
C ILE Q 28 54.83 -19.29 -10.91
N ALA Q 29 53.70 -19.56 -11.56
CA ALA Q 29 53.65 -20.64 -12.51
C ALA Q 29 54.57 -20.44 -13.71
N TYR Q 30 54.65 -19.22 -14.22
CA TYR Q 30 55.50 -19.00 -15.37
C TYR Q 30 56.94 -19.09 -14.94
N THR Q 31 57.22 -18.60 -13.75
CA THR Q 31 58.57 -18.61 -13.27
C THR Q 31 59.02 -20.02 -13.16
N LEU Q 32 58.18 -20.90 -12.62
CA LEU Q 32 58.55 -22.28 -12.47
C LEU Q 32 58.73 -22.96 -13.82
N ALA Q 33 57.87 -22.63 -14.79
CA ALA Q 33 58.00 -23.24 -16.09
C ALA Q 33 59.35 -22.93 -16.68
N LEU Q 34 59.76 -21.69 -16.50
CA LEU Q 34 61.04 -21.23 -16.97
C LEU Q 34 62.18 -21.64 -16.07
N LEU Q 35 61.95 -21.78 -14.79
CA LEU Q 35 63.04 -22.05 -13.88
C LEU Q 35 63.74 -23.34 -14.26
N LYS Q 36 63.00 -24.34 -14.66
CA LYS Q 36 63.64 -25.59 -15.06
C LYS Q 36 63.96 -25.67 -16.56
N ASP Q 37 63.58 -24.63 -17.31
CA ASP Q 37 63.79 -24.55 -18.75
C ASP Q 37 63.58 -23.10 -19.23
N PRO Q 38 64.51 -22.17 -18.99
CA PRO Q 38 64.33 -20.75 -19.24
C PRO Q 38 64.54 -20.36 -20.69
N ASN Q 39 63.91 -21.10 -21.61
CA ASN Q 39 64.11 -20.87 -23.02
C ASN Q 39 62.86 -20.62 -23.82
N ASN Q 40 61.75 -20.36 -23.15
CA ASN Q 40 60.54 -20.14 -23.90
C ASN Q 40 60.21 -18.67 -23.97
N ALA Q 41 60.39 -18.07 -25.13
CA ALA Q 41 60.13 -16.65 -25.26
C ALA Q 41 58.71 -16.33 -24.88
N GLU Q 42 57.78 -17.26 -25.16
CA GLU Q 42 56.39 -17.03 -24.85
C GLU Q 42 56.17 -16.92 -23.38
N ALA Q 43 56.91 -17.71 -22.61
CA ALA Q 43 56.74 -17.69 -21.19
C ALA Q 43 57.42 -16.49 -20.65
N TRP Q 44 58.53 -16.09 -21.25
CA TRP Q 44 59.21 -14.91 -20.77
C TRP Q 44 58.30 -13.72 -20.99
N TYR Q 45 57.66 -13.72 -22.15
CA TYR Q 45 56.72 -12.71 -22.55
C TYR Q 45 55.53 -12.70 -21.63
N ASN Q 46 54.93 -13.85 -21.38
CA ASN Q 46 53.80 -13.90 -20.50
C ASN Q 46 54.16 -13.61 -19.06
N LEU Q 47 55.39 -13.91 -18.68
CA LEU Q 47 55.85 -13.57 -17.36
C LEU Q 47 55.85 -12.07 -17.29
N GLY Q 48 56.36 -11.44 -18.36
CA GLY Q 48 56.39 -10.00 -18.46
C GLY Q 48 54.99 -9.45 -18.43
N ASN Q 49 54.05 -10.14 -19.06
CA ASN Q 49 52.68 -9.65 -19.07
C ASN Q 49 52.07 -9.73 -17.70
N ALA Q 50 52.38 -10.79 -16.97
CA ALA Q 50 51.84 -10.90 -15.64
C ALA Q 50 52.45 -9.82 -14.75
N ALA Q 51 53.75 -9.55 -14.92
CA ALA Q 51 54.41 -8.51 -14.16
C ALA Q 51 53.85 -7.15 -14.52
N TYR Q 52 53.51 -6.98 -15.79
CA TYR Q 52 52.99 -5.74 -16.28
C TYR Q 52 51.62 -5.56 -15.61
N LYS Q 53 50.84 -6.63 -15.54
CA LYS Q 53 49.55 -6.59 -14.91
C LYS Q 53 49.69 -6.22 -13.43
N LYS Q 54 50.73 -6.76 -12.77
CA LYS Q 54 51.01 -6.45 -11.38
C LYS Q 54 51.30 -4.98 -11.17
N GLY Q 55 52.04 -4.38 -12.10
CA GLY Q 55 52.41 -2.97 -12.06
C GLY Q 55 53.90 -2.74 -11.87
N GLU Q 56 54.65 -3.76 -11.50
CA GLU Q 56 56.07 -3.61 -11.32
C GLU Q 56 56.72 -3.72 -12.67
N TYR Q 57 56.63 -2.63 -13.40
CA TYR Q 57 57.03 -2.61 -14.77
C TYR Q 57 58.49 -2.89 -14.93
N ASP Q 58 59.31 -2.57 -13.94
CA ASP Q 58 60.71 -2.84 -14.15
C ASP Q 58 60.94 -4.36 -14.25
N GLU Q 59 60.14 -5.16 -13.52
CA GLU Q 59 60.31 -6.59 -13.56
C GLU Q 59 59.80 -7.04 -14.91
N ALA Q 60 58.74 -6.38 -15.35
CA ALA Q 60 58.16 -6.71 -16.64
C ALA Q 60 59.18 -6.47 -17.72
N ILE Q 61 59.99 -5.41 -17.57
CA ILE Q 61 61.00 -5.13 -18.56
C ILE Q 61 62.00 -6.21 -18.62
N GLU Q 62 62.50 -6.67 -17.50
CA GLU Q 62 63.48 -7.71 -17.62
C GLU Q 62 62.91 -8.94 -18.31
N ALA Q 63 61.69 -9.32 -17.93
CA ALA Q 63 61.09 -10.51 -18.54
C ALA Q 63 60.82 -10.32 -20.04
N TYR Q 64 60.37 -9.14 -20.44
CA TYR Q 64 60.10 -8.94 -21.84
C TYR Q 64 61.40 -8.88 -22.60
N GLN Q 65 62.43 -8.29 -21.99
CA GLN Q 65 63.68 -8.23 -22.68
C GLN Q 65 64.18 -9.61 -22.93
N LYS Q 66 64.04 -10.49 -21.95
CA LYS Q 66 64.50 -11.84 -22.18
C LYS Q 66 63.71 -12.46 -23.29
N ALA Q 67 62.41 -12.20 -23.35
CA ALA Q 67 61.64 -12.79 -24.44
C ALA Q 67 62.21 -12.35 -25.78
N LEU Q 68 62.62 -11.08 -25.88
CA LEU Q 68 63.21 -10.57 -27.10
C LEU Q 68 64.57 -11.16 -27.37
N GLU Q 69 65.31 -11.46 -26.31
CA GLU Q 69 66.62 -12.06 -26.49
C GLU Q 69 66.42 -13.44 -27.12
N LEU Q 70 65.36 -14.13 -26.70
CA LEU Q 70 65.05 -15.43 -27.28
C LEU Q 70 64.43 -15.25 -28.67
N ASP Q 71 63.63 -14.19 -28.85
CA ASP Q 71 62.98 -13.91 -30.11
C ASP Q 71 62.72 -12.40 -30.32
N PRO Q 72 63.57 -11.69 -31.07
CA PRO Q 72 63.56 -10.25 -31.25
C PRO Q 72 62.41 -9.80 -32.14
N ASN Q 73 61.62 -10.74 -32.67
CA ASN Q 73 60.54 -10.37 -33.55
C ASN Q 73 59.24 -10.23 -32.79
N ASN Q 74 59.31 -10.31 -31.47
CA ASN Q 74 58.10 -10.16 -30.71
C ASN Q 74 57.76 -8.69 -30.54
N ALA Q 75 56.99 -8.19 -31.52
CA ALA Q 75 56.61 -6.80 -31.58
C ALA Q 75 55.84 -6.39 -30.36
N GLU Q 76 55.05 -7.29 -29.83
CA GLU Q 76 54.27 -6.98 -28.67
C GLU Q 76 55.16 -6.75 -27.48
N ALA Q 77 56.23 -7.54 -27.35
CA ALA Q 77 57.14 -7.33 -26.25
C ALA Q 77 57.81 -5.99 -26.45
N TRP Q 78 58.14 -5.67 -27.69
CA TRP Q 78 58.79 -4.39 -27.94
C TRP Q 78 57.85 -3.28 -27.51
N TYR Q 79 56.57 -3.42 -27.84
CA TYR Q 79 55.56 -2.45 -27.48
C TYR Q 79 55.43 -2.30 -25.98
N ASN Q 80 55.29 -3.40 -25.24
CA ASN Q 80 55.14 -3.27 -23.82
C ASN Q 80 56.39 -2.79 -23.15
N LEU Q 81 57.54 -3.09 -23.72
CA LEU Q 81 58.75 -2.54 -23.16
C LEU Q 81 58.71 -1.06 -23.35
N GLY Q 82 58.28 -0.61 -24.52
CA GLY Q 82 58.20 0.81 -24.73
C GLY Q 82 57.23 1.42 -23.73
N ASN Q 83 56.14 0.71 -23.42
CA ASN Q 83 55.19 1.21 -22.47
C ASN Q 83 55.77 1.26 -21.08
N ALA Q 84 56.56 0.26 -20.73
CA ALA Q 84 57.17 0.25 -19.44
C ALA Q 84 58.16 1.40 -19.31
N TYR Q 85 58.92 1.65 -20.37
CA TYR Q 85 59.90 2.72 -20.31
C TYR Q 85 59.21 4.05 -20.23
N TYR Q 86 58.11 4.18 -20.97
CA TYR Q 86 57.29 5.38 -21.02
C TYR Q 86 56.77 5.68 -19.63
N LYS Q 87 56.25 4.65 -18.95
CA LYS Q 87 55.69 4.81 -17.62
C LYS Q 87 56.74 5.31 -16.65
N GLN Q 88 57.98 4.88 -16.85
CA GLN Q 88 59.07 5.25 -15.98
C GLN Q 88 59.63 6.65 -16.31
N GLY Q 89 59.13 7.28 -17.36
CA GLY Q 89 59.59 8.60 -17.79
C GLY Q 89 60.74 8.51 -18.77
N ASP Q 90 61.08 7.29 -19.16
CA ASP Q 90 62.18 7.14 -20.07
C ASP Q 90 61.63 7.20 -21.46
N TYR Q 91 61.47 8.41 -21.94
CA TYR Q 91 60.82 8.61 -23.20
C TYR Q 91 61.76 8.32 -24.32
N ASP Q 92 63.05 8.29 -24.04
CA ASP Q 92 63.97 8.07 -25.13
C ASP Q 92 63.97 6.59 -25.45
N GLU Q 93 63.88 5.75 -24.41
CA GLU Q 93 63.80 4.34 -24.70
C GLU Q 93 62.41 4.03 -25.16
N ALA Q 94 61.40 4.72 -24.63
CA ALA Q 94 60.06 4.39 -25.09
C ALA Q 94 60.00 4.54 -26.59
N ILE Q 95 60.64 5.58 -27.11
CA ILE Q 95 60.68 5.79 -28.53
C ILE Q 95 61.39 4.69 -29.25
N GLU Q 96 62.56 4.28 -28.77
CA GLU Q 96 63.28 3.24 -29.48
C GLU Q 96 62.52 1.94 -29.50
N TYR Q 97 61.90 1.59 -28.38
CA TYR Q 97 61.19 0.34 -28.32
C TYR Q 97 59.92 0.37 -29.16
N TYR Q 98 59.23 1.51 -29.20
CA TYR Q 98 58.03 1.56 -30.02
C TYR Q 98 58.42 1.51 -31.48
N LYS Q 99 59.51 2.17 -31.86
CA LYS Q 99 59.91 2.12 -33.26
C LYS Q 99 60.25 0.71 -33.68
N LYS Q 100 60.92 -0.04 -32.81
CA LYS Q 100 61.24 -1.40 -33.19
C LYS Q 100 59.97 -2.19 -33.40
N ALA Q 101 58.97 -1.99 -32.54
CA ALA Q 101 57.71 -2.71 -32.69
C ALA Q 101 57.07 -2.40 -34.02
N LEU Q 102 57.15 -1.15 -34.43
CA LEU Q 102 56.58 -0.70 -35.68
C LEU Q 102 57.36 -1.13 -36.89
N ARG Q 103 58.66 -1.34 -36.77
CA ARG Q 103 59.33 -1.83 -37.94
C ARG Q 103 58.82 -3.23 -38.21
N LEU Q 104 58.60 -3.99 -37.14
CA LEU Q 104 58.05 -5.33 -37.25
C LEU Q 104 56.60 -5.29 -37.73
N ASP Q 105 55.84 -4.32 -37.25
CA ASP Q 105 54.45 -4.16 -37.66
C ASP Q 105 54.01 -2.69 -37.71
N PRO Q 106 54.14 -2.02 -38.86
CA PRO Q 106 53.83 -0.63 -39.10
C PRO Q 106 52.37 -0.28 -38.85
N ARG Q 107 51.50 -1.28 -38.80
CA ARG Q 107 50.09 -1.01 -38.60
C ARG Q 107 49.68 -1.09 -37.15
N ASN Q 108 50.65 -1.24 -36.26
CA ASN Q 108 50.29 -1.29 -34.87
C ASN Q 108 49.97 0.12 -34.44
N VAL Q 109 48.69 0.43 -34.51
CA VAL Q 109 48.22 1.77 -34.26
C VAL Q 109 48.47 2.19 -32.85
N ASP Q 110 48.44 1.24 -31.92
CA ASP Q 110 48.66 1.64 -30.55
C ASP Q 110 50.11 1.99 -30.37
N ALA Q 111 51.01 1.24 -30.98
CA ALA Q 111 52.42 1.60 -30.87
C ALA Q 111 52.63 2.96 -31.46
N ILE Q 112 51.90 3.30 -32.52
CA ILE Q 112 52.05 4.61 -33.10
C ILE Q 112 51.53 5.65 -32.15
N GLU Q 113 50.35 5.45 -31.58
CA GLU Q 113 49.85 6.45 -30.66
C GLU Q 113 50.79 6.68 -29.51
N ASN Q 114 51.36 5.61 -29.00
CA ASN Q 114 52.22 5.75 -27.86
C ASN Q 114 53.55 6.36 -28.27
N LEU Q 115 54.01 6.06 -29.48
CA LEU Q 115 55.24 6.65 -29.99
C LEU Q 115 55.07 8.13 -30.17
N ILE Q 116 53.91 8.55 -30.66
CA ILE Q 116 53.65 9.95 -30.84
C ILE Q 116 53.70 10.63 -29.50
N GLU Q 117 53.06 10.04 -28.50
CA GLU Q 117 53.12 10.70 -27.23
C GLU Q 117 54.54 10.70 -26.70
N ALA Q 118 55.30 9.62 -26.89
CA ALA Q 118 56.65 9.61 -26.35
C ALA Q 118 57.49 10.73 -26.95
N GLU Q 119 57.33 11.00 -28.26
CA GLU Q 119 58.08 12.09 -28.87
C GLU Q 119 57.66 13.44 -28.32
N GLU Q 120 56.37 13.58 -27.99
CA GLU Q 120 55.88 14.84 -27.45
C GLU Q 120 56.32 15.03 -25.99
N LYS Q 121 56.41 13.93 -25.25
CA LYS Q 121 56.81 13.99 -23.85
C LYS Q 121 58.32 14.15 -23.73
N GLN Q 122 59.06 13.56 -24.67
CA GLN Q 122 60.51 13.64 -24.69
C GLN Q 122 60.94 15.08 -24.52
N GLU R 3 19.44 10.48 -32.44
CA GLU R 3 19.42 11.59 -33.40
C GLU R 3 20.78 11.77 -34.00
N ALA R 4 21.71 10.92 -33.56
CA ALA R 4 23.10 10.96 -33.97
C ALA R 4 23.22 10.82 -35.46
N GLU R 5 22.33 10.04 -36.05
CA GLU R 5 22.33 9.83 -37.48
C GLU R 5 22.06 11.11 -38.24
N LEU R 6 21.34 12.06 -37.65
CA LEU R 6 21.07 13.24 -38.39
C LEU R 6 22.26 14.14 -38.23
N ALA R 7 22.83 14.13 -37.03
CA ALA R 7 24.00 14.96 -36.79
C ALA R 7 25.10 14.53 -37.71
N TYR R 8 25.22 13.23 -37.91
CA TYR R 8 26.21 12.68 -38.78
C TYR R 8 26.04 13.21 -40.18
N LEU R 9 24.81 13.15 -40.70
CA LEU R 9 24.58 13.63 -42.04
C LEU R 9 24.88 15.10 -42.17
N LEU R 10 24.57 15.90 -41.15
CA LEU R 10 24.88 17.31 -41.27
C LEU R 10 26.37 17.46 -41.37
N GLY R 11 27.10 16.67 -40.60
CA GLY R 11 28.55 16.69 -40.62
C GLY R 11 29.05 16.43 -42.02
N GLU R 12 28.57 15.38 -42.67
CA GLU R 12 29.05 15.11 -44.01
C GLU R 12 28.72 16.23 -44.97
N LEU R 13 27.54 16.80 -44.84
CA LEU R 13 27.18 17.82 -45.79
C LEU R 13 28.07 19.03 -45.61
N ALA R 14 28.25 19.45 -44.36
CA ALA R 14 29.05 20.63 -44.10
C ALA R 14 30.48 20.39 -44.54
N TYR R 15 30.97 19.17 -44.34
CA TYR R 15 32.32 18.85 -44.71
C TYR R 15 32.52 19.03 -46.20
N LYS R 16 31.62 18.44 -46.98
CA LYS R 16 31.73 18.48 -48.42
C LYS R 16 31.68 19.89 -48.96
N LEU R 17 30.92 20.73 -48.29
CA LEU R 17 30.74 22.10 -48.69
C LEU R 17 31.86 23.03 -48.22
N GLY R 18 32.83 22.52 -47.47
CA GLY R 18 33.94 23.31 -46.97
C GLY R 18 33.69 24.00 -45.64
N GLU R 19 32.54 23.74 -45.05
CA GLU R 19 32.20 24.37 -43.80
C GLU R 19 32.70 23.47 -42.71
N TYR R 20 33.99 23.51 -42.54
CA TYR R 20 34.63 22.59 -41.66
C TYR R 20 34.31 22.90 -40.22
N ARG R 21 34.08 24.15 -39.89
CA ARG R 21 33.78 24.43 -38.50
C ARG R 21 32.43 23.83 -38.13
N ILE R 22 31.49 23.86 -39.07
CA ILE R 22 30.20 23.30 -38.82
C ILE R 22 30.34 21.81 -38.77
N ALA R 23 31.09 21.26 -39.72
CA ALA R 23 31.27 19.84 -39.78
C ALA R 23 31.88 19.30 -38.51
N ILE R 24 32.82 20.02 -37.94
CA ILE R 24 33.41 19.58 -36.70
C ILE R 24 32.41 19.53 -35.61
N ARG R 25 31.62 20.57 -35.44
CA ARG R 25 30.68 20.47 -34.36
C ARG R 25 29.68 19.37 -34.61
N ALA R 26 29.21 19.23 -35.84
CA ALA R 26 28.23 18.20 -36.14
C ALA R 26 28.77 16.80 -35.93
N TYR R 27 30.04 16.55 -36.29
CA TYR R 27 30.58 15.23 -36.10
C TYR R 27 30.75 14.98 -34.64
N ARG R 28 31.15 15.99 -33.88
CA ARG R 28 31.31 15.78 -32.48
C ARG R 28 29.98 15.46 -31.82
N ILE R 29 28.89 16.06 -32.31
CA ILE R 29 27.61 15.73 -31.75
C ILE R 29 27.28 14.28 -32.04
N ALA R 30 27.46 13.85 -33.29
CA ALA R 30 27.14 12.48 -33.62
C ALA R 30 27.96 11.49 -32.83
N LEU R 31 29.23 11.80 -32.64
CA LEU R 31 30.17 10.97 -31.92
C LEU R 31 29.93 10.95 -30.44
N LYS R 32 29.50 12.06 -29.88
CA LYS R 32 29.19 12.09 -28.47
C LYS R 32 28.10 11.06 -28.21
N ARG R 33 27.11 11.03 -29.10
CA ARG R 33 26.04 10.06 -28.98
C ARG R 33 26.52 8.64 -29.38
N ASP R 34 27.39 8.54 -30.38
CA ASP R 34 27.91 7.24 -30.82
C ASP R 34 29.42 7.26 -31.13
N PRO R 35 30.27 6.99 -30.12
CA PRO R 35 31.71 7.00 -30.14
C PRO R 35 32.34 5.96 -31.06
N ASN R 36 31.57 5.00 -31.57
CA ASN R 36 32.20 3.96 -32.39
C ASN R 36 32.11 4.24 -33.88
N ASN R 37 31.67 5.43 -34.25
CA ASN R 37 31.59 5.71 -35.65
C ASN R 37 32.96 6.11 -36.21
N ALA R 38 33.68 5.11 -36.68
CA ALA R 38 35.06 5.28 -37.16
C ALA R 38 35.12 6.24 -38.32
N GLU R 39 34.12 6.21 -39.17
CA GLU R 39 34.12 7.07 -40.32
C GLU R 39 33.97 8.51 -39.88
N ALA R 40 33.10 8.75 -38.92
CA ALA R 40 32.93 10.09 -38.43
C ALA R 40 34.23 10.55 -37.77
N TRP R 41 34.92 9.65 -37.06
CA TRP R 41 36.18 10.07 -36.43
C TRP R 41 37.17 10.46 -37.49
N TYR R 42 37.22 9.68 -38.56
CA TYR R 42 38.09 9.95 -39.66
C TYR R 42 37.80 11.31 -40.28
N ASN R 43 36.54 11.55 -40.56
CA ASN R 43 36.14 12.80 -41.17
C ASN R 43 36.32 13.96 -40.23
N LEU R 44 36.21 13.71 -38.93
CA LEU R 44 36.43 14.75 -37.96
C LEU R 44 37.89 15.13 -38.06
N GLY R 45 38.75 14.11 -38.13
CA GLY R 45 40.17 14.35 -38.24
C GLY R 45 40.47 15.11 -39.51
N ASN R 46 39.76 14.80 -40.60
CA ASN R 46 39.99 15.50 -41.83
C ASN R 46 39.58 16.94 -41.70
N ALA R 47 38.48 17.22 -41.02
CA ALA R 47 38.09 18.60 -40.87
C ALA R 47 39.12 19.37 -40.06
N TYR R 48 39.68 18.75 -39.03
CA TYR R 48 40.68 19.45 -38.26
C TYR R 48 41.92 19.70 -39.09
N TYR R 49 42.28 18.71 -39.91
CA TYR R 49 43.40 18.78 -40.81
C TYR R 49 43.24 19.99 -41.72
N LYS R 50 42.05 20.14 -42.29
CA LYS R 50 41.74 21.23 -43.20
C LYS R 50 41.86 22.59 -42.52
N GLN R 51 41.60 22.64 -41.21
CA GLN R 51 41.71 23.86 -40.44
C GLN R 51 43.12 24.11 -39.91
N GLY R 52 44.05 23.20 -40.20
CA GLY R 52 45.43 23.32 -39.76
C GLY R 52 45.73 22.70 -38.41
N ASP R 53 44.75 22.08 -37.78
CA ASP R 53 45.07 21.54 -36.48
C ASP R 53 45.48 20.12 -36.68
N TYR R 54 46.77 19.95 -36.82
CA TYR R 54 47.24 18.65 -37.16
C TYR R 54 47.42 17.79 -35.96
N ARG R 55 47.28 18.35 -34.76
CA ARG R 55 47.44 17.50 -33.61
C ARG R 55 46.12 16.82 -33.42
N GLU R 56 45.05 17.58 -33.58
CA GLU R 56 43.74 16.99 -33.42
C GLU R 56 43.50 16.00 -34.54
N ALA R 57 43.96 16.34 -35.76
CA ALA R 57 43.76 15.42 -36.85
C ALA R 57 44.43 14.08 -36.53
N ILE R 58 45.62 14.12 -35.93
CA ILE R 58 46.29 12.90 -35.55
C ILE R 58 45.51 12.14 -34.52
N ARG R 59 45.02 12.83 -33.50
CA ARG R 59 44.31 12.13 -32.45
C ARG R 59 43.09 11.42 -33.00
N TYR R 60 42.40 12.05 -33.92
CA TYR R 60 41.21 11.43 -34.43
C TYR R 60 41.51 10.37 -35.45
N TYR R 61 42.60 10.51 -36.23
CA TYR R 61 42.89 9.47 -37.19
C TYR R 61 43.27 8.22 -36.42
N LEU R 62 44.01 8.38 -35.33
CA LEU R 62 44.40 7.23 -34.57
C LEU R 62 43.19 6.56 -33.98
N ARG R 63 42.24 7.35 -33.50
CA ARG R 63 41.06 6.75 -32.94
C ARG R 63 40.28 6.02 -34.00
N ALA R 64 40.16 6.62 -35.19
CA ALA R 64 39.42 5.99 -36.26
C ALA R 64 40.06 4.67 -36.63
N LEU R 65 41.39 4.64 -36.65
CA LEU R 65 42.17 3.46 -36.95
C LEU R 65 42.07 2.41 -35.89
N LYS R 66 41.93 2.82 -34.64
CA LYS R 66 41.78 1.82 -33.62
C LYS R 66 40.47 1.10 -33.87
N LEU R 67 39.44 1.85 -34.22
CA LEU R 67 38.16 1.26 -34.55
C LEU R 67 38.21 0.49 -35.88
N ASP R 68 38.99 1.00 -36.84
CA ASP R 68 39.15 0.34 -38.13
C ASP R 68 40.57 0.46 -38.70
N PRO R 69 41.46 -0.48 -38.38
CA PRO R 69 42.84 -0.56 -38.79
C PRO R 69 43.03 -0.71 -40.29
N GLU R 70 41.96 -1.00 -41.04
CA GLU R 70 42.04 -1.19 -42.47
C GLU R 70 41.89 0.10 -43.24
N ASN R 71 41.62 1.20 -42.56
CA ASN R 71 41.37 2.38 -43.36
C ASN R 71 42.68 3.00 -43.79
N ALA R 72 43.09 2.61 -44.99
CA ALA R 72 44.34 3.06 -45.57
C ALA R 72 44.36 4.56 -45.70
N GLU R 73 43.19 5.16 -45.88
CA GLU R 73 43.15 6.59 -46.06
C GLU R 73 43.41 7.27 -44.74
N ALA R 74 42.99 6.65 -43.63
CA ALA R 74 43.23 7.25 -42.34
C ALA R 74 44.70 7.09 -42.05
N TRP R 75 45.28 5.98 -42.48
CA TRP R 75 46.70 5.77 -42.25
C TRP R 75 47.47 6.81 -43.04
N TYR R 76 47.04 7.06 -44.25
CA TYR R 76 47.70 8.02 -45.09
C TYR R 76 47.54 9.41 -44.53
N ASN R 77 46.32 9.78 -44.13
CA ASN R 77 46.09 11.10 -43.62
C ASN R 77 46.77 11.28 -42.28
N LEU R 78 46.94 10.19 -41.54
CA LEU R 78 47.66 10.24 -40.29
C LEU R 78 49.07 10.62 -40.64
N GLY R 79 49.63 9.96 -41.66
CA GLY R 79 50.96 10.28 -42.09
C GLY R 79 51.07 11.72 -42.52
N ASN R 80 50.04 12.25 -43.17
CA ASN R 80 50.12 13.62 -43.60
C ASN R 80 50.13 14.57 -42.42
N ALA R 81 49.28 14.32 -41.42
CA ALA R 81 49.23 15.20 -40.27
C ALA R 81 50.55 15.13 -39.51
N LEU R 82 51.13 13.95 -39.43
CA LEU R 82 52.38 13.79 -38.75
C LEU R 82 53.46 14.54 -39.48
N TYR R 83 53.43 14.46 -40.81
CA TYR R 83 54.40 15.13 -41.63
C TYR R 83 54.33 16.63 -41.36
N LYS R 84 53.12 17.16 -41.29
CA LYS R 84 52.91 18.58 -41.06
C LYS R 84 53.51 19.02 -39.73
N GLN R 85 53.49 18.14 -38.75
CA GLN R 85 54.01 18.42 -37.43
C GLN R 85 55.51 18.18 -37.30
N GLY R 86 56.15 17.71 -38.38
CA GLY R 86 57.58 17.41 -38.39
C GLY R 86 57.90 16.01 -37.90
N LYS R 87 56.86 15.24 -37.64
CA LYS R 87 57.03 13.90 -37.11
C LYS R 87 57.24 12.95 -38.26
N TYR R 88 58.43 13.02 -38.82
CA TYR R 88 58.74 12.32 -40.04
C TYR R 88 58.91 10.83 -39.89
N ASP R 89 59.48 10.35 -38.79
CA ASP R 89 59.64 8.90 -38.77
C ASP R 89 58.27 8.28 -38.70
N LEU R 90 57.44 8.92 -37.90
CA LEU R 90 56.07 8.53 -37.72
C LEU R 90 55.26 8.68 -38.97
N ALA R 91 55.48 9.77 -39.72
CA ALA R 91 54.73 9.94 -40.94
C ALA R 91 55.04 8.82 -41.89
N ILE R 92 56.31 8.43 -41.94
CA ILE R 92 56.75 7.37 -42.82
C ILE R 92 56.14 6.06 -42.42
N ILE R 93 56.11 5.78 -41.13
CA ILE R 93 55.53 4.55 -40.67
C ILE R 93 54.05 4.52 -41.03
N ALA R 94 53.33 5.61 -40.78
CA ALA R 94 51.92 5.66 -41.10
C ALA R 94 51.69 5.52 -42.60
N TYR R 95 52.59 6.10 -43.42
CA TYR R 95 52.44 5.98 -44.84
C TYR R 95 52.64 4.52 -45.22
N GLN R 96 53.61 3.87 -44.60
CA GLN R 96 53.81 2.48 -44.94
C GLN R 96 52.62 1.68 -44.47
N ALA R 97 52.06 2.04 -43.32
CA ALA R 97 50.93 1.31 -42.78
C ALA R 97 49.76 1.36 -43.76
N ALA R 98 49.61 2.49 -44.45
CA ALA R 98 48.57 2.64 -45.44
C ALA R 98 48.78 1.68 -46.61
N LEU R 99 50.06 1.46 -46.96
CA LEU R 99 50.40 0.59 -48.07
C LEU R 99 50.24 -0.86 -47.68
N GLU R 100 50.52 -1.15 -46.41
CA GLU R 100 50.42 -2.49 -45.88
C GLU R 100 48.96 -2.90 -45.86
N GLY S 1 11.87 72.10 12.48
CA GLY S 1 12.81 73.10 12.97
C GLY S 1 14.23 72.58 12.89
N SER S 2 14.33 71.29 12.64
CA SER S 2 15.62 70.62 12.49
C SER S 2 15.50 69.53 11.45
N MET S 3 15.51 68.27 11.88
CA MET S 3 15.33 67.17 10.95
C MET S 3 16.22 67.34 9.71
N GLY S 4 17.52 67.55 9.93
CA GLY S 4 18.46 67.83 8.85
C GLY S 4 18.52 66.76 7.77
N ASN S 5 18.32 65.52 8.16
CA ASN S 5 18.35 64.41 7.23
C ASN S 5 16.96 63.88 6.91
N LEU S 6 15.93 64.69 7.08
CA LEU S 6 14.58 64.23 6.83
C LEU S 6 14.37 63.69 5.46
N ALA S 7 14.81 64.43 4.46
CA ALA S 7 14.59 64.00 3.11
C ALA S 7 15.32 62.73 2.84
N GLU S 8 16.49 62.58 3.44
CA GLU S 8 17.29 61.39 3.18
C GLU S 8 16.61 60.18 3.77
N LYS S 9 16.08 60.32 4.98
CA LYS S 9 15.43 59.19 5.62
C LYS S 9 14.20 58.75 4.85
N MET S 10 13.42 59.74 4.40
CA MET S 10 12.22 59.42 3.68
C MET S 10 12.56 58.83 2.31
N TYR S 11 13.59 59.36 1.66
CA TYR S 11 14.02 58.89 0.37
C TYR S 11 14.47 57.44 0.46
N LYS S 12 15.30 57.13 1.44
CA LYS S 12 15.79 55.78 1.59
C LYS S 12 14.66 54.83 1.87
N ALA S 13 13.69 55.24 2.70
CA ALA S 13 12.57 54.37 2.98
C ALA S 13 11.80 54.15 1.70
N GLY S 14 11.68 55.20 0.89
CA GLY S 14 10.96 55.11 -0.36
C GLY S 14 11.63 54.11 -1.27
N ASN S 15 12.95 54.12 -1.28
CA ASN S 15 13.66 53.20 -2.13
C ASN S 15 13.44 51.77 -1.68
N ALA S 16 13.43 51.55 -0.36
CA ALA S 16 13.22 50.20 0.12
C ALA S 16 11.85 49.69 -0.26
N MET S 17 10.87 50.57 -0.15
CA MET S 17 9.52 50.18 -0.47
C MET S 17 9.34 49.99 -1.94
N TYR S 18 10.02 50.78 -2.75
CA TYR S 18 9.91 50.58 -4.16
C TYR S 18 10.48 49.22 -4.51
N ARG S 19 11.66 48.89 -3.95
CA ARG S 19 12.30 47.61 -4.24
C ARG S 19 11.43 46.44 -3.83
N LYS S 20 10.69 46.59 -2.75
CA LYS S 20 9.83 45.54 -2.27
C LYS S 20 8.44 45.53 -2.92
N GLY S 21 8.20 46.45 -3.86
CA GLY S 21 6.94 46.54 -4.59
C GLY S 21 5.87 47.27 -3.83
N GLN S 22 6.25 47.87 -2.72
CA GLN S 22 5.29 48.55 -1.89
C GLN S 22 5.20 49.95 -2.39
N TYR S 23 4.60 50.10 -3.56
CA TYR S 23 4.59 51.38 -4.19
C TYR S 23 3.74 52.39 -3.45
N THR S 24 2.73 51.98 -2.69
CA THR S 24 1.93 53.02 -2.07
C THR S 24 2.71 53.67 -0.96
N ILE S 25 3.47 52.85 -0.26
CA ILE S 25 4.25 53.35 0.83
C ILE S 25 5.36 54.17 0.23
N ALA S 26 5.96 53.65 -0.84
CA ALA S 26 7.06 54.36 -1.46
C ALA S 26 6.62 55.72 -1.94
N ILE S 27 5.42 55.84 -2.48
CA ILE S 27 4.93 57.12 -2.92
C ILE S 27 4.83 58.05 -1.75
N ILE S 28 4.29 57.56 -0.64
CA ILE S 28 4.19 58.44 0.49
C ILE S 28 5.56 58.89 0.93
N ALA S 29 6.50 57.96 1.03
CA ALA S 29 7.82 58.31 1.48
C ALA S 29 8.53 59.27 0.54
N TYR S 30 8.40 59.07 -0.77
CA TYR S 30 9.08 59.96 -1.68
C TYR S 30 8.43 61.30 -1.66
N THR S 31 7.11 61.31 -1.51
CA THR S 31 6.40 62.54 -1.51
C THR S 31 6.86 63.35 -0.34
N LEU S 32 6.98 62.71 0.81
CA LEU S 32 7.40 63.43 2.00
C LEU S 32 8.83 63.93 1.86
N ALA S 33 9.71 63.13 1.25
CA ALA S 33 11.08 63.57 1.10
C ALA S 33 11.13 64.83 0.28
N LEU S 34 10.31 64.89 -0.74
CA LEU S 34 10.20 66.04 -1.59
C LEU S 34 9.36 67.13 -1.01
N LEU S 35 8.37 66.80 -0.21
CA LEU S 35 7.47 67.82 0.29
C LEU S 35 8.23 68.89 1.05
N LYS S 36 9.20 68.49 1.84
CA LYS S 36 9.98 69.49 2.57
C LYS S 36 11.22 69.98 1.82
N ASP S 37 11.47 69.42 0.64
CA ASP S 37 12.62 69.75 -0.19
C ASP S 37 12.42 69.22 -1.61
N PRO S 38 11.57 69.83 -2.45
CA PRO S 38 11.18 69.30 -3.75
C PRO S 38 12.19 69.55 -4.84
N ASN S 39 13.45 69.26 -4.56
CA ASN S 39 14.51 69.55 -5.50
C ASN S 39 15.38 68.37 -5.89
N ASN S 40 14.95 67.17 -5.57
CA ASN S 40 15.76 66.03 -5.91
C ASN S 40 15.22 65.32 -7.12
N ALA S 41 15.90 65.47 -8.25
CA ALA S 41 15.42 64.85 -9.48
C ALA S 41 15.28 63.36 -9.29
N GLU S 42 16.15 62.75 -8.48
CA GLU S 42 16.11 61.32 -8.26
C GLU S 42 14.84 60.92 -7.58
N ALA S 43 14.37 61.76 -6.67
CA ALA S 43 13.19 61.43 -5.93
C ALA S 43 12.01 61.69 -6.80
N TRP S 44 12.10 62.72 -7.64
CA TRP S 44 10.98 62.98 -8.52
C TRP S 44 10.83 61.82 -9.46
N TYR S 45 11.97 61.34 -9.94
CA TYR S 45 12.08 60.22 -10.82
C TYR S 45 11.55 58.97 -10.16
N ASN S 46 12.00 58.69 -8.94
CA ASN S 46 11.54 57.51 -8.26
C ASN S 46 10.09 57.62 -7.86
N LEU S 47 9.61 58.84 -7.63
CA LEU S 47 8.22 59.03 -7.33
C LEU S 47 7.47 58.62 -8.58
N GLY S 48 7.98 59.06 -9.73
CA GLY S 48 7.39 58.70 -11.00
C GLY S 48 7.44 57.21 -11.20
N ASN S 49 8.52 56.57 -10.77
CA ASN S 49 8.62 55.13 -10.93
C ASN S 49 7.62 54.42 -10.07
N ALA S 50 7.41 54.91 -8.86
CA ALA S 50 6.44 54.28 -8.00
C ALA S 50 5.04 54.47 -8.57
N ALA S 51 4.77 55.66 -9.13
CA ALA S 51 3.48 55.92 -9.74
C ALA S 51 3.30 55.06 -10.97
N TYR S 52 4.39 54.84 -11.68
CA TYR S 52 4.35 54.04 -12.89
C TYR S 52 4.02 52.62 -12.46
N LYS S 53 4.63 52.16 -11.37
CA LYS S 53 4.36 50.83 -10.86
C LYS S 53 2.89 50.71 -10.46
N LYS S 54 2.34 51.77 -9.86
CA LYS S 54 0.94 51.80 -9.47
C LYS S 54 0.01 51.66 -10.67
N GLY S 55 0.38 52.31 -11.77
CA GLY S 55 -0.41 52.27 -13.01
C GLY S 55 -1.03 53.61 -13.39
N GLU S 56 -1.03 54.56 -12.46
CA GLU S 56 -1.59 55.86 -12.77
C GLU S 56 -0.54 56.66 -13.46
N TYR S 57 -0.38 56.35 -14.73
CA TYR S 57 0.69 56.89 -15.51
C TYR S 57 0.62 58.39 -15.62
N ASP S 58 -0.56 58.97 -15.55
CA ASP S 58 -0.58 60.41 -15.68
C ASP S 58 0.14 61.05 -14.49
N GLU S 59 0.07 60.41 -13.30
CA GLU S 59 0.73 60.98 -12.14
C GLU S 59 2.20 60.76 -12.34
N ALA S 60 2.53 59.62 -12.93
CA ALA S 60 3.91 59.30 -13.19
C ALA S 60 4.49 60.34 -14.13
N ILE S 61 3.70 60.80 -15.09
CA ILE S 61 4.18 61.80 -16.01
C ILE S 61 4.51 63.06 -15.30
N GLU S 62 3.63 63.54 -14.44
CA GLU S 62 3.98 64.78 -13.80
C GLU S 62 5.28 64.62 -13.01
N ALA S 63 5.41 63.53 -12.27
CA ALA S 63 6.61 63.34 -11.47
C ALA S 63 7.87 63.21 -12.33
N TYR S 64 7.78 62.50 -13.45
CA TYR S 64 8.95 62.34 -14.26
C TYR S 64 9.28 63.65 -14.94
N GLN S 65 8.25 64.41 -15.31
CA GLN S 65 8.51 65.67 -15.94
C GLN S 65 9.25 66.55 -14.99
N LYS S 66 8.85 66.55 -13.73
CA LYS S 66 9.55 67.38 -12.79
C LYS S 66 10.99 66.91 -12.67
N ALA S 67 11.22 65.61 -12.69
CA ALA S 67 12.59 65.15 -12.60
C ALA S 67 13.41 65.72 -13.74
N LEU S 68 12.82 65.78 -14.94
CA LEU S 68 13.50 66.35 -16.10
C LEU S 68 13.67 67.83 -15.97
N GLU S 69 12.73 68.50 -15.33
CA GLU S 69 12.87 69.94 -15.15
C GLU S 69 14.08 70.19 -14.26
N LEU S 70 14.30 69.33 -13.27
CA LEU S 70 15.45 69.45 -12.40
C LEU S 70 16.70 68.96 -13.15
N ASP S 71 16.56 67.93 -13.98
CA ASP S 71 17.66 67.37 -14.74
C ASP S 71 17.21 66.73 -16.07
N PRO S 72 17.33 67.44 -17.21
CA PRO S 72 16.83 67.05 -18.51
C PRO S 72 17.64 65.93 -19.14
N ASN S 73 18.71 65.49 -18.45
CA ASN S 73 19.55 64.46 -19.01
C ASN S 73 19.13 63.09 -18.51
N ASN S 74 18.02 63.04 -17.81
CA ASN S 74 17.57 61.76 -17.32
C ASN S 74 16.85 61.01 -18.42
N ALA S 75 17.62 60.25 -19.19
CA ALA S 75 17.13 59.51 -20.35
C ALA S 75 16.07 58.53 -19.93
N GLU S 76 16.21 57.96 -18.76
CA GLU S 76 15.26 56.99 -18.30
C GLU S 76 13.92 57.66 -18.06
N ALA S 77 13.94 58.88 -17.52
CA ALA S 77 12.68 59.57 -17.31
C ALA S 77 12.08 59.86 -18.66
N TRP S 78 12.93 60.23 -19.62
CA TRP S 78 12.40 60.54 -20.94
C TRP S 78 11.72 59.28 -21.49
N TYR S 79 12.38 58.14 -21.31
CA TYR S 79 11.86 56.87 -21.76
C TYR S 79 10.53 56.53 -21.11
N ASN S 80 10.44 56.62 -19.79
CA ASN S 80 9.18 56.28 -19.16
C ASN S 80 8.10 57.27 -19.45
N LEU S 81 8.46 58.51 -19.70
CA LEU S 81 7.46 59.47 -20.11
C LEU S 81 6.95 59.04 -21.44
N GLY S 82 7.84 58.64 -22.33
CA GLY S 82 7.39 58.20 -23.62
C GLY S 82 6.47 57.00 -23.46
N ASN S 83 6.79 56.12 -22.51
CA ASN S 83 5.96 54.95 -22.28
C ASN S 83 4.62 55.35 -21.72
N ALA S 84 4.59 56.34 -20.86
CA ALA S 84 3.34 56.77 -20.31
C ALA S 84 2.48 57.41 -21.39
N TYR S 85 3.09 58.17 -22.28
CA TYR S 85 2.33 58.81 -23.32
C TYR S 85 1.81 57.78 -24.29
N TYR S 86 2.64 56.77 -24.56
CA TYR S 86 2.33 55.67 -25.46
C TYR S 86 1.11 54.95 -24.92
N LYS S 87 1.12 54.64 -23.63
CA LYS S 87 0.03 53.92 -22.98
C LYS S 87 -1.27 54.68 -23.10
N GLN S 88 -1.19 56.00 -23.06
CA GLN S 88 -2.36 56.85 -23.15
C GLN S 88 -2.85 57.04 -24.59
N GLY S 89 -2.12 56.50 -25.57
CA GLY S 89 -2.46 56.64 -26.97
C GLY S 89 -1.84 57.87 -27.59
N ASP S 90 -1.02 58.57 -26.83
CA ASP S 90 -0.43 59.77 -27.36
C ASP S 90 0.86 59.37 -28.00
N TYR S 91 0.74 58.95 -29.24
CA TYR S 91 1.88 58.41 -29.93
C TYR S 91 2.76 59.51 -30.40
N ASP S 92 2.24 60.73 -30.49
CA ASP S 92 3.06 61.79 -31.00
C ASP S 92 4.02 62.22 -29.91
N GLU S 93 3.53 62.26 -28.67
CA GLU S 93 4.44 62.60 -27.60
C GLU S 93 5.30 61.40 -27.32
N ALA S 94 4.77 60.18 -27.47
CA ALA S 94 5.62 59.04 -27.17
C ALA S 94 6.85 59.12 -28.04
N ILE S 95 6.67 59.50 -29.29
CA ILE S 95 7.78 59.65 -30.19
C ILE S 95 8.75 60.71 -29.75
N GLU S 96 8.25 61.88 -29.38
CA GLU S 96 9.17 62.92 -28.99
C GLU S 96 9.95 62.56 -27.75
N TYR S 97 9.31 61.93 -26.79
CA TYR S 97 9.99 61.59 -25.56
C TYR S 97 10.99 60.46 -25.77
N TYR S 98 10.66 59.49 -26.64
CA TYR S 98 11.62 58.43 -26.87
C TYR S 98 12.81 58.97 -27.64
N LYS S 99 12.57 59.89 -28.58
CA LYS S 99 13.70 60.44 -29.32
C LYS S 99 14.63 61.19 -28.40
N LYS S 100 14.08 61.93 -27.45
CA LYS S 100 14.96 62.66 -26.56
C LYS S 100 15.81 61.68 -25.76
N ALA S 101 15.19 60.57 -25.32
CA ALA S 101 15.94 59.58 -24.55
C ALA S 101 17.09 59.03 -25.37
N LEU S 102 16.85 58.82 -26.64
CA LEU S 102 17.84 58.29 -27.55
C LEU S 102 18.90 59.29 -27.93
N ARG S 103 18.59 60.57 -27.93
CA ARG S 103 19.66 61.48 -28.22
C ARG S 103 20.67 61.40 -27.08
N LEU S 104 20.14 61.28 -25.86
CA LEU S 104 20.98 61.13 -24.68
C LEU S 104 21.72 59.79 -24.70
N ASP S 105 21.03 58.74 -25.14
CA ASP S 105 21.63 57.41 -25.23
C ASP S 105 21.10 56.60 -26.41
N PRO S 106 21.75 56.67 -27.58
CA PRO S 106 21.39 56.02 -28.83
C PRO S 106 21.35 54.51 -28.72
N ARG S 107 21.96 53.93 -27.69
CA ARG S 107 22.00 52.49 -27.57
C ARG S 107 20.88 51.97 -26.70
N ASN S 108 19.96 52.84 -26.30
CA ASN S 108 18.88 52.35 -25.49
C ASN S 108 17.93 51.61 -26.42
N VAL S 109 18.15 50.31 -26.49
CA VAL S 109 17.43 49.48 -27.41
C VAL S 109 15.96 49.43 -27.09
N ASP S 110 15.60 49.55 -25.83
CA ASP S 110 14.20 49.51 -25.50
C ASP S 110 13.54 50.78 -25.99
N ALA S 111 14.22 51.91 -25.82
CA ALA S 111 13.63 53.14 -26.32
C ALA S 111 13.46 53.05 -27.81
N ILE S 112 14.39 52.38 -28.49
CA ILE S 112 14.25 52.22 -29.92
C ILE S 112 13.08 51.34 -30.23
N GLU S 113 12.95 50.21 -29.56
CA GLU S 113 11.82 49.34 -29.85
C GLU S 113 10.50 50.05 -29.63
N ASN S 114 10.42 50.83 -28.57
CA ASN S 114 9.18 51.48 -28.29
C ASN S 114 8.95 52.64 -29.24
N LEU S 115 10.02 53.31 -29.69
CA LEU S 115 9.89 54.38 -30.66
C LEU S 115 9.41 53.83 -31.98
N ILE S 116 9.91 52.67 -32.36
CA ILE S 116 9.49 52.06 -33.59
C ILE S 116 8.02 51.77 -33.50
N GLU S 117 7.57 51.21 -32.39
CA GLU S 117 6.16 50.94 -32.31
C GLU S 117 5.38 52.23 -32.31
N ALA S 118 5.86 53.28 -31.63
CA ALA S 118 5.09 54.51 -31.59
C ALA S 118 4.90 55.08 -32.99
N GLU S 119 5.93 54.99 -33.85
CA GLU S 119 5.78 55.49 -35.21
C GLU S 119 4.79 54.65 -36.00
N GLU S 120 4.74 53.35 -35.73
CA GLU S 120 3.80 52.47 -36.43
C GLU S 120 2.37 52.69 -35.94
N LYS S 121 2.21 52.99 -34.66
CA LYS S 121 0.90 53.20 -34.07
C LYS S 121 0.37 54.58 -34.42
N GLN S 122 1.27 55.55 -34.53
CA GLN S 122 0.93 56.91 -34.86
C GLN S 122 0.01 56.92 -36.08
N GLU T 3 18.52 19.39 -28.64
CA GLU T 3 18.83 19.18 -30.05
C GLU T 3 18.94 20.50 -30.75
N ALA T 4 18.74 21.56 -29.98
CA ALA T 4 18.76 22.92 -30.47
C ALA T 4 20.08 23.25 -31.13
N GLU T 5 21.15 22.67 -30.60
CA GLU T 5 22.46 22.89 -31.13
C GLU T 5 22.59 22.37 -32.55
N LEU T 6 21.82 21.36 -32.92
CA LEU T 6 21.97 20.86 -34.26
C LEU T 6 21.14 21.74 -35.15
N ALA T 7 19.99 22.15 -34.65
CA ALA T 7 19.13 23.01 -35.44
C ALA T 7 19.86 24.30 -35.73
N TYR T 8 20.61 24.77 -34.76
CA TYR T 8 21.37 25.97 -34.90
C TYR T 8 22.37 25.82 -36.02
N LEU T 9 23.13 24.72 -36.01
CA LEU T 9 24.11 24.53 -37.05
C LEU T 9 23.48 24.43 -38.42
N LEU T 10 22.30 23.80 -38.52
CA LEU T 10 21.68 23.72 -39.82
C LEU T 10 21.37 25.12 -40.28
N GLY T 11 20.90 25.94 -39.36
CA GLY T 11 20.57 27.32 -39.64
C GLY T 11 21.77 28.04 -40.22
N GLU T 12 22.93 27.93 -39.57
CA GLU T 12 24.08 28.61 -40.11
C GLU T 12 24.47 28.10 -41.47
N LEU T 13 24.38 26.80 -41.67
CA LEU T 13 24.81 26.29 -42.94
C LEU T 13 23.89 26.78 -44.04
N ALA T 14 22.58 26.71 -43.80
CA ALA T 14 21.62 27.13 -44.80
C ALA T 14 21.78 28.61 -45.09
N TYR T 15 22.06 29.39 -44.05
CA TYR T 15 22.22 30.80 -44.21
C TYR T 15 23.36 31.11 -45.13
N LYS T 16 24.52 30.51 -44.87
CA LYS T 16 25.70 30.76 -45.65
C LYS T 16 25.53 30.39 -47.11
N LEU T 17 24.75 29.36 -47.34
CA LEU T 17 24.50 28.86 -48.67
C LEU T 17 23.41 29.62 -49.43
N GLY T 18 22.78 30.60 -48.78
CA GLY T 18 21.73 31.39 -49.42
C GLY T 18 20.32 30.81 -49.29
N GLU T 19 20.21 29.71 -48.56
CA GLU T 19 18.92 29.08 -48.39
C GLU T 19 18.28 29.67 -47.19
N TYR T 20 17.82 30.89 -47.37
CA TYR T 20 17.34 31.65 -46.26
C TYR T 20 16.05 31.10 -45.73
N ARG T 21 15.23 30.50 -46.59
CA ARG T 21 13.99 29.99 -46.07
C ARG T 21 14.25 28.81 -45.14
N ILE T 22 15.27 28.02 -45.47
CA ILE T 22 15.61 26.90 -44.63
C ILE T 22 16.22 27.44 -43.37
N ALA T 23 17.11 28.43 -43.52
CA ALA T 23 17.77 28.98 -42.38
C ALA T 23 16.79 29.55 -41.40
N ILE T 24 15.74 30.20 -41.89
CA ILE T 24 14.76 30.76 -41.00
C ILE T 24 14.07 29.68 -40.23
N ARG T 25 13.64 28.62 -40.89
CA ARG T 25 12.97 27.63 -40.09
C ARG T 25 13.93 27.01 -39.09
N ALA T 26 15.16 26.73 -39.51
CA ALA T 26 16.11 26.10 -38.61
C ALA T 26 16.45 26.99 -37.42
N TYR T 27 16.58 28.30 -37.63
CA TYR T 27 16.89 29.15 -36.51
C TYR T 27 15.72 29.22 -35.59
N ARG T 28 14.52 29.24 -36.14
CA ARG T 28 13.37 29.30 -35.28
C ARG T 28 13.27 28.04 -34.46
N ILE T 29 13.65 26.90 -35.01
CA ILE T 29 13.62 25.69 -34.21
C ILE T 29 14.60 25.81 -33.07
N ALA T 30 15.83 26.24 -33.36
CA ALA T 30 16.83 26.33 -32.32
C ALA T 30 16.41 27.30 -31.22
N LEU T 31 15.81 28.41 -31.62
CA LEU T 31 15.36 29.45 -30.74
C LEU T 31 14.16 29.06 -29.93
N LYS T 32 13.27 28.28 -30.52
CA LYS T 32 12.12 27.82 -29.77
C LYS T 32 12.62 27.03 -28.58
N ARG T 33 13.63 26.20 -28.81
CA ARG T 33 14.22 25.43 -27.74
C ARG T 33 15.10 26.30 -26.83
N ASP T 34 15.80 27.29 -27.40
CA ASP T 34 16.66 28.18 -26.61
C ASP T 34 16.56 29.65 -27.06
N PRO T 35 15.63 30.42 -26.48
CA PRO T 35 15.32 31.81 -26.76
C PRO T 35 16.43 32.80 -26.44
N ASN T 36 17.48 32.38 -25.75
CA ASN T 36 18.52 33.34 -25.41
C ASN T 36 19.68 33.36 -26.38
N ASN T 37 19.55 32.66 -27.49
CA ASN T 37 20.66 32.65 -28.42
C ASN T 37 20.63 33.91 -29.28
N ALA T 38 21.33 34.94 -28.81
CA ALA T 38 21.34 36.25 -29.44
C ALA T 38 21.87 36.18 -30.84
N GLU T 39 22.85 35.33 -31.07
CA GLU T 39 23.44 35.24 -32.38
C GLU T 39 22.45 34.64 -33.35
N ALA T 40 21.72 33.64 -32.91
CA ALA T 40 20.70 33.06 -33.76
C ALA T 40 19.64 34.10 -34.05
N TRP T 41 19.27 34.92 -33.06
CA TRP T 41 18.25 35.93 -33.32
C TRP T 41 18.76 36.91 -34.37
N TYR T 42 20.02 37.28 -34.26
CA TYR T 42 20.64 38.17 -35.20
C TYR T 42 20.62 37.59 -36.60
N ASN T 43 21.04 36.35 -36.71
CA ASN T 43 21.08 35.70 -38.00
C ASN T 43 19.69 35.45 -38.54
N LEU T 44 18.72 35.27 -37.67
CA LEU T 44 17.36 35.09 -38.10
C LEU T 44 16.94 36.39 -38.74
N GLY T 45 17.26 37.50 -38.07
CA GLY T 45 16.93 38.81 -38.58
C GLY T 45 17.60 39.02 -39.92
N ASN T 46 18.83 38.55 -40.06
CA ASN T 46 19.51 38.71 -41.31
C ASN T 46 18.83 37.93 -42.40
N ALA T 47 18.37 36.72 -42.09
CA ALA T 47 17.70 35.95 -43.11
C ALA T 47 16.41 36.63 -43.55
N TYR T 48 15.69 37.23 -42.61
CA TYR T 48 14.47 37.91 -43.00
C TYR T 48 14.79 39.11 -43.85
N TYR T 49 15.87 39.81 -43.48
CA TYR T 49 16.34 40.99 -44.21
C TYR T 49 16.60 40.60 -45.66
N LYS T 50 17.29 39.47 -45.85
CA LYS T 50 17.64 38.99 -47.17
C LYS T 50 16.41 38.66 -48.00
N GLN T 51 15.34 38.25 -47.34
CA GLN T 51 14.09 37.94 -48.01
C GLN T 51 13.18 39.16 -48.20
N GLY T 52 13.64 40.33 -47.75
CA GLY T 52 12.89 41.56 -47.89
C GLY T 52 11.94 41.88 -46.74
N ASP T 53 11.90 41.03 -45.71
CA ASP T 53 10.97 41.34 -44.66
C ASP T 53 11.70 42.14 -43.64
N TYR T 54 11.60 43.43 -43.79
CA TYR T 54 12.39 44.27 -42.96
C TYR T 54 11.71 44.54 -41.65
N ARG T 55 10.46 44.12 -41.51
CA ARG T 55 9.82 44.38 -40.23
C ARG T 55 10.27 43.28 -39.33
N GLU T 56 10.31 42.07 -39.85
CA GLU T 56 10.75 40.96 -39.04
C GLU T 56 12.22 41.12 -38.73
N ALA T 57 13.00 41.60 -39.71
CA ALA T 57 14.40 41.79 -39.44
C ALA T 57 14.59 42.75 -38.27
N ILE T 58 13.79 43.82 -38.22
CA ILE T 58 13.87 44.75 -37.11
C ILE T 58 13.51 44.09 -35.81
N ARG T 59 12.43 43.32 -35.79
CA ARG T 59 12.02 42.71 -34.55
C ARG T 59 13.10 41.81 -33.99
N TYR T 60 13.76 41.07 -34.87
CA TYR T 60 14.76 40.17 -34.38
C TYR T 60 16.05 40.85 -34.06
N TYR T 61 16.40 41.94 -34.76
CA TYR T 61 17.64 42.61 -34.41
C TYR T 61 17.47 43.22 -33.05
N LEU T 62 16.28 43.76 -32.77
CA LEU T 62 16.07 44.37 -31.49
C LEU T 62 16.15 43.32 -30.40
N ARG T 63 15.59 42.15 -30.66
CA ARG T 63 15.66 41.12 -29.65
C ARG T 63 17.09 40.69 -29.43
N ALA T 64 17.85 40.56 -30.51
CA ALA T 64 19.24 40.13 -30.38
C ALA T 64 20.02 41.15 -29.56
N LEU T 65 19.74 42.43 -29.79
CA LEU T 65 20.36 43.52 -29.08
C LEU T 65 19.95 43.59 -27.65
N LYS T 66 18.72 43.22 -27.33
CA LYS T 66 18.34 43.22 -25.95
C LYS T 66 19.18 42.20 -25.23
N LEU T 67 19.39 41.05 -25.86
CA LEU T 67 20.23 40.01 -25.29
C LEU T 67 21.71 40.44 -25.32
N ASP T 68 22.13 41.14 -26.37
CA ASP T 68 23.50 41.61 -26.50
C ASP T 68 23.61 43.00 -27.14
N PRO T 69 23.56 44.08 -26.34
CA PRO T 69 23.62 45.47 -26.73
C PRO T 69 24.94 45.85 -27.40
N GLU T 70 25.96 44.99 -27.32
CA GLU T 70 27.26 45.29 -27.90
C GLU T 70 27.35 44.88 -29.35
N ASN T 71 26.33 44.24 -29.89
CA ASN T 71 26.53 43.78 -31.24
C ASN T 71 26.32 44.91 -32.22
N ALA T 72 27.42 45.53 -32.57
CA ALA T 72 27.42 46.68 -33.47
C ALA T 72 26.84 46.30 -34.81
N GLU T 73 26.99 45.04 -35.20
CA GLU T 73 26.50 44.63 -36.49
C GLU T 73 25.00 44.55 -36.44
N ALA T 74 24.43 44.20 -35.29
CA ALA T 74 22.99 44.12 -35.19
C ALA T 74 22.47 45.53 -35.18
N TRP T 75 23.22 46.43 -34.55
CA TRP T 75 22.79 47.82 -34.52
C TRP T 75 22.81 48.36 -35.94
N TYR T 76 23.85 48.04 -36.68
CA TYR T 76 23.97 48.49 -38.03
C TYR T 76 22.88 47.90 -38.90
N ASN T 77 22.65 46.59 -38.78
CA ASN T 77 21.66 45.94 -39.61
C ASN T 77 20.27 46.39 -39.21
N LEU T 78 20.09 46.77 -37.95
CA LEU T 78 18.84 47.31 -37.50
C LEU T 78 18.63 48.60 -38.24
N GLY T 79 19.69 49.42 -38.31
CA GLY T 79 19.60 50.66 -39.02
C GLY T 79 19.28 50.41 -40.48
N ASN T 80 19.83 49.36 -41.06
CA ASN T 80 19.55 49.11 -42.46
C ASN T 80 18.10 48.72 -42.67
N ALA T 81 17.56 47.87 -41.80
CA ALA T 81 16.17 47.45 -41.96
C ALA T 81 15.24 48.65 -41.76
N LEU T 82 15.59 49.52 -40.83
CA LEU T 82 14.79 50.69 -40.58
C LEU T 82 14.82 51.60 -41.78
N TYR T 83 16.00 51.74 -42.36
CA TYR T 83 16.18 52.57 -43.52
C TYR T 83 15.27 52.07 -44.64
N LYS T 84 15.26 50.76 -44.84
CA LYS T 84 14.45 50.15 -45.88
C LYS T 84 12.97 50.45 -45.70
N GLN T 85 12.54 50.56 -44.45
CA GLN T 85 11.16 50.84 -44.13
C GLN T 85 10.81 52.33 -44.13
N GLY T 86 11.81 53.19 -44.39
CA GLY T 86 11.62 54.63 -44.41
C GLY T 86 11.77 55.26 -43.03
N LYS T 87 12.14 54.46 -42.06
CA LYS T 87 12.26 54.91 -40.70
C LYS T 87 13.63 55.50 -40.49
N TYR T 88 13.80 56.68 -41.06
CA TYR T 88 15.10 57.31 -41.13
C TYR T 88 15.62 57.86 -39.83
N ASP T 89 14.77 58.41 -38.98
CA ASP T 89 15.37 58.95 -37.76
C ASP T 89 15.92 57.80 -36.96
N LEU T 90 15.13 56.74 -36.96
CA LEU T 90 15.47 55.53 -36.28
C LEU T 90 16.67 54.85 -36.90
N ALA T 91 16.75 54.85 -38.22
CA ALA T 91 17.90 54.21 -38.84
C ALA T 91 19.16 54.93 -38.43
N ILE T 92 19.08 56.26 -38.36
CA ILE T 92 20.22 57.07 -37.99
C ILE T 92 20.62 56.79 -36.56
N ILE T 93 19.64 56.69 -35.67
CA ILE T 93 19.96 56.41 -34.30
C ILE T 93 20.62 55.05 -34.19
N ALA T 94 20.07 54.04 -34.86
CA ALA T 94 20.65 52.71 -34.80
C ALA T 94 22.06 52.71 -35.40
N TYR T 95 22.28 53.49 -36.45
CA TYR T 95 23.60 53.55 -37.04
C TYR T 95 24.54 54.17 -36.03
N GLN T 96 24.09 55.21 -35.35
CA GLN T 96 24.97 55.81 -34.37
C GLN T 96 25.21 54.84 -33.25
N ALA T 97 24.20 54.08 -32.87
CA ALA T 97 24.32 53.13 -31.78
C ALA T 97 25.40 52.12 -32.10
N ALA T 98 25.51 51.74 -33.38
CA ALA T 98 26.54 50.82 -33.82
C ALA T 98 27.92 51.41 -33.63
N LEU T 99 28.03 52.73 -33.85
CA LEU T 99 29.30 53.42 -33.74
C LEU T 99 29.67 53.62 -32.28
N GLU T 100 28.65 53.83 -31.46
CA GLU T 100 28.85 54.02 -30.04
C GLU T 100 29.35 52.73 -29.40
N GLY U 1 -46.58 -9.57 -56.84
CA GLY U 1 -47.67 -9.00 -57.62
C GLY U 1 -47.70 -7.49 -57.48
N SER U 2 -46.91 -7.01 -56.53
CA SER U 2 -46.78 -5.58 -56.27
C SER U 2 -45.36 -5.29 -55.85
N MET U 3 -45.15 -4.99 -54.57
CA MET U 3 -43.79 -4.76 -54.07
C MET U 3 -43.02 -3.81 -54.99
N GLY U 4 -43.60 -2.65 -55.31
CA GLY U 4 -43.03 -1.70 -56.25
C GLY U 4 -41.62 -1.23 -55.90
N ASN U 5 -41.33 -1.14 -54.62
CA ASN U 5 -40.04 -0.71 -54.14
C ASN U 5 -39.20 -1.85 -53.61
N LEU U 6 -39.48 -3.08 -54.03
CA LEU U 6 -38.74 -4.21 -53.52
C LEU U 6 -37.26 -4.11 -53.71
N ALA U 7 -36.85 -3.79 -54.92
CA ALA U 7 -35.44 -3.73 -55.20
C ALA U 7 -34.79 -2.65 -54.39
N GLU U 8 -35.51 -1.55 -54.17
CA GLU U 8 -34.93 -0.46 -53.45
C GLU U 8 -34.73 -0.83 -51.99
N LYS U 9 -35.69 -1.53 -51.40
CA LYS U 9 -35.57 -1.91 -50.02
C LYS U 9 -34.43 -2.87 -49.82
N MET U 10 -34.32 -3.83 -50.72
CA MET U 10 -33.27 -4.82 -50.61
C MET U 10 -31.91 -4.18 -50.86
N TYR U 11 -31.84 -3.26 -51.82
CA TYR U 11 -30.62 -2.57 -52.15
C TYR U 11 -30.12 -1.78 -50.96
N LYS U 12 -31.02 -1.00 -50.36
CA LYS U 12 -30.64 -0.18 -49.23
C LYS U 12 -30.17 -1.04 -48.08
N ALA U 13 -30.87 -2.17 -47.84
CA ALA U 13 -30.43 -3.04 -46.76
C ALA U 13 -29.06 -3.58 -47.08
N GLY U 14 -28.82 -3.89 -48.35
CA GLY U 14 -27.55 -4.41 -48.77
C GLY U 14 -26.47 -3.40 -48.50
N ASN U 15 -26.76 -2.12 -48.75
CA ASN U 15 -25.76 -1.11 -48.52
C ASN U 15 -25.45 -0.98 -47.05
N ALA U 16 -26.47 -1.08 -46.20
CA ALA U 16 -26.22 -0.96 -44.78
C ALA U 16 -25.34 -2.10 -44.29
N MET U 17 -25.60 -3.29 -44.81
CA MET U 17 -24.86 -4.44 -44.40
C MET U 17 -23.45 -4.40 -44.94
N TYR U 18 -23.28 -3.86 -46.13
CA TYR U 18 -21.95 -3.75 -46.66
C TYR U 18 -21.17 -2.80 -45.78
N ARG U 19 -21.77 -1.65 -45.44
CA ARG U 19 -21.07 -0.66 -44.62
C ARG U 19 -20.68 -1.22 -43.26
N LYS U 20 -21.51 -2.09 -42.71
CA LYS U 20 -21.24 -2.69 -41.42
C LYS U 20 -20.36 -3.94 -41.49
N GLY U 21 -19.92 -4.31 -42.71
CA GLY U 21 -19.05 -5.45 -42.92
C GLY U 21 -19.80 -6.77 -42.96
N GLN U 22 -21.10 -6.69 -42.98
CA GLN U 22 -21.91 -7.88 -42.97
C GLN U 22 -22.10 -8.28 -44.39
N TYR U 23 -21.04 -8.76 -44.98
CA TYR U 23 -21.07 -9.06 -46.39
C TYR U 23 -21.98 -10.23 -46.71
N THR U 24 -22.20 -11.16 -45.81
CA THR U 24 -23.03 -12.28 -46.23
C THR U 24 -24.46 -11.84 -46.36
N ILE U 25 -24.86 -10.96 -45.46
CA ILE U 25 -26.21 -10.48 -45.47
C ILE U 25 -26.33 -9.58 -46.67
N ALA U 26 -25.32 -8.74 -46.88
CA ALA U 26 -25.35 -7.81 -47.99
C ALA U 26 -25.47 -8.53 -49.30
N ILE U 27 -24.77 -9.67 -49.44
CA ILE U 27 -24.87 -10.43 -50.67
C ILE U 27 -26.28 -10.91 -50.84
N ILE U 28 -26.89 -11.40 -49.78
CA ILE U 28 -28.24 -11.88 -49.93
C ILE U 28 -29.14 -10.73 -50.35
N ALA U 29 -29.02 -9.60 -49.67
CA ALA U 29 -29.87 -8.47 -49.98
C ALA U 29 -29.67 -7.95 -51.39
N TYR U 30 -28.42 -7.88 -51.86
CA TYR U 30 -28.21 -7.37 -53.19
C TYR U 30 -28.70 -8.35 -54.20
N THR U 31 -28.52 -9.63 -53.89
CA THR U 31 -28.92 -10.65 -54.81
C THR U 31 -30.40 -10.56 -54.99
N LEU U 32 -31.14 -10.40 -53.90
CA LEU U 32 -32.57 -10.31 -53.98
C LEU U 32 -33.01 -9.08 -54.73
N ALA U 33 -32.33 -7.95 -54.52
CA ALA U 33 -32.71 -6.74 -55.21
C ALA U 33 -32.61 -6.94 -56.70
N LEU U 34 -31.55 -7.63 -57.11
CA LEU U 34 -31.33 -7.94 -58.49
C LEU U 34 -32.14 -9.12 -58.97
N LEU U 35 -32.45 -10.05 -58.11
CA LEU U 35 -33.13 -11.24 -58.56
C LEU U 35 -34.45 -10.90 -59.22
N LYS U 36 -35.18 -9.95 -58.67
CA LYS U 36 -36.44 -9.57 -59.27
C LYS U 36 -36.32 -8.42 -60.30
N ASP U 37 -35.10 -7.91 -60.46
CA ASP U 37 -34.81 -6.80 -61.37
C ASP U 37 -33.29 -6.68 -61.59
N PRO U 38 -32.66 -7.57 -62.38
CA PRO U 38 -31.22 -7.67 -62.51
C PRO U 38 -30.62 -6.63 -63.45
N ASN U 39 -31.02 -5.38 -63.29
CA ASN U 39 -30.59 -4.34 -64.20
C ASN U 39 -29.92 -3.15 -63.56
N ASN U 40 -29.54 -3.27 -62.30
CA ASN U 40 -28.91 -2.14 -61.66
C ASN U 40 -27.43 -2.33 -61.56
N ALA U 41 -26.68 -1.59 -62.38
CA ALA U 41 -25.24 -1.75 -62.39
C ALA U 41 -24.68 -1.50 -61.00
N GLU U 42 -25.29 -0.60 -60.24
CA GLU U 42 -24.81 -0.27 -58.92
C GLU U 42 -24.91 -1.45 -58.01
N ALA U 43 -25.98 -2.24 -58.16
CA ALA U 43 -26.19 -3.36 -57.30
C ALA U 43 -25.29 -4.46 -57.76
N TRP U 44 -25.06 -4.57 -59.06
CA TRP U 44 -24.17 -5.60 -59.52
C TRP U 44 -22.79 -5.32 -58.99
N TYR U 45 -22.43 -4.05 -59.04
CA TYR U 45 -21.18 -3.55 -58.53
C TYR U 45 -21.05 -3.78 -57.06
N ASN U 46 -22.07 -3.41 -56.29
CA ASN U 46 -22.00 -3.62 -54.87
C ASN U 46 -22.08 -5.08 -54.49
N LEU U 47 -22.71 -5.89 -55.33
CA LEU U 47 -22.74 -7.31 -55.09
C LEU U 47 -21.31 -7.78 -55.24
N GLY U 48 -20.64 -7.28 -56.26
CA GLY U 48 -19.25 -7.60 -56.51
C GLY U 48 -18.40 -7.12 -55.35
N ASN U 49 -18.72 -5.97 -54.79
CA ASN U 49 -17.95 -5.46 -53.68
C ASN U 49 -18.13 -6.33 -52.46
N ALA U 50 -19.34 -6.79 -52.23
CA ALA U 50 -19.57 -7.65 -51.09
C ALA U 50 -18.84 -8.97 -51.29
N ALA U 51 -18.85 -9.49 -52.52
CA ALA U 51 -18.14 -10.73 -52.82
C ALA U 51 -16.65 -10.53 -52.67
N TYR U 52 -16.19 -9.35 -53.04
CA TYR U 52 -14.79 -9.03 -52.96
C TYR U 52 -14.42 -9.02 -51.49
N LYS U 53 -15.28 -8.42 -50.66
CA LYS U 53 -15.05 -8.38 -49.23
C LYS U 53 -14.99 -9.80 -48.66
N LYS U 54 -15.87 -10.68 -49.16
CA LYS U 54 -15.90 -12.07 -48.74
C LYS U 54 -14.59 -12.78 -49.06
N GLY U 55 -14.03 -12.49 -50.22
CA GLY U 55 -12.77 -13.08 -50.67
C GLY U 55 -12.92 -13.99 -51.88
N GLU U 56 -14.14 -14.37 -52.22
CA GLU U 56 -14.35 -15.21 -53.37
C GLU U 56 -14.37 -14.34 -54.58
N TYR U 57 -13.18 -13.98 -54.99
CA TYR U 57 -13.01 -13.01 -56.03
C TYR U 57 -13.58 -13.47 -57.34
N ASP U 58 -13.63 -14.76 -57.59
CA ASP U 58 -14.18 -15.16 -58.85
C ASP U 58 -15.67 -14.77 -58.94
N GLU U 59 -16.38 -14.81 -57.79
CA GLU U 59 -17.77 -14.46 -57.80
C GLU U 59 -17.85 -12.97 -57.98
N ALA U 60 -16.89 -12.28 -57.37
CA ALA U 60 -16.84 -10.84 -57.48
C ALA U 60 -16.65 -10.46 -58.93
N ILE U 61 -15.86 -11.23 -59.67
CA ILE U 61 -15.63 -10.94 -61.07
C ILE U 61 -16.90 -11.05 -61.83
N GLU U 62 -17.65 -12.12 -61.64
CA GLU U 62 -18.85 -12.18 -62.43
C GLU U 62 -19.77 -11.00 -62.13
N ALA U 63 -19.91 -10.65 -60.86
CA ALA U 63 -20.80 -9.54 -60.53
C ALA U 63 -20.30 -8.21 -61.06
N TYR U 64 -18.98 -7.98 -61.02
CA TYR U 64 -18.48 -6.72 -61.50
C TYR U 64 -18.58 -6.70 -63.01
N GLN U 65 -18.37 -7.83 -63.65
CA GLN U 65 -18.47 -7.85 -65.08
C GLN U 65 -19.86 -7.50 -65.48
N LYS U 66 -20.85 -8.02 -64.77
CA LYS U 66 -22.20 -7.67 -65.13
C LYS U 66 -22.42 -6.20 -64.93
N ALA U 67 -21.85 -5.61 -63.88
CA ALA U 67 -22.04 -4.19 -63.70
C ALA U 67 -21.51 -3.43 -64.90
N LEU U 68 -20.37 -3.89 -65.45
CA LEU U 68 -19.80 -3.26 -66.63
C LEU U 68 -20.64 -3.50 -67.86
N GLU U 69 -21.28 -4.65 -67.93
CA GLU U 69 -22.12 -4.94 -69.07
C GLU U 69 -23.28 -3.94 -69.07
N LEU U 70 -23.78 -3.62 -67.87
CA LEU U 70 -24.85 -2.64 -67.75
C LEU U 70 -24.27 -1.22 -67.94
N ASP U 71 -23.05 -1.00 -67.46
CA ASP U 71 -22.40 0.30 -67.56
C ASP U 71 -20.86 0.19 -67.61
N PRO U 72 -20.24 0.23 -68.80
CA PRO U 72 -18.82 0.02 -69.04
C PRO U 72 -17.97 1.16 -68.55
N ASN U 73 -18.59 2.23 -68.03
CA ASN U 73 -17.82 3.37 -67.59
C ASN U 73 -17.53 3.28 -66.11
N ASN U 74 -17.86 2.15 -65.51
CA ASN U 74 -17.59 2.02 -64.10
C ASN U 74 -16.13 1.65 -63.89
N ALA U 75 -15.30 2.69 -63.77
CA ALA U 75 -13.86 2.54 -63.65
C ALA U 75 -13.51 1.75 -62.41
N GLU U 76 -14.28 1.91 -61.37
CA GLU U 76 -14.01 1.20 -60.15
C GLU U 76 -14.22 -0.28 -60.34
N ALA U 77 -15.24 -0.66 -61.10
CA ALA U 77 -15.45 -2.07 -61.37
C ALA U 77 -14.29 -2.56 -62.18
N TRP U 78 -13.83 -1.75 -63.13
CA TRP U 78 -12.72 -2.19 -63.95
C TRP U 78 -11.51 -2.43 -63.05
N TYR U 79 -11.30 -1.51 -62.11
CA TYR U 79 -10.21 -1.63 -61.17
C TYR U 79 -10.30 -2.88 -60.31
N ASN U 80 -11.46 -3.13 -59.71
CA ASN U 80 -11.55 -4.31 -58.87
C ASN U 80 -11.51 -5.58 -59.67
N LEU U 81 -11.95 -5.55 -60.91
CA LEU U 81 -11.80 -6.71 -61.73
C LEU U 81 -10.35 -6.95 -61.95
N GLY U 82 -9.61 -5.89 -62.22
CA GLY U 82 -8.19 -6.04 -62.42
C GLY U 82 -7.57 -6.62 -61.16
N ASN U 83 -8.05 -6.19 -59.99
CA ASN U 83 -7.52 -6.69 -58.74
C ASN U 83 -7.87 -8.14 -58.55
N ALA U 84 -9.06 -8.52 -58.94
CA ALA U 84 -9.45 -9.90 -58.82
C ALA U 84 -8.61 -10.77 -59.73
N TYR U 85 -8.34 -10.30 -60.94
CA TYR U 85 -7.56 -11.08 -61.87
C TYR U 85 -6.14 -11.19 -61.39
N TYR U 86 -5.63 -10.10 -60.83
CA TYR U 86 -4.30 -10.00 -60.28
C TYR U 86 -4.14 -11.03 -59.19
N LYS U 87 -5.11 -11.08 -58.28
CA LYS U 87 -5.08 -12.00 -57.16
C LYS U 87 -5.02 -13.43 -57.62
N GLN U 88 -5.69 -13.72 -58.73
CA GLN U 88 -5.74 -15.06 -59.29
C GLN U 88 -4.47 -15.42 -60.07
N GLY U 89 -3.55 -14.46 -60.24
CA GLY U 89 -2.33 -14.67 -61.01
C GLY U 89 -2.50 -14.34 -62.47
N ASP U 90 -3.66 -13.83 -62.83
CA ASP U 90 -3.90 -13.53 -64.22
C ASP U 90 -3.47 -12.12 -64.43
N TYR U 91 -2.19 -11.98 -64.68
CA TYR U 91 -1.61 -10.67 -64.77
C TYR U 91 -1.92 -10.06 -66.10
N ASP U 92 -2.29 -10.89 -67.07
CA ASP U 92 -2.52 -10.33 -68.38
C ASP U 92 -3.87 -9.66 -68.37
N GLU U 93 -4.84 -10.28 -67.68
CA GLU U 93 -6.12 -9.61 -67.60
C GLU U 93 -6.01 -8.49 -66.61
N ALA U 94 -5.21 -8.66 -65.55
CA ALA U 94 -5.14 -7.57 -64.60
C ALA U 94 -4.71 -6.31 -65.31
N ILE U 95 -3.77 -6.45 -66.24
CA ILE U 95 -3.31 -5.33 -67.01
C ILE U 95 -4.41 -4.75 -67.86
N GLU U 96 -5.15 -5.57 -68.57
CA GLU U 96 -6.17 -5.01 -69.43
C GLU U 96 -7.25 -4.30 -68.64
N TYR U 97 -7.63 -4.87 -67.51
CA TYR U 97 -8.69 -4.26 -66.73
C TYR U 97 -8.21 -2.97 -66.06
N TYR U 98 -6.96 -2.92 -65.62
CA TYR U 98 -6.48 -1.70 -65.01
C TYR U 98 -6.35 -0.63 -66.07
N LYS U 99 -5.91 -0.99 -67.28
CA LYS U 99 -5.80 0.02 -68.31
C LYS U 99 -7.15 0.60 -68.65
N LYS U 100 -8.17 -0.23 -68.70
CA LYS U 100 -9.48 0.32 -69.02
C LYS U 100 -9.90 1.30 -67.94
N ALA U 101 -9.63 0.96 -66.68
CA ALA U 101 -10.01 1.86 -65.60
C ALA U 101 -9.32 3.21 -65.75
N LEU U 102 -8.07 3.17 -66.17
CA LEU U 102 -7.28 4.37 -66.35
C LEU U 102 -7.65 5.15 -67.58
N ARG U 103 -8.18 4.51 -68.60
CA ARG U 103 -8.59 5.32 -69.72
C ARG U 103 -9.76 6.16 -69.26
N LEU U 104 -10.63 5.57 -68.44
CA LEU U 104 -11.76 6.28 -67.88
C LEU U 104 -11.31 7.34 -66.88
N ASP U 105 -10.29 7.02 -66.09
CA ASP U 105 -9.74 7.96 -65.12
C ASP U 105 -8.23 7.80 -64.94
N PRO U 106 -7.41 8.54 -65.71
CA PRO U 106 -5.95 8.51 -65.71
C PRO U 106 -5.34 8.86 -64.37
N ARG U 107 -6.10 9.50 -63.48
CA ARG U 107 -5.55 9.91 -62.21
C ARG U 107 -5.80 8.88 -61.13
N ASN U 108 -6.33 7.73 -61.50
CA ASN U 108 -6.54 6.73 -60.48
C ASN U 108 -5.19 6.13 -60.16
N VAL U 109 -4.59 6.69 -59.13
CA VAL U 109 -3.25 6.34 -58.75
C VAL U 109 -3.16 4.91 -58.30
N ASP U 110 -4.22 4.40 -57.69
CA ASP U 110 -4.16 3.03 -57.25
C ASP U 110 -4.18 2.11 -58.43
N ALA U 111 -4.99 2.42 -59.44
CA ALA U 111 -5.01 1.59 -60.62
C ALA U 111 -3.63 1.62 -61.26
N ILE U 112 -2.95 2.76 -61.21
CA ILE U 112 -1.63 2.83 -61.77
C ILE U 112 -0.67 1.98 -60.96
N GLU U 113 -0.70 2.09 -59.64
CA GLU U 113 0.21 1.28 -58.86
C GLU U 113 0.00 -0.19 -59.11
N ASN U 114 -1.26 -0.60 -59.22
CA ASN U 114 -1.52 -1.99 -59.41
C ASN U 114 -1.18 -2.42 -60.82
N LEU U 115 -1.34 -1.53 -61.80
CA LEU U 115 -0.98 -1.83 -63.17
C LEU U 115 0.51 -1.99 -63.28
N ILE U 116 1.26 -1.16 -62.58
CA ILE U 116 2.70 -1.26 -62.60
C ILE U 116 3.09 -2.60 -62.06
N GLU U 117 2.50 -3.00 -60.94
CA GLU U 117 2.89 -4.28 -60.42
C GLU U 117 2.45 -5.39 -61.37
N ALA U 118 1.28 -5.28 -62.00
CA ALA U 118 0.87 -6.35 -62.89
C ALA U 118 1.86 -6.53 -64.04
N GLU U 119 2.39 -5.42 -64.58
CA GLU U 119 3.36 -5.55 -65.65
C GLU U 119 4.66 -6.18 -65.16
N GLU U 120 5.03 -5.91 -63.92
CA GLU U 120 6.25 -6.49 -63.36
C GLU U 120 6.06 -7.98 -63.04
N LYS U 121 4.85 -8.34 -62.61
CA LYS U 121 4.56 -9.73 -62.26
C LYS U 121 4.35 -10.57 -63.51
N GLN U 122 3.79 -9.95 -64.55
CA GLN U 122 3.53 -10.62 -65.81
C GLN U 122 4.78 -11.35 -66.26
N GLU V 3 11.40 15.66 -34.12
CA GLU V 3 12.63 16.17 -34.70
C GLU V 3 12.60 15.99 -36.20
N ALA V 4 11.50 15.43 -36.67
CA ALA V 4 11.29 15.13 -38.08
C ALA V 4 11.39 16.38 -38.91
N GLU V 5 10.96 17.50 -38.35
CA GLU V 5 11.02 18.76 -39.04
C GLU V 5 12.43 19.18 -39.34
N LEU V 6 13.40 18.76 -38.54
CA LEU V 6 14.74 19.19 -38.81
C LEU V 6 15.29 18.26 -39.86
N ALA V 7 14.93 16.98 -39.74
CA ALA V 7 15.42 16.02 -40.70
C ALA V 7 14.91 16.40 -42.08
N TYR V 8 13.68 16.88 -42.12
CA TYR V 8 13.09 17.31 -43.35
C TYR V 8 13.88 18.43 -43.97
N LEU V 9 14.20 19.45 -43.17
CA LEU V 9 14.96 20.56 -43.70
C LEU V 9 16.32 20.13 -44.19
N LEU V 10 16.97 19.19 -43.50
CA LEU V 10 18.26 18.76 -43.98
C LEU V 10 18.09 18.13 -45.33
N GLY V 11 17.02 17.36 -45.48
CA GLY V 11 16.71 16.71 -46.73
C GLY V 11 16.60 17.72 -47.84
N GLU V 12 15.83 18.78 -47.62
CA GLU V 12 15.71 19.77 -48.69
C GLU V 12 17.01 20.43 -49.01
N LEU V 13 17.81 20.71 -47.99
CA LEU V 13 19.04 21.40 -48.27
C LEU V 13 19.95 20.51 -49.08
N ALA V 14 20.09 19.26 -48.66
CA ALA V 14 20.98 18.35 -49.35
C ALA V 14 20.51 18.12 -50.77
N TYR V 15 19.20 18.06 -50.96
CA TYR V 15 18.65 17.85 -52.26
C TYR V 15 19.02 18.97 -53.20
N LYS V 16 18.82 20.19 -52.75
CA LYS V 16 19.10 21.36 -53.58
C LYS V 16 20.56 21.45 -53.95
N LEU V 17 21.41 21.01 -53.07
CA LEU V 17 22.83 21.05 -53.26
C LEU V 17 23.38 19.89 -54.09
N GLY V 18 22.53 18.94 -54.49
CA GLY V 18 22.95 17.81 -55.29
C GLY V 18 23.43 16.61 -54.48
N GLU V 19 23.33 16.70 -53.16
CA GLU V 19 23.78 15.64 -52.31
C GLU V 19 22.62 14.73 -52.10
N TYR V 20 22.32 13.98 -53.13
CA TYR V 20 21.13 13.19 -53.13
C TYR V 20 21.24 12.04 -52.17
N ARG V 21 22.43 11.52 -51.95
CA ARG V 21 22.51 10.42 -51.02
C ARG V 21 22.19 10.88 -49.61
N ILE V 22 22.61 12.10 -49.29
CA ILE V 22 22.32 12.63 -47.98
C ILE V 22 20.85 12.93 -47.92
N ALA V 23 20.33 13.53 -48.98
CA ALA V 23 18.93 13.89 -49.00
C ALA V 23 18.05 12.68 -48.81
N ILE V 24 18.42 11.56 -49.43
CA ILE V 24 17.63 10.38 -49.26
C ILE V 24 17.63 9.92 -47.84
N ARG V 25 18.77 9.86 -47.21
CA ARG V 25 18.70 9.40 -45.85
C ARG V 25 17.92 10.37 -44.98
N ALA V 26 18.11 11.67 -45.19
CA ALA V 26 17.42 12.65 -44.38
C ALA V 26 15.90 12.61 -44.58
N TYR V 27 15.45 12.39 -45.82
CA TYR V 27 14.03 12.34 -46.04
C TYR V 27 13.48 11.10 -45.43
N ARG V 28 14.22 10.00 -45.50
CA ARG V 28 13.73 8.79 -44.91
C ARG V 28 13.61 8.94 -43.41
N ILE V 29 14.53 9.68 -42.79
CA ILE V 29 14.40 9.90 -41.36
C ILE V 29 13.14 10.68 -41.07
N ALA V 30 12.92 11.77 -41.80
CA ALA V 30 11.74 12.57 -41.54
C ALA V 30 10.46 11.80 -41.73
N LEU V 31 10.43 10.97 -42.77
CA LEU V 31 9.29 10.15 -43.12
C LEU V 31 9.06 9.02 -42.17
N LYS V 32 10.12 8.44 -41.64
CA LYS V 32 9.96 7.38 -40.67
C LYS V 32 9.18 7.93 -39.49
N ARG V 33 9.54 9.16 -39.09
CA ARG V 33 8.84 9.81 -38.00
C ARG V 33 7.45 10.31 -38.45
N ASP V 34 7.32 10.78 -39.69
CA ASP V 34 6.04 11.26 -40.21
C ASP V 34 5.76 10.83 -41.66
N PRO V 35 5.13 9.66 -41.85
CA PRO V 35 4.81 9.02 -43.10
C PRO V 35 3.84 9.79 -43.98
N ASN V 36 3.18 10.83 -43.48
CA ASN V 36 2.21 11.52 -44.30
C ASN V 36 2.76 12.74 -45.01
N ASN V 37 4.07 12.93 -44.95
CA ASN V 37 4.61 14.09 -45.62
C ASN V 37 4.78 13.82 -47.11
N ALA V 38 3.73 14.15 -47.86
CA ALA V 38 3.67 13.89 -49.29
C ALA V 38 4.78 14.56 -50.04
N GLU V 39 5.14 15.75 -49.61
CA GLU V 39 6.17 16.50 -50.28
C GLU V 39 7.51 15.82 -50.10
N ALA V 40 7.76 15.33 -48.89
CA ALA V 40 8.99 14.63 -48.65
C ALA V 40 9.00 13.35 -49.48
N TRP V 41 7.86 12.66 -49.62
CA TRP V 41 7.86 11.45 -50.43
C TRP V 41 8.19 11.79 -51.86
N TYR V 42 7.63 12.88 -52.34
CA TYR V 42 7.89 13.34 -53.69
C TYR V 42 9.36 13.63 -53.89
N ASN V 43 9.94 14.38 -52.98
CA ASN V 43 11.33 14.74 -53.09
C ASN V 43 12.23 13.54 -52.90
N LEU V 44 11.79 12.56 -52.12
CA LEU V 44 12.56 11.36 -51.95
C LEU V 44 12.59 10.67 -53.29
N GLY V 45 11.44 10.62 -53.95
CA GLY V 45 11.36 9.99 -55.24
C GLY V 45 12.25 10.73 -56.23
N ASN V 46 12.30 12.05 -56.12
CA ASN V 46 13.14 12.79 -57.02
C ASN V 46 14.60 12.48 -56.77
N ALA V 47 14.99 12.33 -55.51
CA ALA V 47 16.38 12.02 -55.25
C ALA V 47 16.73 10.65 -55.82
N TYR V 48 15.81 9.68 -55.71
CA TYR V 48 16.12 8.39 -56.27
C TYR V 48 16.22 8.46 -57.78
N TYR V 49 15.34 9.26 -58.37
CA TYR V 49 15.31 9.48 -59.81
C TYR V 49 16.67 9.99 -60.26
N LYS V 50 17.19 10.98 -59.53
CA LYS V 50 18.47 11.60 -59.85
C LYS V 50 19.62 10.59 -59.77
N GLN V 51 19.49 9.60 -58.90
CA GLN V 51 20.49 8.57 -58.73
C GLN V 51 20.31 7.40 -59.70
N GLY V 52 19.27 7.47 -60.55
CA GLY V 52 19.00 6.43 -61.53
C GLY V 52 18.09 5.31 -61.04
N ASP V 53 17.61 5.39 -59.81
CA ASP V 53 16.78 4.29 -59.37
C ASP V 53 15.37 4.66 -59.66
N TYR V 54 14.92 4.24 -60.82
CA TYR V 54 13.64 4.68 -61.25
C TYR V 54 12.56 3.80 -60.70
N ARG V 55 12.91 2.70 -60.04
CA ARG V 55 11.86 1.88 -59.51
C ARG V 55 11.47 2.51 -58.20
N GLU V 56 12.48 2.93 -57.45
CA GLU V 56 12.18 3.56 -56.19
C GLU V 56 11.50 4.88 -56.44
N ALA V 57 11.94 5.61 -57.47
CA ALA V 57 11.30 6.87 -57.76
C ALA V 57 9.81 6.66 -58.02
N ILE V 58 9.46 5.60 -58.74
CA ILE V 58 8.06 5.29 -58.98
C ILE V 58 7.34 4.99 -57.71
N ARG V 59 7.93 4.17 -56.86
CA ARG V 59 7.23 3.80 -55.64
C ARG V 59 6.93 5.01 -54.79
N TYR V 60 7.86 5.94 -54.74
CA TYR V 60 7.64 7.08 -53.90
C TYR V 60 6.73 8.10 -54.56
N TYR V 61 6.76 8.21 -55.88
CA TYR V 61 5.86 9.17 -56.50
C TYR V 61 4.45 8.69 -56.31
N LEU V 62 4.24 7.38 -56.41
CA LEU V 62 2.90 6.88 -56.23
C LEU V 62 2.45 7.12 -54.82
N ARG V 63 3.33 6.93 -53.86
CA ARG V 63 2.93 7.15 -52.50
C ARG V 63 2.60 8.62 -52.28
N ALA V 64 3.42 9.50 -52.84
CA ALA V 64 3.18 10.93 -52.67
C ALA V 64 1.83 11.31 -53.26
N LEU V 65 1.51 10.71 -54.40
CA LEU V 65 0.25 10.94 -55.09
C LEU V 65 -0.92 10.36 -54.35
N LYS V 66 -0.73 9.26 -53.66
CA LYS V 66 -1.83 8.73 -52.90
C LYS V 66 -2.18 9.75 -51.82
N LEU V 67 -1.15 10.32 -51.21
CA LEU V 67 -1.36 11.34 -50.20
C LEU V 67 -1.87 12.65 -50.83
N ASP V 68 -1.39 12.97 -52.03
CA ASP V 68 -1.82 14.16 -52.73
C ASP V 68 -1.92 13.96 -54.26
N PRO V 69 -3.09 13.54 -54.76
CA PRO V 69 -3.42 13.27 -56.14
C PRO V 69 -3.32 14.50 -57.04
N GLU V 70 -3.22 15.69 -56.45
CA GLU V 70 -3.17 16.92 -57.23
C GLU V 70 -1.75 17.29 -57.63
N ASN V 71 -0.77 16.55 -57.18
CA ASN V 71 0.56 17.01 -57.50
C ASN V 71 0.93 16.62 -58.91
N ALA V 72 0.68 17.53 -59.81
CA ALA V 72 0.93 17.33 -61.23
C ALA V 72 2.38 17.02 -61.48
N GLU V 73 3.26 17.56 -60.64
CA GLU V 73 4.66 17.34 -60.85
C GLU V 73 5.02 15.92 -60.49
N ALA V 74 4.32 15.35 -59.51
CA ALA V 74 4.60 13.98 -59.13
C ALA V 74 4.07 13.10 -60.22
N TRP V 75 2.94 13.49 -60.82
CA TRP V 75 2.38 12.71 -61.90
C TRP V 75 3.33 12.74 -63.07
N TYR V 76 3.88 13.90 -63.34
CA TYR V 76 4.81 14.04 -64.43
C TYR V 76 6.07 13.26 -64.17
N ASN V 77 6.63 13.40 -62.96
CA ASN V 77 7.86 12.71 -62.65
C ASN V 77 7.64 11.20 -62.59
N LEU V 78 6.42 10.79 -62.24
CA LEU V 78 6.07 9.40 -62.24
C LEU V 78 6.17 8.95 -63.67
N GLY V 79 5.60 9.73 -64.58
CA GLY V 79 5.67 9.39 -65.98
C GLY V 79 7.10 9.32 -66.45
N ASN V 80 7.96 10.19 -65.95
CA ASN V 80 9.34 10.15 -66.38
C ASN V 80 10.02 8.89 -65.91
N ALA V 81 9.80 8.50 -64.65
CA ALA V 81 10.45 7.32 -64.13
C ALA V 81 9.94 6.08 -64.87
N LEU V 82 8.66 6.07 -65.20
CA LEU V 82 8.10 4.96 -65.92
C LEU V 82 8.69 4.88 -67.29
N TYR V 83 8.87 6.03 -67.92
CA TYR V 83 9.43 6.11 -69.24
C TYR V 83 10.83 5.51 -69.21
N LYS V 84 11.61 5.86 -68.20
CA LYS V 84 12.97 5.38 -68.06
C LYS V 84 13.01 3.86 -67.96
N GLN V 85 11.99 3.28 -67.35
CA GLN V 85 11.91 1.84 -67.16
C GLN V 85 11.31 1.11 -68.37
N GLY V 86 10.90 1.86 -69.40
CA GLY V 86 10.30 1.30 -70.61
C GLY V 86 8.79 1.11 -70.47
N LYS V 87 8.24 1.58 -69.36
CA LYS V 87 6.84 1.42 -69.10
C LYS V 87 6.08 2.54 -69.73
N TYR V 88 5.97 2.45 -71.04
CA TYR V 88 5.45 3.53 -71.85
C TYR V 88 3.97 3.73 -71.76
N ASP V 89 3.17 2.67 -71.63
CA ASP V 89 1.74 2.97 -71.60
C ASP V 89 1.46 3.70 -70.31
N LEU V 90 2.12 3.25 -69.28
CA LEU V 90 2.02 3.82 -67.97
C LEU V 90 2.59 5.22 -67.93
N ALA V 91 3.71 5.45 -68.61
CA ALA V 91 4.26 6.78 -68.59
C ALA V 91 3.29 7.75 -69.22
N ILE V 92 2.64 7.32 -70.29
CA ILE V 92 1.69 8.13 -70.99
C ILE V 92 0.51 8.44 -70.11
N ILE V 93 0.01 7.44 -69.41
CA ILE V 93 -1.12 7.66 -68.54
C ILE V 93 -0.75 8.64 -67.45
N ALA V 94 0.43 8.46 -66.82
CA ALA V 94 0.86 9.37 -65.79
C ALA V 94 1.05 10.79 -66.33
N TYR V 95 1.54 10.90 -67.57
CA TYR V 95 1.71 12.21 -68.14
C TYR V 95 0.35 12.83 -68.33
N GLN V 96 -0.62 12.05 -68.79
CA GLN V 96 -1.93 12.61 -68.97
C GLN V 96 -2.50 12.98 -67.63
N ALA V 97 -2.25 12.16 -66.61
CA ALA V 97 -2.77 12.43 -65.29
C ALA V 97 -2.28 13.78 -64.78
N ALA V 98 -1.04 14.12 -65.12
CA ALA V 98 -0.48 15.40 -64.74
C ALA V 98 -1.23 16.55 -65.41
N LEU V 99 -1.66 16.32 -66.66
CA LEU V 99 -2.38 17.34 -67.41
C LEU V 99 -3.80 17.46 -66.92
N GLU V 100 -4.37 16.35 -66.48
CA GLU V 100 -5.72 16.31 -65.97
C GLU V 100 -5.78 17.08 -64.66
N GLY W 1 -26.41 -22.91 65.32
CA GLY W 1 -26.55 -22.62 66.75
C GLY W 1 -26.40 -21.13 67.00
N SER W 2 -25.97 -20.44 65.96
CA SER W 2 -25.80 -18.99 66.01
C SER W 2 -26.14 -18.40 64.65
N MET W 3 -25.12 -17.95 63.91
CA MET W 3 -25.36 -17.44 62.56
C MET W 3 -26.54 -16.46 62.54
N GLY W 4 -26.52 -15.46 63.42
CA GLY W 4 -27.62 -14.53 63.57
C GLY W 4 -28.00 -13.78 62.30
N ASN W 5 -27.03 -13.51 61.45
CA ASN W 5 -27.27 -12.81 60.21
C ASN W 5 -27.22 -13.74 59.01
N LEU W 6 -27.46 -15.04 59.21
CA LEU W 6 -27.37 -15.96 58.10
C LEU W 6 -28.28 -15.63 56.96
N ALA W 7 -29.53 -15.35 57.26
CA ALA W 7 -30.46 -15.07 56.20
C ALA W 7 -30.07 -13.82 55.47
N GLU W 8 -29.53 -12.86 56.19
CA GLU W 8 -29.17 -11.61 55.58
C GLU W 8 -28.02 -11.80 54.61
N LYS W 9 -27.03 -12.59 55.02
CA LYS W 9 -25.89 -12.81 54.17
C LYS W 9 -26.28 -13.53 52.91
N MET W 10 -27.13 -14.55 53.07
CA MET W 10 -27.55 -15.32 51.91
C MET W 10 -28.44 -14.48 51.00
N TYR W 11 -29.30 -13.66 51.59
CA TYR W 11 -30.19 -12.79 50.85
C TYR W 11 -29.40 -11.81 50.02
N LYS W 12 -28.43 -11.16 50.63
CA LYS W 12 -27.64 -10.17 49.94
C LYS W 12 -26.86 -10.83 48.80
N ALA W 13 -26.33 -12.03 49.05
CA ALA W 13 -25.61 -12.71 47.99
C ALA W 13 -26.56 -13.02 46.86
N GLY W 14 -27.79 -13.40 47.22
CA GLY W 14 -28.78 -13.73 46.23
C GLY W 14 -29.08 -12.52 45.38
N ASN W 15 -29.15 -11.36 46.00
CA ASN W 15 -29.44 -10.16 45.26
C ASN W 15 -28.32 -9.85 44.30
N ALA W 16 -27.07 -10.04 44.74
CA ALA W 16 -25.96 -9.75 43.85
C ALA W 16 -25.97 -10.65 42.64
N MET W 17 -26.29 -11.92 42.88
CA MET W 17 -26.31 -12.87 41.81
C MET W 17 -27.48 -12.64 40.89
N TYR W 18 -28.59 -12.19 41.43
CA TYR W 18 -29.71 -11.90 40.57
C TYR W 18 -29.33 -10.75 39.66
N ARG W 19 -28.74 -9.69 40.24
CA ARG W 19 -28.36 -8.53 39.46
C ARG W 19 -27.38 -8.87 38.35
N LYS W 20 -26.49 -9.82 38.63
CA LYS W 20 -25.50 -10.24 37.64
C LYS W 20 -26.01 -11.31 36.68
N GLY W 21 -27.28 -11.71 36.81
CA GLY W 21 -27.90 -12.70 35.95
C GLY W 21 -27.58 -14.12 36.35
N GLN W 22 -26.94 -14.28 37.48
CA GLN W 22 -26.54 -15.59 37.92
C GLN W 22 -27.68 -16.16 38.70
N TYR W 23 -28.73 -16.50 37.98
CA TYR W 23 -29.92 -16.92 38.64
C TYR W 23 -29.77 -18.26 39.33
N THR W 24 -28.87 -19.13 38.89
CA THR W 24 -28.84 -20.41 39.59
C THR W 24 -28.24 -20.24 40.95
N ILE W 25 -27.26 -19.37 41.03
CA ILE W 25 -26.60 -19.13 42.28
C ILE W 25 -27.57 -18.38 43.14
N ALA W 26 -28.27 -17.40 42.55
CA ALA W 26 -29.19 -16.60 43.30
C ALA W 26 -30.29 -17.46 43.90
N ILE W 27 -30.76 -18.46 43.15
CA ILE W 27 -31.77 -19.34 43.67
C ILE W 27 -31.23 -20.07 44.86
N ILE W 28 -30.01 -20.57 44.76
CA ILE W 28 -29.47 -21.28 45.89
C ILE W 28 -29.39 -20.36 47.09
N ALA W 29 -28.87 -19.17 46.89
CA ALA W 29 -28.70 -18.25 47.98
C ALA W 29 -30.03 -17.82 48.60
N TYR W 30 -31.05 -17.59 47.79
CA TYR W 30 -32.30 -17.17 48.35
C TYR W 30 -32.94 -18.31 49.05
N THR W 31 -32.77 -19.51 48.49
CA THR W 31 -33.38 -20.66 49.08
C THR W 31 -32.80 -20.86 50.44
N LEU W 32 -31.49 -20.72 50.57
CA LEU W 32 -30.85 -20.90 51.86
C LEU W 32 -31.28 -19.84 52.84
N ALA W 33 -31.43 -18.59 52.38
CA ALA W 33 -31.84 -17.54 53.28
C ALA W 33 -33.18 -17.86 53.88
N LEU W 34 -34.05 -18.39 53.04
CA LEU W 34 -35.37 -18.79 53.46
C LEU W 34 -35.40 -20.13 54.15
N LEU W 35 -34.51 -21.02 53.81
CA LEU W 35 -34.55 -22.36 54.37
C LEU W 35 -34.48 -22.31 55.88
N LYS W 36 -33.63 -21.45 56.42
CA LYS W 36 -33.54 -21.36 57.87
C LYS W 36 -34.48 -20.31 58.48
N ASP W 37 -35.22 -19.60 57.64
CA ASP W 37 -36.16 -18.55 58.05
C ASP W 37 -37.10 -18.20 56.89
N PRO W 38 -38.09 -19.02 56.55
CA PRO W 38 -38.93 -18.88 55.37
C PRO W 38 -40.03 -17.86 55.53
N ASN W 39 -39.69 -16.67 56.04
CA ASN W 39 -40.69 -15.67 56.32
C ASN W 39 -40.45 -14.33 55.68
N ASN W 40 -39.56 -14.26 54.72
CA ASN W 40 -39.29 -12.98 54.10
C ASN W 40 -39.96 -12.89 52.75
N ALA W 41 -41.02 -12.12 52.66
CA ALA W 41 -41.74 -12.02 51.40
C ALA W 41 -40.83 -11.55 50.30
N GLU W 42 -39.85 -10.70 50.64
CA GLU W 42 -38.94 -10.16 49.66
C GLU W 42 -38.09 -11.26 49.07
N ALA W 43 -37.72 -12.22 49.89
CA ALA W 43 -36.87 -13.27 49.43
C ALA W 43 -37.71 -14.24 48.66
N TRP W 44 -38.96 -14.43 49.08
CA TRP W 44 -39.80 -15.34 48.34
C TRP W 44 -40.02 -14.76 46.96
N TYR W 45 -40.23 -13.46 46.92
CA TYR W 45 -40.41 -12.70 45.72
C TYR W 45 -39.19 -12.77 44.85
N ASN W 46 -38.03 -12.51 45.41
CA ASN W 46 -36.81 -12.57 44.63
C ASN W 46 -36.46 -13.97 44.21
N LEU W 47 -36.88 -14.96 44.99
CA LEU W 47 -36.67 -16.32 44.62
C LEU W 47 -37.50 -16.55 43.38
N GLY W 48 -38.73 -16.04 43.41
CA GLY W 48 -39.62 -16.13 42.28
C GLY W 48 -39.03 -15.41 41.09
N ASN W 49 -38.39 -14.29 41.33
CA ASN W 49 -37.80 -13.54 40.23
C ASN W 49 -36.66 -14.30 39.62
N ALA W 50 -35.86 -14.96 40.45
CA ALA W 50 -34.76 -15.72 39.91
C ALA W 50 -35.30 -16.91 39.13
N ALA W 51 -36.36 -17.53 39.63
CA ALA W 51 -36.97 -18.66 38.93
C ALA W 51 -37.59 -18.18 37.63
N TYR W 52 -38.13 -16.98 37.64
CA TYR W 52 -38.76 -16.42 36.48
C TYR W 52 -37.65 -16.19 35.45
N LYS W 53 -36.50 -15.69 35.91
CA LYS W 53 -35.38 -15.46 35.02
C LYS W 53 -34.91 -16.80 34.41
N LYS W 54 -34.92 -17.86 35.23
CA LYS W 54 -34.54 -19.18 34.77
C LYS W 54 -35.47 -19.68 33.66
N GLY W 55 -36.77 -19.41 33.81
CA GLY W 55 -37.78 -19.81 32.84
C GLY W 55 -38.75 -20.85 33.37
N GLU W 56 -38.45 -21.46 34.50
CA GLU W 56 -39.35 -22.44 35.07
C GLU W 56 -40.39 -21.71 35.85
N TYR W 57 -41.33 -21.17 35.10
CA TYR W 57 -42.32 -20.29 35.65
C TYR W 57 -43.17 -20.97 36.68
N ASP W 58 -43.37 -22.27 36.59
CA ASP W 58 -44.20 -22.88 37.60
C ASP W 58 -43.53 -22.77 38.97
N GLU W 59 -42.19 -22.82 39.01
CA GLU W 59 -41.50 -22.72 40.28
C GLU W 59 -41.62 -21.29 40.73
N ALA W 60 -41.56 -20.38 39.76
CA ALA W 60 -41.68 -18.98 40.06
C ALA W 60 -43.02 -18.71 40.68
N ILE W 61 -44.06 -19.40 40.20
CA ILE W 61 -45.38 -19.21 40.75
C ILE W 61 -45.43 -19.61 42.18
N GLU W 62 -44.90 -20.77 42.51
CA GLU W 62 -44.99 -21.12 43.90
C GLU W 62 -44.27 -20.10 44.77
N ALA W 63 -43.10 -19.66 44.35
CA ALA W 63 -42.36 -18.70 45.16
C ALA W 63 -43.07 -17.35 45.26
N TYR W 64 -43.67 -16.90 44.17
CA TYR W 64 -44.34 -15.62 44.22
C TYR W 64 -45.59 -15.75 45.04
N GLN W 65 -46.27 -16.90 44.95
CA GLN W 65 -47.46 -17.06 45.73
C GLN W 65 -47.12 -16.99 47.18
N LYS W 66 -46.01 -17.62 47.58
CA LYS W 66 -45.66 -17.55 48.97
C LYS W 66 -45.38 -16.12 49.35
N ALA W 67 -44.74 -15.36 48.48
CA ALA W 67 -44.48 -13.97 48.84
C ALA W 67 -45.79 -13.25 49.11
N LEU W 68 -46.82 -13.54 48.33
CA LEU W 68 -48.13 -12.94 48.54
C LEU W 68 -48.79 -13.46 49.79
N GLU W 69 -48.54 -14.69 50.15
CA GLU W 69 -49.11 -15.23 51.36
C GLU W 69 -48.53 -14.46 52.54
N LEU W 70 -47.24 -14.12 52.46
CA LEU W 70 -46.61 -13.33 53.49
C LEU W 70 -47.06 -11.86 53.39
N ASP W 71 -47.24 -11.38 52.15
CA ASP W 71 -47.65 -10.00 51.91
C ASP W 71 -48.45 -9.84 50.60
N PRO W 72 -49.79 -9.80 50.66
CA PRO W 72 -50.69 -9.80 49.53
C PRO W 72 -50.69 -8.47 48.79
N ASN W 73 -49.93 -7.49 49.28
CA ASN W 73 -49.91 -6.19 48.65
C ASN W 73 -48.77 -6.09 47.66
N ASN W 74 -48.09 -7.19 47.42
CA ASN W 74 -47.00 -7.14 46.48
C ASN W 74 -47.55 -7.23 45.06
N ALA W 75 -47.84 -6.06 44.50
CA ALA W 75 -48.45 -5.94 43.18
C ALA W 75 -47.56 -6.53 42.13
N GLU W 76 -46.26 -6.41 42.32
CA GLU W 76 -45.33 -6.93 41.36
C GLU W 76 -45.41 -8.44 41.33
N ALA W 77 -45.57 -9.07 42.50
CA ALA W 77 -45.69 -10.51 42.52
C ALA W 77 -46.98 -10.88 41.82
N TRP W 78 -48.03 -10.09 42.06
CA TRP W 78 -49.30 -10.39 41.41
C TRP W 78 -49.11 -10.33 39.91
N TYR W 79 -48.39 -9.32 39.45
CA TYR W 79 -48.11 -9.14 38.04
C TYR W 79 -47.34 -10.30 37.46
N ASN W 80 -46.24 -10.69 38.09
CA ASN W 80 -45.47 -11.78 37.53
C ASN W 80 -46.19 -13.10 37.62
N LEU W 81 -47.05 -13.26 38.62
CA LEU W 81 -47.84 -14.46 38.66
C LEU W 81 -48.75 -14.45 37.48
N GLY W 82 -49.35 -13.30 37.19
CA GLY W 82 -50.22 -13.23 36.04
C GLY W 82 -49.44 -13.56 34.80
N ASN W 83 -48.18 -13.11 34.72
CA ASN W 83 -47.36 -13.39 33.57
C ASN W 83 -47.03 -14.86 33.48
N ALA W 84 -46.78 -15.48 34.61
CA ALA W 84 -46.49 -16.89 34.60
C ALA W 84 -47.71 -17.68 34.15
N TYR W 85 -48.88 -17.28 34.61
CA TYR W 85 -50.07 -18.00 34.24
C TYR W 85 -50.37 -17.82 32.77
N TYR W 86 -50.12 -16.60 32.28
CA TYR W 86 -50.31 -16.22 30.90
C TYR W 86 -49.44 -17.09 30.03
N LYS W 87 -48.16 -17.23 30.42
CA LYS W 87 -47.21 -18.01 29.66
C LYS W 87 -47.64 -19.45 29.55
N GLN W 88 -48.28 -19.96 30.59
CA GLN W 88 -48.75 -21.34 30.63
C GLN W 88 -50.06 -21.53 29.87
N GLY W 89 -50.67 -20.46 29.36
CA GLY W 89 -51.93 -20.51 28.65
C GLY W 89 -53.11 -20.37 29.57
N ASP W 90 -52.85 -20.11 30.84
CA ASP W 90 -53.93 -19.98 31.77
C ASP W 90 -54.33 -18.54 31.79
N TYR W 91 -55.18 -18.20 30.85
CA TYR W 91 -55.54 -16.82 30.67
C TYR W 91 -56.55 -16.42 31.68
N ASP W 92 -57.21 -17.38 32.31
CA ASP W 92 -58.22 -17.00 33.25
C ASP W 92 -57.54 -16.57 34.53
N GLU W 93 -56.47 -17.28 34.91
CA GLU W 93 -55.77 -16.86 36.09
C GLU W 93 -54.94 -15.65 35.73
N ALA W 94 -54.43 -15.56 34.51
CA ALA W 94 -53.63 -14.40 34.20
C ALA W 94 -54.46 -13.15 34.43
N ILE W 95 -55.74 -13.21 34.06
CA ILE W 95 -56.62 -12.10 34.27
C ILE W 95 -56.82 -11.80 35.73
N GLU W 96 -57.07 -12.82 36.55
CA GLU W 96 -57.31 -12.54 37.94
C GLU W 96 -56.09 -11.95 38.62
N TYR W 97 -54.92 -12.47 38.28
CA TYR W 97 -53.72 -11.98 38.92
C TYR W 97 -53.36 -10.57 38.45
N TYR W 98 -53.59 -10.26 37.17
CA TYR W 98 -53.30 -8.92 36.73
C TYR W 98 -54.28 -7.94 37.34
N LYS W 99 -55.55 -8.34 37.48
CA LYS W 99 -56.50 -7.43 38.07
C LYS W 99 -56.13 -7.13 39.51
N LYS W 100 -55.67 -8.13 40.25
CA LYS W 100 -55.30 -7.85 41.62
C LYS W 100 -54.15 -6.86 41.65
N ALA W 101 -53.19 -7.03 40.74
CA ALA W 101 -52.05 -6.11 40.73
C ALA W 101 -52.51 -4.68 40.47
N LEU W 102 -53.50 -4.54 39.61
CA LEU W 102 -54.05 -3.24 39.27
C LEU W 102 -54.93 -2.66 40.34
N ARG W 103 -55.56 -3.48 41.15
CA ARG W 103 -56.32 -2.87 42.21
C ARG W 103 -55.33 -2.20 43.15
N LEU W 104 -54.20 -2.86 43.37
CA LEU W 104 -53.16 -2.30 44.21
C LEU W 104 -52.50 -1.09 43.55
N ASP W 105 -52.33 -1.14 42.22
CA ASP W 105 -51.75 -0.04 41.48
C ASP W 105 -52.34 0.09 40.08
N PRO W 106 -53.41 0.88 39.90
CA PRO W 106 -54.13 1.11 38.66
C PRO W 106 -53.27 1.70 37.55
N ARG W 107 -52.12 2.27 37.89
CA ARG W 107 -51.28 2.88 36.90
C ARG W 107 -50.22 1.93 36.37
N ASN W 108 -50.29 0.68 36.77
CA ASN W 108 -49.30 -0.23 36.26
C ASN W 108 -49.68 -0.56 34.83
N VAL W 109 -49.09 0.20 33.94
CA VAL W 109 -49.42 0.12 32.54
C VAL W 109 -49.08 -1.22 31.97
N ASP W 110 -48.04 -1.85 32.46
CA ASP W 110 -47.68 -3.14 31.92
C ASP W 110 -48.71 -4.15 32.33
N ALA W 111 -49.18 -4.09 33.58
CA ALA W 111 -50.20 -5.02 34.00
C ALA W 111 -51.44 -4.81 33.14
N ILE W 112 -51.72 -3.57 32.77
CA ILE W 112 -52.86 -3.32 31.93
C ILE W 112 -52.64 -3.91 30.55
N GLU W 113 -51.47 -3.68 29.95
CA GLU W 113 -51.24 -4.24 28.64
C GLU W 113 -51.37 -5.73 28.65
N ASN W 114 -50.86 -6.37 29.68
CA ASN W 114 -50.88 -7.80 29.72
C ASN W 114 -52.29 -8.29 30.03
N LEU W 115 -53.05 -7.54 30.83
CA LEU W 115 -54.42 -7.90 31.12
C LEU W 115 -55.26 -7.81 29.87
N ILE W 116 -55.01 -6.80 29.05
CA ILE W 116 -55.74 -6.65 27.83
C ILE W 116 -55.47 -7.84 26.96
N GLU W 117 -54.20 -8.23 26.84
CA GLU W 117 -53.95 -9.36 26.00
C GLU W 117 -54.58 -10.61 26.61
N ALA W 118 -54.54 -10.77 27.93
CA ALA W 118 -55.11 -11.98 28.51
C ALA W 118 -56.59 -12.09 28.18
N GLU W 119 -57.33 -10.96 28.21
CA GLU W 119 -58.74 -11.02 27.88
C GLU W 119 -58.97 -11.37 26.42
N GLU W 120 -58.06 -10.92 25.55
CA GLU W 120 -58.18 -11.22 24.13
C GLU W 120 -57.82 -12.68 23.84
N LYS W 121 -56.84 -13.20 24.57
CA LYS W 121 -56.40 -14.59 24.38
C LYS W 121 -57.39 -15.56 25.00
N GLN W 122 -58.01 -15.16 26.11
CA GLN W 122 -58.99 -15.97 26.80
C GLN W 122 -59.99 -16.51 25.81
N GLU X 3 -35.21 14.18 9.99
CA GLU X 3 -36.33 14.84 9.32
C GLU X 3 -37.62 14.52 10.05
N ALA X 4 -37.48 13.73 11.10
CA ALA X 4 -38.61 13.27 11.91
C ALA X 4 -39.38 14.43 12.47
N GLU X 5 -38.67 15.50 12.78
CA GLU X 5 -39.30 16.68 13.33
C GLU X 5 -40.26 17.32 12.34
N LEU X 6 -40.03 17.15 11.04
CA LEU X 6 -40.93 17.77 10.13
C LEU X 6 -42.11 16.87 9.98
N ALA X 7 -41.84 15.56 9.98
CA ALA X 7 -42.93 14.61 9.84
C ALA X 7 -43.87 14.77 11.01
N TYR X 8 -43.30 15.02 12.17
CA TYR X 8 -44.07 15.22 13.36
C TYR X 8 -44.99 16.39 13.22
N LEU X 9 -44.45 17.52 12.75
CA LEU X 9 -45.28 18.70 12.59
C LEU X 9 -46.37 18.47 11.58
N LEU X 10 -46.10 17.73 10.50
CA LEU X 10 -47.17 17.48 9.55
C LEU X 10 -48.26 16.71 10.23
N GLY X 11 -47.86 15.75 11.05
CA GLY X 11 -48.80 14.94 11.80
C GLY X 11 -49.71 15.81 12.63
N GLU X 12 -49.13 16.73 13.40
CA GLU X 12 -49.99 17.57 14.21
C GLU X 12 -50.91 18.42 13.38
N LEU X 13 -50.42 18.94 12.27
CA LEU X 13 -51.27 19.80 11.50
C LEU X 13 -52.43 19.01 10.93
N ALA X 14 -52.14 17.85 10.37
CA ALA X 14 -53.18 17.04 9.76
C ALA X 14 -54.18 16.62 10.81
N TYR X 15 -53.70 16.30 12.00
CA TYR X 15 -54.55 15.87 13.06
C TYR X 15 -55.56 16.94 13.41
N LYS X 16 -55.07 18.15 13.62
CA LYS X 16 -55.91 19.27 14.02
C LYS X 16 -56.96 19.58 12.97
N LEU X 17 -56.61 19.38 11.73
CA LEU X 17 -57.48 19.65 10.62
C LEU X 17 -58.48 18.53 10.33
N GLY X 18 -58.41 17.42 11.06
CA GLY X 18 -59.32 16.29 10.86
C GLY X 18 -58.86 15.28 9.82
N GLU X 19 -57.66 15.48 9.27
CA GLU X 19 -57.15 14.60 8.27
C GLU X 19 -56.39 13.53 8.97
N TYR X 20 -57.15 12.65 9.58
CA TYR X 20 -56.57 11.66 10.44
C TYR X 20 -55.79 10.64 9.64
N ARG X 21 -56.18 10.37 8.42
CA ARG X 21 -55.43 9.38 7.67
C ARG X 21 -54.04 9.92 7.36
N ILE X 22 -53.96 11.21 7.10
CA ILE X 22 -52.68 11.81 6.81
C ILE X 22 -51.89 11.86 8.08
N ALA X 23 -52.56 12.25 9.17
CA ALA X 23 -51.89 12.35 10.44
C ALA X 23 -51.30 11.03 10.86
N ILE X 24 -52.00 9.94 10.61
CA ILE X 24 -51.48 8.65 10.97
C ILE X 24 -50.25 8.34 10.20
N ARG X 25 -50.26 8.55 8.90
CA ARG X 25 -49.05 8.22 8.21
C ARG X 25 -47.91 9.12 8.65
N ALA X 26 -48.17 10.40 8.85
CA ALA X 26 -47.12 11.31 9.24
C ALA X 26 -46.55 10.98 10.61
N TYR X 27 -47.41 10.57 11.56
CA TYR X 27 -46.89 10.25 12.87
C TYR X 27 -46.08 9.00 12.79
N ARG X 28 -46.53 8.05 11.98
CA ARG X 28 -45.77 6.83 11.87
C ARG X 28 -44.41 7.10 11.27
N ILE X 29 -44.32 8.04 10.34
CA ILE X 29 -43.02 8.37 9.79
C ILE X 29 -42.14 8.94 10.88
N ALA X 30 -42.66 9.90 11.65
CA ALA X 30 -41.84 10.51 12.67
C ALA X 30 -41.38 9.50 13.71
N LEU X 31 -42.27 8.59 14.07
CA LEU X 31 -42.02 7.56 15.04
C LEU X 31 -41.09 6.49 14.55
N LYS X 32 -41.15 6.16 13.27
CA LYS X 32 -40.24 5.19 12.73
C LYS X 32 -38.83 5.72 12.93
N ARG X 33 -38.64 7.01 12.68
CA ARG X 33 -37.35 7.63 12.87
C ARG X 33 -37.04 7.83 14.37
N ASP X 34 -38.06 8.15 15.19
CA ASP X 34 -37.88 8.35 16.62
C ASP X 34 -39.01 7.74 17.47
N PRO X 35 -38.86 6.47 17.87
CA PRO X 35 -39.80 5.66 18.63
C PRO X 35 -40.07 6.15 20.04
N ASN X 36 -39.31 7.12 20.55
CA ASN X 36 -39.54 7.53 21.92
C ASN X 36 -40.43 8.76 22.03
N ASN X 37 -41.02 9.18 20.94
CA ASN X 37 -41.87 10.34 21.03
C ASN X 37 -43.24 9.96 21.56
N ALA X 38 -43.38 10.04 22.88
CA ALA X 38 -44.60 9.63 23.57
C ALA X 38 -45.78 10.42 23.13
N GLU X 39 -45.58 11.70 22.85
CA GLU X 39 -46.68 12.54 22.45
C GLU X 39 -47.18 12.13 21.09
N ALA X 40 -46.26 11.81 20.18
CA ALA X 40 -46.66 11.35 18.88
C ALA X 40 -47.39 10.02 19.02
N TRP X 41 -46.95 9.15 19.92
CA TRP X 41 -47.66 7.88 20.07
C TRP X 41 -49.07 8.13 20.55
N TYR X 42 -49.21 9.06 21.48
CA TYR X 42 -50.50 9.42 22.00
C TYR X 42 -51.41 9.94 20.91
N ASN X 43 -50.89 10.87 20.12
CA ASN X 43 -51.67 11.46 19.07
C ASN X 43 -51.96 10.46 17.96
N LEU X 44 -51.07 9.50 17.77
CA LEU X 44 -51.30 8.47 16.79
C LEU X 44 -52.49 7.68 17.27
N GLY X 45 -52.50 7.35 18.56
CA GLY X 45 -53.58 6.60 19.14
C GLY X 45 -54.87 7.38 19.01
N ASN X 46 -54.80 8.70 19.17
CA ASN X 46 -55.99 9.50 19.04
C ASN X 46 -56.50 9.47 17.62
N ALA X 47 -55.60 9.51 16.65
CA ALA X 47 -56.06 9.48 15.27
C ALA X 47 -56.73 8.14 14.97
N TYR X 48 -56.19 7.04 15.51
CA TYR X 48 -56.83 5.77 15.25
C TYR X 48 -58.18 5.73 15.91
N TYR X 49 -58.28 6.29 17.11
CA TYR X 49 -59.50 6.36 17.88
C TYR X 49 -60.56 7.06 17.04
N LYS X 50 -60.19 8.18 16.45
CA LYS X 50 -61.09 8.99 15.64
C LYS X 50 -61.59 8.22 14.42
N GLN X 51 -60.78 7.31 13.91
CA GLN X 51 -61.14 6.48 12.77
C GLN X 51 -61.89 5.22 13.16
N GLY X 52 -62.12 5.02 14.46
CA GLY X 52 -62.84 3.86 14.97
C GLY X 52 -61.96 2.65 15.29
N ASP X 53 -60.66 2.76 15.11
CA ASP X 53 -59.87 1.59 15.38
C ASP X 53 -59.43 1.67 16.80
N TYR X 54 -60.21 1.06 17.65
CA TYR X 54 -59.95 1.22 19.05
C TYR X 54 -58.94 0.23 19.52
N ARG X 55 -58.56 -0.73 18.68
CA ARG X 55 -57.57 -1.66 19.17
C ARG X 55 -56.25 -0.99 18.98
N GLU X 56 -56.09 -0.33 17.85
CA GLU X 56 -54.84 0.35 17.61
C GLU X 56 -54.71 1.51 18.57
N ALA X 57 -55.82 2.20 18.85
CA ALA X 57 -55.75 3.30 19.78
C ALA X 57 -55.24 2.80 21.13
N ILE X 58 -55.70 1.64 21.57
CA ILE X 58 -55.23 1.06 22.81
C ILE X 58 -53.76 0.77 22.76
N ARG X 59 -53.31 0.13 21.67
CA ARG X 59 -51.92 -0.22 21.60
C ARG X 59 -51.02 0.99 21.69
N TYR X 60 -51.43 2.07 21.05
CA TYR X 60 -50.59 3.23 21.08
C TYR X 60 -50.70 4.00 22.36
N TYR X 61 -51.87 3.99 23.00
CA TYR X 61 -51.97 4.71 24.25
C TYR X 61 -51.10 4.02 25.27
N LEU X 62 -51.08 2.69 25.25
CA LEU X 62 -50.28 1.97 26.19
C LEU X 62 -48.82 2.26 25.94
N ARG X 63 -48.42 2.32 24.68
CA ARG X 63 -47.04 2.61 24.42
C ARG X 63 -46.68 3.99 24.87
N ALA X 64 -47.57 4.96 24.63
CA ALA X 64 -47.29 6.32 25.03
C ALA X 64 -47.14 6.41 26.54
N LEU X 65 -47.97 5.66 27.26
CA LEU X 65 -47.95 5.59 28.71
C LEU X 65 -46.73 4.89 29.22
N LYS X 66 -46.23 3.91 28.51
CA LYS X 66 -45.02 3.28 28.97
C LYS X 66 -43.92 4.31 28.95
N LEU X 67 -43.88 5.10 27.88
CA LEU X 67 -42.90 6.17 27.79
C LEU X 67 -43.19 7.30 28.79
N ASP X 68 -44.47 7.58 29.02
CA ASP X 68 -44.87 8.62 29.97
C ASP X 68 -46.14 8.26 30.76
N PRO X 69 -45.99 7.58 31.91
CA PRO X 69 -47.04 7.13 32.81
C PRO X 69 -47.87 8.26 33.41
N GLU X 70 -47.40 9.50 33.28
CA GLU X 70 -48.10 10.65 33.85
C GLU X 70 -49.14 11.22 32.91
N ASN X 71 -49.24 10.70 31.70
CA ASN X 71 -50.18 11.37 30.83
C ASN X 71 -51.58 10.91 31.11
N ALA X 72 -52.25 11.68 31.95
CA ALA X 72 -53.60 11.40 32.39
C ALA X 72 -54.54 11.32 31.21
N GLU X 73 -54.24 12.08 30.16
CA GLU X 73 -55.12 12.09 29.02
C GLU X 73 -54.99 10.80 28.26
N ALA X 74 -53.79 10.20 28.27
CA ALA X 74 -53.60 8.96 27.57
C ALA X 74 -54.30 7.89 28.38
N TRP X 75 -54.25 8.03 29.71
CA TRP X 75 -54.91 7.05 30.55
C TRP X 75 -56.40 7.14 30.32
N TYR X 76 -56.91 8.35 30.21
CA TYR X 76 -58.31 8.55 29.98
C TYR X 76 -58.71 8.03 28.62
N ASN X 77 -57.94 8.37 27.58
CA ASN X 77 -58.29 7.94 26.25
C ASN X 77 -58.12 6.44 26.11
N LEU X 78 -57.21 5.86 26.89
CA LEU X 78 -57.06 4.43 26.91
C LEU X 78 -58.34 3.86 27.43
N GLY X 79 -58.86 4.45 28.51
CA GLY X 79 -60.10 3.99 29.07
C GLY X 79 -61.22 4.13 28.06
N ASN X 80 -61.20 5.19 27.27
CA ASN X 80 -62.26 5.34 26.29
C ASN X 80 -62.20 4.28 25.22
N ALA X 81 -61.00 3.98 24.73
CA ALA X 81 -60.87 2.98 23.68
C ALA X 81 -61.27 1.60 24.22
N LEU X 82 -60.91 1.35 25.47
CA LEU X 82 -61.27 0.09 26.08
C LEU X 82 -62.76 -0.02 26.22
N TYR X 83 -63.39 1.09 26.61
CA TYR X 83 -64.82 1.13 26.78
C TYR X 83 -65.48 0.79 25.47
N LYS X 84 -64.98 1.37 24.39
CA LYS X 84 -65.54 1.15 23.06
C LYS X 84 -65.48 -0.32 22.66
N GLN X 85 -64.44 -1.02 23.13
CA GLN X 85 -64.25 -2.42 22.81
C GLN X 85 -65.00 -3.36 23.77
N GLY X 86 -65.70 -2.79 24.77
CA GLY X 86 -66.44 -3.57 25.75
C GLY X 86 -65.58 -3.99 26.93
N LYS X 87 -64.35 -3.53 26.95
CA LYS X 87 -63.42 -3.91 27.99
C LYS X 87 -63.60 -3.00 29.17
N TYR X 88 -64.69 -3.24 29.87
CA TYR X 88 -65.13 -2.34 30.92
C TYR X 88 -64.31 -2.40 32.19
N ASP X 89 -63.82 -3.57 32.59
CA ASP X 89 -63.08 -3.52 33.85
C ASP X 89 -61.82 -2.73 33.61
N LEU X 90 -61.25 -2.96 32.46
CA LEU X 90 -60.06 -2.30 32.02
C LEU X 90 -60.29 -0.83 31.79
N ALA X 91 -61.44 -0.46 31.21
CA ALA X 91 -61.69 0.94 31.00
C ALA X 91 -61.75 1.65 32.33
N ILE X 92 -62.37 1.01 33.32
CA ILE X 92 -62.50 1.58 34.64
C ILE X 92 -61.15 1.76 35.27
N ILE X 93 -60.29 0.75 35.16
CA ILE X 93 -58.97 0.85 35.73
C ILE X 93 -58.22 1.98 35.09
N ALA X 94 -58.26 2.08 33.75
CA ALA X 94 -57.56 3.15 33.06
C ALA X 94 -58.11 4.51 33.45
N TYR X 95 -59.44 4.59 33.65
CA TYR X 95 -60.01 5.85 34.05
C TYR X 95 -59.52 6.20 35.43
N GLN X 96 -59.43 5.22 36.31
CA GLN X 96 -58.94 5.53 37.63
C GLN X 96 -57.48 5.91 37.54
N ALA X 97 -56.73 5.26 36.67
CA ALA X 97 -55.32 5.55 36.52
C ALA X 97 -55.11 7.00 36.12
N ALA X 98 -56.02 7.53 35.31
CA ALA X 98 -55.97 8.92 34.90
C ALA X 98 -56.16 9.84 36.09
N LEU X 99 -57.04 9.43 37.02
CA LEU X 99 -57.34 10.22 38.20
C LEU X 99 -56.20 10.14 39.19
N GLU X 100 -55.55 9.00 39.25
CA GLU X 100 -54.44 8.77 40.15
C GLU X 100 -53.26 9.63 39.71
#